data_7OVR
#
_entry.id   7OVR
#
loop_
_entity.id
_entity.type
_entity.pdbx_description
1 polymer 'HIV-1 matrix'
2 non-polymer 'MYRISTIC ACID'
3 non-polymer '[(2R)-2-octanoyloxy-3-[oxidanyl-[(1R,2R,3S,4R,5R,6S)-2,3,6-tris(oxidanyl)-4,5-diphosphonooxy-cyclohexyl]oxy-phosphoryl]oxy-propyl] octanoate'
#
_entity_poly.entity_id   1
_entity_poly.type   'polypeptide(L)'
_entity_poly.pdbx_seq_one_letter_code
;GARASVLSGGELDKWEKIRLRPGGKKQYKLKHIVWASRELERFAVNPGLLETSEGCRQILGQLQPSLQTGSEELRSLYNT
IAVLYCVHQRIDVKDTKEALDKIEEEQNKSKKKAQ
;
_entity_poly.pdbx_strand_id   A,B,C,D,E,F,H,I,J,O,P,Q,R,S,U,W,Y,b,c,d,e,f,j,l
#
# COMPACT_ATOMS: atom_id res chain seq x y z
N GLY A 1 -2.59 -29.51 -3.44
CA GLY A 1 -3.77 -30.34 -3.23
C GLY A 1 -4.33 -30.19 -1.83
N ALA A 2 -3.77 -30.94 -0.88
CA ALA A 2 -4.22 -30.89 0.50
C ALA A 2 -3.29 -31.68 1.41
N ARG A 3 -2.01 -31.33 1.40
CA ARG A 3 -1.02 -32.02 2.21
C ARG A 3 -0.39 -31.05 3.21
N ALA A 4 0.58 -31.54 3.99
CA ALA A 4 1.26 -30.74 4.99
C ALA A 4 2.44 -30.01 4.37
N SER A 5 2.81 -28.88 4.96
CA SER A 5 3.93 -28.07 4.47
C SER A 5 4.21 -26.91 5.42
N VAL A 6 3.23 -26.05 5.60
CA VAL A 6 3.37 -24.89 6.48
C VAL A 6 3.55 -25.32 7.93
N LEU A 7 2.75 -26.29 8.35
CA LEU A 7 2.81 -26.79 9.73
C LEU A 7 3.26 -28.24 9.75
N SER A 8 4.24 -28.54 10.60
CA SER A 8 4.77 -29.89 10.72
C SER A 8 3.82 -30.78 11.51
N GLY A 9 4.25 -32.01 11.80
CA GLY A 9 3.43 -32.92 12.54
C GLY A 9 3.01 -32.38 13.89
N GLY A 10 3.98 -31.92 14.67
CA GLY A 10 3.68 -31.37 15.98
C GLY A 10 2.82 -30.13 15.91
N GLU A 11 3.14 -29.24 14.98
CA GLU A 11 2.39 -28.01 14.81
C GLU A 11 0.96 -28.29 14.37
N LEU A 12 0.80 -29.32 13.53
CA LEU A 12 -0.51 -29.69 13.02
C LEU A 12 -1.45 -30.08 14.17
N ASP A 13 -0.94 -30.87 15.11
CA ASP A 13 -1.72 -31.28 16.26
C ASP A 13 -2.30 -30.09 17.00
N LYS A 14 -1.43 -29.15 17.36
CA LYS A 14 -1.84 -27.95 18.07
C LYS A 14 -2.75 -27.10 17.21
N TRP A 15 -2.42 -26.97 15.93
CA TRP A 15 -3.20 -26.18 15.00
C TRP A 15 -4.67 -26.62 15.01
N GLU A 16 -4.89 -27.91 14.81
CA GLU A 16 -6.24 -28.45 14.79
C GLU A 16 -6.95 -28.18 16.12
N LYS A 17 -6.17 -28.01 17.18
CA LYS A 17 -6.73 -27.74 18.49
C LYS A 17 -7.17 -26.29 18.61
N ILE A 18 -6.30 -25.37 18.22
CA ILE A 18 -6.60 -23.95 18.28
C ILE A 18 -7.92 -23.64 17.59
N ARG A 19 -8.71 -22.75 18.19
CA ARG A 19 -10.00 -22.37 17.62
C ARG A 19 -9.93 -20.98 16.99
N LEU A 20 -10.74 -20.76 15.96
CA LEU A 20 -10.77 -19.47 15.27
C LEU A 20 -11.20 -18.35 16.22
N ARG A 21 -11.99 -18.71 17.22
CA ARG A 21 -12.47 -17.74 18.20
C ARG A 21 -12.52 -18.34 19.59
N PRO A 22 -12.53 -17.47 20.62
CA PRO A 22 -12.57 -17.90 22.02
C PRO A 22 -13.92 -18.52 22.41
N GLY A 23 -15.00 -17.93 21.89
CA GLY A 23 -16.33 -18.44 22.19
C GLY A 23 -17.00 -19.03 20.97
N GLY A 24 -16.37 -20.03 20.36
CA GLY A 24 -16.93 -20.67 19.19
C GLY A 24 -16.89 -22.18 19.28
N LYS A 25 -17.25 -22.83 18.18
CA LYS A 25 -17.26 -24.30 18.13
C LYS A 25 -16.66 -24.80 16.83
N LYS A 26 -15.78 -24.00 16.23
CA LYS A 26 -15.13 -24.37 14.98
C LYS A 26 -13.62 -24.27 15.10
N GLN A 27 -12.98 -25.40 15.38
CA GLN A 27 -11.52 -25.44 15.52
C GLN A 27 -10.84 -25.07 14.21
N TYR A 28 -9.51 -25.01 14.24
CA TYR A 28 -8.74 -24.66 13.06
C TYR A 28 -8.51 -25.89 12.18
N LYS A 29 -8.41 -25.67 10.88
CA LYS A 29 -8.20 -26.77 9.93
C LYS A 29 -7.34 -26.30 8.76
N LEU A 30 -6.82 -27.26 8.00
CA LEU A 30 -5.98 -26.94 6.84
C LEU A 30 -6.68 -25.96 5.92
N LYS A 31 -8.01 -26.01 5.90
CA LYS A 31 -8.80 -25.10 5.06
C LYS A 31 -8.40 -23.66 5.29
N HIS A 32 -8.10 -23.32 6.54
CA HIS A 32 -7.69 -21.96 6.88
C HIS A 32 -6.25 -21.70 6.48
N ILE A 33 -5.36 -22.68 6.57
CA ILE A 33 -3.96 -22.49 6.18
C ILE A 33 -3.83 -22.24 4.69
N VAL A 34 -4.65 -22.93 3.91
CA VAL A 34 -4.63 -22.79 2.45
C VAL A 34 -5.40 -21.55 2.01
N TRP A 35 -6.50 -21.28 2.69
CA TRP A 35 -7.34 -20.13 2.37
C TRP A 35 -6.53 -18.84 2.40
N ALA A 36 -5.56 -18.78 3.32
CA ALA A 36 -4.71 -17.60 3.46
C ALA A 36 -3.63 -17.58 2.39
N SER A 37 -3.02 -18.74 2.14
CA SER A 37 -1.96 -18.85 1.15
C SER A 37 -2.44 -18.33 -0.21
N ARG A 38 -3.70 -18.60 -0.53
CA ARG A 38 -4.28 -18.17 -1.79
C ARG A 38 -4.40 -16.65 -1.84
N GLU A 39 -4.90 -16.06 -0.76
CA GLU A 39 -5.07 -14.62 -0.68
C GLU A 39 -3.72 -13.92 -0.63
N LEU A 40 -2.70 -14.63 -0.13
CA LEU A 40 -1.36 -14.07 -0.03
C LEU A 40 -0.75 -13.85 -1.41
N GLU A 41 -0.69 -14.92 -2.20
CA GLU A 41 -0.13 -14.83 -3.54
C GLU A 41 -0.82 -13.74 -4.35
N ARG A 42 -2.08 -13.47 -4.01
CA ARG A 42 -2.85 -12.44 -4.71
C ARG A 42 -2.26 -11.06 -4.47
N PHE A 43 -1.65 -10.87 -3.30
CA PHE A 43 -1.05 -9.60 -2.95
C PHE A 43 0.44 -9.59 -3.24
N ALA A 44 0.84 -10.40 -4.22
CA ALA A 44 2.25 -10.50 -4.59
C ALA A 44 3.09 -11.06 -3.45
N VAL A 45 2.45 -11.80 -2.56
CA VAL A 45 3.13 -12.40 -1.42
C VAL A 45 3.05 -13.92 -1.47
N ASN A 46 4.20 -14.57 -1.64
CA ASN A 46 4.25 -16.02 -1.68
C ASN A 46 3.72 -16.64 -0.40
N PRO A 47 3.03 -17.78 -0.53
CA PRO A 47 2.46 -18.50 0.62
C PRO A 47 3.53 -19.14 1.49
N GLY A 48 4.73 -19.26 0.96
CA GLY A 48 5.83 -19.86 1.71
C GLY A 48 6.19 -19.05 2.93
N LEU A 49 5.93 -17.75 2.89
CA LEU A 49 6.24 -16.87 4.01
C LEU A 49 5.56 -17.36 5.29
N LEU A 50 4.45 -18.08 5.12
CA LEU A 50 3.71 -18.61 6.27
C LEU A 50 4.40 -19.85 6.84
N GLU A 51 5.14 -20.55 5.99
CA GLU A 51 5.85 -21.74 6.41
C GLU A 51 7.10 -21.39 7.20
N THR A 52 7.41 -20.10 7.26
CA THR A 52 8.58 -19.63 7.99
C THR A 52 8.21 -18.56 9.00
N SER A 53 8.66 -18.73 10.24
CA SER A 53 8.37 -17.78 11.30
C SER A 53 8.80 -16.37 10.91
N GLU A 54 9.78 -16.28 10.02
CA GLU A 54 10.28 -15.00 9.56
C GLU A 54 9.34 -14.38 8.54
N GLY A 55 8.86 -15.20 7.61
CA GLY A 55 7.94 -14.71 6.60
C GLY A 55 6.65 -14.18 7.18
N CYS A 56 6.14 -14.86 8.20
CA CYS A 56 4.89 -14.44 8.84
C CYS A 56 5.02 -13.04 9.42
N ARG A 57 6.10 -12.80 10.17
CA ARG A 57 6.35 -11.51 10.78
C ARG A 57 6.26 -10.39 9.74
N GLN A 58 6.82 -10.65 8.56
CA GLN A 58 6.80 -9.66 7.48
C GLN A 58 5.37 -9.38 7.02
N ILE A 59 4.53 -10.40 7.06
CA ILE A 59 3.14 -10.27 6.66
C ILE A 59 2.34 -9.48 7.69
N LEU A 60 2.43 -9.90 8.95
CA LEU A 60 1.71 -9.24 10.03
C LEU A 60 2.11 -7.77 10.12
N GLY A 61 3.32 -7.46 9.66
CA GLY A 61 3.79 -6.08 9.71
C GLY A 61 3.04 -5.18 8.75
N GLN A 62 2.68 -5.71 7.59
CA GLN A 62 1.94 -4.94 6.59
C GLN A 62 0.45 -4.90 6.93
N LEU A 63 -0.06 -5.98 7.47
CA LEU A 63 -1.47 -6.07 7.83
C LEU A 63 -1.75 -5.32 9.14
N GLN A 64 -0.71 -5.21 9.97
CA GLN A 64 -0.83 -4.52 11.25
C GLN A 64 -1.43 -3.13 11.06
N PRO A 65 -0.72 -2.28 10.31
CA PRO A 65 -1.16 -0.91 10.03
C PRO A 65 -2.39 -0.86 9.11
N SER A 66 -2.62 -1.96 8.39
CA SER A 66 -3.75 -2.04 7.47
C SER A 66 -4.93 -2.77 8.12
N LEU A 67 -4.99 -2.71 9.44
CA LEU A 67 -6.06 -3.36 10.19
C LEU A 67 -7.33 -2.53 10.16
N GLN A 68 -7.18 -1.21 10.12
CA GLN A 68 -8.31 -0.30 10.08
C GLN A 68 -8.63 0.11 8.65
N THR A 69 -7.60 0.38 7.86
CA THR A 69 -7.77 0.78 6.48
C THR A 69 -8.07 -0.42 5.58
N GLY A 70 -7.61 -1.60 6.02
CA GLY A 70 -7.84 -2.80 5.26
C GLY A 70 -9.28 -3.25 5.28
N SER A 71 -9.63 -4.21 4.43
CA SER A 71 -11.00 -4.71 4.36
C SER A 71 -11.12 -6.05 5.10
N GLU A 72 -12.29 -6.68 4.98
CA GLU A 72 -12.54 -7.95 5.64
C GLU A 72 -11.52 -9.00 5.19
N GLU A 73 -11.16 -8.95 3.90
CA GLU A 73 -10.20 -9.91 3.35
C GLU A 73 -8.90 -9.88 4.13
N LEU A 74 -8.55 -8.70 4.64
CA LEU A 74 -7.31 -8.52 5.40
C LEU A 74 -7.49 -9.01 6.85
N ARG A 75 -8.68 -8.77 7.40
CA ARG A 75 -8.98 -9.17 8.76
C ARG A 75 -8.76 -10.68 8.95
N SER A 76 -9.43 -11.47 8.11
CA SER A 76 -9.31 -12.93 8.19
C SER A 76 -7.85 -13.35 8.15
N LEU A 77 -7.07 -12.69 7.31
CA LEU A 77 -5.65 -13.01 7.17
C LEU A 77 -4.93 -12.87 8.51
N TYR A 78 -5.03 -11.69 9.11
CA TYR A 78 -4.39 -11.42 10.40
C TYR A 78 -4.77 -12.48 11.42
N ASN A 79 -5.98 -13.03 11.27
CA ASN A 79 -6.47 -14.06 12.18
C ASN A 79 -5.67 -15.35 12.02
N THR A 80 -5.58 -15.84 10.79
CA THR A 80 -4.85 -17.06 10.51
C THR A 80 -3.35 -16.87 10.71
N ILE A 81 -2.80 -15.84 10.08
CA ILE A 81 -1.38 -15.55 10.20
C ILE A 81 -0.96 -15.44 11.65
N ALA A 82 -1.89 -15.04 12.51
CA ALA A 82 -1.62 -14.90 13.94
C ALA A 82 -1.44 -16.27 14.60
N VAL A 83 -2.51 -17.06 14.59
CA VAL A 83 -2.47 -18.39 15.19
C VAL A 83 -1.31 -19.21 14.64
N LEU A 84 -1.02 -19.05 13.36
CA LEU A 84 0.07 -19.77 12.72
C LEU A 84 1.42 -19.28 13.25
N TYR A 85 1.64 -17.97 13.18
CA TYR A 85 2.89 -17.38 13.65
C TYR A 85 3.20 -17.83 15.07
N CYS A 86 2.22 -17.74 15.95
CA CYS A 86 2.39 -18.13 17.34
C CYS A 86 2.95 -19.55 17.43
N VAL A 87 2.55 -20.39 16.49
CA VAL A 87 3.00 -21.78 16.47
C VAL A 87 4.49 -21.87 16.14
N HIS A 88 4.90 -21.13 15.11
CA HIS A 88 6.29 -21.11 14.69
C HIS A 88 7.18 -20.49 15.76
N GLN A 89 6.71 -19.49 16.49
CA GLN A 89 7.53 -18.85 17.53
C GLN A 89 7.60 -19.73 18.77
N ARG A 90 6.50 -19.79 19.51
CA ARG A 90 6.45 -20.59 20.73
C ARG A 90 5.07 -20.49 21.38
N ILE A 91 4.44 -19.33 21.28
CA ILE A 91 3.13 -19.11 21.85
C ILE A 91 2.15 -20.19 21.40
N ASP A 92 1.50 -20.84 22.37
CA ASP A 92 0.54 -21.89 22.06
C ASP A 92 -0.86 -21.49 22.53
N VAL A 93 -1.37 -20.39 21.97
CA VAL A 93 -2.69 -19.91 22.33
C VAL A 93 -3.75 -20.95 22.03
N LYS A 94 -4.92 -20.80 22.68
CA LYS A 94 -6.02 -21.73 22.48
C LYS A 94 -6.97 -21.24 21.38
N ASP A 95 -7.03 -19.92 21.21
CA ASP A 95 -7.89 -19.33 20.19
C ASP A 95 -7.13 -18.27 19.40
N THR A 96 -7.83 -17.62 18.46
CA THR A 96 -7.22 -16.60 17.64
C THR A 96 -7.10 -15.28 18.40
N LYS A 97 -7.99 -15.08 19.36
CA LYS A 97 -7.99 -13.87 20.18
C LYS A 97 -6.72 -13.77 21.02
N GLU A 98 -6.46 -14.83 21.78
CA GLU A 98 -5.28 -14.87 22.65
C GLU A 98 -4.01 -14.57 21.85
N ALA A 99 -3.98 -15.02 20.59
CA ALA A 99 -2.84 -14.80 19.72
C ALA A 99 -2.65 -13.31 19.44
N LEU A 100 -3.76 -12.59 19.33
CA LEU A 100 -3.73 -11.16 19.06
C LEU A 100 -3.17 -10.38 20.25
N ASP A 101 -3.54 -10.81 21.46
CA ASP A 101 -3.06 -10.16 22.67
C ASP A 101 -1.57 -10.38 22.86
N LYS A 102 -1.14 -11.62 22.68
CA LYS A 102 0.27 -11.96 22.83
C LYS A 102 1.14 -11.12 21.90
N ILE A 103 0.79 -11.12 20.61
CA ILE A 103 1.53 -10.36 19.62
C ILE A 103 1.41 -8.86 19.87
N GLU A 104 0.30 -8.45 20.48
CA GLU A 104 0.06 -7.05 20.78
C GLU A 104 0.97 -6.57 21.92
N GLU A 105 1.14 -7.40 22.93
CA GLU A 105 1.99 -7.07 24.07
C GLU A 105 3.46 -7.08 23.67
N GLU A 106 3.85 -8.09 22.90
CA GLU A 106 5.23 -8.22 22.46
C GLU A 106 5.70 -6.95 21.75
N GLN A 107 4.77 -6.30 21.05
CA GLN A 107 5.08 -5.07 20.33
C GLN A 107 5.19 -3.89 21.27
N ASN A 108 4.47 -3.96 22.39
CA ASN A 108 4.48 -2.90 23.39
C ASN A 108 5.83 -2.84 24.11
N LYS A 109 6.48 -3.99 24.22
CA LYS A 109 7.78 -4.07 24.88
C LYS A 109 8.85 -3.37 24.06
N SER A 110 8.78 -3.51 22.74
CA SER A 110 9.75 -2.89 21.86
C SER A 110 9.58 -1.37 21.85
N LYS A 111 8.36 -0.92 22.09
CA LYS A 111 8.07 0.51 22.11
C LYS A 111 8.96 1.23 23.12
N LYS A 112 9.23 0.58 24.23
CA LYS A 112 10.07 1.15 25.29
C LYS A 112 11.53 1.20 24.84
N LYS A 113 11.91 0.26 23.98
CA LYS A 113 13.28 0.21 23.48
C LYS A 113 13.33 0.56 22.01
N ALA A 114 12.43 1.44 21.57
CA ALA A 114 12.39 1.87 20.18
C ALA A 114 11.39 3.01 19.99
N GLN A 115 11.44 3.99 20.90
CA GLN A 115 10.55 5.14 20.83
C GLN A 115 11.25 6.33 20.19
N GLY B 1 -28.44 -4.99 -7.51
CA GLY B 1 -29.08 -4.71 -8.79
C GLY B 1 -28.96 -3.25 -9.19
N ALA B 2 -29.85 -2.42 -8.67
CA ALA B 2 -29.84 -0.99 -8.97
C ALA B 2 -30.84 -0.24 -8.10
N ARG B 3 -30.67 -0.36 -6.79
CA ARG B 3 -31.57 0.31 -5.85
C ARG B 3 -30.79 1.30 -4.99
N ALA B 4 -31.49 1.94 -4.05
CA ALA B 4 -30.87 2.91 -3.15
C ALA B 4 -30.28 2.22 -1.93
N SER B 5 -29.26 2.85 -1.34
CA SER B 5 -28.61 2.29 -0.15
C SER B 5 -27.57 3.27 0.40
N VAL B 6 -26.59 3.61 -0.42
CA VAL B 6 -25.54 4.54 -0.02
C VAL B 6 -26.10 5.93 0.22
N LEU B 7 -26.96 6.38 -0.68
CA LEU B 7 -27.58 7.70 -0.58
C LEU B 7 -29.08 7.59 -0.35
N SER B 8 -29.58 8.32 0.64
CA SER B 8 -31.00 8.30 0.95
C SER B 8 -31.80 9.12 -0.06
N GLY B 9 -33.09 9.29 0.20
CA GLY B 9 -33.94 10.06 -0.70
C GLY B 9 -33.43 11.47 -0.90
N GLY B 10 -33.18 12.18 0.21
CA GLY B 10 -32.70 13.54 0.13
C GLY B 10 -31.34 13.64 -0.53
N GLU B 11 -30.44 12.73 -0.16
CA GLU B 11 -29.10 12.72 -0.72
C GLU B 11 -29.13 12.40 -2.21
N LEU B 12 -30.05 11.52 -2.61
CA LEU B 12 -30.19 11.13 -4.00
C LEU B 12 -30.50 12.35 -4.88
N ASP B 13 -31.43 13.18 -4.42
CA ASP B 13 -31.82 14.37 -5.15
C ASP B 13 -30.61 15.24 -5.46
N LYS B 14 -29.84 15.57 -4.42
CA LYS B 14 -28.65 16.39 -4.57
C LYS B 14 -27.60 15.68 -5.42
N TRP B 15 -27.43 14.38 -5.17
CA TRP B 15 -26.45 13.59 -5.91
C TRP B 15 -26.67 13.71 -7.41
N GLU B 16 -27.89 13.47 -7.86
CA GLU B 16 -28.23 13.55 -9.28
C GLU B 16 -27.94 14.95 -9.81
N LYS B 17 -27.98 15.94 -8.92
CA LYS B 17 -27.72 17.32 -9.30
C LYS B 17 -26.23 17.57 -9.51
N ILE B 18 -25.43 17.15 -8.52
CA ILE B 18 -23.99 17.33 -8.59
C ILE B 18 -23.44 16.79 -9.91
N ARG B 19 -22.49 17.52 -10.49
CA ARG B 19 -21.87 17.11 -11.74
C ARG B 19 -20.47 16.56 -11.52
N LEU B 20 -20.05 15.64 -12.38
CA LEU B 20 -18.72 15.04 -12.26
C LEU B 20 -17.63 16.09 -12.42
N ARG B 21 -17.93 17.15 -13.17
CA ARG B 21 -16.98 18.22 -13.39
C ARG B 21 -17.68 19.57 -13.40
N PRO B 22 -16.90 20.65 -13.19
CA PRO B 22 -17.42 22.02 -13.17
C PRO B 22 -17.85 22.50 -14.55
N GLY B 23 -17.07 22.14 -15.57
CA GLY B 23 -17.38 22.53 -16.92
C GLY B 23 -17.77 21.35 -17.80
N GLY B 24 -18.80 20.63 -17.39
CA GLY B 24 -19.26 19.48 -18.15
C GLY B 24 -20.77 19.47 -18.36
N LYS B 25 -21.28 18.38 -18.90
CA LYS B 25 -22.70 18.24 -19.14
C LYS B 25 -23.20 16.86 -18.76
N LYS B 26 -22.50 16.23 -17.82
CA LYS B 26 -22.86 14.89 -17.35
C LYS B 26 -23.01 14.86 -15.84
N GLN B 27 -24.23 15.00 -15.36
CA GLN B 27 -24.51 14.99 -13.93
C GLN B 27 -24.15 13.65 -13.32
N TYR B 28 -24.28 13.55 -12.00
CA TYR B 28 -23.97 12.31 -11.30
C TYR B 28 -25.15 11.35 -11.34
N LYS B 29 -24.85 10.05 -11.34
CA LYS B 29 -25.90 9.03 -11.37
C LYS B 29 -25.47 7.80 -10.57
N LEU B 30 -26.44 6.93 -10.27
CA LEU B 30 -26.16 5.72 -9.51
C LEU B 30 -25.01 4.94 -10.12
N LYS B 31 -24.86 5.05 -11.43
CA LYS B 31 -23.79 4.35 -12.14
C LYS B 31 -22.44 4.62 -11.50
N HIS B 32 -22.25 5.85 -11.03
CA HIS B 32 -21.00 6.24 -10.39
C HIS B 32 -20.94 5.72 -8.97
N ILE B 33 -22.04 5.64 -8.24
CA ILE B 33 -22.03 5.14 -6.88
C ILE B 33 -21.70 3.65 -6.84
N VAL B 34 -22.20 2.91 -7.82
CA VAL B 34 -21.95 1.48 -7.91
C VAL B 34 -20.58 1.19 -8.52
N TRP B 35 -20.19 2.00 -9.50
CA TRP B 35 -18.90 1.83 -10.17
C TRP B 35 -17.76 1.87 -9.15
N ALA B 36 -17.92 2.69 -8.11
CA ALA B 36 -16.90 2.81 -7.08
C ALA B 36 -16.96 1.63 -6.11
N SER B 37 -18.17 1.26 -5.72
CA SER B 37 -18.37 0.15 -4.79
C SER B 37 -17.68 -1.11 -5.30
N ARG B 38 -17.74 -1.32 -6.61
CA ARG B 38 -17.12 -2.49 -7.22
C ARG B 38 -15.60 -2.44 -7.10
N GLU B 39 -15.03 -1.27 -7.41
CA GLU B 39 -13.59 -1.08 -7.33
C GLU B 39 -13.11 -1.13 -5.88
N LEU B 40 -13.99 -0.78 -4.96
CA LEU B 40 -13.66 -0.78 -3.54
C LEU B 40 -13.43 -2.20 -3.04
N GLU B 41 -14.42 -3.05 -3.21
CA GLU B 41 -14.33 -4.45 -2.77
C GLU B 41 -13.08 -5.11 -3.35
N ARG B 42 -12.65 -4.63 -4.51
CA ARG B 42 -11.48 -5.18 -5.17
C ARG B 42 -10.22 -4.92 -4.35
N PHE B 43 -10.21 -3.81 -3.62
CA PHE B 43 -9.07 -3.43 -2.79
C PHE B 43 -9.28 -3.88 -1.34
N ALA B 44 -10.07 -4.93 -1.17
CA ALA B 44 -10.34 -5.46 0.16
C ALA B 44 -11.11 -4.46 1.00
N VAL B 45 -11.81 -3.55 0.33
CA VAL B 45 -12.60 -2.52 1.02
C VAL B 45 -14.08 -2.65 0.69
N ASN B 46 -14.87 -2.97 1.70
CA ASN B 46 -16.32 -3.12 1.52
C ASN B 46 -16.94 -1.83 1.02
N PRO B 47 -17.95 -1.95 0.14
CA PRO B 47 -18.65 -0.80 -0.43
C PRO B 47 -19.51 -0.07 0.60
N GLY B 48 -19.78 -0.74 1.71
CA GLY B 48 -20.59 -0.15 2.76
C GLY B 48 -19.94 1.08 3.36
N LEU B 49 -18.62 1.14 3.30
CA LEU B 49 -17.88 2.28 3.84
C LEU B 49 -18.36 3.59 3.22
N LEU B 50 -18.88 3.50 2.01
CA LEU B 50 -19.38 4.67 1.29
C LEU B 50 -20.75 5.09 1.83
N GLU B 51 -21.48 4.13 2.37
CA GLU B 51 -22.81 4.41 2.91
C GLU B 51 -22.71 5.08 4.27
N THR B 52 -21.49 5.20 4.79
CA THR B 52 -21.26 5.82 6.07
C THR B 52 -20.23 6.93 5.97
N SER B 53 -20.56 8.11 6.50
CA SER B 53 -19.66 9.25 6.47
C SER B 53 -18.31 8.90 7.07
N GLU B 54 -18.30 7.93 7.98
CA GLU B 54 -17.08 7.50 8.64
C GLU B 54 -16.24 6.62 7.71
N GLY B 55 -16.91 5.70 7.01
CA GLY B 55 -16.22 4.81 6.11
C GLY B 55 -15.53 5.55 4.97
N CYS B 56 -16.20 6.57 4.45
CA CYS B 56 -15.65 7.37 3.35
C CYS B 56 -14.34 8.02 3.76
N ARG B 57 -14.33 8.66 4.92
CA ARG B 57 -13.14 9.32 5.42
C ARG B 57 -11.94 8.37 5.42
N GLN B 58 -12.19 7.13 5.82
CA GLN B 58 -11.14 6.12 5.86
C GLN B 58 -10.60 5.82 4.47
N ILE B 59 -11.48 5.89 3.47
CA ILE B 59 -11.10 5.63 2.09
C ILE B 59 -10.29 6.78 1.53
N LEU B 60 -10.81 7.99 1.65
CA LEU B 60 -10.13 9.19 1.16
C LEU B 60 -8.74 9.33 1.79
N GLY B 61 -8.60 8.77 2.99
CA GLY B 61 -7.32 8.85 3.67
C GLY B 61 -6.24 8.03 2.98
N GLN B 62 -6.61 6.89 2.44
CA GLN B 62 -5.67 6.01 1.76
C GLN B 62 -5.42 6.50 0.34
N LEU B 63 -6.46 7.03 -0.30
CA LEU B 63 -6.36 7.52 -1.66
C LEU B 63 -5.68 8.90 -1.69
N GLN B 64 -5.78 9.63 -0.59
CA GLN B 64 -5.19 10.95 -0.49
C GLN B 64 -3.72 10.91 -0.87
N PRO B 65 -2.92 10.13 -0.11
CA PRO B 65 -1.49 9.99 -0.35
C PRO B 65 -1.19 9.20 -1.62
N SER B 66 -2.17 8.45 -2.08
CA SER B 66 -2.02 7.65 -3.30
C SER B 66 -2.61 8.37 -4.50
N LEU B 67 -2.64 9.69 -4.44
CA LEU B 67 -3.18 10.49 -5.53
C LEU B 67 -2.15 10.64 -6.65
N GLN B 68 -0.88 10.68 -6.29
CA GLN B 68 0.20 10.81 -7.27
C GLN B 68 0.75 9.44 -7.65
N THR B 69 0.92 8.57 -6.66
CA THR B 69 1.45 7.24 -6.90
C THR B 69 0.37 6.32 -7.46
N GLY B 70 -0.88 6.62 -7.15
CA GLY B 70 -1.98 5.81 -7.63
C GLY B 70 -2.20 5.96 -9.13
N SER B 71 -3.02 5.09 -9.70
CA SER B 71 -3.31 5.13 -11.13
C SER B 71 -4.66 5.80 -11.40
N GLU B 72 -5.09 5.76 -12.65
CA GLU B 72 -6.36 6.35 -13.04
C GLU B 72 -7.52 5.74 -12.25
N GLU B 73 -7.43 4.44 -12.01
CA GLU B 73 -8.47 3.72 -11.27
C GLU B 73 -8.69 4.37 -9.91
N LEU B 74 -7.63 4.91 -9.33
CA LEU B 74 -7.71 5.56 -8.02
C LEU B 74 -8.27 6.98 -8.14
N ARG B 75 -7.89 7.65 -9.22
CA ARG B 75 -8.35 9.02 -9.45
C ARG B 75 -9.87 9.09 -9.46
N SER B 76 -10.50 8.29 -10.32
CA SER B 76 -11.94 8.25 -10.43
C SER B 76 -12.59 8.05 -9.06
N LEU B 77 -12.00 7.16 -8.26
CA LEU B 77 -12.51 6.86 -6.93
C LEU B 77 -12.59 8.13 -6.08
N TYR B 78 -11.45 8.81 -5.94
CA TYR B 78 -11.38 10.04 -5.15
C TYR B 78 -12.45 11.03 -5.61
N ASN B 79 -12.79 10.97 -6.89
CA ASN B 79 -13.81 11.86 -7.46
C ASN B 79 -15.18 11.54 -6.89
N THR B 80 -15.58 10.28 -6.99
CA THR B 80 -16.88 9.85 -6.49
C THR B 80 -16.94 9.92 -4.96
N ILE B 81 -15.96 9.29 -4.32
CA ILE B 81 -15.89 9.27 -2.86
C ILE B 81 -15.97 10.69 -2.29
N ALA B 82 -15.50 11.66 -3.07
CA ALA B 82 -15.51 13.06 -2.65
C ALA B 82 -16.94 13.61 -2.64
N VAL B 83 -17.55 13.67 -3.82
CA VAL B 83 -18.91 14.18 -3.94
C VAL B 83 -19.85 13.47 -2.97
N LEU B 84 -19.64 12.18 -2.78
CA LEU B 84 -20.47 11.39 -1.88
C LEU B 84 -20.23 11.79 -0.43
N TYR B 85 -18.97 11.79 -0.02
CA TYR B 85 -18.62 12.16 1.35
C TYR B 85 -19.21 13.51 1.72
N CYS B 86 -19.04 14.49 0.84
CA CYS B 86 -19.56 15.83 1.08
C CYS B 86 -21.05 15.79 1.40
N VAL B 87 -21.75 14.83 0.80
CA VAL B 87 -23.19 14.69 1.02
C VAL B 87 -23.47 14.20 2.43
N HIS B 88 -22.72 13.19 2.87
CA HIS B 88 -22.88 12.62 4.20
C HIS B 88 -22.49 13.63 5.27
N GLN B 89 -21.49 14.47 5.04
CA GLN B 89 -21.06 15.45 6.03
C GLN B 89 -22.04 16.63 6.08
N ARG B 90 -21.98 17.47 5.06
CA ARG B 90 -22.86 18.64 4.98
C ARG B 90 -22.61 19.43 3.70
N ILE B 91 -21.36 19.46 3.27
CA ILE B 91 -20.98 20.18 2.06
C ILE B 91 -21.87 19.76 0.88
N ASP B 92 -22.48 20.75 0.23
CA ASP B 92 -23.34 20.48 -0.91
C ASP B 92 -22.77 21.10 -2.18
N VAL B 93 -21.57 20.68 -2.55
CA VAL B 93 -20.91 21.20 -3.75
C VAL B 93 -21.76 20.95 -4.99
N LYS B 94 -21.49 21.70 -6.05
CA LYS B 94 -22.22 21.57 -7.30
C LYS B 94 -21.51 20.61 -8.24
N ASP B 95 -20.19 20.52 -8.11
CA ASP B 95 -19.39 19.64 -8.95
C ASP B 95 -18.40 18.84 -8.12
N THR B 96 -17.60 18.02 -8.78
CA THR B 96 -16.60 17.20 -8.10
C THR B 96 -15.38 18.02 -7.71
N LYS B 97 -15.13 19.09 -8.46
CA LYS B 97 -13.99 19.96 -8.20
C LYS B 97 -14.16 20.68 -6.85
N GLU B 98 -15.30 21.35 -6.69
CA GLU B 98 -15.58 22.07 -5.45
C GLU B 98 -15.41 21.18 -4.24
N ALA B 99 -15.78 19.90 -4.40
CA ALA B 99 -15.66 18.94 -3.31
C ALA B 99 -14.20 18.72 -2.92
N LEU B 100 -13.31 18.78 -3.90
CA LEU B 100 -11.89 18.60 -3.67
C LEU B 100 -11.31 19.77 -2.88
N ASP B 101 -11.75 20.97 -3.22
CA ASP B 101 -11.28 22.17 -2.54
C ASP B 101 -11.73 22.19 -1.08
N LYS B 102 -13.00 21.89 -0.87
CA LYS B 102 -13.58 21.88 0.48
C LYS B 102 -12.81 20.91 1.37
N ILE B 103 -12.66 19.68 0.92
CA ILE B 103 -11.94 18.65 1.68
C ILE B 103 -10.46 19.01 1.82
N GLU B 104 -9.94 19.76 0.85
CA GLU B 104 -8.55 20.18 0.86
C GLU B 104 -8.30 21.23 1.94
N GLU B 105 -9.23 22.16 2.06
CA GLU B 105 -9.11 23.22 3.05
C GLU B 105 -9.31 22.69 4.46
N GLU B 106 -10.31 21.83 4.62
CA GLU B 106 -10.61 21.24 5.92
C GLU B 106 -9.38 20.56 6.50
N GLN B 107 -8.54 20.01 5.64
CA GLN B 107 -7.33 19.32 6.07
C GLN B 107 -6.25 20.33 6.45
N ASN B 108 -6.29 21.51 5.83
CA ASN B 108 -5.32 22.56 6.11
C ASN B 108 -5.53 23.14 7.51
N LYS B 109 -6.77 23.11 7.98
CA LYS B 109 -7.10 23.64 9.30
C LYS B 109 -6.50 22.76 10.39
N SER B 110 -6.54 21.44 10.17
CA SER B 110 -6.01 20.50 11.15
C SER B 110 -4.49 20.60 11.22
N LYS B 111 -3.87 21.00 10.12
CA LYS B 111 -2.42 21.13 10.06
C LYS B 111 -1.92 22.09 11.13
N LYS B 112 -2.69 23.14 11.40
CA LYS B 112 -2.33 24.12 12.41
C LYS B 112 -2.47 23.54 13.81
N LYS B 113 -3.38 22.58 13.96
CA LYS B 113 -3.62 21.95 15.26
C LYS B 113 -3.16 20.50 15.24
N ALA B 114 -2.12 20.21 14.45
CA ALA B 114 -1.59 18.86 14.34
C ALA B 114 -0.29 18.85 13.54
N GLN B 115 0.58 19.80 13.82
CA GLN B 115 1.85 19.90 13.11
C GLN B 115 2.98 19.27 13.93
N GLY C 1 -0.03 -4.91 -29.39
CA GLY C 1 0.45 -6.08 -30.10
C GLY C 1 1.89 -6.41 -29.79
N ALA C 2 2.82 -5.75 -30.49
CA ALA C 2 4.24 -5.97 -30.28
C ALA C 2 5.07 -4.96 -31.05
N ARG C 3 4.83 -3.68 -30.80
CA ARG C 3 5.55 -2.61 -31.48
C ARG C 3 6.35 -1.77 -30.48
N ALA C 4 7.00 -0.73 -30.99
CA ALA C 4 7.79 0.16 -30.13
C ALA C 4 6.94 1.28 -29.56
N SER C 5 7.35 1.79 -28.41
CA SER C 5 6.62 2.86 -27.74
C SER C 5 7.38 3.37 -26.52
N VAL C 6 7.63 2.47 -25.57
CA VAL C 6 8.35 2.83 -24.36
C VAL C 6 9.80 3.21 -24.67
N LEU C 7 10.44 2.42 -25.52
CA LEU C 7 11.82 2.67 -25.90
C LEU C 7 11.93 3.04 -27.38
N SER C 8 12.64 4.12 -27.68
CA SER C 8 12.82 4.58 -29.05
C SER C 8 13.83 3.70 -29.78
N GLY C 9 14.17 4.11 -31.00
CA GLY C 9 15.13 3.35 -31.79
C GLY C 9 16.46 3.19 -31.09
N GLY C 10 17.02 4.30 -30.63
CA GLY C 10 18.31 4.25 -29.96
C GLY C 10 18.24 3.46 -28.66
N GLU C 11 17.19 3.68 -27.89
CA GLU C 11 17.01 2.99 -26.62
C GLU C 11 16.82 1.49 -26.84
N LEU C 12 16.12 1.14 -27.92
CA LEU C 12 15.86 -0.25 -28.24
C LEU C 12 17.17 -1.01 -28.44
N ASP C 13 18.10 -0.42 -29.18
CA ASP C 13 19.39 -1.03 -29.43
C ASP C 13 20.09 -1.41 -28.13
N LYS C 14 20.22 -0.43 -27.23
CA LYS C 14 20.86 -0.66 -25.95
C LYS C 14 20.06 -1.65 -25.10
N TRP C 15 18.74 -1.50 -25.12
CA TRP C 15 17.86 -2.38 -24.36
C TRP C 15 18.14 -3.83 -24.68
N GLU C 16 18.10 -4.17 -25.97
CA GLU C 16 18.35 -5.55 -26.41
C GLU C 16 19.73 -6.01 -25.96
N LYS C 17 20.64 -5.08 -25.75
CA LYS C 17 21.99 -5.39 -25.32
C LYS C 17 22.03 -5.72 -23.83
N ILE C 18 21.41 -4.86 -23.02
CA ILE C 18 21.38 -5.07 -21.58
C ILE C 18 20.86 -6.46 -21.24
N ARG C 19 21.48 -7.08 -20.24
CA ARG C 19 21.08 -8.42 -19.81
C ARG C 19 20.31 -8.37 -18.50
N LEU C 20 19.41 -9.31 -18.31
CA LEU C 20 18.60 -9.38 -17.10
C LEU C 20 19.48 -9.59 -15.87
N ARG C 21 20.63 -10.23 -16.07
CA ARG C 21 21.56 -10.49 -14.98
C ARG C 21 23.00 -10.34 -15.46
N PRO C 22 23.92 -10.15 -14.50
CA PRO C 22 25.35 -9.98 -14.79
C PRO C 22 25.99 -11.28 -15.26
N GLY C 23 25.59 -12.40 -14.65
CA GLY C 23 26.13 -13.69 -15.02
C GLY C 23 25.11 -14.59 -15.67
N GLY C 24 24.51 -14.12 -16.76
CA GLY C 24 23.51 -14.90 -17.46
C GLY C 24 23.74 -14.94 -18.96
N LYS C 25 22.78 -15.50 -19.68
CA LYS C 25 22.89 -15.61 -21.14
C LYS C 25 21.56 -15.26 -21.80
N LYS C 26 20.77 -14.44 -21.13
CA LYS C 26 19.47 -14.03 -21.65
C LYS C 26 19.35 -12.50 -21.66
N GLN C 27 19.64 -11.90 -22.81
CA GLN C 27 19.56 -10.45 -22.95
C GLN C 27 18.13 -9.96 -22.75
N TYR C 28 17.96 -8.64 -22.77
CA TYR C 28 16.64 -8.05 -22.61
C TYR C 28 15.87 -8.04 -23.93
N LYS C 29 14.55 -8.14 -23.84
CA LYS C 29 13.70 -8.14 -25.02
C LYS C 29 12.36 -7.45 -24.73
N LEU C 30 11.63 -7.11 -25.79
CA LEU C 30 10.34 -6.46 -25.65
C LEU C 30 9.44 -7.23 -24.69
N LYS C 31 9.62 -8.55 -24.65
CA LYS C 31 8.83 -9.40 -23.77
C LYS C 31 8.84 -8.88 -22.34
N HIS C 32 9.99 -8.37 -21.91
CA HIS C 32 10.14 -7.83 -20.57
C HIS C 32 9.49 -6.46 -20.45
N ILE C 33 9.53 -5.62 -21.49
CA ILE C 33 8.93 -4.30 -21.43
C ILE C 33 7.41 -4.39 -21.33
N VAL C 34 6.84 -5.36 -22.04
CA VAL C 34 5.40 -5.56 -22.03
C VAL C 34 4.95 -6.32 -20.78
N TRP C 35 5.76 -7.29 -20.37
CA TRP C 35 5.46 -8.08 -19.18
C TRP C 35 5.23 -7.20 -17.96
N ALA C 36 5.99 -6.10 -17.89
CA ALA C 36 5.87 -5.17 -16.78
C ALA C 36 4.65 -4.27 -16.94
N SER C 37 4.44 -3.78 -18.15
CA SER C 37 3.30 -2.91 -18.43
C SER C 37 1.99 -3.55 -18.01
N ARG C 38 1.90 -4.87 -18.21
CA ARG C 38 0.70 -5.61 -17.85
C ARG C 38 0.51 -5.65 -16.34
N GLU C 39 1.60 -5.93 -15.62
CA GLU C 39 1.55 -6.00 -14.16
C GLU C 39 1.32 -4.61 -13.56
N LEU C 40 1.73 -3.58 -14.30
CA LEU C 40 1.58 -2.21 -13.84
C LEU C 40 0.10 -1.82 -13.79
N GLU C 41 -0.58 -1.94 -14.92
CA GLU C 41 -2.00 -1.60 -15.01
C GLU C 41 -2.80 -2.34 -13.95
N ARG C 42 -2.30 -3.51 -13.55
CA ARG C 42 -2.97 -4.32 -12.54
C ARG C 42 -2.97 -3.61 -11.18
N PHE C 43 -1.93 -2.83 -10.94
CA PHE C 43 -1.80 -2.09 -9.68
C PHE C 43 -2.32 -0.66 -9.83
N ALA C 44 -3.26 -0.47 -10.75
CA ALA C 44 -3.83 0.84 -10.99
C ALA C 44 -2.78 1.82 -11.51
N VAL C 45 -1.72 1.28 -12.11
CA VAL C 45 -0.65 2.10 -12.66
C VAL C 45 -0.53 1.92 -14.16
N ASN C 46 -0.80 2.99 -14.91
CA ASN C 46 -0.71 2.95 -16.36
C ASN C 46 0.70 2.58 -16.82
N PRO C 47 0.80 1.81 -17.91
CA PRO C 47 2.08 1.39 -18.47
C PRO C 47 2.84 2.54 -19.11
N GLY C 48 2.14 3.63 -19.37
CA GLY C 48 2.78 4.80 -19.98
C GLY C 48 3.84 5.40 -19.10
N LEU C 49 3.71 5.22 -17.79
CA LEU C 49 4.67 5.75 -16.83
C LEU C 49 6.08 5.25 -17.15
N LEU C 50 6.17 4.10 -17.80
CA LEU C 50 7.45 3.51 -18.16
C LEU C 50 8.04 4.20 -19.39
N GLU C 51 7.16 4.76 -20.22
CA GLU C 51 7.58 5.45 -21.43
C GLU C 51 8.14 6.83 -21.10
N THR C 52 8.02 7.23 -19.84
CA THR C 52 8.50 8.52 -19.39
C THR C 52 9.45 8.38 -18.20
N SER C 53 10.61 9.01 -18.30
CA SER C 53 11.60 8.96 -17.24
C SER C 53 11.01 9.40 -15.91
N GLU C 54 9.99 10.24 -15.98
CA GLU C 54 9.32 10.74 -14.78
C GLU C 54 8.40 9.67 -14.18
N GLY C 55 7.64 9.00 -15.05
CA GLY C 55 6.74 7.97 -14.59
C GLY C 55 7.45 6.83 -13.90
N CYS C 56 8.60 6.44 -14.45
CA CYS C 56 9.38 5.34 -13.88
C CYS C 56 9.79 5.65 -12.44
N ARG C 57 10.33 6.85 -12.24
CA ARG C 57 10.77 7.26 -10.91
C ARG C 57 9.65 7.08 -9.88
N GLN C 58 8.43 7.42 -10.29
CA GLN C 58 7.27 7.30 -9.41
C GLN C 58 7.01 5.84 -9.06
N ILE C 59 7.27 4.95 -10.01
CA ILE C 59 7.07 3.52 -9.79
C ILE C 59 8.13 2.95 -8.86
N LEU C 60 9.40 3.21 -9.17
CA LEU C 60 10.50 2.71 -8.36
C LEU C 60 10.39 3.21 -6.92
N GLY C 61 9.71 4.35 -6.75
CA GLY C 61 9.55 4.91 -5.42
C GLY C 61 8.64 4.06 -4.55
N GLN C 62 7.60 3.50 -5.16
CA GLN C 62 6.65 2.66 -4.43
C GLN C 62 7.20 1.25 -4.24
N LEU C 63 7.92 0.77 -5.23
CA LEU C 63 8.51 -0.57 -5.18
C LEU C 63 9.75 -0.59 -4.30
N GLN C 64 10.41 0.57 -4.19
CA GLN C 64 11.62 0.69 -3.37
C GLN C 64 11.37 0.15 -1.96
N PRO C 65 10.44 0.78 -1.24
CA PRO C 65 10.09 0.39 0.13
C PRO C 65 9.37 -0.96 0.18
N SER C 66 8.82 -1.36 -0.95
CA SER C 66 8.09 -2.63 -1.04
C SER C 66 8.98 -3.72 -1.61
N LEU C 67 10.29 -3.58 -1.43
CA LEU C 67 11.24 -4.56 -1.93
C LEU C 67 11.32 -5.77 -1.00
N GLN C 68 11.12 -5.53 0.29
CA GLN C 68 11.17 -6.60 1.28
C GLN C 68 9.77 -7.12 1.58
N THR C 69 8.81 -6.21 1.70
CA THR C 69 7.43 -6.58 1.98
C THR C 69 6.73 -7.09 0.73
N GLY C 70 7.20 -6.64 -0.43
CA GLY C 70 6.60 -7.06 -1.68
C GLY C 70 6.90 -8.51 -2.02
N SER C 71 6.21 -9.04 -3.02
CA SER C 71 6.40 -10.43 -3.42
C SER C 71 7.28 -10.52 -4.67
N GLU C 72 7.41 -11.73 -5.21
CA GLU C 72 8.22 -11.94 -6.40
C GLU C 72 7.74 -11.08 -7.56
N GLU C 73 6.41 -10.93 -7.66
CA GLU C 73 5.82 -10.13 -8.73
C GLU C 73 6.38 -8.71 -8.72
N LEU C 74 6.71 -8.21 -7.53
CA LEU C 74 7.26 -6.86 -7.39
C LEU C 74 8.75 -6.84 -7.73
N ARG C 75 9.45 -7.92 -7.35
CA ARG C 75 10.88 -8.02 -7.60
C ARG C 75 11.18 -7.87 -9.09
N SER C 76 10.54 -8.70 -9.90
CA SER C 76 10.74 -8.67 -11.35
C SER C 76 10.53 -7.26 -11.89
N LEU C 77 9.51 -6.58 -11.38
CA LEU C 77 9.20 -5.23 -11.81
C LEU C 77 10.39 -4.30 -11.61
N TYR C 78 10.87 -4.22 -10.36
CA TYR C 78 12.01 -3.37 -10.04
C TYR C 78 13.18 -3.66 -10.96
N ASN C 79 13.28 -4.90 -11.43
CA ASN C 79 14.35 -5.30 -12.33
C ASN C 79 14.21 -4.62 -13.69
N THR C 80 13.03 -4.76 -14.29
CA THR C 80 12.76 -4.15 -15.59
C THR C 80 12.72 -2.63 -15.50
N ILE C 81 11.90 -2.13 -14.57
CA ILE C 81 11.77 -0.69 -14.38
C ILE C 81 13.14 -0.03 -14.17
N ALA C 82 14.08 -0.79 -13.63
CA ALA C 82 15.43 -0.29 -13.38
C ALA C 82 16.19 -0.10 -14.69
N VAL C 83 16.43 -1.20 -15.40
CA VAL C 83 17.14 -1.16 -16.67
C VAL C 83 16.52 -0.13 -17.62
N LEU C 84 15.20 -0.05 -17.59
CA LEU C 84 14.47 0.88 -18.46
C LEU C 84 14.73 2.32 -18.02
N TYR C 85 14.50 2.61 -16.75
CA TYR C 85 14.71 3.95 -16.21
C TYR C 85 16.11 4.46 -16.55
N CYS C 86 17.11 3.63 -16.31
CA CYS C 86 18.48 4.00 -16.59
C CYS C 86 18.65 4.47 -18.03
N VAL C 87 17.86 3.88 -18.93
CA VAL C 87 17.92 4.24 -20.33
C VAL C 87 17.37 5.64 -20.57
N HIS C 88 16.23 5.93 -19.94
CA HIS C 88 15.59 7.25 -20.08
C HIS C 88 16.45 8.33 -19.43
N GLN C 89 17.14 8.05 -18.34
CA GLN C 89 17.97 9.05 -17.67
C GLN C 89 19.27 9.27 -18.43
N ARG C 90 20.17 8.30 -18.34
CA ARG C 90 21.46 8.38 -19.03
C ARG C 90 22.29 7.13 -18.77
N ILE C 91 22.17 6.57 -17.57
CA ILE C 91 22.92 5.38 -17.20
C ILE C 91 22.73 4.28 -18.25
N ASP C 92 23.84 3.76 -18.74
CA ASP C 92 23.80 2.69 -19.74
C ASP C 92 24.43 1.42 -19.20
N VAL C 93 23.84 0.90 -18.12
CA VAL C 93 24.35 -0.33 -17.51
C VAL C 93 24.33 -1.49 -18.48
N LYS C 94 25.12 -2.52 -18.19
CA LYS C 94 25.19 -3.69 -19.04
C LYS C 94 24.20 -4.77 -18.60
N ASP C 95 23.91 -4.78 -17.30
CA ASP C 95 22.97 -5.75 -16.73
C ASP C 95 21.98 -5.06 -15.81
N THR C 96 21.10 -5.86 -15.20
CA THR C 96 20.09 -5.33 -14.30
C THR C 96 20.69 -5.02 -12.92
N LYS C 97 21.76 -5.72 -12.57
CA LYS C 97 22.42 -5.52 -11.29
C LYS C 97 23.06 -4.14 -11.23
N GLU C 98 23.87 -3.81 -12.22
CA GLU C 98 24.54 -2.51 -12.28
C GLU C 98 23.53 -1.37 -12.14
N ALA C 99 22.35 -1.57 -12.71
CA ALA C 99 21.29 -0.57 -12.65
C ALA C 99 20.82 -0.34 -11.22
N LEU C 100 20.83 -1.41 -10.43
CA LEU C 100 20.41 -1.33 -9.04
C LEU C 100 21.41 -0.54 -8.20
N ASP C 101 22.69 -0.74 -8.48
CA ASP C 101 23.75 -0.05 -7.77
C ASP C 101 23.73 1.45 -8.08
N LYS C 102 23.61 1.78 -9.36
CA LYS C 102 23.58 3.16 -9.79
C LYS C 102 22.44 3.92 -9.12
N ILE C 103 21.23 3.37 -9.20
CA ILE C 103 20.07 3.99 -8.59
C ILE C 103 20.18 4.01 -7.07
N GLU C 104 20.92 3.04 -6.53
CA GLU C 104 21.11 2.93 -5.08
C GLU C 104 22.03 4.04 -4.58
N GLU C 105 23.08 4.32 -5.33
CA GLU C 105 24.04 5.35 -4.95
C GLU C 105 23.43 6.74 -5.11
N GLU C 106 22.72 6.94 -6.21
CA GLU C 106 22.08 8.23 -6.49
C GLU C 106 21.18 8.64 -5.33
N GLN C 107 20.58 7.66 -4.67
CA GLN C 107 19.69 7.92 -3.55
C GLN C 107 20.48 8.25 -2.29
N ASN C 108 21.70 7.72 -2.21
CA ASN C 108 22.57 7.96 -1.06
C ASN C 108 23.07 9.40 -1.05
N LYS C 109 23.19 9.99 -2.23
CA LYS C 109 23.66 11.37 -2.35
C LYS C 109 22.62 12.34 -1.81
N SER C 110 21.34 12.05 -2.06
CA SER C 110 20.26 12.91 -1.61
C SER C 110 20.12 12.83 -0.09
N LYS C 111 20.50 11.69 0.48
CA LYS C 111 20.42 11.50 1.92
C LYS C 111 21.21 12.58 2.67
N LYS C 112 22.33 12.98 2.10
CA LYS C 112 23.17 14.00 2.70
C LYS C 112 22.52 15.38 2.60
N LYS C 113 21.70 15.56 1.57
CA LYS C 113 21.01 16.83 1.35
C LYS C 113 19.51 16.67 1.56
N ALA C 114 19.14 15.77 2.47
CA ALA C 114 17.73 15.52 2.77
C ALA C 114 17.58 14.59 3.97
N GLN C 115 18.37 14.84 5.01
CA GLN C 115 18.32 14.02 6.21
C GLN C 115 17.46 14.68 7.29
N GLY D 1 -46.00 -14.79 17.61
CA GLY D 1 -45.80 -15.20 16.23
C GLY D 1 -44.60 -14.54 15.59
N ALA D 2 -44.79 -13.32 15.10
CA ALA D 2 -43.70 -12.58 14.46
C ALA D 2 -44.12 -11.14 14.16
N ARG D 3 -44.54 -10.42 15.20
CA ARG D 3 -44.97 -9.04 15.04
C ARG D 3 -44.07 -8.10 15.84
N ALA D 4 -44.40 -6.81 15.82
CA ALA D 4 -43.63 -5.81 16.55
C ALA D 4 -44.12 -5.68 17.98
N SER D 5 -43.22 -5.26 18.87
CA SER D 5 -43.57 -5.08 20.28
C SER D 5 -42.41 -4.45 21.05
N VAL D 6 -41.26 -5.12 21.04
CA VAL D 6 -40.08 -4.62 21.73
C VAL D 6 -39.57 -3.33 21.09
N LEU D 7 -39.53 -3.32 19.76
CA LEU D 7 -39.06 -2.14 19.03
C LEU D 7 -40.19 -1.53 18.21
N SER D 8 -40.35 -0.21 18.33
CA SER D 8 -41.40 0.49 17.60
C SER D 8 -41.02 0.67 16.13
N GLY D 9 -41.83 1.43 15.40
CA GLY D 9 -41.56 1.66 14.00
C GLY D 9 -40.20 2.29 13.76
N GLY D 10 -39.92 3.38 14.46
CA GLY D 10 -38.65 4.05 14.31
C GLY D 10 -37.48 3.19 14.73
N GLU D 11 -37.63 2.51 15.86
CA GLU D 11 -36.58 1.64 16.38
C GLU D 11 -36.33 0.48 15.44
N LEU D 12 -37.39 -0.04 14.83
CA LEU D 12 -37.29 -1.16 13.90
C LEU D 12 -36.38 -0.82 12.72
N ASP D 13 -36.57 0.39 12.18
CA ASP D 13 -35.76 0.83 11.04
C ASP D 13 -34.27 0.77 11.38
N LYS D 14 -33.90 1.39 12.50
CA LYS D 14 -32.51 1.40 12.93
C LYS D 14 -32.03 0.00 13.28
N TRP D 15 -32.89 -0.76 13.95
CA TRP D 15 -32.56 -2.13 14.33
C TRP D 15 -32.10 -2.95 13.13
N GLU D 16 -32.94 -2.96 12.10
CA GLU D 16 -32.62 -3.71 10.88
C GLU D 16 -31.31 -3.23 10.27
N LYS D 17 -30.95 -1.99 10.55
CA LYS D 17 -29.71 -1.41 10.04
C LYS D 17 -28.50 -1.92 10.82
N ILE D 18 -28.59 -1.85 12.14
CA ILE D 18 -27.51 -2.29 13.00
C ILE D 18 -27.08 -3.72 12.64
N ARG D 19 -25.77 -3.96 12.66
CA ARG D 19 -25.23 -5.28 12.33
C ARG D 19 -24.77 -5.99 13.60
N LEU D 20 -24.83 -7.32 13.57
CA LEU D 20 -24.42 -8.13 14.71
C LEU D 20 -22.94 -7.94 15.01
N ARG D 21 -22.17 -7.61 13.98
CA ARG D 21 -20.74 -7.39 14.13
C ARG D 21 -20.27 -6.24 13.24
N PRO D 22 -19.10 -5.68 13.58
CA PRO D 22 -18.51 -4.57 12.83
C PRO D 22 -18.00 -5.00 11.45
N GLY D 23 -17.41 -6.18 11.39
CA GLY D 23 -16.90 -6.69 10.14
C GLY D 23 -17.66 -7.90 9.64
N GLY D 24 -18.97 -7.74 9.45
CA GLY D 24 -19.80 -8.83 8.99
C GLY D 24 -20.72 -8.43 7.85
N LYS D 25 -21.62 -9.32 7.47
CA LYS D 25 -22.57 -9.05 6.40
C LYS D 25 -23.96 -9.55 6.76
N LYS D 26 -24.25 -9.60 8.05
CA LYS D 26 -25.55 -10.05 8.53
C LYS D 26 -26.16 -9.03 9.48
N GLN D 27 -27.02 -8.17 8.94
CA GLN D 27 -27.67 -7.14 9.74
C GLN D 27 -28.57 -7.77 10.81
N TYR D 28 -29.15 -6.93 11.65
CA TYR D 28 -30.03 -7.40 12.71
C TYR D 28 -31.44 -7.64 12.20
N LYS D 29 -32.14 -8.61 12.79
CA LYS D 29 -33.50 -8.94 12.39
C LYS D 29 -34.33 -9.37 13.59
N LEU D 30 -35.64 -9.40 13.42
CA LEU D 30 -36.55 -9.80 14.49
C LEU D 30 -36.13 -11.15 15.08
N LYS D 31 -35.52 -11.99 14.25
CA LYS D 31 -35.06 -13.30 14.69
C LYS D 31 -34.21 -13.19 15.95
N HIS D 32 -33.40 -12.14 16.01
CA HIS D 32 -32.52 -11.92 17.16
C HIS D 32 -33.32 -11.36 18.33
N ILE D 33 -34.33 -10.54 18.12
CA ILE D 33 -35.11 -9.98 19.21
C ILE D 33 -35.93 -11.07 19.91
N VAL D 34 -36.43 -12.02 19.13
CA VAL D 34 -37.22 -13.11 19.67
C VAL D 34 -36.32 -14.20 20.27
N TRP D 35 -35.19 -14.45 19.60
CA TRP D 35 -34.25 -15.47 20.06
C TRP D 35 -33.81 -15.20 21.49
N ALA D 36 -33.70 -13.91 21.85
CA ALA D 36 -33.30 -13.53 23.19
C ALA D 36 -34.46 -13.65 24.17
N SER D 37 -35.63 -13.20 23.75
CA SER D 37 -36.83 -13.26 24.59
C SER D 37 -37.07 -14.68 25.09
N ARG D 38 -36.81 -15.66 24.23
CA ARG D 38 -37.00 -17.05 24.57
C ARG D 38 -36.02 -17.49 25.64
N GLU D 39 -34.75 -17.12 25.46
CA GLU D 39 -33.71 -17.48 26.41
C GLU D 39 -33.91 -16.74 27.73
N LEU D 40 -34.55 -15.58 27.67
CA LEU D 40 -34.80 -14.77 28.86
C LEU D 40 -35.78 -15.47 29.79
N GLU D 41 -36.96 -15.79 29.27
CA GLU D 41 -37.99 -16.46 30.05
C GLU D 41 -37.45 -17.74 30.69
N ARG D 42 -36.46 -18.33 30.05
CA ARG D 42 -35.84 -19.56 30.54
C ARG D 42 -35.12 -19.31 31.86
N PHE D 43 -34.59 -18.09 32.01
CA PHE D 43 -33.87 -17.72 33.23
C PHE D 43 -34.79 -16.99 34.21
N ALA D 44 -36.08 -17.30 34.13
CA ALA D 44 -37.06 -16.68 35.01
C ALA D 44 -37.14 -15.18 34.76
N VAL D 45 -36.76 -14.75 33.56
CA VAL D 45 -36.80 -13.34 33.20
C VAL D 45 -37.75 -13.10 32.03
N ASN D 46 -38.82 -12.36 32.28
CA ASN D 46 -39.80 -12.05 31.25
C ASN D 46 -39.16 -11.29 30.10
N PRO D 47 -39.61 -11.59 28.87
CA PRO D 47 -39.10 -10.94 27.65
C PRO D 47 -39.50 -9.47 27.57
N GLY D 48 -40.50 -9.09 28.35
CA GLY D 48 -40.97 -7.72 28.35
C GLY D 48 -39.90 -6.74 28.80
N LEU D 49 -38.98 -7.22 29.63
CA LEU D 49 -37.90 -6.38 30.15
C LEU D 49 -37.12 -5.75 29.00
N LEU D 50 -37.12 -6.41 27.85
CA LEU D 50 -36.41 -5.91 26.67
C LEU D 50 -37.19 -4.79 26.00
N GLU D 51 -38.51 -4.80 26.17
CA GLU D 51 -39.36 -3.79 25.58
C GLU D 51 -39.28 -2.48 26.36
N THR D 52 -38.58 -2.52 27.49
CA THR D 52 -38.43 -1.35 28.34
C THR D 52 -36.95 -1.05 28.61
N SER D 53 -36.55 0.20 28.39
CA SER D 53 -35.17 0.60 28.61
C SER D 53 -34.73 0.27 30.03
N GLU D 54 -35.70 0.22 30.95
CA GLU D 54 -35.40 -0.08 32.34
C GLU D 54 -35.15 -1.57 32.54
N GLY D 55 -35.98 -2.40 31.90
CA GLY D 55 -35.84 -3.83 32.02
C GLY D 55 -34.51 -4.33 31.47
N CYS D 56 -34.07 -3.75 30.36
CA CYS D 56 -32.81 -4.13 29.73
C CYS D 56 -31.65 -3.92 30.69
N ARG D 57 -31.59 -2.73 31.29
CA ARG D 57 -30.53 -2.40 32.22
C ARG D 57 -30.40 -3.47 33.30
N GLN D 58 -31.53 -3.95 33.79
CA GLN D 58 -31.55 -4.97 34.84
C GLN D 58 -30.94 -6.27 34.33
N ILE D 59 -31.15 -6.56 33.05
CA ILE D 59 -30.62 -7.77 32.44
C ILE D 59 -29.12 -7.67 32.24
N LEU D 60 -28.67 -6.59 31.61
CA LEU D 60 -27.26 -6.37 31.36
C LEU D 60 -26.46 -6.36 32.66
N GLY D 61 -27.13 -6.02 33.75
CA GLY D 61 -26.48 -5.98 35.05
C GLY D 61 -26.10 -7.36 35.54
N GLN D 62 -26.95 -8.34 35.28
CA GLN D 62 -26.71 -9.71 35.71
C GLN D 62 -25.75 -10.41 34.75
N LEU D 63 -25.85 -10.10 33.47
CA LEU D 63 -24.99 -10.69 32.45
C LEU D 63 -23.61 -10.05 32.46
N GLN D 64 -23.54 -8.80 32.92
CA GLN D 64 -22.29 -8.07 32.99
C GLN D 64 -21.22 -8.89 33.72
N PRO D 65 -21.49 -9.19 35.00
CA PRO D 65 -20.57 -9.97 35.84
C PRO D 65 -20.49 -11.43 35.40
N SER D 66 -21.50 -11.88 34.66
CA SER D 66 -21.54 -13.26 34.20
C SER D 66 -21.04 -13.36 32.76
N LEU D 67 -20.17 -12.42 32.37
CA LEU D 67 -19.61 -12.41 31.03
C LEU D 67 -18.48 -13.41 30.90
N GLN D 68 -17.74 -13.62 31.99
CA GLN D 68 -16.63 -14.56 31.99
C GLN D 68 -17.07 -15.91 32.51
N THR D 69 -17.88 -15.91 33.57
CA THR D 69 -18.37 -17.15 34.17
C THR D 69 -19.51 -17.73 33.35
N GLY D 70 -20.23 -16.87 32.63
CA GLY D 70 -21.34 -17.33 31.82
C GLY D 70 -20.88 -18.12 30.61
N SER D 71 -21.83 -18.78 29.94
CA SER D 71 -21.52 -19.59 28.76
C SER D 71 -21.86 -18.82 27.49
N GLU D 72 -21.75 -19.51 26.35
CA GLU D 72 -22.04 -18.90 25.06
C GLU D 72 -23.46 -18.37 25.02
N GLU D 73 -24.38 -19.11 25.64
CA GLU D 73 -25.79 -18.72 25.67
C GLU D 73 -25.95 -17.32 26.25
N LEU D 74 -25.07 -16.97 27.19
CA LEU D 74 -25.12 -15.66 27.82
C LEU D 74 -24.47 -14.60 26.94
N ARG D 75 -23.41 -14.98 26.24
CA ARG D 75 -22.70 -14.07 25.36
C ARG D 75 -23.65 -13.48 24.32
N SER D 76 -24.31 -14.35 23.57
CA SER D 76 -25.24 -13.91 22.54
C SER D 76 -26.25 -12.91 23.11
N LEU D 77 -26.74 -13.19 24.31
CA LEU D 77 -27.71 -12.33 24.97
C LEU D 77 -27.17 -10.91 25.11
N TYR D 78 -26.02 -10.78 25.76
CA TYR D 78 -25.40 -9.48 25.96
C TYR D 78 -25.27 -8.73 24.64
N ASN D 79 -25.11 -9.48 23.56
CA ASN D 79 -24.98 -8.89 22.23
C ASN D 79 -26.27 -8.22 21.79
N THR D 80 -27.36 -8.99 21.84
CA THR D 80 -28.67 -8.47 21.45
C THR D 80 -29.17 -7.42 22.43
N ILE D 81 -29.17 -7.76 23.72
CA ILE D 81 -29.61 -6.84 24.76
C ILE D 81 -28.89 -5.51 24.65
N ALA D 82 -27.66 -5.54 24.14
CA ALA D 82 -26.85 -4.34 23.99
C ALA D 82 -27.41 -3.45 22.89
N VAL D 83 -27.39 -3.95 21.65
CA VAL D 83 -27.88 -3.20 20.51
C VAL D 83 -29.30 -2.68 20.77
N LEU D 84 -30.11 -3.51 21.43
CA LEU D 84 -31.48 -3.14 21.74
C LEU D 84 -31.53 -2.01 22.76
N TYR D 85 -30.85 -2.19 23.88
CA TYR D 85 -30.81 -1.19 24.93
C TYR D 85 -30.40 0.17 24.38
N CYS D 86 -29.33 0.19 23.59
CA CYS D 86 -28.83 1.42 23.00
C CYS D 86 -29.94 2.14 22.25
N VAL D 87 -30.85 1.37 21.65
CA VAL D 87 -31.96 1.93 20.90
C VAL D 87 -32.95 2.64 21.82
N HIS D 88 -33.29 1.98 22.92
CA HIS D 88 -34.23 2.54 23.89
C HIS D 88 -33.63 3.76 24.58
N GLN D 89 -32.32 3.80 24.83
CA GLN D 89 -31.71 4.95 25.49
C GLN D 89 -31.56 6.12 24.52
N ARG D 90 -30.61 5.98 23.59
CA ARG D 90 -30.36 7.03 22.60
C ARG D 90 -29.24 6.63 21.66
N ILE D 91 -28.25 5.91 22.19
CA ILE D 91 -27.12 5.46 21.39
C ILE D 91 -27.59 4.74 20.13
N ASP D 92 -27.10 5.19 18.98
CA ASP D 92 -27.47 4.58 17.71
C ASP D 92 -26.25 3.96 17.03
N VAL D 93 -25.64 3.00 17.71
CA VAL D 93 -24.47 2.31 17.17
C VAL D 93 -24.78 1.65 15.84
N LYS D 94 -23.73 1.36 15.06
CA LYS D 94 -23.89 0.72 13.77
C LYS D 94 -23.77 -0.80 13.89
N ASP D 95 -23.01 -1.24 14.88
CA ASP D 95 -22.82 -2.68 15.11
C ASP D 95 -22.99 -3.02 16.59
N THR D 96 -22.81 -4.29 16.92
CA THR D 96 -22.94 -4.75 18.30
C THR D 96 -21.71 -4.39 19.12
N LYS D 97 -20.57 -4.27 18.46
CA LYS D 97 -19.32 -3.92 19.12
C LYS D 97 -19.38 -2.52 19.70
N GLU D 98 -19.73 -1.54 18.85
CA GLU D 98 -19.82 -0.15 19.28
C GLU D 98 -20.73 -0.03 20.50
N ALA D 99 -21.78 -0.83 20.55
CA ALA D 99 -22.71 -0.81 21.65
C ALA D 99 -22.05 -1.23 22.96
N LEU D 100 -21.10 -2.16 22.85
CA LEU D 100 -20.38 -2.65 24.02
C LEU D 100 -19.46 -1.57 24.58
N ASP D 101 -18.82 -0.82 23.70
CA ASP D 101 -17.92 0.25 24.10
C ASP D 101 -18.67 1.38 24.79
N LYS D 102 -19.78 1.79 24.18
CA LYS D 102 -20.61 2.86 24.72
C LYS D 102 -21.07 2.52 26.14
N ILE D 103 -21.66 1.35 26.30
CA ILE D 103 -22.13 0.91 27.61
C ILE D 103 -20.98 0.70 28.58
N GLU D 104 -19.81 0.38 28.03
CA GLU D 104 -18.62 0.14 28.85
C GLU D 104 -18.09 1.46 29.43
N GLU D 105 -18.10 2.51 28.60
CA GLU D 105 -17.63 3.81 29.03
C GLU D 105 -18.59 4.44 30.02
N GLU D 106 -19.88 4.34 29.72
CA GLU D 106 -20.91 4.91 30.60
C GLU D 106 -20.76 4.39 32.02
N GLN D 107 -20.31 3.15 32.15
CA GLN D 107 -20.13 2.54 33.46
C GLN D 107 -18.86 3.06 34.14
N ASN D 108 -17.88 3.47 33.33
CA ASN D 108 -16.62 3.99 33.84
C ASN D 108 -16.82 5.36 34.48
N LYS D 109 -17.80 6.10 33.98
CA LYS D 109 -18.10 7.42 34.49
C LYS D 109 -18.68 7.35 35.90
N SER D 110 -19.51 6.35 36.14
CA SER D 110 -20.14 6.16 37.44
C SER D 110 -19.10 5.72 38.48
N LYS D 111 -18.07 5.04 38.02
CA LYS D 111 -17.01 4.56 38.90
C LYS D 111 -16.38 5.71 39.67
N LYS D 112 -16.27 6.87 39.02
CA LYS D 112 -15.69 8.06 39.64
C LYS D 112 -16.64 8.64 40.68
N LYS D 113 -17.93 8.43 40.47
CA LYS D 113 -18.95 8.94 41.39
C LYS D 113 -19.63 7.79 42.13
N ALA D 114 -18.89 6.72 42.36
CA ALA D 114 -19.42 5.56 43.06
C ALA D 114 -18.33 4.54 43.37
N GLN D 115 -17.20 5.05 43.86
CA GLN D 115 -16.07 4.19 44.20
C GLN D 115 -16.04 3.89 45.69
N GLY E 1 -33.51 47.29 -48.32
CA GLY E 1 -33.24 47.05 -49.73
C GLY E 1 -31.97 47.74 -50.20
N ALA E 2 -32.08 49.01 -50.55
CA ALA E 2 -30.93 49.79 -51.02
C ALA E 2 -31.27 51.26 -51.16
N ARG E 3 -31.73 51.86 -50.07
CA ARG E 3 -32.10 53.28 -50.07
C ARG E 3 -31.22 54.07 -49.10
N ALA E 4 -31.51 55.36 -48.98
CA ALA E 4 -30.74 56.22 -48.08
C ALA E 4 -31.33 56.20 -46.67
N SER E 5 -30.48 56.48 -45.68
CA SER E 5 -30.90 56.48 -44.29
C SER E 5 -29.77 56.96 -43.38
N VAL E 6 -28.66 56.25 -43.40
CA VAL E 6 -27.50 56.60 -42.59
C VAL E 6 -26.90 57.93 -43.02
N LEU E 7 -26.77 58.11 -44.33
CA LEU E 7 -26.22 59.35 -44.88
C LEU E 7 -27.27 60.11 -45.67
N SER E 8 -27.39 61.40 -45.41
CA SER E 8 -28.36 62.25 -46.09
C SER E 8 -27.87 62.59 -47.50
N GLY E 9 -28.61 63.47 -48.19
CA GLY E 9 -28.24 63.86 -49.52
C GLY E 9 -26.85 64.44 -49.60
N GLY E 10 -26.58 65.43 -48.75
CA GLY E 10 -25.27 66.06 -48.73
C GLY E 10 -24.16 65.11 -48.35
N GLU E 11 -24.42 64.28 -47.34
CA GLU E 11 -23.43 63.31 -46.87
C GLU E 11 -23.16 62.26 -47.94
N LEU E 12 -24.20 61.88 -48.67
CA LEU E 12 -24.08 60.89 -49.72
C LEU E 12 -23.08 61.34 -50.78
N ASP E 13 -23.19 62.60 -51.19
CA ASP E 13 -22.30 63.15 -52.21
C ASP E 13 -20.84 62.98 -51.79
N LYS E 14 -20.52 63.43 -50.58
CA LYS E 14 -19.15 63.33 -50.06
C LYS E 14 -18.75 61.87 -49.87
N TRP E 15 -19.67 61.07 -49.36
CA TRP E 15 -19.43 59.66 -49.13
C TRP E 15 -18.93 58.98 -50.40
N GLU E 16 -19.68 59.13 -51.49
CA GLU E 16 -19.32 58.53 -52.76
C GLU E 16 -17.95 59.01 -53.22
N LYS E 17 -17.57 60.21 -52.76
CA LYS E 17 -16.28 60.78 -53.13
C LYS E 17 -15.14 60.13 -52.34
N ILE E 18 -15.32 60.04 -51.02
CA ILE E 18 -14.31 59.43 -50.17
C ILE E 18 -13.91 58.05 -50.68
N ARG E 19 -12.62 57.75 -50.61
CA ARG E 19 -12.10 56.46 -51.07
C ARG E 19 -11.75 55.57 -49.89
N LEU E 20 -11.87 54.26 -50.08
CA LEU E 20 -11.56 53.30 -49.04
C LEU E 20 -10.10 53.39 -48.63
N ARG E 21 -9.25 53.81 -49.56
CA ARG E 21 -7.82 53.94 -49.30
C ARG E 21 -7.24 55.16 -50.00
N PRO E 22 -6.09 55.64 -49.52
CA PRO E 22 -5.41 56.80 -50.09
C PRO E 22 -4.83 56.53 -51.47
N GLY E 23 -4.28 55.33 -51.65
CA GLY E 23 -3.70 54.96 -52.93
C GLY E 23 -4.48 53.86 -53.61
N GLY E 24 -5.76 54.10 -53.86
CA GLY E 24 -6.60 53.11 -54.51
C GLY E 24 -7.43 53.70 -55.64
N LYS E 25 -8.33 52.90 -56.19
CA LYS E 25 -9.19 53.34 -57.27
C LYS E 25 -10.63 52.87 -57.06
N LYS E 26 -11.00 52.66 -55.80
CA LYS E 26 -12.34 52.21 -55.46
C LYS E 26 -12.98 53.14 -54.43
N GLN E 27 -13.77 54.09 -54.91
CA GLN E 27 -14.44 55.04 -54.03
C GLN E 27 -15.42 54.33 -53.11
N TYR E 28 -16.03 55.09 -52.20
CA TYR E 28 -16.99 54.53 -51.26
C TYR E 28 -18.37 54.41 -51.89
N LYS E 29 -19.13 53.42 -51.46
CA LYS E 29 -20.48 53.20 -51.98
C LYS E 29 -21.41 52.65 -50.90
N LEU E 30 -22.71 52.70 -51.16
CA LEU E 30 -23.70 52.21 -50.21
C LEU E 30 -23.37 50.79 -49.77
N LYS E 31 -22.74 50.03 -50.66
CA LYS E 31 -22.36 48.65 -50.36
C LYS E 31 -21.59 48.57 -49.05
N HIS E 32 -20.73 49.56 -48.81
CA HIS E 32 -19.94 49.60 -47.59
C HIS E 32 -20.79 50.04 -46.40
N ILE E 33 -21.75 50.93 -46.57
CA ILE E 33 -22.59 51.38 -45.47
C ILE E 33 -23.47 50.25 -44.96
N VAL E 34 -23.96 49.43 -45.88
CA VAL E 34 -24.83 48.31 -45.53
C VAL E 34 -24.01 47.12 -45.03
N TRP E 35 -22.86 46.91 -45.65
CA TRP E 35 -21.97 45.80 -45.27
C TRP E 35 -21.63 45.86 -43.79
N ALA E 36 -21.49 47.08 -43.26
CA ALA E 36 -21.16 47.28 -41.86
C ALA E 36 -22.40 47.08 -40.98
N SER E 37 -23.52 47.64 -41.41
CA SER E 37 -24.76 47.54 -40.66
C SER E 37 -25.09 46.07 -40.36
N ARG E 38 -24.81 45.20 -41.33
CA ARG E 38 -25.09 43.78 -41.18
C ARG E 38 -24.18 43.17 -40.11
N GLU E 39 -22.89 43.50 -40.17
CA GLU E 39 -21.93 42.98 -39.20
C GLU E 39 -22.18 43.55 -37.82
N LEU E 40 -22.77 44.74 -37.77
CA LEU E 40 -23.08 45.41 -36.51
C LEU E 40 -24.15 44.64 -35.74
N GLU E 41 -25.30 44.44 -36.36
CA GLU E 41 -26.40 43.72 -35.74
C GLU E 41 -25.94 42.35 -35.23
N ARG E 42 -24.93 41.81 -35.89
CA ARG E 42 -24.41 40.49 -35.51
C ARG E 42 -23.75 40.55 -34.12
N PHE E 43 -23.19 41.71 -33.79
CA PHE E 43 -22.54 41.89 -32.50
C PHE E 43 -23.50 42.53 -31.49
N ALA E 44 -24.79 42.30 -31.68
CA ALA E 44 -25.80 42.85 -30.79
C ALA E 44 -25.82 44.38 -30.85
N VAL E 45 -25.35 44.92 -31.97
CA VAL E 45 -25.30 46.37 -32.15
C VAL E 45 -26.16 46.79 -33.33
N ASN E 46 -27.22 47.55 -33.05
CA ASN E 46 -28.12 48.02 -34.09
C ASN E 46 -27.38 48.89 -35.11
N PRO E 47 -27.75 48.78 -36.37
CA PRO E 47 -27.14 49.54 -37.46
C PRO E 47 -27.48 51.03 -37.39
N GLY E 48 -28.52 51.35 -36.62
CA GLY E 48 -28.93 52.74 -36.48
C GLY E 48 -27.87 53.60 -35.83
N LEU E 49 -27.02 52.98 -35.03
CA LEU E 49 -25.95 53.71 -34.35
C LEU E 49 -25.06 54.44 -35.35
N LEU E 50 -25.02 53.93 -36.58
CA LEU E 50 -24.21 54.53 -37.63
C LEU E 50 -24.90 55.77 -38.20
N GLU E 51 -26.23 55.80 -38.12
CA GLU E 51 -27.00 56.91 -38.62
C GLU E 51 -26.93 58.10 -37.67
N THR E 52 -26.30 57.89 -36.52
CA THR E 52 -26.17 58.94 -35.53
C THR E 52 -24.71 59.13 -35.13
N SER E 53 -24.24 60.38 -35.16
CA SER E 53 -22.87 60.70 -34.80
C SER E 53 -22.53 60.17 -33.42
N GLU E 54 -23.55 60.04 -32.57
CA GLU E 54 -23.36 59.56 -31.21
C GLU E 54 -23.19 58.04 -31.20
N GLY E 55 -24.01 57.34 -31.98
CA GLY E 55 -23.92 55.90 -32.04
C GLY E 55 -22.57 55.42 -32.56
N CYS E 56 -22.06 56.11 -33.57
CA CYS E 56 -20.76 55.75 -34.16
C CYS E 56 -19.66 55.79 -33.12
N ARG E 57 -19.60 56.88 -32.37
CA ARG E 57 -18.58 57.05 -31.34
C ARG E 57 -18.56 55.85 -30.39
N GLN E 58 -19.75 55.37 -30.04
CA GLN E 58 -19.87 54.23 -29.14
C GLN E 58 -19.28 52.97 -29.77
N ILE E 59 -19.41 52.86 -31.09
CA ILE E 59 -18.88 51.71 -31.82
C ILE E 59 -17.37 51.76 -31.91
N LEU E 60 -16.84 52.90 -32.37
CA LEU E 60 -15.40 53.09 -32.50
C LEU E 60 -14.70 52.89 -31.16
N GLY E 61 -15.43 53.13 -30.07
CA GLY E 61 -14.86 52.98 -28.75
C GLY E 61 -14.57 51.53 -28.41
N GLN E 62 -15.44 50.63 -28.86
CA GLN E 62 -15.27 49.20 -28.59
C GLN E 62 -14.27 48.59 -29.57
N LEU E 63 -14.29 49.07 -30.80
CA LEU E 63 -13.38 48.57 -31.83
C LEU E 63 -11.98 49.13 -31.66
N GLN E 64 -11.90 50.31 -31.04
CA GLN E 64 -10.62 50.97 -30.81
C GLN E 64 -9.64 50.02 -30.13
N PRO E 65 -10.00 49.58 -28.91
CA PRO E 65 -9.17 48.66 -28.13
C PRO E 65 -9.12 47.26 -28.73
N SER E 66 -10.09 46.95 -29.59
CA SER E 66 -10.15 45.64 -30.23
C SER E 66 -9.55 45.70 -31.63
N LEU E 67 -8.64 46.64 -31.84
CA LEU E 67 -7.99 46.81 -33.14
C LEU E 67 -6.88 45.77 -33.33
N GLN E 68 -6.23 45.39 -32.23
CA GLN E 68 -5.15 44.41 -32.28
C GLN E 68 -5.68 43.01 -31.96
N THR E 69 -6.55 42.93 -30.96
CA THR E 69 -7.13 41.65 -30.56
C THR E 69 -8.24 41.23 -31.51
N GLY E 70 -8.87 42.21 -32.16
CA GLY E 70 -9.94 41.90 -33.09
C GLY E 70 -9.44 41.24 -34.36
N SER E 71 -10.36 40.72 -35.16
CA SER E 71 -10.01 40.06 -36.41
C SER E 71 -10.23 40.99 -37.60
N GLU E 72 -10.07 40.45 -38.80
CA GLU E 72 -10.25 41.22 -40.02
C GLU E 72 -11.65 41.81 -40.09
N GLU E 73 -12.63 41.05 -39.62
CA GLU E 73 -14.03 41.50 -39.63
C GLU E 73 -14.17 42.82 -38.88
N LEU E 74 -13.35 43.00 -37.85
CA LEU E 74 -13.38 44.22 -37.06
C LEU E 74 -12.65 45.36 -37.76
N ARG E 75 -11.55 45.02 -38.43
CA ARG E 75 -10.75 46.00 -39.14
C ARG E 75 -11.61 46.76 -40.16
N SER E 76 -12.26 46.03 -41.05
CA SER E 76 -13.10 46.63 -42.07
C SER E 76 -14.11 47.58 -41.44
N LEU E 77 -14.68 47.18 -40.32
CA LEU E 77 -15.66 48.00 -39.61
C LEU E 77 -15.09 49.36 -39.26
N TYR E 78 -13.97 49.35 -38.53
CA TYR E 78 -13.33 50.60 -38.12
C TYR E 78 -13.08 51.50 -39.34
N ASN E 79 -12.88 50.88 -40.49
CA ASN E 79 -12.64 51.63 -41.72
C ASN E 79 -13.88 52.40 -42.15
N THR E 80 -15.00 51.68 -42.26
CA THR E 80 -16.25 52.31 -42.66
C THR E 80 -16.77 53.25 -41.58
N ILE E 81 -16.87 52.75 -40.36
CA ILE E 81 -17.34 53.55 -39.24
C ILE E 81 -16.57 54.85 -39.12
N ALA E 82 -15.31 54.82 -39.56
CA ALA E 82 -14.46 56.00 -39.51
C ALA E 82 -14.90 57.05 -40.52
N VAL E 83 -14.81 56.70 -41.80
CA VAL E 83 -15.21 57.62 -42.87
C VAL E 83 -16.62 58.15 -42.64
N LEU E 84 -17.50 57.30 -42.13
CA LEU E 84 -18.87 57.68 -41.87
C LEU E 84 -18.95 58.68 -40.71
N TYR E 85 -18.35 58.31 -39.58
CA TYR E 85 -18.34 59.18 -38.41
C TYR E 85 -17.86 60.58 -38.76
N CYS E 86 -16.73 60.64 -39.47
CA CYS E 86 -16.15 61.92 -39.88
C CYS E 86 -17.18 62.78 -40.59
N VAL E 87 -18.07 62.14 -41.34
CA VAL E 87 -19.11 62.84 -42.08
C VAL E 87 -20.13 63.46 -41.13
N HIS E 88 -20.57 62.68 -40.15
CA HIS E 88 -21.55 63.16 -39.18
C HIS E 88 -20.95 64.26 -38.30
N GLN E 89 -19.66 64.21 -37.97
CA GLN E 89 -19.06 65.24 -37.14
C GLN E 89 -18.79 66.50 -37.94
N ARG E 90 -17.80 66.46 -38.81
CA ARG E 90 -17.44 67.60 -39.64
C ARG E 90 -16.27 67.27 -40.57
N ILE E 91 -15.35 66.45 -40.07
CA ILE E 91 -14.19 66.05 -40.85
C ILE E 91 -14.59 65.51 -42.21
N ASP E 92 -14.02 66.08 -43.27
CA ASP E 92 -14.33 65.66 -44.63
C ASP E 92 -13.09 65.07 -45.31
N VAL E 93 -12.57 64.00 -44.72
CA VAL E 93 -11.38 63.34 -45.26
C VAL E 93 -11.62 62.87 -46.69
N LYS E 94 -10.54 62.64 -47.42
CA LYS E 94 -10.64 62.17 -48.80
C LYS E 94 -10.58 60.64 -48.87
N ASP E 95 -9.90 60.04 -47.89
CA ASP E 95 -9.78 58.58 -47.84
C ASP E 95 -10.07 58.07 -46.44
N THR E 96 -9.95 56.76 -46.26
CA THR E 96 -10.19 56.13 -44.97
C THR E 96 -9.01 56.32 -44.03
N LYS E 97 -7.82 56.49 -44.60
CA LYS E 97 -6.60 56.69 -43.82
C LYS E 97 -6.65 58.02 -43.07
N GLU E 98 -6.90 59.09 -43.81
CA GLU E 98 -6.98 60.43 -43.21
C GLU E 98 -7.96 60.44 -42.04
N ALA E 99 -9.03 59.68 -42.16
CA ALA E 99 -10.05 59.60 -41.12
C ALA E 99 -9.48 58.99 -39.85
N LEU E 100 -8.56 58.05 -40.01
CA LEU E 100 -7.94 57.39 -38.87
C LEU E 100 -7.02 58.34 -38.12
N ASP E 101 -6.29 59.17 -38.86
CA ASP E 101 -5.38 60.13 -38.27
C ASP E 101 -6.14 61.20 -37.50
N LYS E 102 -7.20 61.74 -38.12
CA LYS E 102 -8.01 62.77 -37.48
C LYS E 102 -8.57 62.28 -36.15
N ILE E 103 -9.21 61.12 -36.18
CA ILE E 103 -9.79 60.54 -34.97
C ILE E 103 -8.71 60.16 -33.97
N GLU E 104 -7.52 59.85 -34.48
CA GLU E 104 -6.40 59.47 -33.63
C GLU E 104 -5.86 60.68 -32.86
N GLU E 105 -5.77 61.81 -33.54
CA GLU E 105 -5.27 63.04 -32.92
C GLU E 105 -6.29 63.59 -31.91
N GLU E 106 -7.56 63.58 -32.30
CA GLU E 106 -8.62 64.08 -31.43
C GLU E 106 -8.59 63.38 -30.07
N GLN E 107 -8.19 62.12 -30.07
CA GLN E 107 -8.11 61.34 -28.85
C GLN E 107 -6.87 61.71 -28.04
N ASN E 108 -5.83 62.17 -28.73
CA ASN E 108 -4.59 62.57 -28.08
C ASN E 108 -4.78 63.85 -27.29
N LYS E 109 -5.69 64.69 -27.74
CA LYS E 109 -5.98 65.97 -27.08
C LYS E 109 -6.65 65.73 -25.73
N SER E 110 -7.55 64.74 -25.67
CA SER E 110 -8.25 64.43 -24.44
C SER E 110 -7.31 63.81 -23.42
N LYS E 111 -6.26 63.16 -23.90
CA LYS E 111 -5.28 62.51 -23.03
C LYS E 111 -4.67 63.54 -22.07
N LYS E 112 -4.47 64.75 -22.56
CA LYS E 112 -3.89 65.82 -21.75
C LYS E 112 -4.88 66.31 -20.71
N LYS E 113 -6.18 66.20 -21.02
CA LYS E 113 -7.22 66.63 -20.11
C LYS E 113 -8.00 65.43 -19.57
N ALA E 114 -7.31 64.30 -19.44
CA ALA E 114 -7.94 63.09 -18.92
C ALA E 114 -6.89 62.00 -18.68
N GLN E 115 -5.78 62.39 -18.06
CA GLN E 115 -4.71 61.44 -17.76
C GLN E 115 -4.80 60.96 -16.32
N GLY F 1 28.32 -18.91 -35.59
CA GLY F 1 28.69 -19.22 -36.96
C GLY F 1 29.92 -18.44 -37.42
N ALA F 2 29.69 -17.22 -37.87
CA ALA F 2 30.77 -16.36 -38.34
C ALA F 2 30.28 -14.94 -38.63
N ARG F 3 29.69 -14.32 -37.61
CA ARG F 3 29.17 -12.96 -37.75
C ARG F 3 29.89 -12.00 -36.80
N ALA F 4 29.46 -10.75 -36.80
CA ALA F 4 30.07 -9.74 -35.95
C ALA F 4 29.41 -9.72 -34.57
N SER F 5 30.16 -9.27 -33.57
CA SER F 5 29.66 -9.21 -32.20
C SER F 5 30.66 -8.53 -31.28
N VAL F 6 31.85 -9.12 -31.19
CA VAL F 6 32.91 -8.57 -30.34
C VAL F 6 33.38 -7.22 -30.85
N LEU F 7 33.56 -7.12 -32.17
CA LEU F 7 34.02 -5.88 -32.78
C LEU F 7 32.94 -5.30 -33.70
N SER F 8 32.67 -4.02 -33.54
CA SER F 8 31.66 -3.34 -34.34
C SER F 8 32.19 -3.06 -35.75
N GLY F 9 31.40 -2.33 -36.53
CA GLY F 9 31.81 -2.00 -37.89
C GLY F 9 33.13 -1.26 -37.93
N GLY F 10 33.24 -0.19 -37.16
CA GLY F 10 34.47 0.58 -37.13
C GLY F 10 35.65 -0.21 -36.61
N GLU F 11 35.42 -0.97 -35.54
CA GLU F 11 36.48 -1.77 -34.95
C GLU F 11 36.92 -2.87 -35.90
N LEU F 12 35.98 -3.43 -36.66
CA LEU F 12 36.28 -4.48 -37.62
C LEU F 12 37.28 -4.00 -38.66
N ASP F 13 37.06 -2.80 -39.17
CA ASP F 13 37.94 -2.23 -40.18
C ASP F 13 39.39 -2.20 -39.68
N LYS F 14 39.59 -1.61 -38.50
CA LYS F 14 40.92 -1.52 -37.91
C LYS F 14 41.46 -2.91 -37.58
N TRP F 15 40.59 -3.77 -37.05
CA TRP F 15 40.99 -5.12 -36.69
C TRP F 15 41.64 -5.84 -37.86
N GLU F 16 40.93 -5.86 -38.99
CA GLU F 16 41.44 -6.51 -40.19
C GLU F 16 42.77 -5.91 -40.62
N LYS F 17 43.00 -4.66 -40.24
CA LYS F 17 44.23 -3.95 -40.58
C LYS F 17 45.38 -4.41 -39.69
N ILE F 18 45.14 -4.42 -38.38
CA ILE F 18 46.15 -4.85 -37.43
C ILE F 18 46.73 -6.21 -37.80
N ARG F 19 48.05 -6.34 -37.64
CA ARG F 19 48.72 -7.60 -37.96
C ARG F 19 49.10 -8.36 -36.69
N LEU F 20 49.14 -9.69 -36.79
CA LEU F 20 49.48 -10.52 -35.64
C LEU F 20 50.90 -10.23 -35.17
N ARG F 21 51.75 -9.79 -36.09
CA ARG F 21 53.14 -9.49 -35.76
C ARG F 21 53.62 -8.25 -36.54
N PRO F 22 54.69 -7.61 -36.03
CA PRO F 22 55.26 -6.43 -36.66
C PRO F 22 55.95 -6.75 -37.99
N GLY F 23 56.64 -7.87 -38.03
CA GLY F 23 57.34 -8.28 -39.25
C GLY F 23 56.73 -9.51 -39.88
N GLY F 24 55.45 -9.43 -40.21
CA GLY F 24 54.76 -10.56 -40.82
C GLY F 24 53.95 -10.16 -42.03
N LYS F 25 53.17 -11.10 -42.56
CA LYS F 25 52.33 -10.83 -43.72
C LYS F 25 50.95 -11.45 -43.56
N LYS F 26 50.53 -11.61 -42.30
CA LYS F 26 49.22 -12.17 -41.99
C LYS F 26 48.43 -11.25 -41.08
N GLN F 27 47.56 -10.43 -41.67
CA GLN F 27 46.74 -9.50 -40.91
C GLN F 27 45.79 -10.25 -39.99
N TYR F 28 45.05 -9.50 -39.18
CA TYR F 28 44.09 -10.09 -38.24
C TYR F 28 42.77 -10.41 -38.94
N LYS F 29 42.10 -11.45 -38.47
CA LYS F 29 40.82 -11.86 -39.04
C LYS F 29 39.90 -12.42 -37.97
N LEU F 30 38.61 -12.54 -38.29
CA LEU F 30 37.63 -13.07 -37.36
C LEU F 30 38.09 -14.41 -36.79
N LYS F 31 38.85 -15.16 -37.57
CA LYS F 31 39.35 -16.46 -37.15
C LYS F 31 40.05 -16.35 -35.80
N HIS F 32 40.77 -15.25 -35.59
CA HIS F 32 41.49 -15.03 -34.34
C HIS F 32 40.52 -14.60 -33.23
N ILE F 33 39.48 -13.83 -33.53
CA ILE F 33 38.54 -13.40 -32.51
C ILE F 33 37.74 -14.58 -31.96
N VAL F 34 37.40 -15.53 -32.84
CA VAL F 34 36.65 -16.70 -32.44
C VAL F 34 37.56 -17.76 -31.80
N TRP F 35 38.76 -17.88 -32.34
CA TRP F 35 39.73 -18.84 -31.82
C TRP F 35 39.99 -18.63 -30.33
N ALA F 36 39.96 -17.37 -29.91
CA ALA F 36 40.17 -17.03 -28.51
C ALA F 36 38.92 -17.29 -27.68
N SER F 37 37.77 -16.90 -28.22
CA SER F 37 36.50 -17.08 -27.53
C SER F 37 36.31 -18.55 -27.13
N ARG F 38 36.75 -19.46 -28.00
CA ARG F 38 36.63 -20.89 -27.74
C ARG F 38 37.52 -21.31 -26.58
N GLU F 39 38.76 -20.84 -26.61
CA GLU F 39 39.72 -21.17 -25.55
C GLU F 39 39.31 -20.53 -24.23
N LEU F 40 38.60 -19.41 -24.32
CA LEU F 40 38.14 -18.69 -23.13
C LEU F 40 37.12 -19.51 -22.35
N GLU F 41 36.03 -19.89 -23.02
CA GLU F 41 34.98 -20.67 -22.39
C GLU F 41 35.55 -21.93 -21.76
N ARG F 42 36.66 -22.42 -22.31
CA ARG F 42 37.30 -23.63 -21.80
C ARG F 42 37.85 -23.40 -20.39
N PHE F 43 38.27 -22.15 -20.12
CA PHE F 43 38.81 -21.79 -18.82
C PHE F 43 37.73 -21.20 -17.92
N ALA F 44 36.49 -21.59 -18.16
CA ALA F 44 35.37 -21.09 -17.37
C ALA F 44 35.19 -19.59 -17.56
N VAL F 45 35.68 -19.08 -18.68
CA VAL F 45 35.57 -17.66 -18.99
C VAL F 45 34.74 -17.42 -20.24
N ASN F 46 33.59 -16.78 -20.08
CA ASN F 46 32.71 -16.49 -21.20
C ASN F 46 33.41 -15.61 -22.25
N PRO F 47 33.13 -15.87 -23.53
CA PRO F 47 33.72 -15.12 -24.63
C PRO F 47 33.21 -13.68 -24.71
N GLY F 48 32.11 -13.43 -24.02
CA GLY F 48 31.53 -12.09 -24.02
C GLY F 48 32.45 -11.06 -23.39
N LEU F 49 33.32 -11.52 -22.49
CA LEU F 49 34.26 -10.63 -21.82
C LEU F 49 35.12 -9.88 -22.83
N LEU F 50 35.29 -10.47 -24.01
CA LEU F 50 36.09 -9.86 -25.06
C LEU F 50 35.31 -8.77 -25.78
N GLU F 51 33.98 -8.89 -25.76
CA GLU F 51 33.11 -7.91 -26.40
C GLU F 51 33.01 -6.64 -25.54
N THR F 52 33.58 -6.69 -24.35
CA THR F 52 33.54 -5.56 -23.44
C THR F 52 34.94 -5.17 -22.98
N SER F 53 35.27 -3.88 -23.10
CA SER F 53 36.58 -3.39 -22.69
C SER F 53 36.88 -3.76 -21.25
N GLU F 54 35.83 -3.93 -20.46
CA GLU F 54 35.99 -4.30 -19.04
C GLU F 54 36.34 -5.78 -18.90
N GLY F 55 35.65 -6.63 -19.67
CA GLY F 55 35.90 -8.05 -19.60
C GLY F 55 37.31 -8.41 -20.01
N CYS F 56 37.81 -7.74 -21.04
CA CYS F 56 39.16 -8.00 -21.53
C CYS F 56 40.19 -7.75 -20.43
N ARG F 57 40.08 -6.60 -19.78
CA ARG F 57 41.02 -6.24 -18.71
C ARG F 57 41.11 -7.36 -17.67
N GLN F 58 39.96 -7.95 -17.34
CA GLN F 58 39.91 -9.02 -16.36
C GLN F 58 40.67 -10.24 -16.86
N ILE F 59 40.64 -10.48 -18.16
CA ILE F 59 41.33 -11.61 -18.77
C ILE F 59 42.84 -11.38 -18.78
N LEU F 60 43.25 -10.24 -19.30
CA LEU F 60 44.67 -9.90 -19.38
C LEU F 60 45.31 -9.92 -17.99
N GLY F 61 44.49 -9.67 -16.97
CA GLY F 61 44.99 -9.66 -15.60
C GLY F 61 45.41 -11.03 -15.14
N GLN F 62 44.68 -12.06 -15.55
CA GLN F 62 44.99 -13.43 -15.15
C GLN F 62 46.10 -14.00 -16.02
N LEU F 63 46.12 -13.62 -17.29
CA LEU F 63 47.14 -14.10 -18.23
C LEU F 63 48.45 -13.36 -18.03
N GLN F 64 48.36 -12.14 -17.51
CA GLN F 64 49.54 -11.32 -17.26
C GLN F 64 50.58 -12.10 -16.45
N PRO F 65 50.20 -12.49 -15.22
CA PRO F 65 51.07 -13.24 -14.33
C PRO F 65 51.32 -14.67 -14.81
N SER F 66 50.44 -15.14 -15.69
CA SER F 66 50.55 -16.50 -16.22
C SER F 66 51.23 -16.48 -17.59
N LEU F 67 52.05 -15.47 -17.83
CA LEU F 67 52.76 -15.33 -19.10
C LEU F 67 53.98 -16.24 -19.14
N GLN F 68 54.60 -16.45 -17.98
CA GLN F 68 55.77 -17.31 -17.89
C GLN F 68 55.39 -18.72 -17.49
N THR F 69 54.47 -18.83 -16.54
CA THR F 69 54.01 -20.13 -16.05
C THR F 69 53.02 -20.76 -17.02
N GLY F 70 52.32 -19.91 -17.78
CA GLY F 70 51.35 -20.41 -18.74
C GLY F 70 52.00 -21.09 -19.93
N SER F 71 51.19 -21.77 -20.73
CA SER F 71 51.69 -22.49 -21.90
C SER F 71 51.45 -21.69 -23.17
N GLU F 72 51.74 -22.30 -24.31
CA GLU F 72 51.55 -21.65 -25.60
C GLU F 72 50.08 -21.22 -25.79
N GLU F 73 49.17 -22.06 -25.32
CA GLU F 73 47.75 -21.78 -25.43
C GLU F 73 47.41 -20.42 -24.80
N LEU F 74 48.14 -20.06 -23.75
CA LEU F 74 47.93 -18.80 -23.07
C LEU F 74 48.58 -17.65 -23.83
N ARG F 75 49.75 -17.91 -24.40
CA ARG F 75 50.47 -16.89 -25.16
C ARG F 75 49.61 -16.32 -26.27
N SER F 76 49.09 -17.19 -27.14
CA SER F 76 48.26 -16.77 -28.24
C SER F 76 47.11 -15.88 -27.75
N LEU F 77 46.51 -16.27 -26.63
CA LEU F 77 45.41 -15.52 -26.05
C LEU F 77 45.82 -14.07 -25.78
N TYR F 78 46.86 -13.89 -24.99
CA TYR F 78 47.36 -12.56 -24.66
C TYR F 78 47.57 -11.73 -25.92
N ASN F 79 47.91 -12.41 -27.02
CA ASN F 79 48.15 -11.73 -28.29
C ASN F 79 46.86 -11.15 -28.84
N THR F 80 45.84 -11.99 -28.96
CA THR F 80 44.55 -11.55 -29.47
C THR F 80 43.86 -10.59 -28.50
N ILE F 81 43.74 -11.01 -27.24
CA ILE F 81 43.11 -10.18 -26.22
C ILE F 81 43.74 -8.79 -26.17
N ALA F 82 45.01 -8.71 -26.54
CA ALA F 82 45.73 -7.44 -26.54
C ALA F 82 45.23 -6.53 -27.66
N VAL F 83 45.44 -6.96 -28.90
CA VAL F 83 45.01 -6.19 -30.05
C VAL F 83 43.54 -5.79 -29.95
N LEU F 84 42.73 -6.71 -29.42
CA LEU F 84 41.30 -6.46 -29.26
C LEU F 84 41.05 -5.39 -28.20
N TYR F 85 41.62 -5.59 -27.02
CA TYR F 85 41.45 -4.65 -25.92
C TYR F 85 41.81 -3.24 -26.35
N CYS F 86 42.96 -3.10 -27.01
CA CYS F 86 43.42 -1.80 -27.49
C CYS F 86 42.35 -1.12 -28.33
N VAL F 87 41.57 -1.92 -29.06
CA VAL F 87 40.51 -1.39 -29.91
C VAL F 87 39.38 -0.82 -29.07
N HIS F 88 38.98 -1.56 -28.05
CA HIS F 88 37.89 -1.13 -27.18
C HIS F 88 38.31 0.09 -26.36
N GLN F 89 39.56 0.21 -25.97
CA GLN F 89 40.01 1.37 -25.19
C GLN F 89 40.18 2.59 -26.08
N ARG F 90 41.23 2.58 -26.89
CA ARG F 90 41.50 3.70 -27.79
C ARG F 90 42.76 3.44 -28.62
N ILE F 91 43.73 2.77 -28.02
CA ILE F 91 44.98 2.44 -28.70
C ILE F 91 44.72 1.76 -30.03
N ASP F 92 45.29 2.31 -31.10
CA ASP F 92 45.11 1.75 -32.43
C ASP F 92 46.44 1.25 -33.00
N VAL F 93 47.06 0.30 -32.29
CA VAL F 93 48.33 -0.26 -32.72
C VAL F 93 48.22 -0.87 -34.11
N LYS F 94 49.37 -1.04 -34.76
CA LYS F 94 49.41 -1.61 -36.10
C LYS F 94 49.63 -3.12 -36.04
N ASP F 95 50.32 -3.57 -34.98
CA ASP F 95 50.59 -4.99 -34.81
C ASP F 95 50.28 -5.43 -33.38
N THR F 96 50.53 -6.70 -33.09
CA THR F 96 50.28 -7.25 -31.76
C THR F 96 51.38 -6.84 -30.78
N LYS F 97 52.57 -6.60 -31.31
CA LYS F 97 53.70 -6.20 -30.48
C LYS F 97 53.46 -4.83 -29.85
N GLU F 98 53.14 -3.85 -30.68
CA GLU F 98 52.89 -2.49 -30.20
C GLU F 98 51.84 -2.50 -29.09
N ALA F 99 50.86 -3.38 -29.21
CA ALA F 99 49.80 -3.49 -28.22
C ALA F 99 50.37 -3.93 -26.87
N LEU F 100 51.38 -4.77 -26.90
CA LEU F 100 52.00 -5.28 -25.68
C LEU F 100 52.77 -4.17 -24.97
N ASP F 101 53.44 -3.32 -25.74
CA ASP F 101 54.20 -2.21 -25.17
C ASP F 101 53.28 -1.19 -24.54
N LYS F 102 52.21 -0.83 -25.25
CA LYS F 102 51.26 0.15 -24.75
C LYS F 102 50.67 -0.29 -23.41
N ILE F 103 50.17 -1.52 -23.38
CA ILE F 103 49.58 -2.06 -22.16
C ILE F 103 50.63 -2.24 -21.07
N GLU F 104 51.88 -2.45 -21.49
CA GLU F 104 52.98 -2.64 -20.56
C GLU F 104 53.33 -1.32 -19.86
N GLU F 105 53.34 -0.24 -20.62
CA GLU F 105 53.66 1.08 -20.08
C GLU F 105 52.53 1.58 -19.18
N GLU F 106 51.29 1.40 -19.63
CA GLU F 106 50.13 1.84 -18.87
C GLU F 106 50.16 1.26 -17.46
N GLN F 107 50.69 0.05 -17.33
CA GLN F 107 50.78 -0.61 -16.04
C GLN F 107 51.92 -0.04 -15.20
N ASN F 108 52.94 0.47 -15.88
CA ASN F 108 54.09 1.05 -15.19
C ASN F 108 53.72 2.37 -14.53
N LYS F 109 52.74 3.06 -15.10
CA LYS F 109 52.28 4.34 -14.55
C LYS F 109 51.57 4.14 -13.22
N SER F 110 50.78 3.06 -13.13
CA SER F 110 50.03 2.77 -11.92
C SER F 110 50.97 2.34 -10.80
N LYS F 111 52.11 1.77 -11.17
CA LYS F 111 53.10 1.32 -10.19
C LYS F 111 53.54 2.47 -9.30
N LYS F 112 53.64 3.67 -9.88
CA LYS F 112 54.05 4.85 -9.13
C LYS F 112 52.94 5.30 -8.18
N LYS F 113 51.69 5.02 -8.56
CA LYS F 113 50.55 5.39 -7.74
C LYS F 113 49.87 4.16 -7.14
N ALA F 114 50.67 3.13 -6.87
CA ALA F 114 50.15 1.90 -6.30
C ALA F 114 51.29 0.96 -5.91
N GLN F 115 52.31 1.51 -5.27
CA GLN F 115 53.47 0.72 -4.84
C GLN F 115 53.34 0.34 -3.37
N GLY G 1 -63.87 37.27 -15.52
CA GLY G 1 -65.12 36.58 -15.29
C GLY G 1 -65.58 36.68 -13.86
N ALA G 2 -65.06 35.79 -13.01
CA ALA G 2 -65.42 35.78 -11.59
C ALA G 2 -64.54 34.81 -10.81
N ARG G 3 -63.24 35.01 -10.88
CA ARG G 3 -62.29 34.15 -10.19
C ARG G 3 -61.49 34.95 -9.16
N ALA G 4 -60.55 34.27 -8.50
CA ALA G 4 -59.72 34.92 -7.49
C ALA G 4 -58.49 35.55 -8.13
N SER G 5 -57.95 36.58 -7.47
CA SER G 5 -56.77 37.28 -7.97
C SER G 5 -56.28 38.32 -6.97
N VAL G 6 -57.15 39.27 -6.66
CA VAL G 6 -56.81 40.32 -5.71
C VAL G 6 -56.61 39.76 -4.31
N LEU G 7 -57.50 38.87 -3.90
CA LEU G 7 -57.43 38.25 -2.58
C LEU G 7 -57.15 36.75 -2.70
N SER G 8 -56.17 36.27 -1.93
CA SER G 8 -55.81 34.86 -1.95
C SER G 8 -56.83 34.03 -1.17
N GLY G 9 -56.53 32.75 -1.00
CA GLY G 9 -57.42 31.87 -0.27
C GLY G 9 -57.69 32.36 1.14
N GLY G 10 -56.62 32.63 1.88
CA GLY G 10 -56.77 33.10 3.24
C GLY G 10 -57.48 34.44 3.33
N GLU G 11 -57.11 35.36 2.45
CA GLU G 11 -57.70 36.69 2.42
C GLU G 11 -59.18 36.60 2.05
N LEU G 12 -59.51 35.68 1.15
CA LEU G 12 -60.90 35.50 0.71
C LEU G 12 -61.80 35.15 1.88
N ASP G 13 -61.34 34.23 2.73
CA ASP G 13 -62.10 33.80 3.89
C ASP G 13 -62.48 35.01 4.76
N LYS G 14 -61.47 35.80 5.12
CA LYS G 14 -61.70 36.98 5.95
C LYS G 14 -62.55 38.01 5.21
N TRP G 15 -62.27 38.19 3.93
CA TRP G 15 -63.00 39.15 3.12
C TRP G 15 -64.50 38.89 3.19
N GLU G 16 -64.90 37.66 2.91
CA GLU G 16 -66.31 37.27 2.94
C GLU G 16 -66.90 37.53 4.32
N LYS G 17 -66.05 37.52 5.34
CA LYS G 17 -66.49 37.74 6.71
C LYS G 17 -66.75 39.23 6.96
N ILE G 18 -65.78 40.06 6.58
CA ILE G 18 -65.90 41.50 6.77
C ILE G 18 -67.21 42.02 6.19
N ARG G 19 -67.84 42.94 6.91
CA ARG G 19 -69.10 43.52 6.45
C ARG G 19 -68.90 44.94 5.92
N LEU G 20 -69.74 45.34 4.97
CA LEU G 20 -69.64 46.67 4.38
C LEU G 20 -69.88 47.76 5.43
N ARG G 21 -70.64 47.41 6.46
CA ARG G 21 -70.95 48.35 7.54
C ARG G 21 -70.99 47.64 8.88
N PRO G 22 -70.83 48.43 9.97
CA PRO G 22 -70.84 47.89 11.33
C PRO G 22 -72.22 47.41 11.76
N GLY G 23 -73.26 48.17 11.36
CA GLY G 23 -74.61 47.80 11.71
C GLY G 23 -75.44 47.39 10.50
N GLY G 24 -74.96 46.38 9.78
CA GLY G 24 -75.67 45.91 8.60
C GLY G 24 -75.82 44.40 8.57
N LYS G 25 -76.32 43.88 7.46
CA LYS G 25 -76.51 42.44 7.30
C LYS G 25 -76.05 41.97 5.93
N LYS G 26 -75.12 42.71 5.33
CA LYS G 26 -74.59 42.37 4.02
C LYS G 26 -73.07 42.28 4.04
N GLN G 27 -72.57 41.06 4.20
CA GLN G 27 -71.12 40.84 4.24
C GLN G 27 -70.47 41.21 2.91
N TYR G 28 -69.15 41.13 2.87
CA TYR G 28 -68.41 41.47 1.65
C TYR G 28 -68.38 40.30 0.68
N LYS G 29 -68.34 40.61 -0.60
CA LYS G 29 -68.31 39.58 -1.64
C LYS G 29 -67.47 40.03 -2.83
N LEU G 30 -67.11 39.09 -3.69
CA LEU G 30 -66.31 39.38 -4.88
C LEU G 30 -66.93 40.53 -5.68
N LYS G 31 -68.25 40.64 -5.61
CA LYS G 31 -68.97 41.69 -6.33
C LYS G 31 -68.38 43.06 -6.03
N HIS G 32 -67.98 43.26 -4.77
CA HIS G 32 -67.39 44.53 -4.35
C HIS G 32 -65.94 44.64 -4.83
N ILE G 33 -65.18 43.55 -4.89
CA ILE G 33 -63.80 43.61 -5.33
C ILE G 33 -63.72 43.96 -6.82
N VAL G 34 -64.66 43.44 -7.59
CA VAL G 34 -64.70 43.69 -9.03
C VAL G 34 -65.34 45.04 -9.33
N TRP G 35 -66.36 45.39 -8.56
CA TRP G 35 -67.06 46.66 -8.74
C TRP G 35 -66.08 47.83 -8.66
N ALA G 36 -65.08 47.70 -7.80
CA ALA G 36 -64.08 48.75 -7.64
C ALA G 36 -63.07 48.73 -8.78
N SER G 37 -62.62 47.53 -9.14
CA SER G 37 -61.65 47.37 -10.21
C SER G 37 -62.13 48.06 -11.50
N ARG G 38 -63.43 47.96 -11.75
CA ARG G 38 -64.03 48.57 -12.94
C ARG G 38 -63.94 50.09 -12.87
N GLU G 39 -64.32 50.64 -11.71
CA GLU G 39 -64.29 52.08 -11.51
C GLU G 39 -62.86 52.62 -11.51
N LEU G 40 -61.92 51.75 -11.13
CA LEU G 40 -60.52 52.12 -11.07
C LEU G 40 -59.97 52.39 -12.47
N GLU G 41 -60.08 51.39 -13.35
CA GLU G 41 -59.60 51.51 -14.71
C GLU G 41 -60.19 52.74 -15.39
N ARG G 42 -61.38 53.14 -14.95
CA ARG G 42 -62.05 54.30 -15.52
C ARG G 42 -61.28 55.58 -15.21
N PHE G 43 -60.60 55.60 -14.07
CA PHE G 43 -59.82 56.76 -13.66
C PHE G 43 -58.35 56.60 -14.06
N ALA G 44 -58.12 55.83 -15.11
CA ALA G 44 -56.76 55.60 -15.60
C ALA G 44 -55.93 54.84 -14.56
N VAL G 45 -56.61 54.12 -13.68
CA VAL G 45 -55.94 53.35 -12.63
C VAL G 45 -56.21 51.86 -12.79
N ASN G 46 -55.16 51.09 -13.07
CA ASN G 46 -55.29 49.65 -13.24
C ASN G 46 -55.82 49.00 -11.97
N PRO G 47 -56.65 47.97 -12.13
CA PRO G 47 -57.25 47.23 -11.01
C PRO G 47 -56.22 46.40 -10.26
N GLY G 48 -55.08 46.18 -10.89
CA GLY G 48 -54.03 45.40 -10.26
C GLY G 48 -53.49 46.05 -8.99
N LEU G 49 -53.59 47.37 -8.93
CA LEU G 49 -53.11 48.11 -7.76
C LEU G 49 -53.77 47.62 -6.48
N LEU G 50 -54.97 47.05 -6.62
CA LEU G 50 -55.70 46.52 -5.48
C LEU G 50 -55.14 45.16 -5.05
N GLU G 51 -54.55 44.46 -6.00
CA GLU G 51 -53.97 43.14 -5.72
C GLU G 51 -52.64 43.28 -4.98
N THR G 52 -52.17 44.52 -4.85
CA THR G 52 -50.90 44.78 -4.17
C THR G 52 -51.08 45.81 -3.06
N SER G 53 -50.58 45.47 -1.87
CA SER G 53 -50.69 46.37 -0.72
C SER G 53 -50.12 47.75 -1.03
N GLU G 54 -49.18 47.78 -1.98
CA GLU G 54 -48.55 49.03 -2.38
C GLU G 54 -49.47 49.84 -3.29
N GLY G 55 -50.10 49.17 -4.23
CA GLY G 55 -51.01 49.84 -5.14
C GLY G 55 -52.19 50.48 -4.43
N CYS G 56 -52.72 49.78 -3.45
CA CYS G 56 -53.87 50.28 -2.69
C CYS G 56 -53.52 51.62 -2.02
N ARG G 57 -52.38 51.65 -1.33
CA ARG G 57 -51.95 52.86 -0.65
C ARG G 57 -51.95 54.05 -1.59
N GLN G 58 -51.50 53.83 -2.81
CA GLN G 58 -51.45 54.90 -3.82
C GLN G 58 -52.85 55.39 -4.15
N ILE G 59 -53.81 54.48 -4.13
CA ILE G 59 -55.20 54.81 -4.44
C ILE G 59 -55.84 55.61 -3.30
N LEU G 60 -55.73 55.06 -2.09
CA LEU G 60 -56.30 55.72 -0.91
C LEU G 60 -55.72 57.13 -0.73
N GLY G 61 -54.51 57.32 -1.25
CA GLY G 61 -53.86 58.62 -1.14
C GLY G 61 -54.55 59.68 -1.97
N GLN G 62 -55.03 59.30 -3.15
CA GLN G 62 -55.73 60.23 -4.03
C GLN G 62 -57.17 60.43 -3.60
N LEU G 63 -57.79 59.36 -3.11
CA LEU G 63 -59.18 59.42 -2.65
C LEU G 63 -59.28 60.08 -1.28
N GLN G 64 -58.19 60.00 -0.51
CA GLN G 64 -58.16 60.60 0.82
C GLN G 64 -58.59 62.06 0.77
N PRO G 65 -57.83 62.89 0.04
CA PRO G 65 -58.10 64.31 -0.10
C PRO G 65 -59.36 64.57 -0.94
N SER G 66 -59.77 63.58 -1.72
CA SER G 66 -60.95 63.71 -2.56
C SER G 66 -62.16 63.07 -1.90
N LEU G 67 -62.15 63.03 -0.57
CA LEU G 67 -63.25 62.46 0.19
C LEU G 67 -64.41 63.44 0.31
N GLN G 68 -64.08 64.73 0.36
CA GLN G 68 -65.10 65.77 0.47
C GLN G 68 -65.45 66.33 -0.91
N THR G 69 -64.43 66.54 -1.74
CA THR G 69 -64.64 67.07 -3.08
C THR G 69 -65.13 65.97 -4.03
N GLY G 70 -64.80 64.73 -3.73
CA GLY G 70 -65.22 63.62 -4.56
C GLY G 70 -66.70 63.36 -4.46
N SER G 71 -67.22 62.51 -5.37
CA SER G 71 -68.64 62.18 -5.38
C SER G 71 -68.89 60.82 -4.73
N GLU G 72 -70.13 60.35 -4.82
CA GLU G 72 -70.49 59.06 -4.24
C GLU G 72 -69.65 57.94 -4.83
N GLU G 73 -69.36 58.04 -6.13
CA GLU G 73 -68.56 57.03 -6.82
C GLU G 73 -67.21 56.85 -6.13
N LEU G 74 -66.69 57.93 -5.56
CA LEU G 74 -65.41 57.88 -4.86
C LEU G 74 -65.57 57.31 -3.46
N ARG G 75 -66.68 57.64 -2.80
CA ARG G 75 -66.95 57.18 -1.46
C ARG G 75 -66.91 55.65 -1.40
N SER G 76 -67.72 55.01 -2.24
CA SER G 76 -67.78 53.55 -2.29
C SER G 76 -66.38 52.95 -2.45
N LEU G 77 -65.58 53.57 -3.30
CA LEU G 77 -64.22 53.11 -3.55
C LEU G 77 -63.42 53.05 -2.25
N TYR G 78 -63.33 54.19 -1.56
CA TYR G 78 -62.60 54.27 -0.31
C TYR G 78 -63.05 53.18 0.67
N ASN G 79 -64.31 52.79 0.55
CA ASN G 79 -64.88 51.76 1.42
C ASN G 79 -64.26 50.40 1.12
N THR G 80 -64.30 50.01 -0.16
CA THR G 80 -63.75 48.73 -0.57
C THR G 80 -62.23 48.72 -0.46
N ILE G 81 -61.59 49.73 -1.05
CA ILE G 81 -60.14 49.84 -1.02
C ILE G 81 -59.62 49.77 0.42
N ALA G 82 -60.45 50.21 1.36
CA ALA G 82 -60.08 50.20 2.78
C ALA G 82 -60.04 48.77 3.32
N VAL G 83 -61.19 48.11 3.34
CA VAL G 83 -61.29 46.74 3.82
C VAL G 83 -60.27 45.84 3.15
N LEU G 84 -60.04 46.07 1.86
CA LEU G 84 -59.08 45.28 1.10
C LEU G 84 -57.65 45.56 1.56
N TYR G 85 -57.28 46.83 1.58
CA TYR G 85 -55.95 47.23 2.01
C TYR G 85 -55.60 46.64 3.37
N CYS G 86 -56.52 46.77 4.31
CA CYS G 86 -56.32 46.25 5.66
C CYS G 86 -55.94 44.77 5.61
N VAL G 87 -56.49 44.05 4.64
CA VAL G 87 -56.22 42.63 4.49
C VAL G 87 -54.78 42.39 4.05
N HIS G 88 -54.34 43.16 3.06
CA HIS G 88 -52.98 43.04 2.55
C HIS G 88 -51.95 43.47 3.60
N GLN G 89 -52.25 44.46 4.44
CA GLN G 89 -51.31 44.90 5.45
C GLN G 89 -51.27 43.93 6.62
N ARG G 90 -52.33 43.93 7.43
CA ARG G 90 -52.42 43.05 8.58
C ARG G 90 -53.73 43.25 9.33
N ILE G 91 -54.20 44.49 9.35
CA ILE G 91 -55.46 44.82 10.03
C ILE G 91 -56.58 43.91 9.57
N ASP G 92 -57.25 43.27 10.53
CA ASP G 92 -58.36 42.37 10.21
C ASP G 92 -59.67 42.89 10.78
N VAL G 93 -60.06 44.08 10.35
CA VAL G 93 -61.29 44.70 10.83
C VAL G 93 -62.49 43.82 10.53
N LYS G 94 -63.58 44.05 11.26
CA LYS G 94 -64.81 43.28 11.07
C LYS G 94 -65.75 43.96 10.07
N ASP G 95 -65.65 45.28 10.00
CA ASP G 95 -66.48 46.07 9.10
C ASP G 95 -65.64 47.09 8.33
N THR G 96 -66.31 47.88 7.50
CA THR G 96 -65.63 48.90 6.70
C THR G 96 -65.31 50.13 7.56
N LYS G 97 -66.11 50.35 8.59
CA LYS G 97 -65.91 51.48 9.48
C LYS G 97 -64.59 51.35 10.26
N GLU G 98 -64.41 50.22 10.92
CA GLU G 98 -63.20 49.96 11.69
C GLU G 98 -61.96 50.19 10.84
N ALA G 99 -62.06 49.83 9.55
CA ALA G 99 -60.94 49.99 8.63
C ALA G 99 -60.60 51.45 8.43
N LEU G 100 -61.61 52.31 8.47
CA LEU G 100 -61.41 53.74 8.29
C LEU G 100 -60.68 54.34 9.49
N ASP G 101 -61.05 53.87 10.69
CA ASP G 101 -60.43 54.36 11.92
C ASP G 101 -58.96 53.95 11.99
N LYS G 102 -58.70 52.68 11.69
CA LYS G 102 -57.33 52.16 11.72
C LYS G 102 -56.42 52.96 10.78
N ILE G 103 -56.84 53.11 9.54
CA ILE G 103 -56.07 53.86 8.56
C ILE G 103 -55.99 55.33 8.93
N GLU G 104 -57.00 55.81 9.64
CA GLU G 104 -57.05 57.21 10.06
C GLU G 104 -56.02 57.49 11.15
N GLU G 105 -55.90 56.56 12.09
CA GLU G 105 -54.96 56.70 13.19
C GLU G 105 -53.52 56.55 12.70
N GLU G 106 -53.30 55.56 11.84
CA GLU G 106 -51.97 55.30 11.30
C GLU G 106 -51.40 56.55 10.65
N GLN G 107 -52.27 57.36 10.07
CA GLN G 107 -51.85 58.60 9.42
C GLN G 107 -51.55 59.68 10.44
N ASN G 108 -52.20 59.60 11.59
CA ASN G 108 -51.99 60.58 12.66
C ASN G 108 -50.61 60.42 13.29
N LYS G 109 -50.11 59.19 13.27
CA LYS G 109 -48.80 58.90 13.84
C LYS G 109 -47.69 59.53 13.01
N SER G 110 -47.85 59.50 11.69
CA SER G 110 -46.86 60.08 10.78
C SER G 110 -46.84 61.60 10.89
N LYS G 111 -47.98 62.17 11.26
CA LYS G 111 -48.09 63.62 11.40
C LYS G 111 -47.06 64.15 12.40
N LYS G 112 -46.82 63.37 13.45
CA LYS G 112 -45.85 63.77 14.47
C LYS G 112 -44.43 63.66 13.94
N LYS G 113 -44.21 62.77 12.99
CA LYS G 113 -42.89 62.58 12.40
C LYS G 113 -42.87 63.04 10.95
N ALA G 114 -43.69 64.06 10.65
CA ALA G 114 -43.76 64.60 9.30
C ALA G 114 -44.61 65.87 9.26
N GLN G 115 -44.38 66.76 10.23
CA GLN G 115 -45.13 68.00 10.31
C GLN G 115 -44.32 69.16 9.71
N GLY H 1 74.64 -29.45 -52.25
CA GLY H 1 73.52 -30.35 -52.24
C GLY H 1 72.77 -30.34 -50.92
N ALA H 2 73.27 -31.11 -49.96
CA ALA H 2 72.64 -31.18 -48.64
C ALA H 2 73.52 -31.97 -47.66
N ARG H 3 74.76 -31.52 -47.50
CA ARG H 3 75.70 -32.19 -46.58
C ARG H 3 76.11 -31.25 -45.46
N ALA H 4 77.01 -31.73 -44.60
CA ALA H 4 77.49 -30.93 -43.48
C ALA H 4 78.69 -30.08 -43.89
N SER H 5 78.88 -28.96 -43.20
CA SER H 5 79.98 -28.05 -43.48
C SER H 5 80.06 -26.94 -42.45
N VAL H 6 78.98 -26.16 -42.34
CA VAL H 6 78.92 -25.06 -41.39
C VAL H 6 78.95 -25.57 -39.96
N LEU H 7 78.18 -26.62 -39.70
CA LEU H 7 78.11 -27.20 -38.36
C LEU H 7 78.67 -28.62 -38.36
N SER H 8 79.56 -28.90 -37.41
CA SER H 8 80.17 -30.22 -37.29
C SER H 8 79.20 -31.22 -36.69
N GLY H 9 79.70 -32.43 -36.42
CA GLY H 9 78.85 -33.46 -35.83
C GLY H 9 78.22 -33.03 -34.53
N GLY H 10 79.05 -32.56 -33.60
CA GLY H 10 78.56 -32.12 -32.32
C GLY H 10 77.61 -30.94 -32.42
N GLU H 11 77.97 -29.97 -33.25
CA GLU H 11 77.14 -28.78 -33.45
C GLU H 11 75.82 -29.15 -34.10
N LEU H 12 75.85 -30.12 -35.00
CA LEU H 12 74.64 -30.56 -35.70
C LEU H 12 73.60 -31.08 -34.70
N ASP H 13 74.05 -31.89 -33.75
CA ASP H 13 73.16 -32.44 -32.74
C ASP H 13 72.41 -31.34 -32.01
N LYS H 14 73.15 -30.36 -31.49
CA LYS H 14 72.55 -29.25 -30.76
C LYS H 14 71.69 -28.40 -31.70
N TRP H 15 72.18 -28.17 -32.91
CA TRP H 15 71.45 -27.38 -33.89
C TRP H 15 70.04 -27.92 -34.10
N GLU H 16 69.95 -29.21 -34.39
CA GLU H 16 68.65 -29.85 -34.62
C GLU H 16 67.76 -29.71 -33.39
N LYS H 17 68.38 -29.56 -32.23
CA LYS H 17 67.65 -29.42 -30.98
C LYS H 17 67.08 -28.01 -30.85
N ILE H 18 67.93 -27.01 -31.05
CA ILE H 18 67.50 -25.62 -30.96
C ILE H 18 66.26 -25.36 -31.81
N ARG H 19 65.33 -24.58 -31.26
CA ARG H 19 64.10 -24.25 -31.97
C ARG H 19 64.14 -22.82 -32.51
N LEU H 20 63.44 -22.60 -33.62
CA LEU H 20 63.39 -21.27 -34.24
C LEU H 20 62.76 -20.25 -33.29
N ARG H 21 61.88 -20.73 -32.42
CA ARG H 21 61.20 -19.86 -31.46
C ARG H 21 61.03 -20.56 -30.12
N PRO H 22 60.83 -19.76 -29.06
CA PRO H 22 60.64 -20.29 -27.70
C PRO H 22 59.32 -21.02 -27.53
N GLY H 23 58.26 -20.48 -28.14
CA GLY H 23 56.95 -21.09 -28.05
C GLY H 23 56.49 -21.65 -29.38
N GLY H 24 57.27 -22.56 -29.96
CA GLY H 24 56.91 -23.16 -31.23
C GLY H 24 57.05 -24.67 -31.22
N LYS H 25 56.90 -25.27 -32.39
CA LYS H 25 57.01 -26.73 -32.52
C LYS H 25 57.81 -27.10 -33.77
N LYS H 26 58.68 -26.21 -34.19
CA LYS H 26 59.51 -26.44 -35.37
C LYS H 26 60.99 -26.24 -35.05
N GLN H 27 61.67 -27.34 -34.75
CA GLN H 27 63.09 -27.28 -34.42
C GLN H 27 63.90 -26.79 -35.61
N TYR H 28 65.21 -26.62 -35.40
CA TYR H 28 66.10 -26.14 -36.46
C TYR H 28 66.54 -27.29 -37.36
N LYS H 29 66.77 -26.98 -38.62
CA LYS H 29 67.20 -27.99 -39.59
C LYS H 29 68.16 -27.39 -40.62
N LEU H 30 68.85 -28.25 -41.36
CA LEU H 30 69.79 -27.80 -42.37
C LEU H 30 69.13 -26.81 -43.32
N LYS H 31 67.84 -26.95 -43.52
CA LYS H 31 67.09 -26.06 -44.40
C LYS H 31 67.34 -24.60 -44.04
N HIS H 32 67.45 -24.33 -42.74
CA HIS H 32 67.69 -22.97 -42.27
C HIS H 32 69.16 -22.59 -42.46
N ILE H 33 70.10 -23.50 -42.33
CA ILE H 33 71.51 -23.17 -42.51
C ILE H 33 71.82 -22.82 -43.96
N VAL H 34 71.16 -23.52 -44.89
CA VAL H 34 71.35 -23.28 -46.31
C VAL H 34 70.55 -22.08 -46.78
N TRP H 35 69.34 -21.93 -46.24
CA TRP H 35 68.47 -20.82 -46.60
C TRP H 35 69.17 -19.48 -46.39
N ALA H 36 70.00 -19.41 -45.34
CA ALA H 36 70.73 -18.20 -45.03
C ALA H 36 71.93 -18.02 -45.95
N SER H 37 72.66 -19.11 -46.18
CA SER H 37 73.83 -19.08 -47.03
C SER H 37 73.50 -18.52 -48.40
N ARG H 38 72.31 -18.85 -48.90
CA ARG H 38 71.86 -18.38 -50.21
C ARG H 38 71.63 -16.87 -50.18
N GLU H 39 70.95 -16.40 -49.15
CA GLU H 39 70.65 -14.97 -49.00
C GLU H 39 71.94 -14.18 -48.73
N LEU H 40 72.93 -14.84 -48.15
CA LEU H 40 74.20 -14.21 -47.85
C LEU H 40 74.95 -13.85 -49.12
N GLU H 41 75.21 -14.85 -49.95
CA GLU H 41 75.92 -14.64 -51.21
C GLU H 41 75.26 -13.55 -52.04
N ARG H 42 73.94 -13.39 -51.85
CA ARG H 42 73.19 -12.38 -52.59
C ARG H 42 73.63 -10.98 -52.19
N PHE H 43 74.06 -10.82 -50.94
CA PHE H 43 74.51 -9.53 -50.44
C PHE H 43 76.03 -9.41 -50.54
N ALA H 44 76.62 -10.12 -51.49
CA ALA H 44 78.06 -10.09 -51.69
C ALA H 44 78.79 -10.66 -50.49
N VAL H 45 78.10 -11.50 -49.73
CA VAL H 45 78.68 -12.13 -48.54
C VAL H 45 78.73 -13.65 -48.68
N ASN H 46 79.94 -14.20 -48.73
CA ASN H 46 80.12 -15.63 -48.87
C ASN H 46 79.47 -16.38 -47.69
N PRO H 47 78.90 -17.54 -47.98
CA PRO H 47 78.24 -18.37 -46.95
C PRO H 47 79.24 -19.00 -45.98
N GLY H 48 80.52 -18.99 -46.37
CA GLY H 48 81.55 -19.56 -45.52
C GLY H 48 81.69 -18.81 -44.20
N LEU H 49 81.34 -17.54 -44.21
CA LEU H 49 81.43 -16.71 -43.02
C LEU H 49 80.63 -17.32 -41.86
N LEU H 50 79.62 -18.12 -42.21
CA LEU H 50 78.78 -18.76 -41.21
C LEU H 50 79.48 -19.98 -40.62
N GLU H 51 80.39 -20.57 -41.41
CA GLU H 51 81.13 -21.75 -40.96
C GLU H 51 82.24 -21.36 -40.00
N THR H 52 82.44 -20.05 -39.82
CA THR H 52 83.47 -19.54 -38.93
C THR H 52 82.88 -18.57 -37.91
N SER H 53 83.19 -18.79 -36.64
CA SER H 53 82.69 -17.95 -35.57
C SER H 53 83.05 -16.48 -35.82
N GLU H 54 84.14 -16.27 -36.56
CA GLU H 54 84.58 -14.92 -36.88
C GLU H 54 83.73 -14.30 -37.98
N GLY H 55 83.43 -15.09 -39.01
CA GLY H 55 82.61 -14.61 -40.11
C GLY H 55 81.22 -14.20 -39.67
N CYS H 56 80.64 -14.99 -38.77
CA CYS H 56 79.29 -14.71 -38.27
C CYS H 56 79.24 -13.34 -37.60
N ARG H 57 80.20 -13.08 -36.71
CA ARG H 57 80.26 -11.82 -36.00
C ARG H 57 80.21 -10.64 -36.98
N GLN H 58 80.92 -10.77 -38.08
CA GLN H 58 80.97 -9.72 -39.09
C GLN H 58 79.59 -9.52 -39.72
N ILE H 59 78.83 -10.60 -39.85
CA ILE H 59 77.50 -10.53 -40.43
C ILE H 59 76.51 -9.87 -39.46
N LEU H 60 76.48 -10.37 -38.23
CA LEU H 60 75.58 -9.84 -37.22
C LEU H 60 75.84 -8.35 -36.99
N GLY H 61 77.07 -7.92 -37.27
CA GLY H 61 77.43 -6.53 -37.09
C GLY H 61 76.72 -5.62 -38.08
N GLN H 62 76.56 -6.10 -39.31
CA GLN H 62 75.91 -5.31 -40.35
C GLN H 62 74.38 -5.40 -40.21
N LEU H 63 73.89 -6.56 -39.81
CA LEU H 63 72.46 -6.77 -39.63
C LEU H 63 71.97 -6.13 -38.33
N GLN H 64 72.87 -6.00 -37.37
CA GLN H 64 72.53 -5.40 -36.08
C GLN H 64 71.86 -4.05 -36.26
N PRO H 65 72.57 -3.10 -36.87
CA PRO H 65 72.07 -1.76 -37.13
C PRO H 65 70.98 -1.73 -38.19
N SER H 66 70.93 -2.80 -38.99
CA SER H 66 69.94 -2.90 -40.06
C SER H 66 68.74 -3.75 -39.61
N LEU H 67 68.51 -3.78 -38.30
CA LEU H 67 67.41 -4.56 -37.74
C LEU H 67 66.09 -3.82 -37.90
N GLN H 68 66.15 -2.50 -37.84
CA GLN H 68 64.96 -1.67 -37.97
C GLN H 68 64.78 -1.19 -39.41
N THR H 69 65.88 -0.79 -40.03
CA THR H 69 65.85 -0.32 -41.41
C THR H 69 65.77 -1.48 -42.39
N GLY H 70 66.26 -2.64 -41.98
CA GLY H 70 66.23 -3.81 -42.83
C GLY H 70 64.84 -4.36 -43.02
N SER H 71 64.68 -5.28 -43.96
CA SER H 71 63.38 -5.88 -44.24
C SER H 71 63.26 -7.26 -43.60
N GLU H 72 62.17 -7.96 -43.90
CA GLU H 72 61.95 -9.29 -43.36
C GLU H 72 63.09 -10.24 -43.72
N GLU H 73 63.61 -10.08 -44.94
CA GLU H 73 64.70 -10.92 -45.42
C GLU H 73 65.89 -10.85 -44.48
N LEU H 74 66.07 -9.68 -43.86
CA LEU H 74 67.18 -9.48 -42.94
C LEU H 74 66.86 -10.06 -41.56
N ARG H 75 65.60 -9.95 -41.15
CA ARG H 75 65.17 -10.46 -39.86
C ARG H 75 65.47 -11.95 -39.74
N SER H 76 64.99 -12.74 -40.69
CA SER H 76 65.21 -14.17 -40.69
C SER H 76 66.69 -14.49 -40.56
N LEU H 77 67.52 -13.73 -41.25
CA LEU H 77 68.97 -13.93 -41.22
C LEU H 77 69.49 -13.83 -39.79
N TYR H 78 69.23 -12.69 -39.15
CA TYR H 78 69.68 -12.47 -37.78
C TYR H 78 69.25 -13.62 -36.87
N ASN H 79 68.12 -14.25 -37.21
CA ASN H 79 67.61 -15.37 -36.43
C ASN H 79 68.52 -16.59 -36.54
N THR H 80 68.80 -16.97 -37.78
CA THR H 80 69.67 -18.13 -38.04
C THR H 80 71.10 -17.84 -37.63
N ILE H 81 71.64 -16.73 -38.13
CA ILE H 81 73.02 -16.35 -37.82
C ILE H 81 73.24 -16.32 -36.30
N ALA H 82 72.17 -16.04 -35.56
CA ALA H 82 72.25 -15.98 -34.10
C ALA H 82 72.45 -17.37 -33.51
N VAL H 83 71.46 -18.23 -33.69
CA VAL H 83 71.52 -19.59 -33.17
C VAL H 83 72.81 -20.28 -33.60
N LEU H 84 73.24 -20.01 -34.82
CA LEU H 84 74.46 -20.62 -35.36
C LEU H 84 75.69 -20.07 -34.64
N TYR H 85 75.81 -18.75 -34.60
CA TYR H 85 76.94 -18.09 -33.95
C TYR H 85 77.12 -18.61 -32.51
N CYS H 86 76.02 -18.65 -31.78
CA CYS H 86 76.04 -19.12 -30.39
C CYS H 86 76.70 -20.50 -30.31
N VAL H 87 76.48 -21.31 -31.34
CA VAL H 87 77.05 -22.66 -31.37
C VAL H 87 78.57 -22.61 -31.52
N HIS H 88 79.05 -21.77 -32.43
CA HIS H 88 80.47 -21.63 -32.67
C HIS H 88 81.17 -21.01 -31.47
N GLN H 89 80.53 -20.10 -30.74
CA GLN H 89 81.16 -19.48 -29.58
C GLN H 89 81.15 -20.44 -28.38
N ARG H 90 79.97 -20.62 -27.79
CA ARG H 90 79.82 -21.50 -26.64
C ARG H 90 78.37 -21.56 -26.18
N ILE H 91 77.68 -20.43 -26.29
CA ILE H 91 76.28 -20.34 -25.89
C ILE H 91 75.46 -21.46 -26.53
N ASP H 92 74.75 -22.21 -25.69
CA ASP H 92 73.92 -23.31 -26.17
C ASP H 92 72.45 -23.04 -25.88
N VAL H 93 71.93 -21.95 -26.42
CA VAL H 93 70.53 -21.58 -26.22
C VAL H 93 69.60 -22.68 -26.71
N LYS H 94 68.36 -22.66 -26.21
CA LYS H 94 67.36 -23.65 -26.61
C LYS H 94 66.53 -23.16 -27.79
N ASP H 95 66.39 -21.85 -27.90
CA ASP H 95 65.62 -21.25 -28.98
C ASP H 95 66.38 -20.08 -29.61
N THR H 96 65.76 -19.44 -30.58
CA THR H 96 66.37 -18.30 -31.27
C THR H 96 66.28 -17.04 -30.43
N LYS H 97 65.28 -16.97 -29.56
CA LYS H 97 65.08 -15.81 -28.70
C LYS H 97 66.22 -15.69 -27.69
N GLU H 98 66.48 -16.77 -26.96
CA GLU H 98 67.53 -16.78 -25.97
C GLU H 98 68.86 -16.33 -26.57
N ALA H 99 69.09 -16.70 -27.83
CA ALA H 99 70.31 -16.34 -28.52
C ALA H 99 70.41 -14.82 -28.70
N LEU H 100 69.26 -14.19 -28.91
CA LEU H 100 69.22 -12.73 -29.10
C LEU H 100 69.57 -12.01 -27.81
N ASP H 101 69.08 -12.53 -26.69
CA ASP H 101 69.34 -11.93 -25.38
C ASP H 101 70.81 -12.05 -25.01
N LYS H 102 71.37 -13.25 -25.20
CA LYS H 102 72.77 -13.49 -24.89
C LYS H 102 73.68 -12.54 -25.65
N ILE H 103 73.49 -12.47 -26.97
CA ILE H 103 74.28 -11.59 -27.81
C ILE H 103 74.01 -10.13 -27.49
N GLU H 104 72.81 -9.85 -27.01
CA GLU H 104 72.42 -8.49 -26.67
C GLU H 104 73.14 -8.02 -25.41
N GLU H 105 73.25 -8.90 -24.42
CA GLU H 105 73.91 -8.58 -23.17
C GLU H 105 75.42 -8.46 -23.37
N GLU H 106 75.99 -9.39 -24.13
CA GLU H 106 77.42 -9.39 -24.39
C GLU H 106 77.87 -8.05 -24.97
N GLN H 107 76.98 -7.42 -25.74
CA GLN H 107 77.28 -6.13 -26.36
C GLN H 107 77.17 -5.00 -25.33
N ASN H 108 76.33 -5.21 -24.32
CA ASN H 108 76.14 -4.20 -23.28
C ASN H 108 77.37 -4.10 -22.38
N LYS H 109 78.09 -5.21 -22.25
CA LYS H 109 79.30 -5.24 -21.42
C LYS H 109 80.41 -4.40 -22.06
N SER H 110 80.52 -4.47 -23.38
CA SER H 110 81.54 -3.73 -24.11
C SER H 110 81.25 -2.23 -24.06
N LYS H 111 79.97 -1.87 -23.94
CA LYS H 111 79.57 -0.48 -23.88
C LYS H 111 80.26 0.24 -22.72
N LYS H 112 80.44 -0.46 -21.62
CA LYS H 112 81.10 0.10 -20.44
C LYS H 112 82.59 0.28 -20.68
N LYS H 113 83.15 -0.57 -21.54
CA LYS H 113 84.58 -0.50 -21.86
C LYS H 113 84.78 -0.04 -23.29
N ALA H 114 83.87 0.80 -23.79
CA ALA H 114 83.97 1.31 -25.15
C ALA H 114 82.92 2.40 -25.40
N GLN H 115 82.78 3.31 -24.44
CA GLN H 115 81.81 4.39 -24.56
C GLN H 115 82.49 5.67 -25.04
N GLY I 1 18.52 -76.20 34.48
CA GLY I 1 18.81 -76.69 33.15
C GLY I 1 19.98 -75.96 32.51
N ALA I 2 19.70 -74.82 31.91
CA ALA I 2 20.73 -74.01 31.26
C ALA I 2 20.19 -72.66 30.83
N ARG I 3 19.65 -71.90 31.80
CA ARG I 3 19.10 -70.59 31.52
C ARG I 3 19.86 -69.51 32.27
N ALA I 4 19.40 -68.26 32.14
CA ALA I 4 20.05 -67.14 32.82
C ALA I 4 19.47 -66.95 34.22
N SER I 5 20.27 -66.37 35.11
CA SER I 5 19.85 -66.14 36.48
C SER I 5 20.91 -65.33 37.24
N VAL I 6 22.11 -65.88 37.33
CA VAL I 6 23.19 -65.21 38.03
C VAL I 6 23.61 -63.93 37.31
N LEU I 7 23.71 -64.01 35.99
CA LEU I 7 24.10 -62.85 35.18
C LEU I 7 22.96 -62.42 34.28
N SER I 8 22.66 -61.12 34.28
CA SER I 8 21.59 -60.57 33.46
C SER I 8 22.03 -60.47 32.01
N GLY I 9 21.18 -59.86 31.19
CA GLY I 9 21.49 -59.71 29.77
C GLY I 9 22.79 -58.97 29.55
N GLY I 10 22.93 -57.79 30.17
CA GLY I 10 24.13 -57.01 30.01
C GLY I 10 25.36 -57.71 30.56
N GLU I 11 25.22 -58.33 31.72
CA GLU I 11 26.33 -59.05 32.35
C GLU I 11 26.74 -60.25 31.51
N LEU I 12 25.75 -60.90 30.90
CA LEU I 12 26.01 -62.07 30.08
C LEU I 12 26.94 -61.73 28.92
N ASP I 13 26.66 -60.59 28.26
CA ASP I 13 27.47 -60.16 27.14
C ASP I 13 28.95 -60.04 27.53
N LYS I 14 29.21 -59.31 28.61
CA LYS I 14 30.56 -59.12 29.10
C LYS I 14 31.16 -60.44 29.58
N TRP I 15 30.35 -61.23 30.27
CA TRP I 15 30.80 -62.53 30.77
C TRP I 15 31.38 -63.38 29.66
N GLU I 16 30.61 -63.56 28.60
CA GLU I 16 31.06 -64.36 27.45
C GLU I 16 32.34 -63.79 26.87
N LYS I 17 32.56 -62.50 27.07
CA LYS I 17 33.76 -61.84 26.56
C LYS I 17 34.97 -62.17 27.43
N ILE I 18 34.82 -62.01 28.73
CA ILE I 18 35.89 -62.29 29.67
C ILE I 18 36.48 -63.67 29.44
N ARG I 19 37.80 -63.78 29.53
CA ARG I 19 38.48 -65.05 29.33
C ARG I 19 38.95 -65.63 30.67
N LEU I 20 39.02 -66.95 30.74
CA LEU I 20 39.44 -67.64 31.96
C LEU I 20 40.89 -67.26 32.30
N ARG I 21 41.67 -66.95 31.28
CA ARG I 21 43.07 -66.57 31.47
C ARG I 21 43.47 -65.45 30.51
N PRO I 22 44.55 -64.74 30.85
CA PRO I 22 45.06 -63.64 30.04
C PRO I 22 45.68 -64.11 28.73
N GLY I 23 46.38 -65.24 28.79
CA GLY I 23 47.01 -65.78 27.59
C GLY I 23 46.39 -67.09 27.17
N GLY I 24 45.09 -67.08 26.91
CA GLY I 24 44.40 -68.29 26.50
C GLY I 24 43.49 -68.06 25.30
N LYS I 25 42.70 -69.07 24.96
CA LYS I 25 41.79 -68.97 23.81
C LYS I 25 40.43 -69.57 24.17
N LYS I 26 40.09 -69.56 25.45
CA LYS I 26 38.82 -70.11 25.91
C LYS I 26 38.06 -69.08 26.74
N GLN I 27 37.15 -68.36 26.10
CA GLN I 27 36.36 -67.35 26.80
C GLN I 27 35.48 -67.98 27.87
N TYR I 28 34.77 -67.14 28.62
CA TYR I 28 33.90 -67.63 29.68
C TYR I 28 32.54 -68.04 29.12
N LYS I 29 31.92 -69.02 29.77
CA LYS I 29 30.62 -69.51 29.33
C LYS I 29 29.78 -69.94 30.53
N LEU I 30 28.48 -70.13 30.31
CA LEU I 30 27.57 -70.53 31.37
C LEU I 30 28.09 -71.78 32.08
N LYS I 31 28.81 -72.61 31.34
CA LYS I 31 29.38 -73.84 31.90
C LYS I 31 30.15 -73.55 33.18
N HIS I 32 30.85 -72.42 33.20
CA HIS I 32 31.64 -72.03 34.36
C HIS I 32 30.74 -71.47 35.46
N ILE I 33 29.67 -70.76 35.13
CA ILE I 33 28.78 -70.21 36.15
C ILE I 33 28.05 -71.32 36.90
N VAL I 34 27.67 -72.37 36.17
CA VAL I 34 26.97 -73.50 36.77
C VAL I 34 27.94 -74.45 37.48
N TRP I 35 29.12 -74.62 36.89
CA TRP I 35 30.13 -75.50 37.46
C TRP I 35 30.47 -75.09 38.89
N ALA I 36 30.45 -73.78 39.14
CA ALA I 36 30.74 -73.26 40.46
C ALA I 36 29.55 -73.43 41.40
N SER I 37 28.36 -73.12 40.90
CA SER I 37 27.14 -73.24 41.69
C SER I 37 27.02 -74.64 42.29
N ARG I 38 27.41 -75.65 41.51
CA ARG I 38 27.33 -77.03 41.96
C ARG I 38 28.31 -77.28 43.11
N GLU I 39 29.53 -76.80 42.95
CA GLU I 39 30.56 -76.98 43.97
C GLU I 39 30.24 -76.17 45.22
N LEU I 40 29.48 -75.09 45.03
CA LEU I 40 29.10 -74.23 46.14
C LEU I 40 28.13 -74.95 47.09
N GLU I 41 27.02 -75.43 46.54
CA GLU I 41 26.03 -76.13 47.33
C GLU I 41 26.66 -77.30 48.10
N ARG I 42 27.74 -77.83 47.54
CA ARG I 42 28.45 -78.95 48.16
C ARG I 42 29.08 -78.52 49.48
N PHE I 43 29.47 -77.26 49.56
CA PHE I 43 30.10 -76.73 50.77
C PHE I 43 29.07 -76.03 51.65
N ALA I 44 27.82 -76.47 51.55
CA ALA I 44 26.74 -75.88 52.33
C ALA I 44 26.52 -74.42 51.96
N VAL I 45 26.91 -74.05 50.75
CA VAL I 45 26.75 -72.69 50.27
C VAL I 45 25.85 -72.63 49.06
N ASN I 46 24.70 -71.99 49.21
CA ASN I 46 23.74 -71.86 48.11
C ASN I 46 24.37 -71.12 46.93
N PRO I 47 24.01 -71.55 45.71
CA PRO I 47 24.51 -70.94 44.48
C PRO I 47 23.97 -69.54 44.25
N GLY I 48 22.90 -69.20 44.97
CA GLY I 48 22.30 -67.88 44.83
C GLY I 48 23.24 -66.77 45.25
N LEU I 49 24.16 -67.09 46.16
CA LEU I 49 25.13 -66.11 46.64
C LEU I 49 25.91 -65.49 45.48
N LEU I 50 26.02 -66.23 44.39
CA LEU I 50 26.74 -65.76 43.22
C LEU I 50 25.89 -64.77 42.42
N GLU I 51 24.57 -64.90 42.53
CA GLU I 51 23.65 -64.02 41.83
C GLU I 51 23.56 -62.66 42.52
N THR I 52 24.21 -62.55 43.67
CA THR I 52 24.21 -61.30 44.42
C THR I 52 25.63 -60.84 44.73
N SER I 53 25.91 -59.58 44.43
CA SER I 53 27.24 -59.02 44.68
C SER I 53 27.64 -59.20 46.14
N GLU I 54 26.64 -59.28 47.01
CA GLU I 54 26.90 -59.45 48.44
C GLU I 54 27.28 -60.89 48.76
N GLY I 55 26.56 -61.84 48.16
CA GLY I 55 26.84 -63.24 48.39
C GLY I 55 28.24 -63.64 47.94
N CYS I 56 28.66 -63.10 46.80
CA CYS I 56 29.98 -63.41 46.26
C CYS I 56 31.07 -63.00 47.25
N ARG I 57 30.99 -61.77 47.75
CA ARG I 57 31.98 -61.26 48.70
C ARG I 57 32.15 -62.24 49.87
N GLN I 58 31.05 -62.78 50.35
CA GLN I 58 31.07 -63.72 51.47
C GLN I 58 31.83 -64.99 51.09
N ILE I 59 31.72 -65.39 49.82
CA ILE I 59 32.39 -66.59 49.32
C ILE I 59 33.90 -66.35 49.19
N LEU I 60 34.25 -65.28 48.49
CA LEU I 60 35.66 -64.94 48.28
C LEU I 60 36.38 -64.76 49.61
N GLY I 61 35.62 -64.40 50.65
CA GLY I 61 36.21 -64.20 51.96
C GLY I 61 36.69 -65.49 52.58
N GLN I 62 35.95 -66.57 52.35
CA GLN I 62 36.31 -67.87 52.89
C GLN I 62 37.39 -68.55 52.04
N LEU I 63 37.31 -68.34 50.73
CA LEU I 63 38.27 -68.91 49.81
C LEU I 63 39.58 -68.14 49.82
N GLN I 64 39.50 -66.86 50.18
CA GLN I 64 40.68 -66.01 50.24
C GLN I 64 41.79 -66.65 51.08
N PRO I 65 41.48 -66.89 52.37
CA PRO I 65 42.43 -67.50 53.30
C PRO I 65 42.67 -68.98 52.99
N SER I 66 41.76 -69.57 52.24
CA SER I 66 41.87 -70.99 51.89
C SER I 66 42.45 -71.14 50.48
N LEU I 67 43.24 -70.15 50.06
CA LEU I 67 43.85 -70.18 48.74
C LEU I 67 45.09 -71.07 48.74
N GLN I 68 45.78 -71.13 49.87
CA GLN I 68 46.98 -71.94 50.00
C GLN I 68 46.65 -73.30 50.60
N THR I 69 45.80 -73.29 51.63
CA THR I 69 45.40 -74.52 52.29
C THR I 69 44.36 -75.28 51.49
N GLY I 70 43.60 -74.55 50.67
CA GLY I 70 42.59 -75.18 49.85
C GLY I 70 43.17 -76.01 48.72
N SER I 71 42.33 -76.80 48.07
CA SER I 71 42.77 -77.66 46.97
C SER I 71 42.43 -77.03 45.63
N GLU I 72 42.66 -77.78 44.56
CA GLU I 72 42.37 -77.31 43.21
C GLU I 72 40.90 -76.94 43.06
N GLU I 73 40.02 -77.71 43.70
CA GLU I 73 38.60 -77.46 43.65
C GLU I 73 38.27 -76.05 44.11
N LEU I 74 39.06 -75.54 45.05
CA LEU I 74 38.86 -74.19 45.58
C LEU I 74 39.44 -73.15 44.64
N ARG I 75 40.57 -73.47 44.03
CA ARG I 75 41.23 -72.56 43.10
C ARG I 75 40.28 -72.14 41.98
N SER I 76 39.73 -73.13 41.28
CA SER I 76 38.82 -72.86 40.17
C SER I 76 37.69 -71.94 40.63
N LEU I 77 37.17 -72.18 41.83
CA LEU I 77 36.09 -71.37 42.38
C LEU I 77 36.48 -69.90 42.42
N TYR I 78 37.58 -69.61 43.10
CA TYR I 78 38.06 -68.24 43.23
C TYR I 78 38.18 -67.58 41.86
N ASN I 79 38.47 -68.38 40.84
CA ASN I 79 38.61 -67.88 39.49
C ASN I 79 37.27 -67.39 38.95
N THR I 80 36.26 -68.25 39.00
CA THR I 80 34.92 -67.90 38.52
C THR I 80 34.28 -66.83 39.40
N ILE I 81 34.26 -67.08 40.70
CA ILE I 81 33.67 -66.13 41.65
C ILE I 81 34.27 -64.74 41.47
N ALA I 82 35.51 -64.69 41.02
CA ALA I 82 36.21 -63.43 40.81
C ALA I 82 35.62 -62.67 39.62
N VAL I 83 35.75 -63.27 38.42
CA VAL I 83 35.24 -62.66 37.20
C VAL I 83 33.77 -62.27 37.36
N LEU I 84 33.02 -63.11 38.06
CA LEU I 84 31.59 -62.87 38.28
C LEU I 84 31.39 -61.67 39.20
N TYR I 85 32.03 -61.71 40.36
CA TYR I 85 31.91 -60.63 41.33
C TYR I 85 32.23 -59.29 40.69
N CYS I 86 33.33 -59.22 39.95
CA CYS I 86 33.72 -57.99 39.28
C CYS I 86 32.58 -57.44 38.43
N VAL I 87 31.79 -58.34 37.86
CA VAL I 87 30.67 -57.94 37.02
C VAL I 87 29.57 -57.28 37.84
N HIS I 88 29.24 -57.88 38.98
CA HIS I 88 28.22 -57.36 39.86
C HIS I 88 28.65 -56.03 40.48
N GLN I 89 29.93 -55.84 40.78
CA GLN I 89 30.40 -54.59 41.37
C GLN I 89 30.48 -53.49 40.31
N ARG I 90 31.48 -53.59 39.44
CA ARG I 90 31.68 -52.60 38.39
C ARG I 90 32.88 -52.97 37.52
N ILE I 91 33.91 -53.53 38.15
CA ILE I 91 35.12 -53.93 37.43
C ILE I 91 34.78 -54.79 36.21
N ASP I 92 35.27 -54.37 35.05
CA ASP I 92 35.03 -55.10 33.81
C ASP I 92 36.34 -55.66 33.24
N VAL I 93 37.01 -56.49 34.02
CA VAL I 93 38.27 -57.09 33.59
C VAL I 93 38.09 -57.88 32.30
N LYS I 94 39.19 -58.11 31.59
CA LYS I 94 39.16 -58.87 30.35
C LYS I 94 39.42 -60.34 30.59
N ASP I 95 40.17 -60.64 31.64
CA ASP I 95 40.49 -62.02 31.99
C ASP I 95 40.28 -62.27 33.48
N THR I 96 40.57 -63.50 33.92
CA THR I 96 40.41 -63.86 35.32
C THR I 96 41.57 -63.32 36.17
N LYS I 97 42.71 -63.13 35.54
CA LYS I 97 43.89 -62.61 36.23
C LYS I 97 43.66 -61.17 36.69
N GLU I 98 43.27 -60.31 35.76
CA GLU I 98 43.02 -58.91 36.07
C GLU I 98 42.05 -58.78 37.24
N ALA I 99 41.07 -59.69 37.30
CA ALA I 99 40.09 -59.68 38.36
C ALA I 99 40.73 -59.93 39.72
N LEU I 100 41.77 -60.77 39.74
CA LEU I 100 42.47 -61.09 40.97
C LEU I 100 43.26 -59.89 41.48
N ASP I 101 43.87 -59.15 40.57
CA ASP I 101 44.64 -57.96 40.92
C ASP I 101 43.74 -56.87 41.49
N LYS I 102 42.63 -56.62 40.80
CA LYS I 102 41.68 -55.60 41.22
C LYS I 102 41.19 -55.87 42.65
N ILE I 103 40.71 -57.09 42.88
CA ILE I 103 40.21 -57.47 44.19
C ILE I 103 41.34 -57.50 45.23
N GLU I 104 42.56 -57.73 44.75
CA GLU I 104 43.72 -57.79 45.63
C GLU I 104 44.08 -56.39 46.12
N GLU I 105 44.02 -55.41 45.22
CA GLU I 105 44.35 -54.03 45.57
C GLU I 105 43.27 -53.43 46.46
N GLU I 106 42.01 -53.68 46.12
CA GLU I 106 40.90 -53.17 46.89
C GLU I 106 41.02 -53.55 48.36
N GLN I 107 41.59 -54.73 48.61
CA GLN I 107 41.76 -55.22 49.98
C GLN I 107 42.94 -54.52 50.66
N ASN I 108 43.91 -54.08 49.86
CA ASN I 108 45.09 -53.41 50.38
C ASN I 108 44.73 -52.02 50.89
N LYS I 109 43.70 -51.41 50.30
CA LYS I 109 43.25 -50.09 50.70
C LYS I 109 42.62 -50.12 52.09
N SER I 110 41.86 -51.18 52.37
CA SER I 110 41.21 -51.33 53.66
C SER I 110 42.23 -51.58 54.76
N LYS I 111 43.35 -52.20 54.40
CA LYS I 111 44.40 -52.50 55.35
C LYS I 111 44.87 -51.23 56.06
N LYS I 112 44.91 -50.12 55.32
CA LYS I 112 45.34 -48.84 55.88
C LYS I 112 44.29 -48.29 56.84
N LYS I 113 43.03 -48.64 56.58
CA LYS I 113 41.92 -48.17 57.42
C LYS I 113 41.32 -49.32 58.21
N ALA I 114 42.16 -50.30 58.56
CA ALA I 114 41.70 -51.45 59.32
C ALA I 114 42.88 -52.32 59.76
N GLN I 115 43.93 -51.67 60.26
CA GLN I 115 45.12 -52.38 60.71
C GLN I 115 45.10 -52.56 62.22
N GLY J 1 10.79 33.11 -68.23
CA GLY J 1 9.58 32.31 -68.20
C GLY J 1 8.93 32.29 -66.84
N ALA J 2 9.41 31.41 -65.96
CA ALA J 2 8.87 31.29 -64.61
C ALA J 2 9.72 30.36 -63.76
N ARG J 3 11.00 30.68 -63.64
CA ARG J 3 11.93 29.86 -62.86
C ARG J 3 12.50 30.67 -61.70
N ALA J 4 13.41 30.04 -60.95
CA ALA J 4 14.04 30.70 -59.81
C ALA J 4 15.28 31.47 -60.25
N SER J 5 15.63 32.50 -59.49
CA SER J 5 16.80 33.32 -59.80
C SER J 5 17.04 34.35 -58.69
N VAL J 6 16.06 35.21 -58.46
CA VAL J 6 16.18 36.24 -57.43
C VAL J 6 16.24 35.63 -56.04
N LEU J 7 15.39 34.64 -55.80
CA LEU J 7 15.35 33.96 -54.50
C LEU J 7 15.77 32.50 -54.64
N SER J 8 16.68 32.07 -53.78
CA SER J 8 17.17 30.69 -53.80
C SER J 8 16.14 29.74 -53.20
N GLY J 9 16.53 28.48 -53.04
CA GLY J 9 15.64 27.48 -52.47
C GLY J 9 15.14 27.88 -51.09
N GLY J 10 16.06 28.20 -50.21
CA GLY J 10 15.70 28.58 -48.85
C GLY J 10 14.87 29.86 -48.81
N GLU J 11 15.27 30.85 -49.61
CA GLU J 11 14.55 32.11 -49.65
C GLU J 11 13.15 31.92 -50.23
N LEU J 12 13.03 31.02 -51.20
CA LEU J 12 11.75 30.76 -51.84
C LEU J 12 10.72 30.26 -50.81
N ASP J 13 11.15 29.35 -49.95
CA ASP J 13 10.29 28.81 -48.92
C ASP J 13 9.69 29.92 -48.06
N LYS J 14 10.56 30.77 -47.53
CA LYS J 14 10.12 31.88 -46.69
C LYS J 14 9.28 32.88 -47.49
N TRP J 15 9.71 33.14 -48.72
CA TRP J 15 9.02 34.08 -49.59
C TRP J 15 7.54 33.69 -49.73
N GLU J 16 7.31 32.44 -50.12
CA GLU J 16 5.94 31.94 -50.29
C GLU J 16 5.15 32.07 -48.99
N LYS J 17 5.86 32.08 -47.86
CA LYS J 17 5.23 32.19 -46.56
C LYS J 17 4.80 33.63 -46.29
N ILE J 18 5.73 34.56 -46.49
CA ILE J 18 5.45 35.97 -46.27
C ILE J 18 4.18 36.41 -47.01
N ARG J 19 3.39 37.24 -46.34
CA ARG J 19 2.14 37.73 -46.94
C ARG J 19 2.28 39.18 -47.38
N LEU J 20 1.55 39.56 -48.41
CA LEU J 20 1.59 40.92 -48.94
C LEU J 20 1.12 41.93 -47.88
N ARG J 21 0.26 41.46 -46.98
CA ARG J 21 -0.26 42.32 -45.92
C ARG J 21 -0.41 41.54 -44.62
N PRO J 22 -0.47 42.27 -43.50
CA PRO J 22 -0.62 41.67 -42.16
C PRO J 22 -1.99 41.05 -41.96
N GLY J 23 -3.03 41.73 -42.46
CA GLY J 23 -4.38 41.24 -42.31
C GLY J 23 -5.00 40.83 -43.64
N GLY J 24 -4.34 39.90 -44.33
CA GLY J 24 -4.84 39.43 -45.61
C GLY J 24 -4.84 37.92 -45.71
N LYS J 25 -5.14 37.42 -46.91
CA LYS J 25 -5.18 35.98 -47.15
C LYS J 25 -4.50 35.62 -48.47
N LYS J 26 -3.57 36.47 -48.90
CA LYS J 26 -2.84 36.25 -50.14
C LYS J 26 -1.34 36.28 -49.91
N GLN J 27 -0.74 35.10 -49.74
CA GLN J 27 0.69 34.99 -49.51
C GLN J 27 1.47 35.51 -50.72
N TYR J 28 2.79 35.54 -50.60
CA TYR J 28 3.65 36.00 -51.68
C TYR J 28 3.92 34.89 -52.68
N LYS J 29 4.10 35.27 -53.94
CA LYS J 29 4.36 34.30 -55.01
C LYS J 29 5.30 34.88 -56.05
N LEU J 30 5.85 34.01 -56.89
CA LEU J 30 6.77 34.45 -57.94
C LEU J 30 6.16 35.57 -58.77
N LYS J 31 4.84 35.57 -58.88
CA LYS J 31 4.13 36.58 -59.65
C LYS J 31 4.55 37.99 -59.21
N HIS J 32 4.77 38.15 -57.91
CA HIS J 32 5.18 39.44 -57.36
C HIS J 32 6.65 39.70 -57.63
N ILE J 33 7.51 38.69 -57.62
CA ILE J 33 8.93 38.89 -57.89
C ILE J 33 9.17 39.32 -59.33
N VAL J 34 8.39 38.76 -60.25
CA VAL J 34 8.52 39.09 -61.66
C VAL J 34 7.80 40.40 -61.99
N TRP J 35 6.66 40.61 -61.35
CA TRP J 35 5.87 41.82 -61.57
C TRP J 35 6.72 43.07 -61.31
N ALA J 36 7.62 42.98 -60.34
CA ALA J 36 8.48 44.10 -59.99
C ALA J 36 9.64 44.22 -60.99
N SER J 37 10.23 43.10 -61.34
CA SER J 37 11.35 43.07 -62.27
C SER J 37 10.98 43.77 -63.57
N ARG J 38 9.74 43.59 -64.01
CA ARG J 38 9.26 44.20 -65.23
C ARG J 38 9.17 45.73 -65.09
N GLU J 39 8.62 46.17 -63.98
CA GLU J 39 8.47 47.60 -63.72
C GLU J 39 9.84 48.25 -63.49
N LEU J 40 10.79 47.46 -63.03
CA LEU J 40 12.15 47.95 -62.77
C LEU J 40 12.84 48.33 -64.07
N GLU J 41 12.94 47.36 -64.99
CA GLU J 41 13.59 47.60 -66.27
C GLU J 41 12.98 48.81 -66.97
N ARG J 42 11.71 49.08 -66.69
CA ARG J 42 11.01 50.20 -67.29
C ARG J 42 11.61 51.53 -66.83
N PHE J 43 12.13 51.55 -65.61
CA PHE J 43 12.74 52.75 -65.05
C PHE J 43 14.26 52.73 -65.26
N ALA J 44 14.70 52.04 -66.30
CA ALA J 44 16.13 51.95 -66.60
C ALA J 44 16.88 51.22 -65.49
N VAL J 45 16.16 50.39 -64.74
CA VAL J 45 16.76 49.64 -63.65
C VAL J 45 16.64 48.14 -63.89
N ASN J 46 17.78 47.48 -64.07
CA ASN J 46 17.81 46.05 -64.30
C ASN J 46 17.18 45.29 -63.14
N PRO J 47 16.47 44.20 -63.46
CA PRO J 47 15.80 43.36 -62.46
C PRO J 47 16.80 42.57 -61.61
N GLY J 48 18.04 42.48 -62.09
CA GLY J 48 19.06 41.77 -61.35
C GLY J 48 19.36 42.39 -60.00
N LEU J 49 19.14 43.70 -59.89
CA LEU J 49 19.38 44.42 -58.65
C LEU J 49 18.61 43.79 -57.49
N LEU J 50 17.49 43.14 -57.82
CA LEU J 50 16.67 42.49 -56.81
C LEU J 50 17.29 41.16 -56.36
N GLU J 51 18.07 40.56 -57.25
CA GLU J 51 18.72 39.28 -56.93
C GLU J 51 19.92 39.50 -56.03
N THR J 52 20.26 40.76 -55.78
CA THR J 52 21.39 41.10 -54.93
C THR J 52 20.97 42.04 -53.81
N SER J 53 21.33 41.70 -52.58
CA SER J 53 20.99 42.51 -51.42
C SER J 53 21.48 43.94 -51.60
N GLU J 54 22.52 44.11 -52.40
CA GLU J 54 23.09 45.43 -52.66
C GLU J 54 22.22 46.21 -53.64
N GLY J 55 21.78 45.53 -54.70
CA GLY J 55 20.96 46.17 -55.70
C GLY J 55 19.64 46.67 -55.14
N CYS J 56 19.04 45.88 -54.25
CA CYS J 56 17.77 46.25 -53.64
C CYS J 56 17.89 47.56 -52.87
N ARG J 57 18.93 47.65 -52.04
CA ARG J 57 19.15 48.86 -51.25
C ARG J 57 19.16 50.10 -52.13
N GLN J 58 19.80 49.98 -53.30
CA GLN J 58 19.87 51.10 -54.24
C GLN J 58 18.49 51.49 -54.75
N ILE J 59 17.62 50.49 -54.90
CA ILE J 59 16.26 50.72 -55.38
C ILE J 59 15.41 51.40 -54.30
N LEU J 60 15.41 50.81 -53.11
CA LEU J 60 14.64 51.35 -52.00
C LEU J 60 15.06 52.79 -51.69
N GLY J 61 16.30 53.12 -52.02
CA GLY J 61 16.81 54.46 -51.77
C GLY J 61 16.13 55.49 -52.64
N GLN J 62 15.84 55.13 -53.88
CA GLN J 62 15.20 56.05 -54.82
C GLN J 62 13.69 56.09 -54.58
N LEU J 63 13.11 54.96 -54.22
CA LEU J 63 11.68 54.87 -53.96
C LEU J 63 11.34 55.46 -52.58
N GLN J 64 12.32 55.43 -51.68
CA GLN J 64 12.12 55.95 -50.33
C GLN J 64 11.56 57.37 -50.38
N PRO J 65 12.34 58.30 -50.97
CA PRO J 65 11.95 59.70 -51.10
C PRO J 65 10.81 59.90 -52.07
N SER J 66 10.60 58.91 -52.94
CA SER J 66 9.53 58.98 -53.94
C SER J 66 8.30 58.22 -53.46
N LEU J 67 8.15 58.10 -52.15
CA LEU J 67 7.01 57.40 -51.57
C LEU J 67 5.76 58.27 -51.58
N GLN J 68 5.95 59.58 -51.43
CA GLN J 68 4.84 60.52 -51.42
C GLN J 68 4.62 61.11 -52.81
N THR J 69 5.72 61.46 -53.48
CA THR J 69 5.65 62.03 -54.82
C THR J 69 5.38 60.96 -55.86
N GLY J 70 5.79 59.74 -55.57
CA GLY J 70 5.58 58.63 -56.50
C GLY J 70 4.13 58.23 -56.62
N SER J 71 3.82 57.41 -57.61
CA SER J 71 2.45 56.96 -57.83
C SER J 71 2.24 55.55 -57.28
N GLU J 72 1.08 54.98 -57.55
CA GLU J 72 0.76 53.64 -57.08
C GLU J 72 1.77 52.62 -57.60
N GLU J 73 2.22 52.82 -58.83
CA GLU J 73 3.19 51.92 -59.45
C GLU J 73 4.44 51.81 -58.59
N LEU J 74 4.78 52.89 -57.91
CA LEU J 74 5.96 52.93 -57.05
C LEU J 74 5.67 52.28 -55.70
N ARG J 75 4.45 52.48 -55.20
CA ARG J 75 4.06 51.90 -53.93
C ARG J 75 4.24 50.39 -53.93
N SER J 76 3.59 49.73 -54.89
CA SER J 76 3.69 48.28 -55.00
C SER J 76 5.13 47.81 -55.00
N LEU J 77 5.99 48.55 -55.70
CA LEU J 77 7.40 48.20 -55.78
C LEU J 77 8.02 48.15 -54.39
N TYR J 78 7.91 49.26 -53.65
CA TYR J 78 8.48 49.33 -52.31
C TYR J 78 7.99 48.16 -51.45
N ASN J 79 6.79 47.67 -51.75
CA ASN J 79 6.22 46.55 -51.02
C ASN J 79 6.99 45.26 -51.29
N THR J 80 7.16 44.94 -52.56
CA THR J 80 7.88 43.74 -52.96
C THR J 80 9.36 43.85 -52.63
N ILE J 81 9.97 44.94 -53.10
CA ILE J 81 11.40 45.17 -52.85
C ILE J 81 11.73 45.07 -51.37
N ALA J 82 10.74 45.39 -50.53
CA ALA J 82 10.93 45.34 -49.08
C ALA J 82 11.03 43.89 -48.60
N VAL J 83 9.93 43.14 -48.76
CA VAL J 83 9.90 41.74 -48.35
C VAL J 83 11.09 40.97 -48.90
N LEU J 84 11.46 41.28 -50.15
CA LEU J 84 12.58 40.62 -50.80
C LEU J 84 13.90 40.99 -50.14
N TYR J 85 14.15 42.29 -50.02
CA TYR J 85 15.37 42.78 -49.40
C TYR J 85 15.59 42.14 -48.03
N CYS J 86 14.54 42.15 -47.21
CA CYS J 86 14.61 41.58 -45.88
C CYS J 86 15.13 40.15 -45.93
N VAL J 87 14.77 39.43 -47.00
CA VAL J 87 15.20 38.05 -47.17
C VAL J 87 16.70 37.96 -47.41
N HIS J 88 17.20 38.81 -48.30
CA HIS J 88 18.62 38.84 -48.64
C HIS J 88 19.44 39.30 -47.44
N GLN J 89 18.95 40.21 -46.61
CA GLN J 89 19.71 40.67 -45.45
C GLN J 89 19.68 39.64 -44.33
N ARG J 90 18.54 39.52 -43.67
CA ARG J 90 18.37 38.58 -42.58
C ARG J 90 16.96 38.63 -42.01
N ILE J 91 16.38 39.82 -42.00
CA ILE J 91 15.02 40.00 -41.49
C ILE J 91 14.05 39.02 -42.14
N ASP J 92 13.33 38.27 -41.31
CA ASP J 92 12.36 37.30 -41.80
C ASP J 92 10.95 37.68 -41.39
N VAL J 93 10.50 38.86 -41.82
CA VAL J 93 9.16 39.34 -41.50
C VAL J 93 8.10 38.38 -41.99
N LYS J 94 6.91 38.48 -41.41
CA LYS J 94 5.79 37.60 -41.79
C LYS J 94 4.94 38.26 -42.88
N ASP J 95 4.92 39.59 -42.88
CA ASP J 95 4.15 40.34 -43.87
C ASP J 95 4.98 41.48 -44.47
N THR J 96 4.36 42.25 -45.35
CA THR J 96 5.04 43.36 -46.00
C THR J 96 5.14 44.57 -45.06
N LYS J 97 4.19 44.67 -44.13
CA LYS J 97 4.17 45.76 -43.17
C LYS J 97 5.38 45.71 -42.25
N GLU J 98 5.57 44.56 -41.61
CA GLU J 98 6.69 44.37 -40.69
C GLU J 98 8.01 44.74 -41.36
N ALA J 99 8.11 44.45 -42.65
CA ALA J 99 9.32 44.74 -43.42
C ALA J 99 9.56 46.25 -43.50
N LEU J 100 8.47 47.00 -43.57
CA LEU J 100 8.56 48.46 -43.65
C LEU J 100 9.06 49.06 -42.34
N ASP J 101 8.59 48.49 -41.23
CA ASP J 101 8.99 48.97 -39.91
C ASP J 101 10.46 48.68 -39.66
N LYS J 102 10.88 47.46 -39.97
CA LYS J 102 12.28 47.06 -39.78
C LYS J 102 13.22 47.98 -40.54
N ILE J 103 12.96 48.16 -41.83
CA ILE J 103 13.78 49.02 -42.66
C ILE J 103 13.68 50.48 -42.23
N GLU J 104 12.54 50.83 -41.64
CA GLU J 104 12.31 52.20 -41.17
C GLU J 104 13.16 52.50 -39.93
N GLU J 105 13.24 51.54 -39.03
CA GLU J 105 14.02 51.70 -37.81
C GLU J 105 15.51 51.69 -38.10
N GLU J 106 15.93 50.77 -38.96
CA GLU J 106 17.34 50.66 -39.34
C GLU J 106 17.87 51.99 -39.85
N GLN J 107 17.01 52.75 -40.50
CA GLN J 107 17.39 54.06 -41.05
C GLN J 107 17.46 55.11 -39.95
N ASN J 108 16.67 54.91 -38.89
CA ASN J 108 16.65 55.84 -37.77
C ASN J 108 17.94 55.76 -36.97
N LYS J 109 18.56 54.59 -36.97
CA LYS J 109 19.80 54.38 -36.23
C LYS J 109 20.95 55.14 -36.88
N SER J 110 20.96 55.17 -38.21
CA SER J 110 22.01 55.87 -38.95
C SER J 110 21.87 57.38 -38.78
N LYS J 111 20.65 57.85 -38.56
CA LYS J 111 20.39 59.26 -38.37
C LYS J 111 21.22 59.82 -37.23
N LYS J 112 21.40 59.02 -36.18
CA LYS J 112 22.18 59.43 -35.02
C LYS J 112 23.66 59.49 -35.35
N LYS J 113 24.08 58.67 -36.30
CA LYS J 113 25.49 58.62 -36.72
C LYS J 113 25.64 59.16 -38.13
N ALA J 114 24.79 60.12 -38.50
CA ALA J 114 24.85 60.72 -39.82
C ALA J 114 23.90 61.91 -39.92
N GLN J 115 23.91 62.76 -38.90
CA GLN J 115 23.05 63.94 -38.87
C GLN J 115 23.82 65.18 -39.31
N GLY K 1 -20.19 -39.37 21.58
CA GLY K 1 -20.45 -40.78 21.77
C GLY K 1 -19.83 -41.32 23.05
N ALA K 2 -18.55 -41.67 22.98
CA ALA K 2 -17.84 -42.21 24.14
C ALA K 2 -16.35 -42.34 23.86
N ARG K 3 -15.72 -41.24 23.46
CA ARG K 3 -14.30 -41.24 23.17
C ARG K 3 -13.53 -40.32 24.11
N ALA K 4 -12.23 -40.19 23.89
CA ALA K 4 -11.39 -39.34 24.73
C ALA K 4 -11.37 -37.91 24.21
N SER K 5 -11.13 -36.96 25.11
CA SER K 5 -11.10 -35.55 24.75
C SER K 5 -10.66 -34.70 25.93
N VAL K 6 -11.42 -34.76 27.01
CA VAL K 6 -11.12 -33.99 28.22
C VAL K 6 -9.81 -34.47 28.85
N LEU K 7 -9.64 -35.79 28.93
CA LEU K 7 -8.44 -36.37 29.51
C LEU K 7 -7.65 -37.13 28.47
N SER K 8 -6.34 -36.86 28.41
CA SER K 8 -5.46 -37.52 27.46
C SER K 8 -5.15 -38.95 27.89
N GLY K 9 -4.25 -39.60 27.17
CA GLY K 9 -3.89 -40.97 27.49
C GLY K 9 -3.36 -41.11 28.91
N GLY K 10 -2.38 -40.28 29.26
CA GLY K 10 -1.81 -40.33 30.59
C GLY K 10 -2.81 -39.98 31.67
N GLU K 11 -3.61 -38.95 31.42
CA GLU K 11 -4.61 -38.52 32.39
C GLU K 11 -5.69 -39.58 32.56
N LEU K 12 -6.02 -40.27 31.48
CA LEU K 12 -7.04 -41.31 31.51
C LEU K 12 -6.64 -42.42 32.48
N ASP K 13 -5.38 -42.84 32.42
CA ASP K 13 -4.87 -43.89 33.29
C ASP K 13 -5.11 -43.54 34.75
N LYS K 14 -4.66 -42.35 35.14
CA LYS K 14 -4.81 -41.89 36.52
C LYS K 14 -6.28 -41.71 36.86
N TRP K 15 -7.04 -41.15 35.92
CA TRP K 15 -8.47 -40.91 36.13
C TRP K 15 -9.18 -42.19 36.54
N GLU K 16 -9.00 -43.24 35.74
CA GLU K 16 -9.64 -44.53 36.03
C GLU K 16 -9.20 -45.05 37.40
N LYS K 17 -8.03 -44.62 37.85
CA LYS K 17 -7.51 -45.04 39.15
C LYS K 17 -8.21 -44.31 40.28
N ILE K 18 -8.28 -42.97 40.17
CA ILE K 18 -8.92 -42.16 41.19
C ILE K 18 -10.33 -42.67 41.50
N ARG K 19 -10.68 -42.66 42.78
CA ARG K 19 -11.99 -43.12 43.22
C ARG K 19 -12.89 -41.95 43.58
N LEU K 20 -14.19 -42.13 43.40
CA LEU K 20 -15.16 -41.08 43.71
C LEU K 20 -15.13 -40.74 45.20
N ARG K 21 -14.76 -41.71 46.02
CA ARG K 21 -14.69 -41.51 47.46
C ARG K 21 -13.50 -42.25 48.06
N PRO K 22 -13.07 -41.83 49.25
CA PRO K 22 -11.93 -42.43 49.95
C PRO K 22 -12.25 -43.84 50.46
N GLY K 23 -13.47 -44.03 50.95
CA GLY K 23 -13.88 -45.33 51.46
C GLY K 23 -14.95 -45.97 50.60
N GLY K 24 -14.66 -46.16 49.32
CA GLY K 24 -15.61 -46.77 48.42
C GLY K 24 -14.99 -47.86 47.57
N LYS K 25 -15.76 -48.36 46.61
CA LYS K 25 -15.29 -49.42 45.72
C LYS K 25 -15.70 -49.14 44.27
N LYS K 26 -15.88 -47.86 43.95
CA LYS K 26 -16.26 -47.46 42.61
C LYS K 26 -15.30 -46.42 42.05
N GLN K 27 -14.32 -46.86 41.29
CA GLN K 27 -13.34 -45.97 40.70
C GLN K 27 -14.00 -45.00 39.72
N TYR K 28 -13.21 -44.08 39.19
CA TYR K 28 -13.71 -43.09 38.24
C TYR K 28 -13.77 -43.66 36.83
N LYS K 29 -14.74 -43.18 36.05
CA LYS K 29 -14.89 -43.65 34.67
C LYS K 29 -15.39 -42.52 33.78
N LEU K 30 -15.29 -42.73 32.47
CA LEU K 30 -15.72 -41.72 31.50
C LEU K 30 -17.16 -41.29 31.78
N LYS K 31 -17.95 -42.19 32.34
CA LYS K 31 -19.34 -41.90 32.67
C LYS K 31 -19.45 -40.62 33.49
N HIS K 32 -18.49 -40.43 34.40
CA HIS K 32 -18.48 -39.24 35.25
C HIS K 32 -17.99 -38.02 34.47
N ILE K 33 -17.05 -38.16 33.54
CA ILE K 33 -16.57 -37.02 32.78
C ILE K 33 -17.65 -36.47 31.86
N VAL K 34 -18.46 -37.36 31.30
CA VAL K 34 -19.53 -36.96 30.40
C VAL K 34 -20.76 -36.49 31.18
N TRP K 35 -21.02 -37.15 32.30
CA TRP K 35 -22.16 -36.81 33.15
C TRP K 35 -22.10 -35.34 33.56
N ALA K 36 -20.89 -34.84 33.78
CA ALA K 36 -20.69 -33.45 34.18
C ALA K 36 -20.82 -32.51 32.98
N SER K 37 -20.23 -32.90 31.86
CA SER K 37 -20.27 -32.09 30.64
C SER K 37 -21.71 -31.77 30.27
N ARG K 38 -22.61 -32.74 30.46
CA ARG K 38 -24.01 -32.56 30.14
C ARG K 38 -24.66 -31.52 31.06
N GLU K 39 -24.39 -31.64 32.35
CA GLU K 39 -24.93 -30.72 33.34
C GLU K 39 -24.33 -29.32 33.17
N LEU K 40 -23.12 -29.27 32.62
CA LEU K 40 -22.44 -28.00 32.41
C LEU K 40 -23.15 -27.17 31.35
N GLU K 41 -23.31 -27.75 30.15
CA GLU K 41 -23.96 -27.06 29.05
C GLU K 41 -25.35 -26.57 29.47
N ARG K 42 -25.95 -27.26 30.43
CA ARG K 42 -27.28 -26.89 30.92
C ARG K 42 -27.24 -25.54 31.63
N PHE K 43 -26.10 -25.24 32.25
CA PHE K 43 -25.93 -23.98 32.97
C PHE K 43 -25.25 -22.94 32.08
N ALA K 44 -25.42 -23.08 30.78
CA ALA K 44 -24.82 -22.14 29.82
C ALA K 44 -23.30 -22.22 29.88
N VAL K 45 -22.78 -23.35 30.32
CA VAL K 45 -21.34 -23.55 30.42
C VAL K 45 -20.88 -24.71 29.53
N ASN K 46 -20.08 -24.38 28.52
CA ASN K 46 -19.59 -25.40 27.59
C ASN K 46 -18.75 -26.44 28.33
N PRO K 47 -18.86 -27.69 27.89
CA PRO K 47 -18.12 -28.82 28.50
C PRO K 47 -16.64 -28.75 28.21
N GLY K 48 -16.26 -27.94 27.23
CA GLY K 48 -14.85 -27.79 26.88
C GLY K 48 -14.03 -27.20 28.01
N LEU K 49 -14.69 -26.43 28.87
CA LEU K 49 -14.00 -25.80 30.00
C LEU K 49 -13.32 -26.85 30.87
N LEU K 50 -13.84 -28.07 30.84
CA LEU K 50 -13.28 -29.16 31.63
C LEU K 50 -12.02 -29.72 30.97
N GLU K 51 -11.94 -29.58 29.64
CA GLU K 51 -10.79 -30.06 28.90
C GLU K 51 -9.59 -29.13 29.07
N THR K 52 -9.82 -28.00 29.73
CA THR K 52 -8.77 -27.02 29.96
C THR K 52 -8.64 -26.68 31.44
N SER K 53 -7.41 -26.75 31.95
CA SER K 53 -7.16 -26.46 33.36
C SER K 53 -7.68 -25.08 33.73
N GLU K 54 -7.76 -24.19 32.74
CA GLU K 54 -8.24 -22.84 32.97
C GLU K 54 -9.77 -22.82 33.08
N GLY K 55 -10.43 -23.55 32.20
CA GLY K 55 -11.88 -23.60 32.22
C GLY K 55 -12.43 -24.18 33.51
N CYS K 56 -11.76 -25.21 34.03
CA CYS K 56 -12.19 -25.85 35.26
C CYS K 56 -12.18 -24.86 36.42
N ARG K 57 -11.08 -24.13 36.56
CA ARG K 57 -10.95 -23.14 37.63
C ARG K 57 -12.14 -22.19 37.63
N GLN K 58 -12.57 -21.77 36.45
CA GLN K 58 -13.70 -20.87 36.32
C GLN K 58 -14.99 -21.51 36.82
N ILE K 59 -15.11 -22.81 36.63
CA ILE K 59 -16.29 -23.55 37.07
C ILE K 59 -16.30 -23.71 38.59
N LEU K 60 -15.18 -24.20 39.14
CA LEU K 60 -15.07 -24.40 40.58
C LEU K 60 -15.28 -23.09 41.33
N GLY K 61 -15.00 -21.98 40.65
CA GLY K 61 -15.17 -20.68 41.27
C GLY K 61 -16.63 -20.34 41.52
N GLN K 62 -17.49 -20.73 40.59
CA GLN K 62 -18.91 -20.46 40.71
C GLN K 62 -19.59 -21.48 41.64
N LEU K 63 -19.12 -22.71 41.59
CA LEU K 63 -19.67 -23.77 42.43
C LEU K 63 -19.15 -23.66 43.85
N GLN K 64 -17.98 -23.06 44.01
CA GLN K 64 -17.38 -22.89 45.34
C GLN K 64 -18.36 -22.24 46.30
N PRO K 65 -18.78 -21.01 45.97
CA PRO K 65 -19.73 -20.25 46.80
C PRO K 65 -21.13 -20.84 46.76
N SER K 66 -21.40 -21.65 45.74
CA SER K 66 -22.71 -22.28 45.59
C SER K 66 -22.69 -23.71 46.13
N LEU K 67 -21.80 -23.97 47.08
CA LEU K 67 -21.68 -25.30 47.68
C LEU K 67 -22.76 -25.52 48.72
N GLN K 68 -23.15 -24.44 49.41
CA GLN K 68 -24.17 -24.53 50.44
C GLN K 68 -25.55 -24.17 49.87
N THR K 69 -25.58 -23.14 49.03
CA THR K 69 -26.83 -22.70 48.43
C THR K 69 -27.22 -23.59 47.26
N GLY K 70 -26.23 -24.22 46.63
CA GLY K 70 -26.48 -25.10 45.52
C GLY K 70 -27.17 -26.39 45.93
N SER K 71 -27.66 -27.15 44.96
CA SER K 71 -28.35 -28.41 45.23
C SER K 71 -27.42 -29.60 45.00
N GLU K 72 -27.98 -30.80 45.08
CA GLU K 72 -27.21 -32.01 44.87
C GLU K 72 -26.56 -32.02 43.49
N GLU K 73 -27.27 -31.51 42.51
CA GLU K 73 -26.77 -31.45 41.14
C GLU K 73 -25.43 -30.72 41.08
N LEU K 74 -25.28 -29.73 41.96
CA LEU K 74 -24.04 -28.94 42.01
C LEU K 74 -22.95 -29.69 42.76
N ARG K 75 -23.35 -30.40 43.82
CA ARG K 75 -22.40 -31.16 44.63
C ARG K 75 -21.61 -32.15 43.76
N SER K 76 -22.33 -33.01 43.04
CA SER K 76 -21.70 -33.99 42.18
C SER K 76 -20.69 -33.33 41.24
N LEU K 77 -21.06 -32.18 40.70
CA LEU K 77 -20.19 -31.44 39.79
C LEU K 77 -18.86 -31.13 40.43
N TYR K 78 -18.91 -30.45 41.57
CA TYR K 78 -17.69 -30.09 42.30
C TYR K 78 -16.81 -31.31 42.54
N ASN K 79 -17.44 -32.47 42.66
CA ASN K 79 -16.71 -33.71 42.88
C ASN K 79 -15.89 -34.10 41.66
N THR K 80 -16.56 -34.16 40.50
CA THR K 80 -15.90 -34.51 39.26
C THR K 80 -14.91 -33.42 38.83
N ILE K 81 -15.40 -32.18 38.77
CA ILE K 81 -14.58 -31.06 38.37
C ILE K 81 -13.31 -30.98 39.20
N ALA K 82 -13.39 -31.47 40.43
CA ALA K 82 -12.25 -31.46 41.35
C ALA K 82 -11.19 -32.48 40.90
N VAL K 83 -11.55 -33.75 40.92
CA VAL K 83 -10.64 -34.81 40.52
C VAL K 83 -10.04 -34.53 39.15
N LEU K 84 -10.85 -33.97 38.26
CA LEU K 84 -10.40 -33.65 36.90
C LEU K 84 -9.39 -32.51 36.93
N TYR K 85 -9.77 -31.41 37.56
CA TYR K 85 -8.90 -30.24 37.65
C TYR K 85 -7.52 -30.63 38.19
N CYS K 86 -7.51 -31.38 39.28
CA CYS K 86 -6.27 -31.82 39.90
C CYS K 86 -5.37 -32.51 38.88
N VAL K 87 -5.98 -33.21 37.93
CA VAL K 87 -5.24 -33.91 36.89
C VAL K 87 -4.56 -32.93 35.93
N HIS K 88 -5.31 -31.92 35.50
CA HIS K 88 -4.79 -30.91 34.60
C HIS K 88 -3.71 -30.07 35.27
N GLN K 89 -3.82 -29.79 36.57
CA GLN K 89 -2.80 -29.00 37.26
C GLN K 89 -1.55 -29.83 37.54
N ARG K 90 -1.66 -30.73 38.49
CA ARG K 90 -0.54 -31.59 38.87
C ARG K 90 -0.93 -32.56 39.98
N ILE K 91 -1.78 -32.09 40.88
CA ILE K 91 -2.24 -32.93 42.00
C ILE K 91 -2.77 -34.26 41.51
N ASP K 92 -2.23 -35.35 42.05
CA ASP K 92 -2.65 -36.69 41.68
C ASP K 92 -3.30 -37.42 42.85
N VAL K 93 -4.38 -36.84 43.36
CA VAL K 93 -5.10 -37.42 44.49
C VAL K 93 -5.58 -38.83 44.16
N LYS K 94 -5.87 -39.61 45.20
CA LYS K 94 -6.34 -40.99 45.02
C LYS K 94 -7.86 -41.03 45.01
N ASP K 95 -8.49 -40.08 45.70
CA ASP K 95 -9.95 -40.02 45.77
C ASP K 95 -10.44 -38.60 45.51
N THR K 96 -11.75 -38.42 45.59
CA THR K 96 -12.35 -37.10 45.38
C THR K 96 -12.20 -36.22 46.61
N LYS K 97 -12.10 -36.85 47.77
CA LYS K 97 -11.95 -36.12 49.03
C LYS K 97 -10.61 -35.39 49.07
N GLU K 98 -9.53 -36.12 48.83
CA GLU K 98 -8.20 -35.53 48.84
C GLU K 98 -8.12 -34.32 47.92
N ALA K 99 -8.84 -34.40 46.80
CA ALA K 99 -8.86 -33.31 45.83
C ALA K 99 -9.48 -32.05 46.43
N LEU K 100 -10.47 -32.24 47.30
CA LEU K 100 -11.15 -31.14 47.94
C LEU K 100 -10.23 -30.42 48.93
N ASP K 101 -9.44 -31.21 49.66
CA ASP K 101 -8.51 -30.67 50.64
C ASP K 101 -7.40 -29.87 49.95
N LYS K 102 -6.84 -30.45 48.90
CA LYS K 102 -5.76 -29.80 48.16
C LYS K 102 -6.21 -28.44 47.64
N ILE K 103 -7.34 -28.41 46.94
CA ILE K 103 -7.88 -27.18 46.40
C ILE K 103 -8.30 -26.22 47.51
N GLU K 104 -8.66 -26.78 48.66
CA GLU K 104 -9.09 -25.98 49.79
C GLU K 104 -7.90 -25.24 50.42
N GLU K 105 -6.78 -25.93 50.53
CA GLU K 105 -5.57 -25.35 51.09
C GLU K 105 -4.97 -24.31 50.16
N GLU K 106 -4.93 -24.64 48.87
CA GLU K 106 -4.38 -23.73 47.87
C GLU K 106 -5.06 -22.37 47.92
N GLN K 107 -6.35 -22.38 48.28
CA GLN K 107 -7.11 -21.14 48.38
C GLN K 107 -6.78 -20.39 49.66
N ASN K 108 -6.38 -21.14 50.68
CA ASN K 108 -6.04 -20.54 51.97
C ASN K 108 -4.73 -19.76 51.88
N LYS K 109 -3.86 -20.18 50.97
CA LYS K 109 -2.58 -19.52 50.77
C LYS K 109 -2.77 -18.13 50.16
N SER K 110 -3.71 -18.03 49.22
CA SER K 110 -3.98 -16.77 48.55
C SER K 110 -4.63 -15.78 49.51
N LYS K 111 -5.35 -16.29 50.51
CA LYS K 111 -6.01 -15.46 51.50
C LYS K 111 -5.01 -14.54 52.19
N LYS K 112 -3.81 -15.05 52.43
CA LYS K 112 -2.76 -14.28 53.09
C LYS K 112 -2.21 -13.20 52.16
N LYS K 113 -2.28 -13.46 50.86
CA LYS K 113 -1.79 -12.51 49.86
C LYS K 113 -2.95 -11.92 49.06
N ALA K 114 -4.11 -11.80 49.70
CA ALA K 114 -5.29 -11.26 49.05
C ALA K 114 -6.42 -11.04 50.05
N GLN K 115 -6.08 -10.48 51.20
CA GLN K 115 -7.07 -10.22 52.25
C GLN K 115 -7.54 -8.76 52.21
N GLY L 1 -8.93 21.29 -45.97
CA GLY L 1 -9.26 19.86 -45.98
C GLY L 1 -8.74 19.16 -44.75
N ALA L 2 -7.47 18.75 -44.78
CA ALA L 2 -6.87 18.05 -43.66
C ALA L 2 -5.36 17.88 -43.87
N ARG L 3 -4.67 19.00 -44.07
CA ARG L 3 -3.23 18.98 -44.29
C ARG L 3 -2.50 19.73 -43.18
N ALA L 4 -1.18 19.82 -43.31
CA ALA L 4 -0.37 20.53 -42.32
C ALA L 4 -0.27 22.01 -42.65
N SER L 5 -0.05 22.83 -41.62
CA SER L 5 0.07 24.27 -41.80
C SER L 5 0.46 24.95 -40.49
N VAL L 6 -0.38 24.79 -39.47
CA VAL L 6 -0.12 25.38 -38.16
C VAL L 6 1.12 24.77 -37.52
N LEU L 7 1.23 23.45 -37.60
CA LEU L 7 2.36 22.74 -37.02
C LEU L 7 3.21 22.09 -38.11
N SER L 8 4.52 22.29 -38.04
CA SER L 8 5.43 21.73 -39.02
C SER L 8 5.66 20.24 -38.76
N GLY L 9 6.58 19.64 -39.51
CA GLY L 9 6.88 18.23 -39.34
C GLY L 9 7.30 17.90 -37.92
N GLY L 10 8.29 18.63 -37.41
CA GLY L 10 8.77 18.39 -36.07
C GLY L 10 7.72 18.64 -35.01
N GLU L 11 6.97 19.73 -35.17
CA GLU L 11 5.92 20.08 -34.22
C GLU L 11 4.80 19.05 -34.25
N LEU L 12 4.51 18.53 -35.44
CA LEU L 12 3.47 17.53 -35.59
C LEU L 12 3.75 16.29 -34.75
N ASP L 13 5.00 15.84 -34.80
CA ASP L 13 5.41 14.65 -34.04
C ASP L 13 5.10 14.83 -32.55
N LYS L 14 5.55 15.94 -31.98
CA LYS L 14 5.33 16.22 -30.57
C LYS L 14 3.84 16.44 -30.29
N TRP L 15 3.18 17.14 -31.20
CA TRP L 15 1.74 17.42 -31.06
C TRP L 15 0.96 16.12 -30.85
N GLU L 16 1.15 15.18 -31.76
CA GLU L 16 0.46 13.89 -31.68
C GLU L 16 0.77 13.19 -30.37
N LYS L 17 1.93 13.50 -29.79
CA LYS L 17 2.35 12.90 -28.54
C LYS L 17 1.61 13.52 -27.36
N ILE L 18 1.59 14.85 -27.31
CA ILE L 18 0.91 15.56 -26.24
C ILE L 18 -0.53 15.08 -26.08
N ARG L 19 -0.96 14.94 -24.82
CA ARG L 19 -2.32 14.49 -24.54
C ARG L 19 -3.20 15.64 -24.08
N LEU L 20 -4.49 15.55 -24.36
CA LEU L 20 -5.44 16.59 -23.98
C LEU L 20 -5.49 16.75 -22.46
N ARG L 21 -5.21 15.65 -21.75
CA ARG L 21 -5.22 15.67 -20.29
C ARG L 21 -4.10 14.81 -19.73
N PRO L 22 -3.74 15.07 -18.46
CA PRO L 22 -2.68 14.33 -17.77
C PRO L 22 -3.08 12.89 -17.48
N GLY L 23 -4.33 12.69 -17.09
CA GLY L 23 -4.81 11.36 -16.77
C GLY L 23 -5.86 10.88 -17.77
N GLY L 24 -5.48 10.83 -19.05
CA GLY L 24 -6.41 10.39 -20.07
C GLY L 24 -5.77 9.39 -21.02
N LYS L 25 -6.49 9.04 -22.08
CA LYS L 25 -6.00 8.08 -23.06
C LYS L 25 -6.29 8.56 -24.48
N LYS L 26 -6.41 9.88 -24.65
CA LYS L 26 -6.69 10.46 -25.95
C LYS L 26 -5.66 11.53 -26.31
N GLN L 27 -4.64 11.12 -27.07
CA GLN L 27 -3.59 12.05 -27.48
C GLN L 27 -4.15 13.17 -28.36
N TYR L 28 -3.30 14.11 -28.72
CA TYR L 28 -3.71 15.23 -29.56
C TYR L 28 -3.69 14.85 -31.03
N LYS L 29 -4.58 15.45 -31.81
CA LYS L 29 -4.67 15.17 -33.24
C LYS L 29 -5.06 16.42 -34.01
N LEU L 30 -4.87 16.38 -35.33
CA LEU L 30 -5.21 17.51 -36.18
C LEU L 30 -6.65 17.98 -35.93
N LYS L 31 -7.50 17.04 -35.54
CA LYS L 31 -8.91 17.35 -35.26
C LYS L 31 -9.02 18.52 -34.29
N HIS L 32 -8.12 18.55 -33.32
CA HIS L 32 -8.12 19.63 -32.32
C HIS L 32 -7.54 20.91 -32.90
N ILE L 33 -6.55 20.84 -33.78
CA ILE L 33 -5.96 22.04 -34.37
C ILE L 33 -6.96 22.76 -35.27
N VAL L 34 -7.77 21.98 -36.00
CA VAL L 34 -8.77 22.54 -36.88
C VAL L 34 -10.02 22.96 -36.13
N TRP L 35 -10.39 22.17 -35.12
CA TRP L 35 -11.57 22.47 -34.31
C TRP L 35 -11.47 23.87 -33.71
N ALA L 36 -10.26 24.28 -33.36
CA ALA L 36 -10.05 25.60 -32.78
C ALA L 36 -10.06 26.68 -33.85
N SER L 37 -9.41 26.42 -34.97
CA SER L 37 -9.34 27.37 -36.07
C SER L 37 -10.74 27.80 -36.50
N ARG L 38 -11.68 26.86 -36.48
CA ARG L 38 -13.06 27.13 -36.86
C ARG L 38 -13.73 28.08 -35.85
N GLU L 39 -13.54 27.79 -34.57
CA GLU L 39 -14.12 28.60 -33.51
C GLU L 39 -13.46 29.98 -33.47
N LEU L 40 -12.21 30.05 -33.92
CA LEU L 40 -11.47 31.31 -33.93
C LEU L 40 -12.08 32.28 -34.92
N GLU L 41 -12.17 31.87 -36.18
CA GLU L 41 -12.74 32.72 -37.23
C GLU L 41 -14.12 33.22 -36.83
N ARG L 42 -14.82 32.44 -36.01
CA ARG L 42 -16.15 32.80 -35.56
C ARG L 42 -16.11 34.05 -34.68
N PHE L 43 -15.00 34.22 -33.96
CA PHE L 43 -14.85 35.37 -33.08
C PHE L 43 -14.07 36.48 -33.78
N ALA L 44 -14.16 36.52 -35.10
CA ALA L 44 -13.46 37.54 -35.89
C ALA L 44 -11.95 37.39 -35.76
N VAL L 45 -11.50 36.19 -35.42
CA VAL L 45 -10.08 35.91 -35.27
C VAL L 45 -9.61 34.85 -36.26
N ASN L 46 -8.74 35.27 -37.18
CA ASN L 46 -8.21 34.37 -38.20
C ASN L 46 -7.47 33.20 -37.55
N PRO L 47 -7.59 32.00 -38.15
CA PRO L 47 -6.94 30.78 -37.65
C PRO L 47 -5.43 30.83 -37.83
N GLY L 48 -4.96 31.73 -38.68
CA GLY L 48 -3.53 31.85 -38.92
C GLY L 48 -2.77 32.26 -37.67
N LEU L 49 -3.44 32.95 -36.76
CA LEU L 49 -2.82 33.40 -35.53
C LEU L 49 -2.23 32.23 -34.76
N LEU L 50 -2.80 31.05 -34.97
CA LEU L 50 -2.33 29.84 -34.30
C LEU L 50 -1.06 29.31 -34.95
N GLU L 51 -0.88 29.62 -36.23
CA GLU L 51 0.30 29.17 -36.97
C GLU L 51 1.51 30.02 -36.61
N THR L 52 1.29 31.07 -35.82
CA THR L 52 2.36 31.97 -35.41
C THR L 52 2.41 32.10 -33.89
N SER L 53 3.59 31.92 -33.32
CA SER L 53 3.76 32.03 -31.87
C SER L 53 3.26 33.37 -31.36
N GLU L 54 3.29 34.38 -32.23
CA GLU L 54 2.84 35.71 -31.86
C GLU L 54 1.32 35.78 -31.83
N GLY L 55 0.68 35.20 -32.85
CA GLY L 55 -0.77 35.20 -32.92
C GLY L 55 -1.41 34.50 -31.75
N CYS L 56 -0.83 33.38 -31.33
CA CYS L 56 -1.35 32.60 -30.21
C CYS L 56 -1.39 33.45 -28.94
N ARG L 57 -0.28 34.11 -28.64
CA ARG L 57 -0.18 34.95 -27.45
C ARG L 57 -1.34 35.95 -27.39
N GLN L 58 -1.67 36.52 -28.54
CA GLN L 58 -2.75 37.49 -28.63
C GLN L 58 -4.09 36.85 -28.28
N ILE L 59 -4.24 35.58 -28.65
CA ILE L 59 -5.47 34.85 -28.38
C ILE L 59 -5.59 34.50 -26.89
N LEU L 60 -4.54 33.90 -26.35
CA LEU L 60 -4.53 33.51 -24.95
C LEU L 60 -4.74 34.73 -24.04
N GLY L 61 -4.38 35.90 -24.56
CA GLY L 61 -4.53 37.13 -23.78
C GLY L 61 -5.99 37.50 -23.59
N GLN L 62 -6.81 37.26 -24.61
CA GLN L 62 -8.23 37.57 -24.54
C GLN L 62 -8.99 36.49 -23.79
N LEU L 63 -8.56 35.24 -23.97
CA LEU L 63 -9.21 34.11 -23.31
C LEU L 63 -8.79 34.02 -21.84
N GLN L 64 -7.60 34.55 -21.54
CA GLN L 64 -7.08 34.52 -20.19
C GLN L 64 -8.10 35.09 -19.20
N PRO L 65 -8.46 36.36 -19.40
CA PRO L 65 -9.42 37.06 -18.54
C PRO L 65 -10.85 36.53 -18.73
N SER L 66 -11.07 35.87 -19.86
CA SER L 66 -12.39 35.33 -20.16
C SER L 66 -12.47 33.85 -19.81
N LEU L 67 -11.65 33.43 -18.86
CA LEU L 67 -11.61 32.04 -18.42
C LEU L 67 -12.77 31.74 -17.48
N GLN L 68 -13.16 32.73 -16.70
CA GLN L 68 -14.26 32.56 -15.75
C GLN L 68 -15.58 33.05 -16.35
N THR L 69 -15.52 34.17 -17.04
CA THR L 69 -16.71 34.76 -17.67
C THR L 69 -17.05 34.02 -18.97
N GLY L 70 -16.04 33.43 -19.59
CA GLY L 70 -16.26 32.71 -20.83
C GLY L 70 -17.03 31.42 -20.62
N SER L 71 -17.46 30.81 -21.72
CA SER L 71 -18.22 29.56 -21.64
C SER L 71 -17.33 28.37 -21.97
N GLU L 72 -17.93 27.19 -22.09
CA GLU L 72 -17.19 25.97 -22.39
C GLU L 72 -16.45 26.11 -23.72
N GLU L 73 -17.08 26.78 -24.68
CA GLU L 73 -16.49 26.97 -25.99
C GLU L 73 -15.13 27.65 -25.88
N LEU L 74 -14.98 28.51 -24.87
CA LEU L 74 -13.74 29.23 -24.65
C LEU L 74 -12.72 28.35 -23.93
N ARG L 75 -13.21 27.53 -23.01
CA ARG L 75 -12.35 26.64 -22.24
C ARG L 75 -11.55 25.73 -23.17
N SER L 76 -12.24 25.00 -24.03
CA SER L 76 -11.59 24.11 -24.98
C SER L 76 -10.51 24.83 -25.77
N LEU L 77 -10.79 26.06 -26.17
CA LEU L 77 -9.85 26.87 -26.93
C LEU L 77 -8.54 27.03 -26.16
N TYR L 78 -8.64 27.57 -24.96
CA TYR L 78 -7.46 27.79 -24.12
C TYR L 78 -6.65 26.51 -23.99
N ASN L 79 -7.33 25.36 -24.06
CA ASN L 79 -6.66 24.07 -23.95
C ASN L 79 -5.78 23.81 -25.16
N THR L 80 -6.36 23.92 -26.35
CA THR L 80 -5.63 23.70 -27.59
C THR L 80 -4.59 24.79 -27.83
N ILE L 81 -5.03 26.04 -27.75
CA ILE L 81 -4.14 27.18 -27.95
C ILE L 81 -2.92 27.09 -27.03
N ALA L 82 -3.11 26.45 -25.88
CA ALA L 82 -2.03 26.29 -24.91
C ALA L 82 -0.98 25.30 -25.42
N VAL L 83 -1.38 24.04 -25.59
CA VAL L 83 -0.48 23.00 -26.06
C VAL L 83 0.21 23.43 -27.35
N LEU L 84 -0.52 24.12 -28.21
CA LEU L 84 0.03 24.60 -29.47
C LEU L 84 1.08 25.68 -29.25
N TYR L 85 0.70 26.72 -28.50
CA TYR L 85 1.61 27.82 -28.21
C TYR L 85 2.93 27.30 -27.64
N CYS L 86 2.84 26.42 -26.66
CA CYS L 86 4.03 25.85 -26.03
C CYS L 86 4.96 25.26 -27.08
N VAL L 87 4.38 24.71 -28.15
CA VAL L 87 5.17 24.12 -29.22
C VAL L 87 5.94 25.17 -30.00
N HIS L 88 5.26 26.27 -30.33
CA HIS L 88 5.88 27.36 -31.07
C HIS L 88 6.95 28.05 -30.23
N GLN L 89 6.77 28.18 -28.92
CA GLN L 89 7.75 28.83 -28.07
C GLN L 89 8.95 27.92 -27.82
N ARG L 90 8.75 26.90 -27.00
CA ARG L 90 9.82 25.96 -26.68
C ARG L 90 9.31 24.87 -25.73
N ILE L 91 8.42 25.25 -24.82
CA ILE L 91 7.87 24.32 -23.85
C ILE L 91 7.32 23.07 -24.55
N ASP L 92 7.78 21.91 -24.10
CA ASP L 92 7.34 20.64 -24.68
C ASP L 92 6.58 19.81 -23.64
N VAL L 93 5.49 20.36 -23.13
CA VAL L 93 4.69 19.67 -22.13
C VAL L 93 4.17 18.34 -22.67
N LYS L 94 3.79 17.45 -21.75
CA LYS L 94 3.28 16.13 -22.13
C LYS L 94 1.76 16.15 -22.24
N ASP L 95 1.12 17.03 -21.48
CA ASP L 95 -0.34 17.15 -21.50
C ASP L 95 -0.76 18.62 -21.58
N THR L 96 -2.06 18.85 -21.58
CA THR L 96 -2.60 20.20 -21.65
C THR L 96 -2.49 20.92 -20.31
N LYS L 97 -2.50 20.14 -19.23
CA LYS L 97 -2.40 20.70 -17.89
C LYS L 97 -1.04 21.36 -17.67
N GLU L 98 0.03 20.62 -17.94
CA GLU L 98 1.38 21.14 -17.77
C GLU L 98 1.56 22.45 -18.52
N ALA L 99 0.91 22.54 -19.68
CA ALA L 99 0.99 23.75 -20.50
C ALA L 99 0.38 24.95 -19.79
N LEU L 100 -0.67 24.69 -19.01
CA LEU L 100 -1.34 25.76 -18.28
C LEU L 100 -0.47 26.28 -17.15
N ASP L 101 0.24 25.38 -16.48
CA ASP L 101 1.12 25.76 -15.39
C ASP L 101 2.30 26.58 -15.90
N LYS L 102 2.92 26.12 -16.98
CA LYS L 102 4.06 26.80 -17.56
C LYS L 102 3.69 28.24 -17.93
N ILE L 103 2.61 28.39 -18.68
CA ILE L 103 2.15 29.71 -19.10
C ILE L 103 1.70 30.54 -17.91
N GLU L 104 1.24 29.85 -16.86
CA GLU L 104 0.77 30.53 -15.66
C GLU L 104 1.94 31.13 -14.88
N GLU L 105 3.03 30.37 -14.79
CA GLU L 105 4.22 30.83 -14.07
C GLU L 105 4.91 31.95 -14.84
N GLU L 106 5.03 31.78 -16.15
CA GLU L 106 5.69 32.78 -16.99
C GLU L 106 5.05 34.16 -16.80
N GLN L 107 3.75 34.17 -16.53
CA GLN L 107 3.02 35.41 -16.32
C GLN L 107 3.29 35.98 -14.94
N ASN L 108 3.59 35.10 -14.00
CA ASN L 108 3.88 35.51 -12.62
C ASN L 108 5.21 36.24 -12.54
N LYS L 109 6.13 35.89 -13.43
CA LYS L 109 7.45 36.52 -13.47
C LYS L 109 7.34 37.97 -13.91
N SER L 110 6.47 38.23 -14.88
CA SER L 110 6.28 39.58 -15.40
C SER L 110 5.62 40.47 -14.36
N LYS L 111 4.82 39.86 -13.49
CA LYS L 111 4.12 40.60 -12.45
C LYS L 111 5.11 41.38 -11.57
N LYS L 112 6.27 40.79 -11.34
CA LYS L 112 7.30 41.42 -10.52
C LYS L 112 7.94 42.59 -11.27
N LYS L 113 7.96 42.50 -12.60
CA LYS L 113 8.54 43.55 -13.43
C LYS L 113 7.45 44.28 -14.21
N ALA L 114 6.27 44.37 -13.64
CA ALA L 114 5.15 45.05 -14.28
C ALA L 114 3.96 45.19 -13.33
N GLN L 115 4.26 45.58 -12.10
CA GLN L 115 3.21 45.75 -11.10
C GLN L 115 2.80 47.22 -10.98
N GLY M 1 55.39 -41.70 -29.81
CA GLY M 1 55.23 -43.14 -29.71
C GLY M 1 55.74 -43.70 -28.39
N ALA M 2 57.04 -43.95 -28.33
CA ALA M 2 57.66 -44.49 -27.12
C ALA M 2 59.18 -44.50 -27.24
N ARG M 3 59.76 -43.33 -27.49
CA ARG M 3 61.21 -43.21 -27.63
C ARG M 3 61.77 -42.29 -26.56
N ALA M 4 63.08 -42.06 -26.62
CA ALA M 4 63.76 -41.19 -25.66
C ALA M 4 63.71 -39.74 -26.10
N SER M 5 63.77 -38.82 -25.13
CA SER M 5 63.74 -37.40 -25.42
C SER M 5 63.98 -36.58 -24.16
N VAL M 6 63.10 -36.76 -23.17
CA VAL M 6 63.21 -36.04 -21.91
C VAL M 6 64.47 -36.45 -21.15
N LEU M 7 64.73 -37.76 -21.11
CA LEU M 7 65.90 -38.28 -20.42
C LEU M 7 66.87 -38.92 -21.40
N SER M 8 68.15 -38.56 -21.29
CA SER M 8 69.18 -39.10 -22.17
C SER M 8 69.54 -40.51 -21.77
N GLY M 9 70.57 -41.06 -22.41
CA GLY M 9 71.01 -42.42 -22.11
C GLY M 9 71.38 -42.59 -20.65
N GLY M 10 72.25 -41.72 -20.16
CA GLY M 10 72.67 -41.79 -18.76
C GLY M 10 71.53 -41.58 -17.80
N GLU M 11 70.68 -40.60 -18.09
CA GLU M 11 69.54 -40.29 -17.23
C GLU M 11 68.54 -41.45 -17.22
N LEU M 12 68.39 -42.09 -18.38
CA LEU M 12 67.46 -43.21 -18.51
C LEU M 12 67.83 -44.34 -17.55
N ASP M 13 69.13 -44.66 -17.49
CA ASP M 13 69.62 -45.71 -16.62
C ASP M 13 69.19 -45.46 -15.18
N LYS M 14 69.50 -44.27 -14.68
CA LYS M 14 69.15 -43.90 -13.31
C LYS M 14 67.63 -43.84 -13.12
N TRP M 15 66.95 -43.29 -14.12
CA TRP M 15 65.49 -43.17 -14.07
C TRP M 15 64.85 -44.53 -13.80
N GLU M 16 65.19 -45.51 -14.62
CA GLU M 16 64.64 -46.85 -14.48
C GLU M 16 64.95 -47.42 -13.09
N LYS M 17 66.03 -46.93 -12.48
CA LYS M 17 66.43 -47.38 -11.17
C LYS M 17 65.55 -46.76 -10.09
N ILE M 18 65.39 -45.45 -10.14
CA ILE M 18 64.57 -44.74 -9.17
C ILE M 18 63.19 -45.36 -9.04
N ARG M 19 62.70 -45.45 -7.82
CA ARG M 19 61.38 -46.04 -7.56
C ARG M 19 60.36 -44.95 -7.24
N LEU M 20 59.11 -45.22 -7.59
CA LEU M 20 58.03 -44.26 -7.34
C LEU M 20 57.86 -44.00 -5.84
N ARG M 21 58.21 -44.99 -5.04
CA ARG M 21 58.11 -44.86 -3.59
C ARG M 21 59.28 -45.54 -2.89
N PRO M 22 59.53 -45.15 -1.63
CA PRO M 22 60.62 -45.72 -0.83
C PRO M 22 60.37 -47.16 -0.44
N GLY M 23 59.12 -47.47 -0.10
CA GLY M 23 58.77 -48.83 0.30
C GLY M 23 57.85 -49.49 -0.71
N GLY M 24 58.30 -49.59 -1.95
CA GLY M 24 57.50 -50.22 -2.99
C GLY M 24 58.30 -51.22 -3.82
N LYS M 25 57.69 -51.72 -4.88
CA LYS M 25 58.34 -52.68 -5.75
C LYS M 25 58.08 -52.36 -7.22
N LYS M 26 57.83 -51.08 -7.50
CA LYS M 26 57.57 -50.63 -8.86
C LYS M 26 58.50 -49.49 -9.25
N GLN M 27 59.60 -49.82 -9.91
CA GLN M 27 60.57 -48.82 -10.34
C GLN M 27 59.94 -47.85 -11.35
N TYR M 28 60.71 -46.85 -11.74
CA TYR M 28 60.23 -45.85 -12.69
C TYR M 28 60.38 -46.34 -14.12
N LYS M 29 59.48 -45.90 -14.99
CA LYS M 29 59.52 -46.30 -16.40
C LYS M 29 59.03 -45.16 -17.29
N LEU M 30 59.30 -45.28 -18.59
CA LEU M 30 58.89 -44.26 -19.55
C LEU M 30 57.40 -43.95 -19.41
N LYS M 31 56.63 -44.94 -18.99
CA LYS M 31 55.19 -44.77 -18.82
C LYS M 31 54.89 -43.55 -17.95
N HIS M 32 55.72 -43.34 -16.93
CA HIS M 32 55.54 -42.21 -16.03
C HIS M 32 56.01 -40.90 -16.69
N ILE M 33 57.05 -40.93 -17.51
CA ILE M 33 57.54 -39.72 -18.16
C ILE M 33 56.53 -39.20 -19.18
N VAL M 34 55.86 -40.11 -19.86
CA VAL M 34 54.86 -39.74 -20.86
C VAL M 34 53.53 -39.40 -20.20
N TRP M 35 53.19 -40.14 -19.15
CA TRP M 35 51.93 -39.93 -18.43
C TRP M 35 51.84 -38.49 -17.95
N ALA M 36 52.97 -37.91 -17.56
CA ALA M 36 53.01 -36.53 -17.09
C ALA M 36 52.94 -35.55 -18.24
N SER M 37 53.69 -35.83 -19.30
CA SER M 37 53.72 -34.96 -20.48
C SER M 37 52.30 -34.72 -21.01
N ARG M 38 51.48 -35.77 -20.96
CA ARG M 38 50.11 -35.67 -21.43
C ARG M 38 49.28 -34.73 -20.55
N GLU M 39 49.41 -34.91 -19.24
CA GLU M 39 48.68 -34.08 -18.29
C GLU M 39 49.18 -32.64 -18.31
N LEU M 40 50.44 -32.46 -18.71
CA LEU M 40 51.04 -31.14 -18.79
C LEU M 40 50.40 -30.31 -19.88
N GLU M 41 50.43 -30.83 -21.12
CA GLU M 41 49.84 -30.14 -22.25
C GLU M 41 48.38 -29.77 -21.97
N ARG M 42 47.73 -30.56 -21.12
CA ARG M 42 46.33 -30.31 -20.78
C ARG M 42 46.18 -29.01 -20.00
N PHE M 43 47.22 -28.66 -19.25
CA PHE M 43 47.20 -27.43 -18.45
C PHE M 43 47.90 -26.30 -19.20
N ALA M 44 47.88 -26.36 -20.53
CA ALA M 44 48.50 -25.35 -21.35
C ALA M 44 50.01 -25.31 -21.13
N VAL M 45 50.57 -26.42 -20.68
CA VAL M 45 52.00 -26.52 -20.42
C VAL M 45 52.64 -27.59 -21.31
N ASN M 46 53.53 -27.15 -22.21
CA ASN M 46 54.21 -28.07 -23.11
C ASN M 46 55.03 -29.09 -22.33
N PRO M 47 55.07 -30.33 -22.84
CA PRO M 47 55.82 -31.43 -22.20
C PRO M 47 57.33 -31.22 -22.30
N GLY M 48 57.75 -30.34 -23.20
CA GLY M 48 59.16 -30.07 -23.38
C GLY M 48 59.80 -29.48 -22.13
N LEU M 49 59.00 -28.80 -21.32
CA LEU M 49 59.49 -28.20 -20.09
C LEU M 49 60.16 -29.24 -19.19
N LEU M 50 59.74 -30.49 -19.34
CA LEU M 50 60.30 -31.58 -18.55
C LEU M 50 61.66 -32.00 -19.09
N GLU M 51 61.88 -31.78 -20.38
CA GLU M 51 63.14 -32.14 -21.01
C GLU M 51 64.24 -31.13 -20.66
N THR M 52 63.85 -30.06 -19.97
CA THR M 52 64.79 -29.02 -19.58
C THR M 52 64.72 -28.76 -18.08
N SER M 53 65.88 -28.76 -17.43
CA SER M 53 65.95 -28.53 -15.99
C SER M 53 65.28 -27.22 -15.62
N GLU M 54 65.24 -26.28 -16.57
CA GLU M 54 64.63 -24.99 -16.34
C GLU M 54 63.11 -25.08 -16.40
N GLY M 55 62.61 -25.81 -17.39
CA GLY M 55 61.17 -25.97 -17.54
C GLY M 55 60.54 -26.66 -16.34
N CYS M 56 61.22 -27.67 -15.81
CA CYS M 56 60.71 -28.41 -14.66
C CYS M 56 60.51 -27.48 -13.46
N ARG M 57 61.52 -26.68 -13.16
CA ARG M 57 61.44 -25.75 -12.04
C ARG M 57 60.19 -24.88 -12.13
N GLN M 58 59.86 -24.44 -13.35
CA GLN M 58 58.69 -23.61 -13.56
C GLN M 58 57.41 -24.37 -13.24
N ILE M 59 57.42 -25.67 -13.51
CA ILE M 59 56.27 -26.52 -13.24
C ILE M 59 56.09 -26.76 -11.74
N LEU M 60 57.16 -27.20 -11.09
CA LEU M 60 57.13 -27.47 -9.66
C LEU M 60 56.73 -26.22 -8.88
N GLY M 61 57.00 -25.06 -9.46
CA GLY M 61 56.66 -23.81 -8.80
C GLY M 61 55.16 -23.59 -8.71
N GLN M 62 54.45 -24.00 -9.76
CA GLN M 62 53.00 -23.84 -9.78
C GLN M 62 52.31 -24.95 -8.99
N LEU M 63 52.88 -26.14 -9.05
CA LEU M 63 52.32 -27.29 -8.33
C LEU M 63 52.67 -27.22 -6.84
N GLN M 64 53.76 -26.55 -6.52
CA GLN M 64 54.20 -26.40 -5.14
C GLN M 64 53.06 -25.88 -4.27
N PRO M 65 52.59 -24.66 -4.58
CA PRO M 65 51.50 -24.03 -3.83
C PRO M 65 50.16 -24.72 -4.06
N SER M 66 50.07 -25.49 -5.14
CA SER M 66 48.83 -26.20 -5.47
C SER M 66 48.91 -27.65 -5.00
N LEU M 67 49.71 -27.90 -3.97
CA LEU M 67 49.87 -29.24 -3.42
C LEU M 67 48.70 -29.60 -2.52
N GLN M 68 48.15 -28.59 -1.84
CA GLN M 68 47.02 -28.81 -0.94
C GLN M 68 45.70 -28.53 -1.65
N THR M 69 45.67 -27.46 -2.43
CA THR M 69 44.47 -27.07 -3.16
C THR M 69 44.28 -27.93 -4.41
N GLY M 70 45.39 -28.46 -4.93
CA GLY M 70 45.33 -29.30 -6.11
C GLY M 70 44.71 -30.64 -5.84
N SER M 71 44.40 -31.38 -6.91
CA SER M 71 43.78 -32.70 -6.77
C SER M 71 44.82 -33.80 -6.95
N GLU M 72 44.36 -35.04 -6.99
CA GLU M 72 45.24 -36.18 -7.16
C GLU M 72 46.04 -36.07 -8.45
N GLU M 73 45.40 -35.56 -9.50
CA GLU M 73 46.05 -35.40 -10.79
C GLU M 73 47.32 -34.55 -10.66
N LEU M 74 47.30 -33.61 -9.72
CA LEU M 74 48.45 -32.74 -9.49
C LEU M 74 49.50 -33.44 -8.65
N ARG M 75 49.06 -34.24 -7.69
CA ARG M 75 49.96 -34.97 -6.81
C ARG M 75 50.91 -35.84 -7.62
N SER M 76 50.35 -36.72 -8.46
CA SER M 76 51.16 -37.60 -9.28
C SER M 76 52.21 -36.81 -10.07
N LEU M 77 51.80 -35.66 -10.59
CA LEU M 77 52.71 -34.81 -11.37
C LEU M 77 53.94 -34.45 -10.55
N TYR M 78 53.71 -33.83 -9.40
CA TYR M 78 54.80 -33.41 -8.52
C TYR M 78 55.74 -34.59 -8.24
N ASN M 79 55.20 -35.79 -8.24
CA ASN M 79 55.99 -36.99 -8.00
C ASN M 79 56.97 -37.24 -9.14
N THR M 80 56.45 -37.29 -10.36
CA THR M 80 57.28 -37.52 -11.53
C THR M 80 58.20 -36.34 -11.80
N ILE M 81 57.62 -35.14 -11.86
CA ILE M 81 58.41 -33.94 -12.11
C ILE M 81 59.56 -33.82 -11.12
N ALA M 82 59.38 -34.38 -9.92
CA ALA M 82 60.40 -34.34 -8.90
C ALA M 82 61.58 -35.24 -9.27
N VAL M 83 61.33 -36.54 -9.35
CA VAL M 83 62.37 -37.50 -9.68
C VAL M 83 63.09 -37.10 -10.97
N LEU M 84 62.34 -36.56 -11.92
CA LEU M 84 62.91 -36.13 -13.19
C LEU M 84 63.82 -34.92 -13.00
N TYR M 85 63.28 -33.89 -12.36
CA TYR M 85 64.05 -32.66 -12.12
C TYR M 85 65.38 -32.98 -11.44
N CYS M 86 65.33 -33.79 -10.39
CA CYS M 86 66.52 -34.18 -9.66
C CYS M 86 67.58 -34.73 -10.60
N VAL M 87 67.14 -35.41 -11.65
CA VAL M 87 68.05 -36.01 -12.63
C VAL M 87 68.74 -34.92 -13.44
N HIS M 88 67.97 -33.94 -13.90
CA HIS M 88 68.51 -32.85 -14.70
C HIS M 88 69.44 -31.98 -13.86
N GLN M 89 69.17 -31.78 -12.58
CA GLN M 89 70.02 -30.95 -11.74
C GLN M 89 71.30 -31.70 -11.35
N ARG M 90 71.16 -32.67 -10.46
CA ARG M 90 72.30 -33.46 -10.00
C ARG M 90 71.87 -34.52 -8.99
N ILE M 91 70.88 -34.17 -8.16
CA ILE M 91 70.36 -35.09 -7.16
C ILE M 91 70.01 -36.44 -7.77
N ASP M 92 70.56 -37.50 -7.20
CA ASP M 92 70.29 -38.86 -7.70
C ASP M 92 69.58 -39.68 -6.64
N VAL M 93 68.40 -39.22 -6.23
CA VAL M 93 67.60 -39.92 -5.22
C VAL M 93 67.28 -41.34 -5.67
N LYS M 94 66.95 -42.19 -4.71
CA LYS M 94 66.60 -43.58 -5.01
C LYS M 94 65.10 -43.75 -5.21
N ASP M 95 64.33 -42.89 -4.54
CA ASP M 95 62.87 -42.93 -4.65
C ASP M 95 62.30 -41.55 -4.88
N THR M 96 60.98 -41.46 -4.96
CA THR M 96 60.30 -40.18 -5.17
C THR M 96 60.25 -39.36 -3.89
N LYS M 97 60.27 -40.05 -2.76
CA LYS M 97 60.22 -39.38 -1.46
C LYS M 97 61.48 -38.55 -1.23
N GLU M 98 62.63 -39.19 -1.37
CA GLU M 98 63.91 -38.51 -1.18
C GLU M 98 63.99 -37.25 -2.03
N ALA M 99 63.40 -37.31 -3.23
CA ALA M 99 63.41 -36.17 -4.14
C ALA M 99 62.63 -35.00 -3.56
N LEU M 100 61.56 -35.32 -2.82
CA LEU M 100 60.73 -34.29 -2.21
C LEU M 100 61.47 -33.57 -1.09
N ASP M 101 62.23 -34.34 -0.31
CA ASP M 101 63.00 -33.78 0.80
C ASP M 101 64.11 -32.87 0.28
N LYS M 102 64.84 -33.35 -0.72
CA LYS M 102 65.93 -32.57 -1.31
C LYS M 102 65.44 -31.23 -1.81
N ILE M 103 64.39 -31.25 -2.63
CA ILE M 103 63.82 -30.03 -3.18
C ILE M 103 63.20 -29.17 -2.08
N GLU M 104 62.76 -29.81 -1.01
CA GLU M 104 62.14 -29.11 0.11
C GLU M 104 63.20 -28.33 0.90
N GLU M 105 64.36 -28.93 1.10
CA GLU M 105 65.44 -28.30 1.84
C GLU M 105 66.05 -27.17 1.03
N GLU M 106 66.27 -27.42 -0.26
CA GLU M 106 66.86 -26.42 -1.15
C GLU M 106 66.06 -25.12 -1.10
N GLN M 107 64.76 -25.24 -0.91
CA GLN M 107 63.88 -24.07 -0.85
C GLN M 107 64.01 -23.37 0.51
N ASN M 108 64.35 -24.14 1.53
CA ASN M 108 64.49 -23.59 2.88
C ASN M 108 65.74 -22.71 2.98
N LYS M 109 66.74 -23.01 2.16
CA LYS M 109 67.98 -22.26 2.14
C LYS M 109 67.75 -20.86 1.57
N SER M 110 66.91 -20.77 0.54
CA SER M 110 66.62 -19.49 -0.09
C SER M 110 65.79 -18.61 0.83
N LYS M 111 65.01 -19.24 1.70
CA LYS M 111 64.18 -18.51 2.65
C LYS M 111 65.01 -17.56 3.50
N LYS M 112 66.22 -18.00 3.85
CA LYS M 112 67.12 -17.19 4.66
C LYS M 112 67.67 -16.01 3.86
N LYS M 113 67.78 -16.20 2.55
CA LYS M 113 68.29 -15.17 1.66
C LYS M 113 67.20 -14.62 0.75
N ALA M 114 65.96 -14.62 1.27
CA ALA M 114 64.82 -14.13 0.50
C ALA M 114 63.57 -14.05 1.37
N GLN M 115 63.74 -13.53 2.58
CA GLN M 115 62.62 -13.40 3.52
C GLN M 115 62.05 -11.99 3.49
N GLY N 1 -36.45 -61.30 63.84
CA GLY N 1 -37.18 -61.23 62.59
C GLY N 1 -37.14 -59.84 61.97
N ALA N 2 -38.05 -58.98 62.44
CA ALA N 2 -38.13 -57.62 61.93
C ALA N 2 -39.10 -56.78 62.76
N ARG N 3 -38.87 -56.71 64.06
CA ARG N 3 -39.74 -55.95 64.95
C ARG N 3 -38.97 -54.82 65.62
N ALA N 4 -39.64 -54.10 66.51
CA ALA N 4 -39.02 -52.98 67.22
C ALA N 4 -38.33 -53.46 68.48
N SER N 5 -37.31 -52.72 68.93
CA SER N 5 -36.57 -53.08 70.12
C SER N 5 -35.55 -51.99 70.48
N VAL N 6 -34.63 -51.73 69.55
CA VAL N 6 -33.61 -50.72 69.76
C VAL N 6 -34.22 -49.32 69.84
N LEU N 7 -35.16 -49.05 68.94
CA LEU N 7 -35.82 -47.74 68.91
C LEU N 7 -37.30 -47.89 69.23
N SER N 8 -37.79 -47.05 70.14
CA SER N 8 -39.19 -47.09 70.55
C SER N 8 -40.07 -46.44 69.48
N GLY N 9 -41.35 -46.28 69.80
CA GLY N 9 -42.29 -45.68 68.86
C GLY N 9 -41.87 -44.29 68.45
N GLY N 10 -41.59 -43.43 69.42
CA GLY N 10 -41.18 -42.08 69.13
C GLY N 10 -39.86 -42.02 68.37
N GLU N 11 -38.90 -42.82 68.80
CA GLU N 11 -37.59 -42.87 68.16
C GLU N 11 -37.70 -43.39 66.74
N LEU N 12 -38.59 -44.35 66.53
CA LEU N 12 -38.80 -44.94 65.21
C LEU N 12 -39.21 -43.87 64.20
N ASP N 13 -40.15 -43.02 64.60
CA ASP N 13 -40.64 -41.96 63.74
C ASP N 13 -39.49 -41.09 63.23
N LYS N 14 -38.68 -40.59 64.17
CA LYS N 14 -37.54 -39.74 63.82
C LYS N 14 -36.51 -40.52 63.03
N TRP N 15 -36.27 -41.77 63.43
CA TRP N 15 -35.30 -42.62 62.75
C TRP N 15 -35.60 -42.71 61.26
N GLU N 16 -36.84 -43.07 60.94
CA GLU N 16 -37.25 -43.20 59.54
C GLU N 16 -37.07 -41.88 58.80
N LYS N 17 -37.10 -40.78 59.54
CA LYS N 17 -36.94 -39.45 58.97
C LYS N 17 -35.48 -39.17 58.64
N ILE N 18 -34.61 -39.42 59.62
CA ILE N 18 -33.17 -39.19 59.43
C ILE N 18 -32.67 -39.89 58.18
N ARG N 19 -31.79 -39.20 57.44
CA ARG N 19 -31.23 -39.76 56.22
C ARG N 19 -29.79 -40.21 56.43
N LEU N 20 -29.38 -41.23 55.68
CA LEU N 20 -28.01 -41.75 55.79
C LEU N 20 -26.99 -40.70 55.42
N ARG N 21 -27.39 -39.76 54.56
CA ARG N 21 -26.50 -38.69 54.12
C ARG N 21 -27.25 -37.38 53.97
N PRO N 22 -26.52 -36.26 53.99
CA PRO N 22 -27.11 -34.92 53.86
C PRO N 22 -27.64 -34.67 52.45
N GLY N 23 -26.90 -35.13 51.45
CA GLY N 23 -27.31 -34.94 50.08
C GLY N 23 -27.69 -36.24 49.40
N GLY N 24 -28.66 -36.95 49.97
CA GLY N 24 -29.10 -38.21 49.40
C GLY N 24 -30.61 -38.31 49.30
N LYS N 25 -31.10 -39.48 48.94
CA LYS N 25 -32.53 -39.71 48.80
C LYS N 25 -32.94 -41.05 49.41
N LYS N 26 -32.15 -41.51 50.37
CA LYS N 26 -32.42 -42.79 51.04
C LYS N 26 -32.48 -42.61 52.56
N GLN N 27 -33.69 -42.45 53.08
CA GLN N 27 -33.88 -42.27 54.51
C GLN N 27 -33.42 -43.50 55.28
N TYR N 28 -33.47 -43.42 56.60
CA TYR N 28 -33.05 -44.53 57.45
C TYR N 28 -34.20 -45.54 57.61
N LYS N 29 -33.84 -46.81 57.78
CA LYS N 29 -34.82 -47.87 57.95
C LYS N 29 -34.29 -48.95 58.88
N LEU N 30 -35.19 -49.81 59.35
CA LEU N 30 -34.83 -50.89 60.25
C LEU N 30 -33.68 -51.71 59.69
N LYS N 31 -33.60 -51.78 58.36
CA LYS N 31 -32.54 -52.52 57.69
C LYS N 31 -31.17 -52.10 58.21
N HIS N 32 -31.01 -50.81 58.48
CA HIS N 32 -29.75 -50.29 58.98
C HIS N 32 -29.58 -50.61 60.47
N ILE N 33 -30.64 -50.63 61.27
CA ILE N 33 -30.52 -50.94 62.68
C ILE N 33 -30.11 -52.39 62.90
N VAL N 34 -30.63 -53.28 62.06
CA VAL N 34 -30.31 -54.69 62.15
C VAL N 34 -28.97 -55.01 61.51
N TRP N 35 -28.69 -54.34 60.40
CA TRP N 35 -27.42 -54.54 59.68
C TRP N 35 -26.23 -54.32 60.61
N ALA N 36 -26.37 -53.36 61.53
CA ALA N 36 -25.30 -53.06 62.47
C ALA N 36 -25.25 -54.10 63.60
N SER N 37 -26.42 -54.45 64.11
CA SER N 37 -26.51 -55.42 65.20
C SER N 37 -25.79 -56.72 64.83
N ARG N 38 -25.90 -57.10 63.56
CA ARG N 38 -25.27 -58.33 63.07
C ARG N 38 -23.75 -58.20 63.08
N GLU N 39 -23.26 -57.07 62.60
CA GLU N 39 -21.83 -56.81 62.55
C GLU N 39 -21.26 -56.64 63.96
N LEU N 40 -22.11 -56.19 64.87
CA LEU N 40 -21.70 -55.98 66.26
C LEU N 40 -21.37 -57.31 66.94
N GLU N 41 -22.34 -58.22 66.94
CA GLU N 41 -22.14 -59.53 67.56
C GLU N 41 -20.90 -60.22 67.01
N ARG N 42 -20.56 -59.88 65.77
CA ARG N 42 -19.39 -60.47 65.11
C ARG N 42 -18.10 -60.05 65.82
N PHE N 43 -18.11 -58.85 66.37
CA PHE N 43 -16.95 -58.31 67.07
C PHE N 43 -17.05 -58.56 68.58
N ALA N 44 -17.78 -59.62 68.95
CA ALA N 44 -17.95 -59.97 70.35
C ALA N 44 -18.72 -58.88 71.09
N VAL N 45 -19.51 -58.10 70.36
CA VAL N 45 -20.30 -57.02 70.94
C VAL N 45 -21.79 -57.25 70.73
N ASN N 46 -22.51 -57.47 71.82
CA ASN N 46 -23.95 -57.70 71.75
C ASN N 46 -24.66 -56.51 71.12
N PRO N 47 -25.71 -56.80 70.33
CA PRO N 47 -26.50 -55.77 69.66
C PRO N 47 -27.34 -54.94 70.63
N GLY N 48 -27.50 -55.47 71.84
CA GLY N 48 -28.28 -54.75 72.84
C GLY N 48 -27.67 -53.43 73.23
N LEU N 49 -26.35 -53.32 73.08
CA LEU N 49 -25.64 -52.09 73.41
C LEU N 49 -26.22 -50.91 72.64
N LEU N 50 -26.80 -51.19 71.48
CA LEU N 50 -27.40 -50.15 70.65
C LEU N 50 -28.75 -49.71 71.21
N GLU N 51 -29.41 -50.62 71.92
CA GLU N 51 -30.71 -50.32 72.51
C GLU N 51 -30.57 -49.45 73.75
N THR N 52 -29.33 -49.23 74.17
CA THR N 52 -29.06 -48.42 75.35
C THR N 52 -28.08 -47.29 75.02
N SER N 53 -28.45 -46.07 75.41
CA SER N 53 -27.61 -44.91 75.16
C SER N 53 -26.21 -45.10 75.72
N GLU N 54 -26.11 -45.95 76.75
CA GLU N 54 -24.82 -46.23 77.38
C GLU N 54 -24.00 -47.20 76.53
N GLY N 55 -24.66 -48.23 76.02
CA GLY N 55 -23.98 -49.21 75.19
C GLY N 55 -23.39 -48.60 73.93
N CYS N 56 -24.15 -47.69 73.32
CA CYS N 56 -23.70 -47.04 72.09
C CYS N 56 -22.39 -46.29 72.32
N ARG N 57 -22.35 -45.49 73.38
CA ARG N 57 -21.17 -44.71 73.70
C ARG N 57 -19.93 -45.60 73.76
N GLN N 58 -20.09 -46.78 74.34
CA GLN N 58 -18.99 -47.74 74.46
C GLN N 58 -18.52 -48.20 73.08
N ILE N 59 -19.45 -48.32 72.15
CA ILE N 59 -19.14 -48.74 70.79
C ILE N 59 -18.42 -47.65 70.02
N LEU N 60 -19.00 -46.46 70.02
CA LEU N 60 -18.41 -45.32 69.33
C LEU N 60 -17.00 -45.04 69.84
N GLY N 61 -16.75 -45.41 71.08
CA GLY N 61 -15.44 -45.19 71.68
C GLY N 61 -14.36 -46.04 71.04
N GLN N 62 -14.72 -47.27 70.69
CA GLN N 62 -13.76 -48.19 70.07
C GLN N 62 -13.63 -47.90 68.58
N LEU N 63 -14.73 -47.51 67.94
CA LEU N 63 -14.72 -47.20 66.53
C LEU N 63 -14.12 -45.82 66.26
N GLN N 64 -14.20 -44.96 67.27
CA GLN N 64 -13.65 -43.60 67.14
C GLN N 64 -12.20 -43.64 66.68
N PRO N 65 -11.33 -44.26 67.49
CA PRO N 65 -9.91 -44.39 67.18
C PRO N 65 -9.64 -45.33 66.02
N SER N 66 -10.62 -46.18 65.71
CA SER N 66 -10.49 -47.13 64.62
C SER N 66 -11.18 -46.61 63.36
N LEU N 67 -11.28 -45.30 63.25
CA LEU N 67 -11.91 -44.67 62.10
C LEU N 67 -10.96 -44.65 60.90
N GLN N 68 -9.67 -44.51 61.18
CA GLN N 68 -8.66 -44.47 60.13
C GLN N 68 -8.06 -45.85 59.90
N THR N 69 -7.78 -46.56 60.98
CA THR N 69 -7.22 -47.90 60.90
C THR N 69 -8.27 -48.94 60.54
N GLY N 70 -9.53 -48.64 60.87
CA GLY N 70 -10.61 -49.55 60.57
C GLY N 70 -10.92 -49.63 59.09
N SER N 71 -11.73 -50.60 58.71
CA SER N 71 -12.10 -50.77 57.30
C SER N 71 -13.49 -50.21 57.03
N GLU N 72 -13.99 -50.43 55.82
CA GLU N 72 -15.31 -49.95 55.44
C GLU N 72 -16.39 -50.49 56.37
N GLU N 73 -16.22 -51.75 56.79
CA GLU N 73 -17.18 -52.39 57.68
C GLU N 73 -17.36 -51.58 58.96
N LEU N 74 -16.30 -50.91 59.38
CA LEU N 74 -16.33 -50.09 60.59
C LEU N 74 -16.96 -48.73 60.31
N ARG N 75 -16.68 -48.19 59.13
CA ARG N 75 -17.22 -46.89 58.74
C ARG N 75 -18.74 -46.89 58.82
N SER N 76 -19.36 -47.83 58.12
CA SER N 76 -20.82 -47.94 58.11
C SER N 76 -21.37 -47.97 59.53
N LEU N 77 -20.70 -48.72 60.40
CA LEU N 77 -21.12 -48.84 61.79
C LEU N 77 -21.21 -47.47 62.46
N TYR N 78 -20.10 -46.74 62.44
CA TYR N 78 -20.06 -45.41 63.04
C TYR N 78 -21.19 -44.53 62.53
N ASN N 79 -21.61 -44.79 61.28
CA ASN N 79 -22.69 -44.03 60.67
C ASN N 79 -24.02 -44.32 61.37
N THR N 80 -24.36 -45.59 61.46
CA THR N 80 -25.60 -46.01 62.10
C THR N 80 -25.57 -45.74 63.60
N ILE N 81 -24.53 -46.23 64.26
CA ILE N 81 -24.38 -46.02 65.69
C ILE N 81 -24.49 -44.55 66.07
N ALA N 82 -24.11 -43.68 65.14
CA ALA N 82 -24.18 -42.24 65.36
C ALA N 82 -25.62 -41.76 65.39
N VAL N 83 -26.31 -41.88 64.26
CA VAL N 83 -27.69 -41.45 64.15
C VAL N 83 -28.54 -42.06 65.26
N LEU N 84 -28.26 -43.30 65.61
CA LEU N 84 -29.00 -43.99 66.67
C LEU N 84 -28.70 -43.38 68.03
N TYR N 85 -27.41 -43.27 68.36
CA TYR N 85 -27.00 -42.70 69.64
C TYR N 85 -27.64 -41.34 69.86
N CYS N 86 -27.56 -40.47 68.84
CA CYS N 86 -28.14 -39.14 68.92
C CYS N 86 -29.60 -39.21 69.35
N VAL N 87 -30.29 -40.26 68.92
CA VAL N 87 -31.70 -40.43 69.25
C VAL N 87 -31.88 -40.73 70.74
N HIS N 88 -31.06 -41.64 71.26
CA HIS N 88 -31.12 -42.02 72.66
C HIS N 88 -30.71 -40.85 73.55
N GLN N 89 -29.77 -40.02 73.15
CA GLN N 89 -29.34 -38.89 73.97
C GLN N 89 -30.37 -37.76 73.92
N ARG N 90 -30.41 -37.07 72.79
CA ARG N 90 -31.34 -35.95 72.61
C ARG N 90 -31.21 -35.34 71.21
N ILE N 91 -29.98 -35.32 70.71
CA ILE N 91 -29.71 -34.76 69.39
C ILE N 91 -30.63 -35.38 68.34
N ASP N 92 -31.33 -34.51 67.60
CA ASP N 92 -32.26 -34.97 66.56
C ASP N 92 -31.78 -34.51 65.18
N VAL N 93 -30.59 -34.93 64.80
CA VAL N 93 -30.02 -34.56 63.51
C VAL N 93 -30.92 -35.02 62.37
N LYS N 94 -30.75 -34.40 61.20
CA LYS N 94 -31.55 -34.74 60.03
C LYS N 94 -30.84 -35.80 59.18
N ASP N 95 -29.51 -35.81 59.24
CA ASP N 95 -28.72 -36.77 58.47
C ASP N 95 -27.65 -37.41 59.35
N THR N 96 -26.84 -38.27 58.75
CA THR N 96 -25.78 -38.95 59.48
C THR N 96 -24.57 -38.03 59.67
N LYS N 97 -24.42 -37.07 58.77
CA LYS N 97 -23.32 -36.12 58.85
C LYS N 97 -23.44 -35.24 60.08
N GLU N 98 -24.60 -34.59 60.22
CA GLU N 98 -24.85 -33.71 61.36
C GLU N 98 -24.56 -34.42 62.68
N ALA N 99 -24.87 -35.72 62.72
CA ALA N 99 -24.65 -36.52 63.92
C ALA N 99 -23.16 -36.62 64.24
N LEU N 100 -22.34 -36.66 63.20
CA LEU N 100 -20.90 -36.76 63.37
C LEU N 100 -20.32 -35.47 63.95
N ASP N 101 -20.84 -34.34 63.49
CA ASP N 101 -20.40 -33.04 63.97
C ASP N 101 -20.77 -32.83 65.43
N LYS N 102 -22.02 -33.15 65.76
CA LYS N 102 -22.50 -33.00 67.13
C LYS N 102 -21.64 -33.79 68.10
N ILE N 103 -21.45 -35.08 67.81
CA ILE N 103 -20.64 -35.95 68.66
C ILE N 103 -19.18 -35.52 68.65
N GLU N 104 -18.76 -34.89 67.55
CA GLU N 104 -17.38 -34.43 67.42
C GLU N 104 -17.13 -33.23 68.33
N GLU N 105 -18.09 -32.32 68.39
CA GLU N 105 -17.96 -31.12 69.21
C GLU N 105 -18.07 -31.47 70.69
N GLU N 106 -19.01 -32.34 71.02
CA GLU N 106 -19.21 -32.76 72.41
C GLU N 106 -17.91 -33.29 73.01
N GLN N 107 -17.10 -33.93 72.16
CA GLN N 107 -15.83 -34.50 72.62
C GLN N 107 -14.79 -33.40 72.78
N ASN N 108 -14.93 -32.32 72.02
CA ASN N 108 -13.98 -31.20 72.08
C ASN N 108 -14.15 -30.44 73.40
N LYS N 109 -15.36 -30.45 73.94
CA LYS N 109 -15.64 -29.76 75.20
C LYS N 109 -14.94 -30.46 76.37
N SER N 110 -14.92 -31.79 76.33
CA SER N 110 -14.28 -32.56 77.39
C SER N 110 -12.76 -32.40 77.36
N LYS N 111 -12.24 -32.13 76.17
CA LYS N 111 -10.80 -31.94 76.00
C LYS N 111 -10.28 -30.83 76.90
N LYS N 112 -11.09 -29.79 77.07
CA LYS N 112 -10.72 -28.65 77.92
C LYS N 112 -10.76 -29.05 79.39
N LYS N 113 -11.61 -30.00 79.73
CA LYS N 113 -11.74 -30.46 81.10
C LYS N 113 -11.22 -31.89 81.25
N ALA N 114 -10.21 -32.23 80.45
CA ALA N 114 -9.62 -33.56 80.49
C ALA N 114 -8.37 -33.64 79.61
N GLN N 115 -7.52 -32.61 79.71
CA GLN N 115 -6.30 -32.56 78.92
C GLN N 115 -5.10 -33.03 79.75
N GLY O 1 47.64 -6.62 -58.28
CA GLY O 1 47.14 -6.31 -59.61
C GLY O 1 47.20 -4.82 -59.91
N ALA O 2 46.18 -4.09 -59.47
CA ALA O 2 46.12 -2.65 -59.68
C ALA O 2 44.96 -2.02 -58.91
N ARG O 3 44.96 -2.22 -57.60
CA ARG O 3 43.91 -1.68 -56.74
C ARG O 3 44.50 -0.70 -55.74
N ALA O 4 43.63 -0.18 -54.86
CA ALA O 4 44.06 0.77 -53.84
C ALA O 4 44.54 0.05 -52.58
N SER O 5 45.42 0.71 -51.83
CA SER O 5 45.97 0.13 -50.61
C SER O 5 46.84 1.14 -49.88
N VAL O 6 47.89 1.60 -50.54
CA VAL O 6 48.80 2.58 -49.95
C VAL O 6 48.11 3.91 -49.70
N LEU O 7 47.34 4.35 -50.69
CA LEU O 7 46.61 5.61 -50.59
C LEU O 7 45.10 5.38 -50.58
N SER O 8 44.42 6.00 -49.62
CA SER O 8 42.98 5.86 -49.49
C SER O 8 42.25 6.68 -50.55
N GLY O 9 40.93 6.75 -50.45
CA GLY O 9 40.15 7.51 -51.40
C GLY O 9 40.55 8.97 -51.46
N GLY O 10 40.61 9.61 -50.29
CA GLY O 10 40.98 11.01 -50.24
C GLY O 10 42.40 11.25 -50.70
N GLU O 11 43.32 10.38 -50.27
CA GLU O 11 44.72 10.50 -50.65
C GLU O 11 44.90 10.28 -52.15
N LEU O 12 44.11 9.37 -52.71
CA LEU O 12 44.18 9.07 -54.13
C LEU O 12 43.89 10.30 -54.98
N ASP O 13 42.84 11.04 -54.59
CA ASP O 13 42.45 12.25 -55.30
C ASP O 13 43.63 13.22 -55.39
N LYS O 14 44.23 13.54 -54.25
CA LYS O 14 45.35 14.45 -54.20
C LYS O 14 46.56 13.87 -54.93
N TRP O 15 46.79 12.57 -54.75
CA TRP O 15 47.91 11.91 -55.39
C TRP O 15 47.88 12.11 -56.91
N GLU O 16 46.75 11.80 -57.52
CA GLU O 16 46.60 11.96 -58.96
C GLU O 16 46.83 13.41 -59.38
N LYS O 17 46.60 14.33 -58.44
CA LYS O 17 46.78 15.75 -58.71
C LYS O 17 48.27 16.11 -58.69
N ILE O 18 48.97 15.70 -57.65
CA ILE O 18 50.39 15.99 -57.52
C ILE O 18 51.15 15.57 -58.77
N ARG O 19 52.10 16.40 -59.19
CA ARG O 19 52.90 16.13 -60.38
C ARG O 19 54.30 15.66 -59.99
N LEU O 20 54.91 14.84 -60.84
CA LEU O 20 56.24 14.32 -60.59
C LEU O 20 57.26 15.46 -60.55
N ARG O 21 56.96 16.54 -61.26
CA ARG O 21 57.86 17.69 -61.30
C ARG O 21 57.06 19.00 -61.33
N PRO O 22 57.72 20.10 -60.95
CA PRO O 22 57.09 21.42 -60.92
C PRO O 22 56.81 21.96 -62.32
N GLY O 23 57.73 21.72 -63.25
CA GLY O 23 57.56 22.19 -64.61
C GLY O 23 57.38 21.04 -65.58
N GLY O 24 56.36 20.22 -65.35
CA GLY O 24 56.10 19.09 -66.24
C GLY O 24 54.64 18.99 -66.63
N LYS O 25 54.29 17.90 -67.31
CA LYS O 25 52.92 17.68 -67.74
C LYS O 25 52.50 16.23 -67.49
N LYS O 26 53.11 15.60 -66.52
CA LYS O 26 52.81 14.22 -66.18
C LYS O 26 52.47 14.07 -64.70
N GLN O 27 51.18 14.10 -64.37
CA GLN O 27 50.75 13.97 -63.00
C GLN O 27 51.12 12.61 -62.42
N TYR O 28 50.84 12.42 -61.14
CA TYR O 28 51.15 11.17 -60.46
C TYR O 28 50.07 10.12 -60.72
N LYS O 29 50.46 8.86 -60.75
CA LYS O 29 49.52 7.77 -60.98
C LYS O 29 49.94 6.52 -60.20
N LEU O 30 49.02 5.57 -60.08
CA LEU O 30 49.28 4.34 -59.35
C LEU O 30 50.57 3.68 -59.85
N LYS O 31 50.87 3.88 -61.13
CA LYS O 31 52.07 3.31 -61.74
C LYS O 31 53.31 3.64 -60.90
N HIS O 32 53.34 4.85 -60.35
CA HIS O 32 54.46 5.28 -59.53
C HIS O 32 54.39 4.66 -58.14
N ILE O 33 53.21 4.46 -57.57
CA ILE O 33 53.08 3.88 -56.25
C ILE O 33 53.53 2.41 -56.25
N VAL O 34 53.22 1.71 -57.33
CA VAL O 34 53.59 0.31 -57.46
C VAL O 34 55.04 0.16 -57.90
N TRP O 35 55.49 1.05 -58.78
CA TRP O 35 56.86 1.03 -59.28
C TRP O 35 57.86 1.07 -58.13
N ALA O 36 57.51 1.81 -57.07
CA ALA O 36 58.37 1.94 -55.91
C ALA O 36 58.29 0.70 -55.02
N SER O 37 57.06 0.22 -54.81
CA SER O 37 56.84 -0.96 -53.98
C SER O 37 57.69 -2.14 -54.46
N ARG O 38 57.82 -2.26 -55.78
CA ARG O 38 58.60 -3.34 -56.37
C ARG O 38 60.08 -3.18 -56.06
N GLU O 39 60.59 -1.96 -56.22
CA GLU O 39 61.99 -1.68 -55.94
C GLU O 39 62.29 -1.78 -54.45
N LEU O 40 61.27 -1.56 -53.63
CA LEU O 40 61.41 -1.64 -52.18
C LEU O 40 61.69 -3.06 -51.73
N GLU O 41 60.80 -3.97 -52.08
CA GLU O 41 60.95 -5.38 -51.71
C GLU O 41 62.31 -5.91 -52.16
N ARG O 42 62.85 -5.33 -53.23
CA ARG O 42 64.14 -5.75 -53.75
C ARG O 42 65.26 -5.45 -52.76
N PHE O 43 65.08 -4.39 -51.98
CA PHE O 43 66.07 -3.99 -50.99
C PHE O 43 65.72 -4.55 -49.62
N ALA O 44 65.01 -5.67 -49.60
CA ALA O 44 64.61 -6.30 -48.36
C ALA O 44 63.66 -5.40 -47.56
N VAL O 45 62.98 -4.50 -48.27
CA VAL O 45 62.04 -3.59 -47.63
C VAL O 45 60.62 -3.80 -48.16
N ASN O 46 59.74 -4.24 -47.28
CA ASN O 46 58.34 -4.49 -47.65
C ASN O 46 57.68 -3.20 -48.16
N PRO O 47 56.81 -3.35 -49.17
CA PRO O 47 56.10 -2.21 -49.76
C PRO O 47 55.05 -1.63 -48.81
N GLY O 48 54.70 -2.38 -47.78
CA GLY O 48 53.72 -1.92 -46.81
C GLY O 48 54.18 -0.69 -46.07
N LEU O 49 55.50 -0.53 -45.95
CA LEU O 49 56.07 0.63 -45.25
C LEU O 49 55.57 1.94 -45.86
N LEU O 50 55.20 1.89 -47.13
CA LEU O 50 54.72 3.06 -47.84
C LEU O 50 53.26 3.35 -47.46
N GLU O 51 52.54 2.30 -47.09
CA GLU O 51 51.14 2.45 -46.71
C GLU O 51 51.02 3.05 -45.30
N THR O 52 52.15 3.20 -44.63
CA THR O 52 52.17 3.76 -43.28
C THR O 52 53.11 4.95 -43.19
N SER O 53 52.61 6.05 -42.64
CA SER O 53 53.42 7.26 -42.49
C SER O 53 54.70 6.97 -41.74
N GLU O 54 54.68 5.94 -40.90
CA GLU O 54 55.84 5.56 -40.11
C GLU O 54 56.85 4.81 -40.97
N GLY O 55 56.36 3.88 -41.79
CA GLY O 55 57.23 3.11 -42.66
C GLY O 55 57.99 3.98 -43.64
N CYS O 56 57.31 4.98 -44.19
CA CYS O 56 57.93 5.88 -45.16
C CYS O 56 59.12 6.59 -44.55
N ARG O 57 58.93 7.15 -43.36
CA ARG O 57 60.00 7.87 -42.67
C ARG O 57 61.25 7.00 -42.58
N GLN O 58 61.06 5.73 -42.28
CA GLN O 58 62.18 4.79 -42.16
C GLN O 58 62.91 4.64 -43.49
N ILE O 59 62.15 4.70 -44.57
CA ILE O 59 62.73 4.56 -45.91
C ILE O 59 63.51 5.81 -46.31
N LEU O 60 62.88 6.96 -46.17
CA LEU O 60 63.52 8.23 -46.51
C LEU O 60 64.79 8.43 -45.69
N GLY O 61 64.84 7.81 -44.52
CA GLY O 61 66.01 7.93 -43.67
C GLY O 61 67.23 7.24 -44.25
N GLN O 62 67.02 6.11 -44.91
CA GLN O 62 68.11 5.35 -45.51
C GLN O 62 68.50 5.95 -46.86
N LEU O 63 67.50 6.44 -47.59
CA LEU O 63 67.74 7.04 -48.90
C LEU O 63 68.30 8.45 -48.76
N GLN O 64 67.99 9.10 -47.65
CA GLN O 64 68.47 10.45 -47.39
C GLN O 64 69.98 10.54 -47.58
N PRO O 65 70.72 9.78 -46.77
CA PRO O 65 72.19 9.75 -46.82
C PRO O 65 72.71 9.08 -48.09
N SER O 66 71.85 8.28 -48.72
CA SER O 66 72.22 7.58 -49.95
C SER O 66 71.74 8.33 -51.18
N LEU O 67 71.59 9.64 -51.04
CA LEU O 67 71.13 10.48 -52.15
C LEU O 67 72.27 10.77 -53.12
N GLN O 68 73.49 10.87 -52.59
CA GLN O 68 74.66 11.15 -53.41
C GLN O 68 75.37 9.85 -53.80
N THR O 69 75.48 8.94 -52.83
CA THR O 69 76.14 7.66 -53.08
C THR O 69 75.22 6.70 -53.83
N GLY O 70 73.91 6.89 -53.67
CA GLY O 70 72.96 6.04 -54.34
C GLY O 70 72.91 6.27 -55.84
N SER O 71 72.23 5.38 -56.56
CA SER O 71 72.13 5.49 -58.01
C SER O 71 70.78 6.07 -58.41
N GLU O 72 70.51 6.08 -59.71
CA GLU O 72 69.26 6.63 -60.23
C GLU O 72 68.07 5.87 -59.63
N GLU O 73 68.23 4.57 -59.46
CA GLU O 73 67.16 3.74 -58.90
C GLU O 73 66.71 4.27 -57.54
N LEU O 74 67.66 4.85 -56.80
CA LEU O 74 67.36 5.40 -55.49
C LEU O 74 66.71 6.78 -55.60
N ARG O 75 67.17 7.55 -56.57
CA ARG O 75 66.63 8.90 -56.79
C ARG O 75 65.11 8.85 -57.00
N SER O 76 64.68 8.07 -57.97
CA SER O 76 63.26 7.94 -58.27
C SER O 76 62.47 7.60 -57.01
N LEU O 77 63.01 6.71 -56.20
CA LEU O 77 62.37 6.29 -54.96
C LEU O 77 62.09 7.49 -54.06
N TYR O 78 63.14 8.22 -53.73
CA TYR O 78 63.00 9.40 -52.87
C TYR O 78 61.93 10.35 -53.40
N ASN O 79 61.76 10.34 -54.73
CA ASN O 79 60.75 11.20 -55.37
C ASN O 79 59.35 10.75 -55.00
N THR O 80 59.06 9.47 -55.22
CA THR O 80 57.75 8.91 -54.92
C THR O 80 57.50 8.87 -53.42
N ILE O 81 58.44 8.28 -52.69
CA ILE O 81 58.32 8.17 -51.24
C ILE O 81 58.06 9.54 -50.61
N ALA O 82 58.55 10.58 -51.26
CA ALA O 82 58.37 11.95 -50.77
C ALA O 82 56.91 12.40 -50.91
N VAL O 83 56.45 12.48 -52.16
CA VAL O 83 55.08 12.90 -52.42
C VAL O 83 54.08 12.07 -51.62
N LEU O 84 54.37 10.78 -51.49
CA LEU O 84 53.50 9.88 -50.74
C LEU O 84 53.52 10.20 -49.25
N TYR O 85 54.72 10.26 -48.68
CA TYR O 85 54.86 10.57 -47.26
C TYR O 85 54.12 11.85 -46.89
N CYS O 86 54.33 12.89 -47.68
CA CYS O 86 53.68 14.18 -47.45
C CYS O 86 52.17 13.99 -47.32
N VAL O 87 51.62 13.05 -48.07
CA VAL O 87 50.18 12.77 -48.04
C VAL O 87 49.76 12.17 -46.70
N HIS O 88 50.54 11.19 -46.24
CA HIS O 88 50.24 10.53 -44.97
C HIS O 88 50.42 11.49 -43.80
N GLN O 89 51.39 12.42 -43.85
CA GLN O 89 51.59 13.36 -42.76
C GLN O 89 50.54 14.45 -42.78
N ARG O 90 50.64 15.37 -43.73
CA ARG O 90 49.69 16.47 -43.85
C ARG O 90 50.04 17.36 -45.05
N ILE O 91 51.33 17.51 -45.31
CA ILE O 91 51.80 18.33 -46.42
C ILE O 91 51.11 17.93 -47.72
N ASP O 92 50.51 18.91 -48.38
CA ASP O 92 49.81 18.66 -49.64
C ASP O 92 50.49 19.40 -50.79
N VAL O 93 51.75 19.09 -51.03
CA VAL O 93 52.52 19.73 -52.10
C VAL O 93 51.86 19.50 -53.45
N LYS O 94 52.20 20.34 -54.42
CA LYS O 94 51.63 20.24 -55.76
C LYS O 94 52.54 19.39 -56.65
N ASP O 95 53.83 19.40 -56.36
CA ASP O 95 54.79 18.63 -57.14
C ASP O 95 55.73 17.85 -56.23
N THR O 96 56.68 17.14 -56.83
CA THR O 96 57.64 16.35 -56.07
C THR O 96 58.74 17.23 -55.48
N LYS O 97 58.99 18.36 -56.12
CA LYS O 97 60.01 19.29 -55.66
C LYS O 97 59.62 19.91 -54.32
N GLU O 98 58.43 20.48 -54.27
CA GLU O 98 57.93 21.11 -53.04
C GLU O 98 58.02 20.14 -51.87
N ALA O 99 57.78 18.86 -52.15
CA ALA O 99 57.83 17.83 -51.10
C ALA O 99 59.25 17.70 -50.54
N LEU O 100 60.24 17.89 -51.40
CA LEU O 100 61.63 17.79 -50.99
C LEU O 100 62.02 18.94 -50.07
N ASP O 101 61.53 20.13 -50.39
CA ASP O 101 61.81 21.31 -49.59
C ASP O 101 61.17 21.21 -48.20
N LYS O 102 59.91 20.80 -48.18
CA LYS O 102 59.18 20.65 -46.92
C LYS O 102 59.91 19.69 -45.98
N ILE O 103 60.21 18.50 -46.49
CA ILE O 103 60.91 17.49 -45.70
C ILE O 103 62.32 17.94 -45.35
N GLU O 104 62.90 18.79 -46.20
CA GLU O 104 64.24 19.30 -45.98
C GLU O 104 64.27 20.30 -44.82
N GLU O 105 63.26 21.15 -44.77
CA GLU O 105 63.17 22.15 -43.71
C GLU O 105 62.84 21.51 -42.37
N GLU O 106 61.89 20.57 -42.39
CA GLU O 106 61.48 19.87 -41.19
C GLU O 106 62.68 19.25 -40.48
N GLN O 107 63.66 18.82 -41.26
CA GLN O 107 64.86 18.20 -40.72
C GLN O 107 65.80 19.25 -40.14
N ASN O 108 65.73 20.46 -40.68
CA ASN O 108 66.59 21.56 -40.23
C ASN O 108 66.15 22.03 -38.85
N LYS O 109 64.87 21.88 -38.55
CA LYS O 109 64.34 22.29 -37.25
C LYS O 109 64.85 21.39 -36.14
N SER O 110 64.95 20.09 -36.42
CA SER O 110 65.43 19.13 -35.45
C SER O 110 66.92 19.33 -35.16
N LYS O 111 67.64 19.84 -36.16
CA LYS O 111 69.07 20.09 -36.02
C LYS O 111 69.35 21.01 -34.83
N LYS O 112 68.47 21.97 -34.62
CA LYS O 112 68.62 22.92 -33.51
C LYS O 112 68.35 22.23 -32.18
N LYS O 113 67.50 21.20 -32.20
CA LYS O 113 67.16 20.47 -30.98
C LYS O 113 67.73 19.06 -31.03
N ALA O 114 68.88 18.91 -31.69
CA ALA O 114 69.52 17.61 -31.80
C ALA O 114 70.91 17.74 -32.44
N GLN O 115 71.67 18.74 -31.98
CA GLN O 115 73.01 18.97 -32.51
C GLN O 115 74.07 18.36 -31.59
N GLY P 1 -80.48 27.68 9.22
CA GLY P 1 -80.90 26.29 9.31
C GLY P 1 -80.31 25.58 10.52
N ALA P 2 -79.09 25.09 10.37
CA ALA P 2 -78.41 24.40 11.45
C ALA P 2 -76.96 24.11 11.10
N ARG P 3 -76.21 25.16 10.77
CA ARG P 3 -74.81 25.03 10.42
C ARG P 3 -73.91 25.77 11.40
N ALA P 4 -72.61 25.76 11.14
CA ALA P 4 -71.65 26.44 12.01
C ALA P 4 -71.48 27.90 11.61
N SER P 5 -71.10 28.73 12.57
CA SER P 5 -70.91 30.16 12.32
C SER P 5 -70.34 30.85 13.55
N VAL P 6 -71.07 30.79 14.65
CA VAL P 6 -70.64 31.41 15.90
C VAL P 6 -69.39 30.74 16.43
N LEU P 7 -69.37 29.41 16.41
CA LEU P 7 -68.23 28.64 16.89
C LEU P 7 -67.56 27.88 15.76
N SER P 8 -66.24 28.01 15.68
CA SER P 8 -65.47 27.33 14.64
C SER P 8 -65.32 25.85 14.94
N GLY P 9 -64.52 25.15 14.14
CA GLY P 9 -64.31 23.74 14.33
C GLY P 9 -63.76 23.43 15.71
N GLY P 10 -62.68 24.10 16.09
CA GLY P 10 -62.07 23.88 17.38
C GLY P 10 -63.00 24.24 18.52
N GLU P 11 -63.68 25.37 18.40
CA GLU P 11 -64.59 25.83 19.43
C GLU P 11 -65.78 24.89 19.57
N LEU P 12 -66.23 24.34 18.44
CA LEU P 12 -67.36 23.43 18.43
C LEU P 12 -67.06 22.19 19.30
N ASP P 13 -65.86 21.65 19.14
CA ASP P 13 -65.45 20.48 19.91
C ASP P 13 -65.60 20.72 21.40
N LYS P 14 -65.00 21.82 21.88
CA LYS P 14 -65.06 22.18 23.29
C LYS P 14 -66.50 22.50 23.71
N TRP P 15 -67.20 23.22 22.85
CA TRP P 15 -68.59 23.60 23.12
C TRP P 15 -69.43 22.38 23.46
N GLU P 16 -69.40 21.38 22.58
CA GLU P 16 -70.17 20.16 22.78
C GLU P 16 -69.76 19.48 24.09
N LYS P 17 -68.54 19.73 24.53
CA LYS P 17 -68.03 19.14 25.76
C LYS P 17 -68.60 19.86 26.98
N ILE P 18 -68.52 21.19 26.98
CA ILE P 18 -69.03 21.99 28.07
C ILE P 18 -70.47 21.62 28.41
N ARG P 19 -70.78 21.57 29.70
CA ARG P 19 -72.13 21.22 30.14
C ARG P 19 -72.87 22.46 30.64
N LEU P 20 -74.19 22.45 30.50
CA LEU P 20 -75.02 23.56 30.93
C LEU P 20 -74.91 23.77 32.43
N ARG P 21 -74.62 22.70 33.16
CA ARG P 21 -74.48 22.77 34.61
C ARG P 21 -73.37 21.85 35.10
N PRO P 22 -72.86 22.13 36.31
CA PRO P 22 -71.79 21.34 36.92
C PRO P 22 -72.25 19.94 37.31
N GLY P 23 -73.46 19.86 37.84
CA GLY P 23 -74.01 18.57 38.26
C GLY P 23 -75.17 18.13 37.40
N GLY P 24 -74.94 18.01 36.10
CA GLY P 24 -75.99 17.60 35.18
C GLY P 24 -75.53 16.51 34.23
N LYS P 25 -76.38 16.18 33.26
CA LYS P 25 -76.06 15.16 32.28
C LYS P 25 -76.48 15.60 30.87
N LYS P 26 -76.52 16.92 30.66
CA LYS P 26 -76.89 17.46 29.36
C LYS P 26 -75.83 18.44 28.86
N GLN P 27 -74.94 17.94 28.02
CA GLN P 27 -73.87 18.77 27.46
C GLN P 27 -74.44 19.89 26.60
N TYR P 28 -73.57 20.76 26.11
CA TYR P 28 -73.98 21.87 25.27
C TYR P 28 -74.15 21.43 23.81
N LYS P 29 -75.07 22.07 23.12
CA LYS P 29 -75.33 21.74 21.71
C LYS P 29 -75.72 23.00 20.93
N LEU P 30 -75.68 22.89 19.60
CA LEU P 30 -76.03 24.01 18.74
C LEU P 30 -77.39 24.58 19.12
N LYS P 31 -78.27 23.73 19.63
CA LYS P 31 -79.60 24.15 20.04
C LYS P 31 -79.53 25.36 20.96
N HIS P 32 -78.53 25.37 21.84
CA HIS P 32 -78.35 26.47 22.78
C HIS P 32 -77.75 27.69 22.09
N ILE P 33 -76.87 27.52 21.11
CA ILE P 33 -76.26 28.65 20.41
C ILE P 33 -77.30 29.40 19.59
N VAL P 34 -78.23 28.66 18.99
CA VAL P 34 -79.29 29.25 18.18
C VAL P 34 -80.42 29.79 19.04
N TRP P 35 -80.72 29.08 20.12
CA TRP P 35 -81.79 29.49 21.03
C TRP P 35 -81.54 30.89 21.55
N ALA P 36 -80.27 31.23 21.76
CA ALA P 36 -79.90 32.55 22.25
C ALA P 36 -79.96 33.59 21.14
N SER P 37 -79.44 33.23 19.98
CA SER P 37 -79.43 34.14 18.83
C SER P 37 -80.84 34.65 18.54
N ARG P 38 -81.83 33.78 18.69
CA ARG P 38 -83.21 34.15 18.44
C ARG P 38 -83.70 35.17 19.46
N GLU P 39 -83.41 34.91 20.73
CA GLU P 39 -83.81 35.81 21.81
C GLU P 39 -83.07 37.14 21.72
N LEU P 40 -81.87 37.10 21.14
CA LEU P 40 -81.05 38.29 21.00
C LEU P 40 -81.69 39.28 20.03
N GLU P 41 -81.95 38.83 18.81
CA GLU P 41 -82.56 39.67 17.80
C GLU P 41 -83.86 40.29 18.30
N ARG P 42 -84.51 39.59 19.23
CA ARG P 42 -85.77 40.07 19.79
C ARG P 42 -85.54 41.34 20.61
N PHE P 43 -84.36 41.46 21.20
CA PHE P 43 -84.03 42.62 22.01
C PHE P 43 -83.25 43.65 21.19
N ALA P 44 -83.48 43.65 19.89
CA ALA P 44 -82.81 44.58 18.98
C ALA P 44 -81.31 44.33 18.97
N VAL P 45 -80.91 43.11 19.31
CA VAL P 45 -79.50 42.73 19.32
C VAL P 45 -79.21 41.61 18.33
N ASN P 46 -78.41 41.92 17.32
CA ASN P 46 -78.06 40.94 16.30
C ASN P 46 -77.33 39.76 16.92
N PRO P 47 -77.60 38.55 16.38
CA PRO P 47 -76.98 37.31 16.86
C PRO P 47 -75.50 37.24 16.53
N GLY P 48 -75.06 38.08 15.60
CA GLY P 48 -73.67 38.09 15.20
C GLY P 48 -72.74 38.48 16.34
N LEU P 49 -73.27 39.25 17.29
CA LEU P 49 -72.49 39.70 18.43
C LEU P 49 -71.91 38.51 19.20
N LEU P 50 -72.57 37.37 19.09
CA LEU P 50 -72.12 36.16 19.76
C LEU P 50 -70.95 35.51 19.01
N GLU P 51 -70.90 35.76 17.70
CA GLU P 51 -69.84 35.21 16.87
C GLU P 51 -68.53 35.97 17.07
N THR P 52 -68.61 37.07 17.83
CA THR P 52 -67.44 37.89 18.09
C THR P 52 -67.23 38.09 19.59
N SER P 53 -66.00 37.84 20.05
CA SER P 53 -65.67 37.99 21.45
C SER P 53 -66.02 39.38 21.96
N GLU P 54 -66.02 40.35 21.04
CA GLU P 54 -66.34 41.73 21.39
C GLU P 54 -67.84 41.92 21.57
N GLY P 55 -68.61 41.34 20.67
CA GLY P 55 -70.06 41.45 20.74
C GLY P 55 -70.63 40.83 22.01
N CYS P 56 -70.07 39.69 22.41
CA CYS P 56 -70.53 39.00 23.60
C CYS P 56 -70.37 39.89 24.84
N ARG P 57 -69.20 40.48 24.99
CA ARG P 57 -68.91 41.35 26.12
C ARG P 57 -69.99 42.42 26.25
N GLN P 58 -70.40 42.98 25.12
CA GLN P 58 -71.42 44.02 25.10
C GLN P 58 -72.76 43.50 25.61
N ILE P 59 -73.03 42.23 25.32
CA ILE P 59 -74.27 41.60 25.75
C ILE P 59 -74.25 41.32 27.25
N LEU P 60 -73.20 40.66 27.71
CA LEU P 60 -73.06 40.32 29.12
C LEU P 60 -73.09 41.59 29.98
N GLY P 61 -72.70 42.71 29.39
CA GLY P 61 -72.70 43.97 30.12
C GLY P 61 -74.10 44.45 30.45
N GLN P 62 -75.03 44.24 29.53
CA GLN P 62 -76.41 44.66 29.73
C GLN P 62 -77.17 43.66 30.60
N LEU P 63 -76.85 42.37 30.43
CA LEU P 63 -77.50 41.32 31.20
C LEU P 63 -76.93 41.25 32.61
N GLN P 64 -75.69 41.70 32.77
CA GLN P 64 -75.03 41.69 34.08
C GLN P 64 -75.90 42.37 35.12
N PRO P 65 -76.18 43.66 34.91
CA PRO P 65 -77.01 44.45 35.83
C PRO P 65 -78.48 44.03 35.81
N SER P 66 -78.86 43.35 34.75
CA SER P 66 -80.24 42.88 34.60
C SER P 66 -80.37 41.43 35.02
N LEU P 67 -79.49 40.99 35.90
CA LEU P 67 -79.50 39.61 36.39
C LEU P 67 -80.57 39.43 37.47
N GLN P 68 -80.82 40.48 38.24
CA GLN P 68 -81.82 40.42 39.30
C GLN P 68 -83.14 40.98 38.82
N THR P 69 -83.10 42.08 38.08
CA THR P 69 -84.30 42.71 37.54
C THR P 69 -84.83 41.97 36.33
N GLY P 70 -83.93 41.28 35.63
CA GLY P 70 -84.33 40.53 34.45
C GLY P 70 -85.15 39.31 34.79
N SER P 71 -85.75 38.69 33.78
CA SER P 71 -86.57 37.50 33.98
C SER P 71 -85.80 36.24 33.61
N GLU P 72 -86.49 35.10 33.62
CA GLU P 72 -85.87 33.82 33.30
C GLU P 72 -85.26 33.85 31.89
N GLU P 73 -85.95 34.53 30.98
CA GLU P 73 -85.49 34.63 29.60
C GLU P 73 -84.08 35.22 29.54
N LEU P 74 -83.78 36.10 30.49
CA LEU P 74 -82.46 36.73 30.56
C LEU P 74 -81.44 35.81 31.21
N ARG P 75 -81.89 35.07 32.21
CA ARG P 75 -81.01 34.13 32.91
C ARG P 75 -80.37 33.15 31.95
N SER P 76 -81.20 32.44 31.19
CA SER P 76 -80.72 31.46 30.23
C SER P 76 -79.67 32.08 29.30
N LEU P 77 -79.92 33.31 28.87
CA LEU P 77 -79.01 34.02 27.99
C LEU P 77 -77.61 34.11 28.61
N TYR P 78 -77.55 34.70 29.80
CA TYR P 78 -76.28 34.87 30.50
C TYR P 78 -75.54 33.53 30.60
N ASN P 79 -76.30 32.44 30.65
CA ASN P 79 -75.72 31.11 30.76
C ASN P 79 -74.99 30.74 29.46
N THR P 80 -75.69 30.85 28.34
CA THR P 80 -75.11 30.53 27.05
C THR P 80 -74.03 31.53 26.66
N ILE P 81 -74.37 32.82 26.72
CA ILE P 81 -73.42 33.88 26.37
C ILE P 81 -72.13 33.73 27.17
N ALA P 82 -72.23 33.15 28.36
CA ALA P 82 -71.07 32.95 29.22
C ALA P 82 -70.15 31.87 28.66
N VAL P 83 -70.66 30.64 28.59
CA VAL P 83 -69.89 29.52 28.06
C VAL P 83 -69.30 29.84 26.70
N LEU P 84 -70.07 30.56 25.89
CA LEU P 84 -69.63 30.94 24.55
C LEU P 84 -68.50 31.95 24.62
N TYR P 85 -68.71 33.04 25.35
CA TYR P 85 -67.71 34.09 25.49
C TYR P 85 -66.37 33.50 25.95
N CYS P 86 -66.42 32.66 26.98
CA CYS P 86 -65.22 32.03 27.51
C CYS P 86 -64.43 31.33 26.39
N VAL P 87 -65.16 30.79 25.42
CA VAL P 87 -64.54 30.09 24.30
C VAL P 87 -63.78 31.07 23.41
N HIS P 88 -64.42 32.20 23.09
CA HIS P 88 -63.81 33.21 22.24
C HIS P 88 -62.61 33.85 22.94
N GLN P 89 -62.64 34.03 24.25
CA GLN P 89 -61.53 34.65 24.97
C GLN P 89 -60.38 33.67 25.13
N ARG P 90 -60.56 32.69 26.02
CA ARG P 90 -59.53 31.69 26.27
C ARG P 90 -60.01 30.68 27.31
N ILE P 91 -60.77 31.16 28.29
CA ILE P 91 -61.29 30.30 29.35
C ILE P 91 -61.98 29.07 28.77
N ASP P 92 -61.56 27.90 29.22
CA ASP P 92 -62.15 26.65 28.75
C ASP P 92 -62.84 25.91 29.89
N VAL P 93 -63.83 26.55 30.49
CA VAL P 93 -64.58 25.96 31.59
C VAL P 93 -65.23 24.65 31.17
N LYS P 94 -65.58 23.83 32.15
CA LYS P 94 -66.21 22.54 31.89
C LYS P 94 -67.73 22.67 31.93
N ASP P 95 -68.22 23.62 32.72
CA ASP P 95 -69.66 23.84 32.85
C ASP P 95 -69.98 25.33 32.73
N THR P 96 -71.26 25.65 32.87
CA THR P 96 -71.71 27.04 32.79
C THR P 96 -71.42 27.80 34.07
N LYS P 97 -71.35 27.06 35.18
CA LYS P 97 -71.08 27.67 36.49
C LYS P 97 -69.67 28.24 36.54
N GLU P 98 -68.69 27.40 36.20
CA GLU P 98 -67.29 27.83 36.20
C GLU P 98 -67.10 29.10 35.38
N ALA P 99 -67.86 29.20 34.28
CA ALA P 99 -67.78 30.36 33.41
C ALA P 99 -68.23 31.62 34.13
N LEU P 100 -69.21 31.47 35.01
CA LEU P 100 -69.74 32.61 35.77
C LEU P 100 -68.71 33.11 36.77
N ASP P 101 -68.00 32.18 37.40
CA ASP P 101 -66.97 32.54 38.39
C ASP P 101 -65.81 33.25 37.72
N LYS P 102 -65.34 32.71 36.61
CA LYS P 102 -64.22 33.29 35.88
C LYS P 102 -64.53 34.73 35.48
N ILE P 103 -65.67 34.93 34.84
CA ILE P 103 -66.08 36.26 34.41
C ILE P 103 -66.35 37.17 35.61
N GLU P 104 -66.74 36.56 36.73
CA GLU P 104 -67.03 37.31 37.95
C GLU P 104 -65.75 37.85 38.57
N GLU P 105 -64.71 37.03 38.58
CA GLU P 105 -63.42 37.42 39.15
C GLU P 105 -62.73 38.46 38.28
N GLU P 106 -62.77 38.24 36.96
CA GLU P 106 -62.14 39.16 36.01
C GLU P 106 -62.66 40.58 36.21
N GLN P 107 -63.93 40.69 36.60
CA GLN P 107 -64.55 41.99 36.83
C GLN P 107 -64.09 42.59 38.16
N ASN P 108 -63.74 41.72 39.10
CA ASN P 108 -63.29 42.16 40.42
C ASN P 108 -61.91 42.80 40.33
N LYS P 109 -61.12 42.36 39.36
CA LYS P 109 -59.77 42.88 39.17
C LYS P 109 -59.82 44.32 38.67
N SER P 110 -60.77 44.61 37.79
CA SER P 110 -60.91 45.95 37.23
C SER P 110 -61.41 46.92 38.29
N LYS P 111 -62.15 46.41 39.26
CA LYS P 111 -62.68 47.23 40.35
C LYS P 111 -61.56 47.97 41.08
N LYS P 112 -60.42 47.30 41.22
CA LYS P 112 -59.27 47.89 41.90
C LYS P 112 -58.63 48.98 41.04
N LYS P 113 -58.76 48.83 39.72
CA LYS P 113 -58.20 49.81 38.79
C LYS P 113 -59.31 50.58 38.08
N ALA P 114 -60.42 50.78 38.78
CA ALA P 114 -61.55 51.51 38.21
C ALA P 114 -62.61 51.78 39.27
N GLN P 115 -62.18 52.20 40.46
CA GLN P 115 -63.10 52.48 41.55
C GLN P 115 -63.39 53.98 41.65
N GLY Q 1 36.14 -66.80 9.58
CA GLY Q 1 35.53 -66.71 8.27
C GLY Q 1 35.52 -65.28 7.74
N ALA Q 2 34.51 -64.51 8.16
CA ALA Q 2 34.38 -63.12 7.73
C ALA Q 2 33.26 -62.42 8.49
N ARG Q 3 33.37 -62.42 9.82
CA ARG Q 3 32.36 -61.78 10.66
C ARG Q 3 32.98 -60.64 11.46
N ALA Q 4 32.17 -60.02 12.32
CA ALA Q 4 32.64 -58.92 13.15
C ALA Q 4 33.24 -59.43 14.46
N SER Q 5 34.15 -58.65 15.04
CA SER Q 5 34.80 -59.02 16.28
C SER Q 5 35.69 -57.90 16.80
N VAL Q 6 36.68 -57.51 15.99
CA VAL Q 6 37.59 -56.45 16.36
C VAL Q 6 36.87 -55.11 16.46
N LEU Q 7 36.01 -54.84 15.48
CA LEU Q 7 35.25 -53.59 15.45
C LEU Q 7 33.75 -53.85 15.62
N SER Q 8 33.13 -53.11 16.52
CA SER Q 8 31.70 -53.27 16.78
C SER Q 8 30.88 -52.62 15.67
N GLY Q 9 29.56 -52.58 15.87
CA GLY Q 9 28.69 -51.98 14.88
C GLY Q 9 29.03 -50.54 14.58
N GLY Q 10 29.15 -49.73 15.63
CA GLY Q 10 29.49 -48.33 15.45
C GLY Q 10 30.86 -48.13 14.85
N GLU Q 11 31.83 -48.90 15.33
CA GLU Q 11 33.20 -48.80 14.82
C GLU Q 11 33.27 -49.24 13.36
N LEU Q 12 32.48 -50.24 13.00
CA LEU Q 12 32.45 -50.76 11.64
C LEU Q 12 32.05 -49.66 10.66
N ASP Q 13 31.01 -48.91 11.01
CA ASP Q 13 30.54 -47.83 10.16
C ASP Q 13 31.66 -46.85 9.83
N LYS Q 14 32.33 -46.35 10.87
CA LYS Q 14 33.43 -45.42 10.70
C LYS Q 14 34.59 -46.07 9.96
N TRP Q 15 34.88 -47.32 10.32
CA TRP Q 15 35.99 -48.06 9.69
C TRP Q 15 35.83 -48.07 8.17
N GLU Q 16 34.67 -48.50 7.70
CA GLU Q 16 34.40 -48.55 6.27
C GLU Q 16 34.55 -47.18 5.63
N LYS Q 17 34.36 -46.14 6.43
CA LYS Q 17 34.48 -44.77 5.94
C LYS Q 17 35.94 -44.37 5.79
N ILE Q 18 36.73 -44.62 6.83
CA ILE Q 18 38.15 -44.28 6.80
C ILE Q 18 38.83 -44.86 5.57
N ARG Q 19 39.72 -44.08 4.96
CA ARG Q 19 40.45 -44.50 3.77
C ARG Q 19 41.89 -44.87 4.11
N LEU Q 20 42.45 -45.80 3.34
CA LEU Q 20 43.82 -46.24 3.56
C LEU Q 20 44.80 -45.09 3.35
N ARG Q 21 44.42 -44.13 2.52
CA ARG Q 21 45.26 -42.98 2.23
C ARG Q 21 44.42 -41.72 2.08
N PRO Q 22 45.06 -40.55 2.25
CA PRO Q 22 44.39 -39.25 2.13
C PRO Q 22 43.98 -38.94 0.69
N GLY Q 23 44.85 -39.28 -0.26
CA GLY Q 23 44.56 -39.04 -1.66
C GLY Q 23 44.35 -40.32 -2.45
N GLY Q 24 43.38 -41.12 -2.02
CA GLY Q 24 43.09 -42.37 -2.70
C GLY Q 24 41.61 -42.57 -2.95
N LYS Q 25 41.25 -43.75 -3.43
CA LYS Q 25 39.85 -44.07 -3.72
C LYS Q 25 39.50 -45.47 -3.24
N LYS Q 26 40.22 -45.94 -2.22
CA LYS Q 26 39.98 -47.26 -1.67
C LYS Q 26 39.77 -47.19 -0.16
N GLN Q 27 38.51 -47.15 0.25
CA GLN Q 27 38.17 -47.07 1.67
C GLN Q 27 38.63 -48.32 2.40
N TYR Q 28 38.45 -48.32 3.72
CA TYR Q 28 38.86 -49.46 4.55
C TYR Q 28 37.79 -50.55 4.53
N LYS Q 29 38.23 -51.80 4.66
CA LYS Q 29 37.32 -52.94 4.66
C LYS Q 29 37.82 -54.04 5.58
N LEU Q 30 36.95 -54.99 5.91
CA LEU Q 30 37.31 -56.10 6.78
C LEU Q 30 38.57 -56.79 6.29
N LYS Q 31 38.78 -56.77 4.97
CA LYS Q 31 39.95 -57.40 4.37
C LYS Q 31 41.24 -56.92 5.05
N HIS Q 32 41.26 -55.64 5.41
CA HIS Q 32 42.43 -55.06 6.07
C HIS Q 32 42.48 -55.47 7.54
N ILE Q 33 41.36 -55.61 8.22
CA ILE Q 33 41.35 -56.00 9.62
C ILE Q 33 41.85 -57.43 9.81
N VAL Q 34 41.48 -58.29 8.86
CA VAL Q 34 41.89 -59.70 8.91
C VAL Q 34 43.31 -59.87 8.38
N TRP Q 35 43.65 -59.11 7.35
CA TRP Q 35 44.99 -59.17 6.76
C TRP Q 35 46.06 -58.94 7.81
N ALA Q 36 45.77 -58.05 8.76
CA ALA Q 36 46.71 -57.75 9.83
C ALA Q 36 46.73 -58.83 10.89
N SER Q 37 45.55 -59.30 11.26
CA SER Q 37 45.43 -60.35 12.28
C SER Q 37 46.27 -61.57 11.90
N ARG Q 38 46.31 -61.88 10.61
CA ARG Q 38 47.08 -63.02 10.12
C ARG Q 38 48.58 -62.78 10.30
N GLU Q 39 49.03 -61.59 9.92
CA GLU Q 39 50.44 -61.24 10.03
C GLU Q 39 50.85 -61.11 11.50
N LEU Q 40 49.89 -60.80 12.35
CA LEU Q 40 50.15 -60.64 13.79
C LEU Q 40 50.51 -61.99 14.42
N GLU Q 41 49.61 -62.96 14.27
CA GLU Q 41 49.84 -64.28 14.83
C GLU Q 41 51.18 -64.86 14.36
N ARG Q 42 51.62 -64.42 13.18
CA ARG Q 42 52.87 -64.88 12.63
C ARG Q 42 54.06 -64.41 13.48
N PHE Q 43 53.91 -63.25 14.10
CA PHE Q 43 54.95 -62.69 14.94
C PHE Q 43 54.72 -63.05 16.41
N ALA Q 44 54.06 -64.16 16.64
CA ALA Q 44 53.76 -64.61 18.00
C ALA Q 44 52.85 -63.63 18.72
N VAL Q 45 52.09 -62.86 17.95
CA VAL Q 45 51.17 -61.89 18.51
C VAL Q 45 49.72 -62.21 18.13
N ASN Q 46 48.91 -62.53 19.14
CA ASN Q 46 47.50 -62.86 18.91
C ASN Q 46 46.77 -61.68 18.28
N PRO Q 47 45.84 -61.99 17.37
CA PRO Q 47 45.03 -60.98 16.68
C PRO Q 47 44.05 -60.28 17.61
N GLY Q 48 43.80 -60.89 18.76
CA GLY Q 48 42.89 -60.30 19.72
C GLY Q 48 43.35 -58.97 20.25
N LEU Q 49 44.66 -58.75 20.24
CA LEU Q 49 45.24 -57.50 20.71
C LEU Q 49 44.66 -56.32 19.96
N LEU Q 50 44.20 -56.56 18.73
CA LEU Q 50 43.63 -55.51 17.91
C LEU Q 50 42.19 -55.20 18.34
N GLU Q 51 41.53 -56.20 18.93
CA GLU Q 51 40.17 -56.04 19.39
C GLU Q 51 40.12 -55.24 20.70
N THR Q 52 41.29 -54.96 21.25
CA THR Q 52 41.39 -54.20 22.49
C THR Q 52 42.30 -53.00 22.34
N SER Q 53 41.81 -51.83 22.76
CA SER Q 53 42.58 -50.60 22.66
C SER Q 53 43.93 -50.74 23.35
N GLU Q 54 44.00 -51.63 24.33
CA GLU Q 54 45.23 -51.87 25.07
C GLU Q 54 46.20 -52.72 24.26
N GLY Q 55 45.68 -53.76 23.61
CA GLY Q 55 46.51 -54.63 22.81
C GLY Q 55 47.16 -53.91 21.65
N CYS Q 56 46.41 -53.02 21.01
CA CYS Q 56 46.92 -52.25 19.88
C CYS Q 56 48.14 -51.43 20.29
N ARG Q 57 48.01 -50.70 21.39
CA ARG Q 57 49.10 -49.86 21.88
C ARG Q 57 50.39 -50.67 22.01
N GLN Q 58 50.26 -51.91 22.50
CA GLN Q 58 51.42 -52.78 22.67
C GLN Q 58 52.05 -53.12 21.33
N ILE Q 59 51.22 -53.24 20.30
CA ILE Q 59 51.70 -53.56 18.96
C ILE Q 59 52.40 -52.37 18.33
N LEU Q 60 51.75 -51.22 18.34
CA LEU Q 60 52.32 -50.00 17.77
C LEU Q 60 53.64 -49.65 18.44
N GLY Q 61 53.79 -50.09 19.69
CA GLY Q 61 55.02 -49.82 20.42
C GLY Q 61 56.22 -50.55 19.85
N GLN Q 62 55.99 -51.78 19.39
CA GLN Q 62 57.06 -52.58 18.81
C GLN Q 62 57.33 -52.20 17.37
N LEU Q 63 56.27 -51.84 16.65
CA LEU Q 63 56.38 -51.44 15.25
C LEU Q 63 56.91 -50.01 15.14
N GLN Q 64 56.66 -49.22 16.17
CA GLN Q 64 57.11 -47.82 16.19
C GLN Q 64 58.59 -47.73 15.87
N PRO Q 65 59.43 -48.35 16.72
CA PRO Q 65 60.88 -48.34 16.56
C PRO Q 65 61.33 -49.19 15.37
N SER Q 66 60.46 -50.09 14.92
CA SER Q 66 60.77 -50.96 13.80
C SER Q 66 60.16 -50.41 12.50
N LEU Q 67 59.98 -49.09 12.46
CA LEU Q 67 59.41 -48.44 11.29
C LEU Q 67 60.46 -48.27 10.19
N GLN Q 68 61.71 -48.06 10.61
CA GLN Q 68 62.82 -47.89 9.67
C GLN Q 68 63.53 -49.21 9.42
N THR Q 69 63.75 -49.97 10.49
CA THR Q 69 64.43 -51.26 10.39
C THR Q 69 63.49 -52.33 9.86
N GLY Q 70 62.19 -52.15 10.09
CA GLY Q 70 61.22 -53.12 9.63
C GLY Q 70 61.06 -53.11 8.12
N SER Q 71 60.37 -54.11 7.59
CA SER Q 71 60.15 -54.22 6.16
C SER Q 71 58.75 -53.73 5.78
N GLU Q 72 58.39 -53.92 4.52
CA GLU Q 72 57.08 -53.50 4.03
C GLU Q 72 55.96 -54.17 4.81
N GLU Q 73 56.17 -55.44 5.17
CA GLU Q 73 55.18 -56.20 5.93
C GLU Q 73 54.82 -55.48 7.22
N LEU Q 74 55.80 -54.77 7.79
CA LEU Q 74 55.57 -54.04 9.03
C LEU Q 74 54.88 -52.72 8.77
N ARG Q 75 55.23 -52.08 7.66
CA ARG Q 75 54.64 -50.80 7.29
C ARG Q 75 53.12 -50.91 7.21
N SER Q 76 52.64 -51.84 6.40
CA SER Q 76 51.20 -52.05 6.24
C SER Q 76 50.52 -52.21 7.59
N LEU Q 77 51.16 -52.97 8.48
CA LEU Q 77 50.61 -53.21 9.81
C LEU Q 77 50.36 -51.90 10.54
N TYR Q 78 51.41 -51.08 10.68
CA TYR Q 78 51.30 -49.80 11.36
C TYR Q 78 50.15 -48.97 10.78
N ASN Q 79 49.88 -49.17 9.50
CA ASN Q 79 48.81 -48.45 8.82
C ASN Q 79 47.44 -48.87 9.35
N THR Q 80 47.19 -50.18 9.34
CA THR Q 80 45.92 -50.71 9.83
C THR Q 80 45.79 -50.54 11.34
N ILE Q 81 46.80 -50.99 12.07
CA ILE Q 81 46.79 -50.88 13.52
C ILE Q 81 46.53 -49.44 13.97
N ALA Q 82 46.93 -48.50 13.13
CA ALA Q 82 46.74 -47.08 13.43
C ALA Q 82 45.26 -46.69 13.34
N VAL Q 83 44.71 -46.80 12.13
CA VAL Q 83 43.31 -46.46 11.91
C VAL Q 83 42.40 -47.19 12.90
N LEU Q 84 42.75 -48.43 13.20
CA LEU Q 84 41.97 -49.24 14.14
C LEU Q 84 42.08 -48.68 15.55
N TYR Q 85 43.31 -48.52 16.02
CA TYR Q 85 43.56 -48.00 17.36
C TYR Q 85 42.80 -46.70 17.59
N CYS Q 86 42.91 -45.78 16.64
CA CYS Q 86 42.24 -44.50 16.74
C CYS Q 86 40.74 -44.69 17.02
N VAL Q 87 40.17 -45.75 16.46
CA VAL Q 87 38.75 -46.05 16.63
C VAL Q 87 38.46 -46.46 18.07
N HIS Q 88 39.30 -47.33 18.62
CA HIS Q 88 39.12 -47.81 19.98
C HIS Q 88 39.36 -46.68 20.99
N GLN Q 89 40.27 -45.75 20.72
CA GLN Q 89 40.53 -44.66 21.64
C GLN Q 89 39.43 -43.59 21.56
N ARG Q 90 39.45 -42.84 20.46
CA ARG Q 90 38.45 -41.78 20.26
C ARG Q 90 38.68 -41.08 18.93
N ILE Q 91 39.95 -40.93 18.54
CA ILE Q 91 40.29 -40.27 17.29
C ILE Q 91 39.52 -40.88 16.13
N ASP Q 92 38.84 -40.02 15.37
CA ASP Q 92 38.07 -40.47 14.22
C ASP Q 92 38.63 -39.90 12.93
N VAL Q 93 39.88 -40.21 12.64
CA VAL Q 93 40.54 -39.72 11.43
C VAL Q 93 39.79 -40.16 10.18
N LYS Q 94 40.03 -39.46 9.08
CA LYS Q 94 39.37 -39.78 7.81
C LYS Q 94 40.23 -40.73 6.98
N ASP Q 95 41.55 -40.65 7.17
CA ASP Q 95 42.48 -41.50 6.44
C ASP Q 95 43.51 -42.11 7.38
N THR Q 96 44.43 -42.88 6.81
CA THR Q 96 45.48 -43.53 7.61
C THR Q 96 46.58 -42.55 7.98
N LYS Q 97 46.75 -41.52 7.16
CA LYS Q 97 47.77 -40.51 7.39
C LYS Q 97 47.45 -39.71 8.66
N GLU Q 98 46.24 -39.16 8.72
CA GLU Q 98 45.82 -38.38 9.87
C GLU Q 98 46.02 -39.16 11.17
N ALA Q 99 45.81 -40.46 11.11
CA ALA Q 99 45.98 -41.32 12.27
C ALA Q 99 47.44 -41.35 12.73
N LEU Q 100 48.35 -41.26 11.78
CA LEU Q 100 49.78 -41.27 12.10
C LEU Q 100 50.19 -39.98 12.81
N ASP Q 101 49.63 -38.86 12.35
CA ASP Q 101 49.93 -37.56 12.95
C ASP Q 101 49.41 -37.48 14.38
N LYS Q 102 48.16 -37.90 14.57
CA LYS Q 102 47.54 -37.88 15.89
C LYS Q 102 48.36 -38.68 16.89
N ILE Q 103 48.67 -39.92 16.54
CA ILE Q 103 49.45 -40.78 17.41
C ILE Q 103 50.88 -40.26 17.58
N GLU Q 104 51.35 -39.53 16.57
CA GLU Q 104 52.69 -38.96 16.62
C GLU Q 104 52.78 -37.80 17.61
N GLU Q 105 51.75 -36.97 17.62
CA GLU Q 105 51.70 -35.82 18.51
C GLU Q 105 51.48 -36.27 19.96
N GLU Q 106 50.58 -37.22 20.15
CA GLU Q 106 50.27 -37.74 21.47
C GLU Q 106 51.54 -38.23 22.17
N GLN Q 107 52.48 -38.75 21.38
CA GLN Q 107 53.74 -39.26 21.92
C GLN Q 107 54.68 -38.11 22.25
N ASN Q 108 54.53 -37.00 21.54
CA ASN Q 108 55.37 -35.82 21.77
C ASN Q 108 55.03 -35.15 23.10
N LYS Q 109 53.78 -35.29 23.51
CA LYS Q 109 53.33 -34.70 24.77
C LYS Q 109 53.95 -35.41 25.97
N SER Q 110 54.08 -36.74 25.86
CA SER Q 110 54.66 -37.53 26.93
C SER Q 110 56.16 -37.26 27.06
N LYS Q 111 56.79 -36.89 25.95
CA LYS Q 111 58.22 -36.59 25.93
C LYS Q 111 58.56 -35.50 26.95
N LYS Q 112 57.66 -34.53 27.10
CA LYS Q 112 57.86 -33.43 28.04
C LYS Q 112 57.71 -33.91 29.48
N LYS Q 113 56.90 -34.95 29.66
CA LYS Q 113 56.68 -35.51 31.00
C LYS Q 113 57.29 -36.90 31.12
N ALA Q 114 58.39 -37.12 30.39
CA ALA Q 114 59.07 -38.40 30.43
C ALA Q 114 60.40 -38.34 29.68
N GLN Q 115 61.15 -37.26 29.91
CA GLN Q 115 62.44 -37.09 29.26
C GLN Q 115 63.59 -37.52 30.18
N GLY R 1 -47.23 -37.82 45.08
CA GLY R 1 -48.62 -37.79 44.69
C GLY R 1 -49.36 -36.57 45.22
N ALA R 2 -49.81 -36.66 46.47
CA ALA R 2 -50.53 -35.56 47.09
C ALA R 2 -50.77 -35.83 48.58
N ARG R 3 -49.69 -36.07 49.32
CA ARG R 3 -49.77 -36.35 50.74
C ARG R 3 -49.04 -35.29 51.55
N ALA R 4 -49.01 -35.46 52.87
CA ALA R 4 -48.34 -34.52 53.75
C ALA R 4 -46.86 -34.87 53.90
N SER R 5 -46.05 -33.86 54.20
CA SER R 5 -44.61 -34.06 54.37
C SER R 5 -43.94 -32.78 54.84
N VAL R 6 -44.06 -31.72 54.04
CA VAL R 6 -43.46 -30.43 54.39
C VAL R 6 -44.11 -29.83 55.62
N LEU R 7 -45.45 -29.90 55.68
CA LEU R 7 -46.19 -29.37 56.80
C LEU R 7 -46.90 -30.49 57.57
N SER R 8 -46.75 -30.48 58.89
CA SER R 8 -47.36 -31.49 59.73
C SER R 8 -48.86 -31.21 59.91
N GLY R 9 -49.50 -32.00 60.77
CA GLY R 9 -50.92 -31.82 61.01
C GLY R 9 -51.26 -30.43 61.48
N GLY R 10 -50.57 -29.97 62.52
CA GLY R 10 -50.82 -28.64 63.05
C GLY R 10 -50.51 -27.55 62.05
N GLU R 11 -49.39 -27.68 61.35
CA GLU R 11 -48.99 -26.70 60.35
C GLU R 11 -49.97 -26.66 59.19
N LEU R 12 -50.49 -27.83 58.83
CA LEU R 12 -51.44 -27.93 57.72
C LEU R 12 -52.68 -27.09 58.00
N ASP R 13 -53.20 -27.19 59.22
CA ASP R 13 -54.38 -26.43 59.61
C ASP R 13 -54.18 -24.94 59.38
N LYS R 14 -53.09 -24.40 59.91
CA LYS R 14 -52.78 -22.99 59.75
C LYS R 14 -52.50 -22.65 58.29
N TRP R 15 -51.78 -23.53 57.61
CA TRP R 15 -51.44 -23.32 56.21
C TRP R 15 -52.70 -23.08 55.38
N GLU R 16 -53.65 -23.99 55.48
CA GLU R 16 -54.90 -23.86 54.74
C GLU R 16 -55.62 -22.56 55.08
N LYS R 17 -55.35 -22.04 56.28
CA LYS R 17 -55.96 -20.80 56.72
C LYS R 17 -55.30 -19.59 56.06
N ILE R 18 -53.97 -19.56 56.11
CA ILE R 18 -53.21 -18.46 55.50
C ILE R 18 -53.64 -18.23 54.05
N ARG R 19 -53.75 -16.97 53.67
CA ARG R 19 -54.13 -16.61 52.31
C ARG R 19 -52.93 -16.13 51.50
N LEU R 20 -52.98 -16.36 50.19
CA LEU R 20 -51.89 -15.94 49.30
C LEU R 20 -51.73 -14.43 49.33
N ARG R 21 -52.81 -13.71 49.60
CA ARG R 21 -52.78 -12.26 49.64
C ARG R 21 -53.69 -11.74 50.75
N PRO R 22 -53.44 -10.49 51.17
CA PRO R 22 -54.22 -9.83 52.23
C PRO R 22 -55.64 -9.51 51.79
N GLY R 23 -55.78 -9.06 50.54
CA GLY R 23 -57.09 -8.72 50.01
C GLY R 23 -57.53 -9.65 48.91
N GLY R 24 -57.60 -10.95 49.23
CA GLY R 24 -58.02 -11.93 48.25
C GLY R 24 -59.06 -12.89 48.79
N LYS R 25 -59.37 -13.93 48.01
CA LYS R 25 -60.36 -14.91 48.42
C LYS R 25 -59.89 -16.32 48.08
N LYS R 26 -58.56 -16.49 48.01
CA LYS R 26 -57.98 -17.79 47.70
C LYS R 26 -56.97 -18.21 48.77
N GLN R 27 -57.40 -19.00 49.73
CA GLN R 27 -56.54 -19.46 50.80
C GLN R 27 -55.41 -20.33 50.25
N TYR R 28 -54.51 -20.75 51.13
CA TYR R 28 -53.38 -21.57 50.74
C TYR R 28 -53.77 -23.05 50.68
N LYS R 29 -53.13 -23.79 49.77
CA LYS R 29 -53.42 -25.21 49.61
C LYS R 29 -52.17 -25.98 49.24
N LEU R 30 -52.22 -27.30 49.36
CA LEU R 30 -51.09 -28.16 49.04
C LEU R 30 -50.56 -27.84 47.64
N LYS R 31 -51.45 -27.41 46.76
CA LYS R 31 -51.07 -27.08 45.38
C LYS R 31 -49.90 -26.11 45.37
N HIS R 32 -49.89 -25.17 46.31
CA HIS R 32 -48.81 -24.19 46.40
C HIS R 32 -47.56 -24.81 47.01
N ILE R 33 -47.67 -25.74 47.96
CA ILE R 33 -46.50 -26.36 48.57
C ILE R 33 -45.76 -27.22 47.56
N VAL R 34 -46.50 -27.90 46.69
CA VAL R 34 -45.91 -28.76 45.67
C VAL R 34 -45.43 -27.95 44.48
N TRP R 35 -46.19 -26.92 44.13
CA TRP R 35 -45.83 -26.06 43.00
C TRP R 35 -44.43 -25.48 43.18
N ALA R 36 -44.08 -25.19 44.42
CA ALA R 36 -42.76 -24.63 44.72
C ALA R 36 -41.69 -25.71 44.71
N SER R 37 -42.00 -26.86 45.30
CA SER R 37 -41.05 -27.97 45.35
C SER R 37 -40.56 -28.34 43.95
N ARG R 38 -41.47 -28.26 42.98
CA ARG R 38 -41.13 -28.59 41.60
C ARG R 38 -40.16 -27.57 41.03
N GLU R 39 -40.44 -26.30 41.25
CA GLU R 39 -39.59 -25.22 40.76
C GLU R 39 -38.24 -25.21 41.47
N LEU R 40 -38.24 -25.73 42.70
CA LEU R 40 -37.02 -25.77 43.50
C LEU R 40 -36.01 -26.76 42.89
N GLU R 41 -36.44 -28.00 42.72
CA GLU R 41 -35.57 -29.03 42.15
C GLU R 41 -35.00 -28.58 40.81
N ARG R 42 -35.75 -27.73 40.11
CA ARG R 42 -35.32 -27.22 38.82
C ARG R 42 -34.08 -26.36 38.95
N PHE R 43 -33.94 -25.69 40.09
CA PHE R 43 -32.79 -24.82 40.34
C PHE R 43 -31.72 -25.57 41.14
N ALA R 44 -31.69 -26.88 40.99
CA ALA R 44 -30.71 -27.71 41.70
C ALA R 44 -30.93 -27.65 43.20
N VAL R 45 -32.15 -27.31 43.61
CA VAL R 45 -32.48 -27.22 45.03
C VAL R 45 -33.56 -28.23 45.40
N ASN R 46 -33.20 -29.18 46.25
CA ASN R 46 -34.13 -30.20 46.70
C ASN R 46 -35.33 -29.58 47.41
N PRO R 47 -36.52 -30.17 47.21
CA PRO R 47 -37.76 -29.69 47.83
C PRO R 47 -37.79 -29.92 49.34
N GLY R 48 -36.91 -30.80 49.80
CA GLY R 48 -36.85 -31.11 51.22
C GLY R 48 -36.47 -29.90 52.06
N LEU R 49 -35.73 -28.97 51.45
CA LEU R 49 -35.31 -27.76 52.15
C LEU R 49 -36.50 -27.00 52.72
N LEU R 50 -37.66 -27.18 52.10
CA LEU R 50 -38.88 -26.53 52.54
C LEU R 50 -39.47 -27.22 53.76
N GLU R 51 -39.18 -28.51 53.89
CA GLU R 51 -39.68 -29.29 55.02
C GLU R 51 -38.88 -28.99 56.29
N THR R 52 -37.81 -28.21 56.13
CA THR R 52 -36.97 -27.85 57.27
C THR R 52 -36.82 -26.33 57.38
N SER R 53 -37.05 -25.81 58.58
CA SER R 53 -36.94 -24.38 58.82
C SER R 53 -35.57 -23.86 58.41
N GLU R 54 -34.58 -24.73 58.43
CA GLU R 54 -33.22 -24.37 58.06
C GLU R 54 -33.07 -24.28 56.54
N GLY R 55 -33.65 -25.25 55.83
CA GLY R 55 -33.57 -25.27 54.39
C GLY R 55 -34.24 -24.05 53.77
N CYS R 56 -35.38 -23.65 54.32
CA CYS R 56 -36.12 -22.50 53.82
C CYS R 56 -35.26 -21.24 53.87
N ARG R 57 -34.65 -21.00 55.01
CA ARG R 57 -33.81 -19.83 55.20
C ARG R 57 -32.76 -19.73 54.09
N GLN R 58 -32.18 -20.86 53.74
CA GLN R 58 -31.16 -20.91 52.69
C GLN R 58 -31.75 -20.50 51.35
N ILE R 59 -33.01 -20.85 51.13
CA ILE R 59 -33.69 -20.52 49.87
C ILE R 59 -34.02 -19.03 49.81
N LEU R 60 -34.66 -18.53 50.85
CA LEU R 60 -35.04 -17.11 50.91
C LEU R 60 -33.81 -16.23 50.79
N GLY R 61 -32.65 -16.76 51.18
CA GLY R 61 -31.43 -16.00 51.11
C GLY R 61 -30.98 -15.74 49.68
N GLN R 62 -31.19 -16.72 48.81
CA GLN R 62 -30.81 -16.59 47.40
C GLN R 62 -31.86 -15.81 46.63
N LEU R 63 -33.13 -15.98 46.99
CA LEU R 63 -34.22 -15.29 46.34
C LEU R 63 -34.32 -13.85 46.81
N GLN R 64 -33.84 -13.60 48.03
CA GLN R 64 -33.87 -12.26 48.60
C GLN R 64 -33.26 -11.24 47.65
N PRO R 65 -31.96 -11.43 47.34
CA PRO R 65 -31.23 -10.54 46.46
C PRO R 65 -31.69 -10.68 45.00
N SER R 66 -32.34 -11.78 44.69
CA SER R 66 -32.84 -12.02 43.34
C SER R 66 -34.31 -11.66 43.22
N LEU R 67 -34.76 -10.73 44.06
CA LEU R 67 -36.15 -10.29 44.06
C LEU R 67 -36.39 -9.29 42.93
N GLN R 68 -35.37 -8.50 42.61
CA GLN R 68 -35.48 -7.50 41.55
C GLN R 68 -34.95 -8.05 40.23
N THR R 69 -33.83 -8.76 40.30
CA THR R 69 -33.20 -9.34 39.12
C THR R 69 -33.93 -10.60 38.69
N GLY R 70 -34.57 -11.28 39.65
CA GLY R 70 -35.29 -12.50 39.34
C GLY R 70 -36.55 -12.24 38.54
N SER R 71 -37.15 -13.31 38.02
CA SER R 71 -38.35 -13.20 37.21
C SER R 71 -39.59 -13.55 38.05
N GLU R 72 -40.74 -13.62 37.38
CA GLU R 72 -42.00 -13.95 38.05
C GLU R 72 -41.90 -15.30 38.74
N GLU R 73 -41.21 -16.25 38.09
CA GLU R 73 -41.06 -17.59 38.64
C GLU R 73 -40.43 -17.54 40.04
N LEU R 74 -39.57 -16.55 40.26
CA LEU R 74 -38.91 -16.39 41.54
C LEU R 74 -39.83 -15.70 42.55
N ARG R 75 -40.62 -14.74 42.06
CA ARG R 75 -41.54 -14.01 42.92
C ARG R 75 -42.48 -14.97 43.65
N SER R 76 -43.19 -15.79 42.88
CA SER R 76 -44.13 -16.76 43.45
C SER R 76 -43.45 -17.60 44.53
N LEU R 77 -42.21 -18.00 44.28
CA LEU R 77 -41.46 -18.81 45.22
C LEU R 77 -41.34 -18.10 46.57
N TYR R 78 -40.79 -16.89 46.55
CA TYR R 78 -40.62 -16.11 47.76
C TYR R 78 -41.94 -16.00 48.53
N ASN R 79 -43.04 -16.03 47.80
CA ASN R 79 -44.37 -15.94 48.41
C ASN R 79 -44.68 -17.19 49.22
N THR R 80 -44.54 -18.34 48.59
CA THR R 80 -44.81 -19.61 49.27
C THR R 80 -43.77 -19.90 50.34
N ILE R 81 -42.49 -19.83 49.96
CA ILE R 81 -41.41 -20.07 50.90
C ILE R 81 -41.54 -19.20 52.14
N ALA R 82 -42.16 -18.04 51.98
CA ALA R 82 -42.36 -17.12 53.10
C ALA R 82 -43.40 -17.65 54.08
N VAL R 83 -44.64 -17.79 53.60
CA VAL R 83 -45.71 -18.30 54.44
C VAL R 83 -45.33 -19.62 55.11
N LEU R 84 -44.61 -20.45 54.36
CA LEU R 84 -44.18 -21.75 54.88
C LEU R 84 -43.14 -21.58 55.98
N TYR R 85 -42.09 -20.84 55.68
CA TYR R 85 -41.02 -20.59 56.64
C TYR R 85 -41.59 -20.07 57.97
N CYS R 86 -42.46 -19.07 57.88
CA CYS R 86 -43.08 -18.49 59.06
C CYS R 86 -43.71 -19.57 59.93
N VAL R 87 -44.24 -20.60 59.29
CA VAL R 87 -44.88 -21.71 59.99
C VAL R 87 -43.86 -22.52 60.78
N HIS R 88 -42.75 -22.84 60.13
CA HIS R 88 -41.69 -23.62 60.77
C HIS R 88 -41.03 -22.83 61.89
N GLN R 89 -40.89 -21.51 61.78
CA GLN R 89 -40.28 -20.72 62.83
C GLN R 89 -41.24 -20.51 64.00
N ARG R 90 -42.24 -19.67 63.79
CA ARG R 90 -43.23 -19.38 64.83
C ARG R 90 -44.28 -18.40 64.32
N ILE R 91 -43.85 -17.46 63.48
CA ILE R 91 -44.76 -16.46 62.93
C ILE R 91 -45.98 -17.12 62.30
N ASP R 92 -47.16 -16.69 62.73
CA ASP R 92 -48.41 -17.23 62.20
C ASP R 92 -49.20 -16.15 61.46
N VAL R 93 -48.60 -15.60 60.41
CA VAL R 93 -49.25 -14.56 59.62
C VAL R 93 -50.56 -15.06 59.03
N LYS R 94 -51.42 -14.12 58.66
CA LYS R 94 -52.72 -14.47 58.07
C LYS R 94 -52.63 -14.52 56.55
N ASP R 95 -51.72 -13.73 55.99
CA ASP R 95 -51.54 -13.68 54.54
C ASP R 95 -50.05 -13.77 54.17
N THR R 96 -49.76 -13.70 52.88
CA THR R 96 -48.39 -13.78 52.40
C THR R 96 -47.67 -12.45 52.59
N LYS R 97 -48.43 -11.36 52.61
CA LYS R 97 -47.88 -10.03 52.78
C LYS R 97 -47.26 -9.88 54.17
N GLU R 98 -48.06 -10.17 55.20
CA GLU R 98 -47.60 -10.08 56.58
C GLU R 98 -46.30 -10.85 56.78
N ALA R 99 -46.19 -11.98 56.09
CA ALA R 99 -44.99 -12.81 56.19
C ALA R 99 -43.76 -12.09 55.66
N LEU R 100 -43.97 -11.26 54.63
CA LEU R 100 -42.87 -10.51 54.03
C LEU R 100 -42.37 -9.43 54.98
N ASP R 101 -43.30 -8.78 55.67
CA ASP R 101 -42.95 -7.73 56.62
C ASP R 101 -42.18 -8.30 57.81
N LYS R 102 -42.69 -9.40 58.36
CA LYS R 102 -42.05 -10.04 59.51
C LYS R 102 -40.61 -10.41 59.19
N ILE R 103 -40.41 -11.12 58.09
CA ILE R 103 -39.08 -11.52 57.67
C ILE R 103 -38.22 -10.33 57.29
N GLU R 104 -38.88 -9.25 56.86
CA GLU R 104 -38.17 -8.04 56.47
C GLU R 104 -37.61 -7.31 57.69
N GLU R 105 -38.41 -7.26 58.76
CA GLU R 105 -38.01 -6.60 59.99
C GLU R 105 -36.92 -7.41 60.70
N GLU R 106 -37.11 -8.72 60.75
CA GLU R 106 -36.14 -9.60 61.41
C GLU R 106 -34.74 -9.39 60.84
N GLN R 107 -34.68 -9.07 59.55
CA GLN R 107 -33.39 -8.85 58.89
C GLN R 107 -32.83 -7.48 59.25
N ASN R 108 -33.72 -6.54 59.55
CA ASN R 108 -33.30 -5.19 59.91
C ASN R 108 -32.63 -5.17 61.28
N LYS R 109 -33.03 -6.10 62.14
CA LYS R 109 -32.46 -6.19 63.49
C LYS R 109 -31.01 -6.65 63.43
N SER R 110 -30.72 -7.58 62.53
CA SER R 110 -29.37 -8.11 62.38
C SER R 110 -28.43 -7.05 61.79
N LYS R 111 -29.00 -6.14 61.01
CA LYS R 111 -28.23 -5.07 60.39
C LYS R 111 -27.48 -4.25 61.45
N LYS R 112 -28.13 -4.05 62.59
CA LYS R 112 -27.53 -3.29 63.69
C LYS R 112 -26.40 -4.08 64.33
N LYS R 113 -26.50 -5.40 64.30
CA LYS R 113 -25.49 -6.27 64.88
C LYS R 113 -24.72 -7.02 63.80
N ALA R 114 -24.57 -6.39 62.64
CA ALA R 114 -23.85 -6.99 61.53
C ALA R 114 -23.65 -6.00 60.40
N GLN R 115 -23.25 -4.78 60.74
CA GLN R 115 -23.03 -3.73 59.75
C GLN R 115 -21.55 -3.61 59.41
N GLY S 1 -37.38 21.09 -24.15
CA GLY S 1 -38.75 21.23 -24.61
C GLY S 1 -39.47 22.40 -23.97
N ALA S 2 -40.01 22.18 -22.78
CA ALA S 2 -40.73 23.23 -22.06
C ALA S 2 -41.07 22.78 -20.64
N ARG S 3 -40.05 22.40 -19.88
CA ARG S 3 -40.24 21.95 -18.50
C ARG S 3 -39.52 22.87 -17.53
N ALA S 4 -39.58 22.53 -16.24
CA ALA S 4 -38.93 23.32 -15.21
C ALA S 4 -37.49 22.89 -15.02
N SER S 5 -36.65 23.82 -14.54
CA SER S 5 -35.24 23.54 -14.31
C SER S 5 -34.55 24.72 -13.64
N VAL S 6 -34.58 25.87 -14.30
CA VAL S 6 -33.97 27.07 -13.76
C VAL S 6 -34.68 27.55 -12.50
N LEU S 7 -36.01 27.52 -12.54
CA LEU S 7 -36.81 27.96 -11.39
C LEU S 7 -37.60 26.79 -10.82
N SER S 8 -37.54 26.61 -9.51
CA SER S 8 -38.25 25.53 -8.84
C SER S 8 -39.73 25.85 -8.72
N GLY S 9 -40.46 25.00 -8.01
CA GLY S 9 -41.89 25.20 -7.83
C GLY S 9 -42.21 26.54 -7.21
N GLY S 10 -41.57 26.84 -6.09
CA GLY S 10 -41.80 28.09 -5.41
C GLY S 10 -41.39 29.29 -6.23
N GLU S 11 -40.23 29.19 -6.87
CA GLU S 11 -39.73 30.28 -7.71
C GLU S 11 -40.63 30.51 -8.92
N LEU S 12 -41.17 29.42 -9.46
CA LEU S 12 -42.05 29.49 -10.62
C LEU S 12 -43.27 30.35 -10.31
N ASP S 13 -43.87 30.13 -9.14
CA ASP S 13 -45.05 30.88 -8.73
C ASP S 13 -44.78 32.38 -8.77
N LYS S 14 -43.71 32.79 -8.10
CA LYS S 14 -43.34 34.20 -8.06
C LYS S 14 -42.95 34.70 -9.45
N TRP S 15 -42.21 33.88 -10.19
CA TRP S 15 -41.78 34.25 -11.53
C TRP S 15 -42.97 34.65 -12.39
N GLU S 16 -43.97 33.78 -12.46
CA GLU S 16 -45.16 34.05 -13.26
C GLU S 16 -45.85 35.33 -12.80
N LYS S 17 -45.63 35.69 -11.53
CA LYS S 17 -46.22 36.90 -10.97
C LYS S 17 -45.48 38.14 -11.43
N ILE S 18 -44.16 38.11 -11.31
CA ILE S 18 -43.33 39.24 -11.71
C ILE S 18 -43.64 39.67 -13.15
N ARG S 19 -43.67 40.97 -13.37
CA ARG S 19 -43.97 41.51 -14.69
C ARG S 19 -42.70 42.03 -15.36
N LEU S 20 -42.67 41.98 -16.69
CA LEU S 20 -41.51 42.45 -17.44
C LEU S 20 -41.28 43.94 -17.23
N ARG S 21 -42.36 44.66 -16.94
CA ARG S 21 -42.28 46.10 -16.70
C ARG S 21 -43.24 46.52 -15.59
N PRO S 22 -42.97 47.70 -15.00
CA PRO S 22 -43.80 48.24 -13.91
C PRO S 22 -45.17 48.68 -14.40
N GLY S 23 -45.21 49.29 -15.58
CA GLY S 23 -46.47 49.76 -16.14
C GLY S 23 -46.88 48.98 -17.38
N GLY S 24 -47.01 47.66 -17.23
CA GLY S 24 -47.39 46.83 -18.36
C GLY S 24 -48.50 45.86 -18.00
N LYS S 25 -48.81 44.95 -18.92
CA LYS S 25 -49.85 43.95 -18.70
C LYS S 25 -49.41 42.58 -19.19
N LYS S 26 -48.10 42.36 -19.20
CA LYS S 26 -47.54 41.08 -19.64
C LYS S 26 -46.62 40.50 -18.57
N GLN S 27 -47.15 39.60 -17.76
CA GLN S 27 -46.37 38.98 -16.69
C GLN S 27 -45.24 38.14 -17.28
N TYR S 28 -44.41 37.59 -16.41
CA TYR S 28 -43.29 36.75 -16.84
C TYR S 28 -43.73 35.33 -17.11
N LYS S 29 -43.07 34.67 -18.06
CA LYS S 29 -43.39 33.29 -18.42
C LYS S 29 -42.14 32.52 -18.81
N LEU S 30 -42.25 31.20 -18.86
CA LEU S 30 -41.13 30.35 -19.23
C LEU S 30 -40.50 30.80 -20.54
N LYS S 31 -41.32 31.39 -21.41
CA LYS S 31 -40.84 31.87 -22.70
C LYS S 31 -39.63 32.78 -22.52
N HIS S 32 -39.64 33.59 -21.47
CA HIS S 32 -38.55 34.50 -21.19
C HIS S 32 -37.36 33.76 -20.58
N ILE S 33 -37.57 32.72 -19.78
CA ILE S 33 -36.47 31.98 -19.18
C ILE S 33 -35.69 31.21 -20.24
N VAL S 34 -36.40 30.69 -21.23
CA VAL S 34 -35.77 29.94 -22.31
C VAL S 34 -35.18 30.86 -23.37
N TRP S 35 -35.88 31.96 -23.63
CA TRP S 35 -35.42 32.94 -24.62
C TRP S 35 -34.02 33.43 -24.28
N ALA S 36 -33.73 33.56 -22.99
CA ALA S 36 -32.42 34.01 -22.54
C ALA S 36 -31.39 32.89 -22.63
N SER S 37 -31.78 31.69 -22.21
CA SER S 37 -30.88 30.54 -22.24
C SER S 37 -30.31 30.33 -23.64
N ARG S 38 -31.15 30.56 -24.65
CA ARG S 38 -30.73 30.40 -26.04
C ARG S 38 -29.69 31.44 -26.42
N GLU S 39 -29.94 32.70 -26.05
CA GLU S 39 -29.02 33.77 -26.35
C GLU S 39 -27.72 33.64 -25.56
N LEU S 40 -27.81 32.97 -24.41
CA LEU S 40 -26.64 32.76 -23.56
C LEU S 40 -25.64 31.84 -24.22
N GLU S 41 -26.10 30.63 -24.57
CA GLU S 41 -25.24 29.64 -25.21
C GLU S 41 -24.57 30.23 -26.46
N ARG S 42 -25.24 31.20 -27.07
CA ARG S 42 -24.71 31.85 -28.27
C ARG S 42 -23.44 32.63 -27.96
N PHE S 43 -23.36 33.15 -26.73
CA PHE S 43 -22.20 33.91 -26.30
C PHE S 43 -21.22 33.03 -25.54
N ALA S 44 -21.22 31.75 -25.85
CA ALA S 44 -20.32 30.80 -25.20
C ALA S 44 -20.63 30.68 -23.72
N VAL S 45 -21.86 31.01 -23.35
CA VAL S 45 -22.29 30.94 -21.95
C VAL S 45 -23.42 29.94 -21.77
N ASN S 46 -23.15 28.88 -21.03
CA ASN S 46 -24.15 27.84 -20.77
C ASN S 46 -25.37 28.43 -20.06
N PRO S 47 -26.56 27.93 -20.41
CA PRO S 47 -27.81 28.38 -19.82
C PRO S 47 -27.95 27.96 -18.35
N GLY S 48 -27.14 26.99 -17.95
CA GLY S 48 -27.18 26.51 -16.58
C GLY S 48 -26.82 27.59 -15.57
N LEU S 49 -26.01 28.54 -16.00
CA LEU S 49 -25.58 29.64 -15.14
C LEU S 49 -26.79 30.37 -14.55
N LEU S 50 -27.91 30.32 -15.26
CA LEU S 50 -29.13 30.98 -14.80
C LEU S 50 -29.82 30.16 -13.72
N GLU S 51 -29.60 28.85 -13.74
CA GLU S 51 -30.19 27.95 -12.75
C GLU S 51 -29.47 28.06 -11.42
N THR S 52 -28.37 28.81 -11.40
CA THR S 52 -27.58 28.99 -10.19
C THR S 52 -27.39 30.46 -9.87
N SER S 53 -27.68 30.85 -8.63
CA SER S 53 -27.53 32.23 -8.21
C SER S 53 -26.12 32.74 -8.46
N GLU S 54 -25.16 31.81 -8.49
CA GLU S 54 -23.76 32.17 -8.73
C GLU S 54 -23.52 32.44 -10.21
N GLY S 55 -24.08 31.59 -11.07
CA GLY S 55 -23.92 31.76 -12.50
C GLY S 55 -24.50 33.06 -13.00
N CYS S 56 -25.66 33.44 -12.46
CA CYS S 56 -26.31 34.67 -12.87
C CYS S 56 -25.42 35.89 -12.60
N ARG S 57 -24.88 35.95 -11.40
CA ARG S 57 -24.00 37.07 -11.02
C ARG S 57 -22.89 37.24 -12.03
N GLN S 58 -22.32 36.13 -12.50
CA GLN S 58 -21.24 36.17 -13.47
C GLN S 58 -21.72 36.78 -14.79
N ILE S 59 -22.98 36.52 -15.14
CA ILE S 59 -23.56 37.03 -16.37
C ILE S 59 -23.83 38.52 -16.26
N LEU S 60 -24.52 38.93 -15.20
CA LEU S 60 -24.85 40.34 -14.99
C LEU S 60 -23.57 41.18 -14.92
N GLY S 61 -22.47 40.55 -14.53
CA GLY S 61 -21.22 41.26 -14.43
C GLY S 61 -20.67 41.67 -15.79
N GLN S 62 -20.86 40.81 -16.79
CA GLN S 62 -20.39 41.10 -18.13
C GLN S 62 -21.35 42.03 -18.87
N LEU S 63 -22.64 41.86 -18.60
CA LEU S 63 -23.66 42.68 -19.24
C LEU S 63 -23.74 44.06 -18.58
N GLN S 64 -23.33 44.12 -17.32
CA GLN S 64 -23.36 45.38 -16.58
C GLN S 64 -22.65 46.48 -17.35
N PRO S 65 -21.34 46.27 -17.60
CA PRO S 65 -20.51 47.23 -18.34
C PRO S 65 -20.89 47.31 -19.81
N SER S 66 -21.56 46.28 -20.30
CA SER S 66 -21.97 46.23 -21.70
C SER S 66 -23.42 46.68 -21.86
N LEU S 67 -23.88 47.51 -20.94
CA LEU S 67 -25.25 48.01 -20.97
C LEU S 67 -25.39 49.15 -21.97
N GLN S 68 -24.32 49.94 -22.12
CA GLN S 68 -24.33 51.05 -23.05
C GLN S 68 -23.72 50.65 -24.40
N THR S 69 -22.63 49.89 -24.34
CA THR S 69 -21.96 49.43 -25.56
C THR S 69 -22.71 48.27 -26.19
N GLY S 70 -23.42 47.51 -25.37
CA GLY S 70 -24.17 46.37 -25.87
C GLY S 70 -25.36 46.78 -26.71
N SER S 71 -25.96 45.81 -27.39
CA SER S 71 -27.12 46.08 -28.25
C SER S 71 -28.42 45.68 -27.55
N GLU S 72 -29.52 45.75 -28.29
CA GLU S 72 -30.82 45.40 -27.74
C GLU S 72 -30.83 43.95 -27.22
N GLU S 73 -30.13 43.08 -27.94
CA GLU S 73 -30.06 41.67 -27.56
C GLU S 73 -29.53 41.52 -26.13
N LEU S 74 -28.65 42.44 -25.74
CA LEU S 74 -28.07 42.40 -24.40
C LEU S 74 -29.03 43.00 -23.38
N ARG S 75 -29.74 44.04 -23.78
CA ARG S 75 -30.70 44.69 -22.90
C ARG S 75 -31.72 43.70 -22.36
N SER S 76 -32.40 43.01 -23.27
CA SER S 76 -33.41 42.03 -22.88
C SER S 76 -32.83 41.03 -21.87
N LEU S 77 -31.60 40.61 -22.11
CA LEU S 77 -30.95 39.65 -21.22
C LEU S 77 -30.89 40.18 -19.79
N TYR S 78 -30.29 41.36 -19.63
CA TYR S 78 -30.17 41.98 -18.31
C TYR S 78 -31.53 42.05 -17.62
N ASN S 79 -32.59 42.16 -18.41
CA ASN S 79 -33.95 42.23 -17.88
C ASN S 79 -34.35 40.91 -17.24
N THR S 80 -34.22 39.83 -18.01
CA THR S 80 -34.57 38.50 -17.53
C THR S 80 -33.62 38.04 -16.44
N ILE S 81 -32.33 38.10 -16.72
CA ILE S 81 -31.31 37.68 -15.77
C ILE S 81 -31.49 38.40 -14.42
N ALA S 82 -32.06 39.60 -14.48
CA ALA S 82 -32.30 40.38 -13.27
C ALA S 82 -33.41 39.77 -12.43
N VAL S 83 -34.62 39.75 -12.99
CA VAL S 83 -35.77 39.20 -12.29
C VAL S 83 -35.48 37.79 -11.78
N LEU S 84 -34.75 37.02 -12.58
CA LEU S 84 -34.40 35.65 -12.21
C LEU S 84 -33.42 35.63 -11.03
N TYR S 85 -32.33 36.37 -11.17
CA TYR S 85 -31.32 36.44 -10.12
C TYR S 85 -31.95 36.81 -8.78
N CYS S 86 -32.78 37.85 -8.79
CA CYS S 86 -33.45 38.31 -7.58
C CYS S 86 -34.19 37.16 -6.90
N VAL S 87 -34.70 36.23 -7.70
CA VAL S 87 -35.43 35.09 -7.18
C VAL S 87 -34.49 34.13 -6.44
N HIS S 88 -33.35 33.85 -7.06
CA HIS S 88 -32.37 32.94 -6.47
C HIS S 88 -31.76 33.56 -5.21
N GLN S 89 -31.57 34.87 -5.15
CA GLN S 89 -30.99 35.50 -3.97
C GLN S 89 -32.02 35.61 -2.85
N ARG S 90 -32.97 36.51 -3.00
CA ARG S 90 -34.02 36.71 -2.00
C ARG S 90 -34.99 37.79 -2.44
N ILE S 91 -34.48 38.81 -3.12
CA ILE S 91 -35.30 39.91 -3.60
C ILE S 91 -36.51 39.40 -4.38
N ASP S 92 -37.70 39.83 -3.97
CA ASP S 92 -38.92 39.41 -4.64
C ASP S 92 -39.63 40.60 -5.28
N VAL S 93 -38.94 41.26 -6.20
CA VAL S 93 -39.49 42.41 -6.90
C VAL S 93 -40.78 42.05 -7.63
N LYS S 94 -41.58 43.07 -7.94
CA LYS S 94 -42.84 42.86 -8.63
C LYS S 94 -42.67 43.00 -10.15
N ASP S 95 -41.69 43.80 -10.55
CA ASP S 95 -41.41 44.02 -11.96
C ASP S 95 -39.92 43.91 -12.24
N THR S 96 -39.54 44.12 -13.50
CA THR S 96 -38.14 44.05 -13.90
C THR S 96 -37.38 45.31 -13.49
N LYS S 97 -38.10 46.43 -13.39
CA LYS S 97 -37.51 47.70 -13.00
C LYS S 97 -36.98 47.64 -11.57
N GLU S 98 -37.86 47.25 -10.65
CA GLU S 98 -37.49 47.17 -9.24
C GLU S 98 -36.23 46.32 -9.06
N ALA S 99 -36.11 45.27 -9.88
CA ALA S 99 -34.97 44.38 -9.81
C ALA S 99 -33.68 45.11 -10.17
N LEU S 100 -33.78 46.07 -11.09
CA LEU S 100 -32.63 46.83 -11.53
C LEU S 100 -32.14 47.77 -10.42
N ASP S 101 -33.09 48.37 -9.70
CA ASP S 101 -32.77 49.28 -8.61
C ASP S 101 -32.11 48.53 -7.46
N LYS S 102 -32.69 47.39 -7.09
CA LYS S 102 -32.15 46.59 -6.00
C LYS S 102 -30.70 46.19 -6.27
N ILE S 103 -30.45 45.62 -7.45
CA ILE S 103 -29.12 45.21 -7.83
C ILE S 103 -28.20 46.41 -8.00
N GLU S 104 -28.77 47.55 -8.33
CA GLU S 104 -28.00 48.78 -8.51
C GLU S 104 -27.51 49.32 -7.17
N GLU S 105 -28.37 49.26 -6.17
CA GLU S 105 -28.02 49.74 -4.83
C GLU S 105 -27.01 48.82 -4.16
N GLU S 106 -27.24 47.51 -4.29
CA GLU S 106 -26.36 46.51 -3.70
C GLU S 106 -24.93 46.73 -4.15
N GLN S 107 -24.76 47.20 -5.38
CA GLN S 107 -23.43 47.45 -5.93
C GLN S 107 -22.85 48.74 -5.37
N ASN S 108 -23.71 49.68 -5.00
CA ASN S 108 -23.27 50.95 -4.45
C ASN S 108 -22.69 50.77 -3.06
N LYS S 109 -23.18 49.76 -2.34
CA LYS S 109 -22.70 49.47 -0.99
C LYS S 109 -21.27 48.96 -1.01
N SER S 110 -20.95 48.13 -2.01
CA SER S 110 -19.61 47.57 -2.14
C SER S 110 -18.61 48.66 -2.53
N LYS S 111 -19.09 49.68 -3.23
CA LYS S 111 -18.23 50.78 -3.65
C LYS S 111 -17.54 51.43 -2.46
N LYS S 112 -18.24 51.51 -1.34
CA LYS S 112 -17.69 52.10 -0.12
C LYS S 112 -16.63 51.19 0.49
N LYS S 113 -16.79 49.88 0.27
CA LYS S 113 -15.85 48.91 0.80
C LYS S 113 -15.03 48.26 -0.31
N ALA S 114 -14.79 49.03 -1.37
CA ALA S 114 -14.02 48.53 -2.51
C ALA S 114 -13.70 49.66 -3.49
N GLN S 115 -13.29 50.80 -2.97
CA GLN S 115 -12.96 51.95 -3.80
C GLN S 115 -11.46 52.05 -4.02
N GLY T 1 25.85 -43.45 -9.57
CA GLY T 1 24.50 -43.51 -10.11
C GLY T 1 23.63 -42.38 -9.60
N ALA T 2 23.04 -42.57 -8.43
CA ALA T 2 22.17 -41.56 -7.84
C ALA T 2 21.79 -41.93 -6.40
N ARG T 3 22.80 -42.13 -5.57
CA ARG T 3 22.58 -42.50 -4.16
C ARG T 3 23.13 -41.42 -3.23
N ALA T 4 23.03 -41.68 -1.94
CA ALA T 4 23.52 -40.73 -0.94
C ALA T 4 24.99 -40.98 -0.62
N SER T 5 25.69 -39.94 -0.19
CA SER T 5 27.10 -40.03 0.13
C SER T 5 27.61 -38.73 0.74
N VAL T 6 27.50 -37.64 -0.01
CA VAL T 6 27.95 -36.34 0.46
C VAL T 6 27.11 -35.86 1.63
N LEU T 7 25.80 -36.03 1.53
CA LEU T 7 24.88 -35.62 2.59
C LEU T 7 24.18 -36.82 3.22
N SER T 8 24.20 -36.88 4.54
CA SER T 8 23.57 -37.98 5.26
C SER T 8 22.05 -37.83 5.27
N GLY T 9 21.38 -38.70 6.01
CA GLY T 9 19.93 -38.65 6.09
C GLY T 9 19.42 -37.30 6.59
N GLY T 10 19.95 -36.85 7.71
CA GLY T 10 19.54 -35.59 8.28
C GLY T 10 19.87 -34.41 7.38
N GLU T 11 21.07 -34.43 6.81
CA GLU T 11 21.51 -33.36 5.91
C GLU T 11 20.66 -33.34 4.64
N LEU T 12 20.28 -34.51 4.17
CA LEU T 12 19.47 -34.63 2.96
C LEU T 12 18.14 -33.90 3.13
N ASP T 13 17.50 -34.10 4.27
CA ASP T 13 16.22 -33.45 4.56
C ASP T 13 16.33 -31.94 4.42
N LYS T 14 17.30 -31.36 5.10
CA LYS T 14 17.52 -29.91 5.05
C LYS T 14 17.93 -29.48 3.64
N TRP T 15 18.80 -30.26 3.01
CA TRP T 15 19.27 -29.96 1.67
C TRP T 15 18.10 -29.75 0.71
N GLU T 16 17.20 -30.74 0.67
CA GLU T 16 16.04 -30.67 -0.22
C GLU T 16 15.20 -29.44 0.11
N LYS T 17 15.29 -28.96 1.34
CA LYS T 17 14.54 -27.79 1.77
C LYS T 17 15.17 -26.51 1.25
N ILE T 18 16.48 -26.38 1.45
CA ILE T 18 17.20 -25.20 0.99
C ILE T 18 16.93 -24.93 -0.48
N ARG T 19 16.77 -23.65 -0.82
CA ARG T 19 16.50 -23.26 -2.20
C ARG T 19 17.75 -22.64 -2.84
N LEU T 20 17.87 -22.79 -4.14
CA LEU T 20 19.01 -22.26 -4.88
C LEU T 20 19.05 -20.73 -4.77
N ARG T 21 17.89 -20.12 -4.61
CA ARG T 21 17.79 -18.67 -4.48
C ARG T 21 16.73 -18.27 -3.46
N PRO T 22 16.83 -17.04 -2.96
CA PRO T 22 15.88 -16.51 -1.97
C PRO T 22 14.51 -16.26 -2.56
N GLY T 23 14.47 -15.75 -3.79
CA GLY T 23 13.22 -15.48 -4.46
C GLY T 23 12.97 -16.39 -5.65
N GLY T 24 12.96 -17.70 -5.39
CA GLY T 24 12.75 -18.65 -6.46
C GLY T 24 11.73 -19.72 -6.09
N LYS T 25 11.59 -20.72 -6.94
CA LYS T 25 10.65 -21.81 -6.70
C LYS T 25 11.26 -23.16 -7.05
N LYS T 26 12.59 -23.23 -6.96
CA LYS T 26 13.31 -24.46 -7.27
C LYS T 26 14.23 -24.85 -6.11
N GLN T 27 13.74 -25.73 -5.25
CA GLN T 27 14.52 -26.19 -4.11
C GLN T 27 15.77 -26.94 -4.56
N TYR T 28 16.60 -27.33 -3.60
CA TYR T 28 17.83 -28.05 -3.91
C TYR T 28 17.56 -29.54 -4.08
N LYS T 29 18.35 -30.18 -4.93
CA LYS T 29 18.21 -31.61 -5.19
C LYS T 29 19.56 -32.26 -5.45
N LEU T 30 19.58 -33.60 -5.40
CA LEU T 30 20.82 -34.33 -5.62
C LEU T 30 21.48 -33.91 -6.94
N LYS T 31 20.65 -33.50 -7.90
CA LYS T 31 21.15 -33.06 -9.20
C LYS T 31 22.25 -32.01 -9.04
N HIS T 32 22.07 -31.12 -8.05
CA HIS T 32 23.04 -30.08 -7.79
C HIS T 32 24.27 -30.63 -7.08
N ILE T 33 24.12 -31.62 -6.19
CA ILE T 33 25.26 -32.19 -5.48
C ILE T 33 26.18 -32.93 -6.43
N VAL T 34 25.59 -33.61 -7.40
CA VAL T 34 26.37 -34.37 -8.39
C VAL T 34 26.92 -33.46 -9.48
N TRP T 35 26.12 -32.47 -9.87
CA TRP T 35 26.53 -31.53 -10.91
C TRP T 35 27.85 -30.86 -10.54
N ALA T 36 28.04 -30.61 -9.26
CA ALA T 36 29.26 -29.97 -8.78
C ALA T 36 30.42 -30.97 -8.72
N SER T 37 30.13 -32.16 -8.22
CA SER T 37 31.14 -33.20 -8.11
C SER T 37 31.82 -33.46 -9.46
N ARG T 38 31.03 -33.40 -10.52
CA ARG T 38 31.55 -33.62 -11.86
C ARG T 38 32.50 -32.50 -12.28
N GLU T 39 32.08 -31.27 -12.02
CA GLU T 39 32.89 -30.10 -12.37
C GLU T 39 34.15 -30.04 -11.50
N LEU T 40 34.07 -30.61 -10.31
CA LEU T 40 35.19 -30.62 -9.38
C LEU T 40 36.33 -31.49 -9.91
N GLU T 41 36.03 -32.75 -10.19
CA GLU T 41 37.02 -33.68 -10.70
C GLU T 41 37.70 -33.12 -11.95
N ARG T 42 36.97 -32.28 -12.68
CA ARG T 42 37.50 -31.68 -13.89
C ARG T 42 38.65 -30.73 -13.57
N PHE T 43 38.60 -30.12 -12.40
CA PHE T 43 39.64 -29.18 -11.97
C PHE T 43 40.67 -29.89 -11.09
N ALA T 44 40.83 -31.19 -11.29
CA ALA T 44 41.78 -31.98 -10.52
C ALA T 44 41.40 -32.01 -9.05
N VAL T 45 40.12 -31.80 -8.77
CA VAL T 45 39.61 -31.81 -7.40
C VAL T 45 38.58 -32.91 -7.20
N ASN T 46 38.92 -33.88 -6.35
CA ASN T 46 38.03 -35.00 -6.07
C ASN T 46 36.71 -34.51 -5.47
N PRO T 47 35.60 -35.16 -5.85
CA PRO T 47 34.27 -34.80 -5.35
C PRO T 47 34.10 -35.14 -3.87
N GLY T 48 34.98 -35.97 -3.34
CA GLY T 48 34.91 -36.34 -1.95
C GLY T 48 35.09 -35.16 -1.01
N LEU T 49 35.81 -34.15 -1.48
CA LEU T 49 36.06 -32.95 -0.68
C LEU T 49 34.76 -32.32 -0.22
N LEU T 50 33.70 -32.55 -0.98
CA LEU T 50 32.38 -32.01 -0.65
C LEU T 50 31.71 -32.81 0.45
N GLU T 51 32.09 -34.09 0.56
CA GLU T 51 31.53 -34.96 1.58
C GLU T 51 32.16 -34.67 2.95
N THR T 52 33.16 -33.81 2.95
CA THR T 52 33.85 -33.45 4.18
C THR T 52 33.86 -31.94 4.39
N SER T 53 33.46 -31.50 5.58
CA SER T 53 33.42 -30.08 5.90
C SER T 53 34.78 -29.43 5.67
N GLU T 54 35.84 -30.24 5.77
CA GLU T 54 37.20 -29.75 5.58
C GLU T 54 37.50 -29.56 4.09
N GLY T 55 37.09 -30.54 3.28
CA GLY T 55 37.33 -30.46 1.86
C GLY T 55 36.64 -29.27 1.21
N CYS T 56 35.41 -28.99 1.65
CA CYS T 56 34.65 -27.88 1.12
C CYS T 56 35.39 -26.56 1.33
N ARG T 57 35.85 -26.33 2.55
CA ARG T 57 36.57 -25.10 2.89
C ARG T 57 37.72 -24.88 1.92
N GLN T 58 38.42 -25.95 1.58
CA GLN T 58 39.56 -25.86 0.65
C GLN T 58 39.10 -25.42 -0.73
N ILE T 59 37.90 -25.85 -1.11
CA ILE T 59 37.35 -25.50 -2.42
C ILE T 59 36.91 -24.04 -2.46
N LEU T 60 36.11 -23.63 -1.47
CA LEU T 60 35.62 -22.27 -1.39
C LEU T 60 36.78 -21.28 -1.32
N GLY T 61 37.92 -21.75 -0.83
CA GLY T 61 39.10 -20.89 -0.72
C GLY T 61 39.67 -20.53 -2.07
N GLN T 62 39.64 -21.47 -3.00
CA GLN T 62 40.15 -21.24 -4.34
C GLN T 62 39.14 -20.49 -5.20
N LEU T 63 37.86 -20.79 -5.00
CA LEU T 63 36.80 -20.13 -5.75
C LEU T 63 36.53 -18.73 -5.21
N GLN T 64 36.84 -18.52 -3.94
CA GLN T 64 36.64 -17.22 -3.31
C GLN T 64 37.28 -16.11 -4.14
N PRO T 65 38.61 -16.18 -4.30
CA PRO T 65 39.37 -15.19 -5.06
C PRO T 65 39.08 -15.27 -6.56
N SER T 66 38.56 -16.41 -6.99
CA SER T 66 38.24 -16.61 -8.40
C SER T 66 36.77 -16.35 -8.67
N LEU T 67 36.16 -15.51 -7.85
CA LEU T 67 34.75 -15.17 -8.00
C LEU T 67 34.55 -14.13 -9.10
N GLN T 68 35.53 -13.25 -9.26
CA GLN T 68 35.46 -12.20 -10.28
C GLN T 68 36.19 -12.64 -11.55
N THR T 69 37.35 -13.26 -11.37
CA THR T 69 38.14 -13.73 -12.51
C THR T 69 37.57 -15.02 -13.08
N GLY T 70 36.89 -15.79 -12.24
CA GLY T 70 36.30 -17.04 -12.68
C GLY T 70 35.13 -16.83 -13.61
N SER T 71 34.67 -17.92 -14.25
CA SER T 71 33.55 -17.85 -15.18
C SER T 71 32.27 -18.34 -14.52
N GLU T 72 31.21 -18.45 -15.31
CA GLU T 72 29.92 -18.91 -14.80
C GLU T 72 30.04 -20.29 -14.17
N GLU T 73 30.87 -21.14 -14.78
CA GLU T 73 31.07 -22.49 -14.28
C GLU T 73 31.53 -22.48 -12.82
N LEU T 74 32.28 -21.44 -12.46
CA LEU T 74 32.78 -21.30 -11.09
C LEU T 74 31.70 -20.74 -10.17
N ARG T 75 30.90 -19.83 -10.71
CA ARG T 75 29.82 -19.21 -9.92
C ARG T 75 28.89 -20.28 -9.36
N SER T 76 28.35 -21.11 -10.24
CA SER T 76 27.43 -22.17 -9.83
C SER T 76 28.03 -23.00 -8.71
N LEU T 77 29.32 -23.30 -8.85
CA LEU T 77 30.03 -24.11 -7.86
C LEU T 77 29.94 -23.47 -6.47
N TYR T 78 30.39 -22.23 -6.37
CA TYR T 78 30.36 -21.50 -5.11
C TYR T 78 28.96 -21.54 -4.50
N ASN T 79 27.95 -21.60 -5.35
CA ASN T 79 26.56 -21.64 -4.90
C ASN T 79 26.27 -22.95 -4.18
N THR T 80 26.56 -24.06 -4.85
CA THR T 80 26.33 -25.39 -4.27
C THR T 80 27.25 -25.64 -3.09
N ILE T 81 28.55 -25.47 -3.32
CA ILE T 81 29.55 -25.68 -2.28
C ILE T 81 29.20 -24.90 -1.01
N ALA T 82 28.51 -23.78 -1.19
CA ALA T 82 28.11 -22.93 -0.07
C ALA T 82 27.03 -23.60 0.76
N VAL T 83 25.87 -23.80 0.14
CA VAL T 83 24.73 -24.42 0.82
C VAL T 83 25.15 -25.75 1.46
N LEU T 84 26.01 -26.49 0.76
CA LEU T 84 26.49 -27.78 1.28
C LEU T 84 27.38 -27.59 2.50
N TYR T 85 28.39 -26.75 2.35
CA TYR T 85 29.33 -26.48 3.44
C TYR T 85 28.57 -26.08 4.71
N CYS T 86 27.64 -25.15 4.57
CA CYS T 86 26.85 -24.68 5.70
C CYS T 86 26.21 -25.86 6.44
N VAL T 87 25.84 -26.89 5.68
CA VAL T 87 25.21 -28.07 6.27
C VAL T 87 26.20 -28.85 7.12
N HIS T 88 27.40 -29.06 6.60
CA HIS T 88 28.44 -29.79 7.31
C HIS T 88 28.90 -29.01 8.54
N GLN T 89 28.94 -27.68 8.50
CA GLN T 89 29.38 -26.91 9.66
C GLN T 89 28.28 -26.83 10.71
N ARG T 90 27.24 -26.06 10.43
CA ARG T 90 26.12 -25.90 11.36
C ARG T 90 25.06 -24.97 10.78
N ILE T 91 25.50 -23.96 10.04
CA ILE T 91 24.59 -23.00 9.43
C ILE T 91 23.50 -23.71 8.64
N ASP T 92 22.25 -23.39 8.95
CA ASP T 92 21.11 -23.99 8.25
C ASP T 92 20.33 -22.94 7.48
N VAL T 93 21.00 -22.29 6.54
CA VAL T 93 20.36 -21.26 5.72
C VAL T 93 19.17 -21.82 4.96
N LYS T 94 18.28 -20.93 4.53
CA LYS T 94 17.09 -21.32 3.78
C LYS T 94 17.35 -21.29 2.28
N ASP T 95 18.26 -20.41 1.86
CA ASP T 95 18.60 -20.27 0.45
C ASP T 95 20.11 -20.23 0.26
N THR T 96 20.54 -20.07 -0.99
CA THR T 96 21.96 -20.01 -1.30
C THR T 96 22.55 -18.64 -0.97
N LYS T 97 21.70 -17.62 -0.99
CA LYS T 97 22.14 -16.27 -0.69
C LYS T 97 22.57 -16.14 0.77
N GLU T 98 21.69 -16.56 1.68
CA GLU T 98 21.98 -16.49 3.11
C GLU T 98 23.30 -17.18 3.42
N ALA T 99 23.59 -18.27 2.69
CA ALA T 99 24.83 -19.01 2.90
C ALA T 99 26.04 -18.16 2.54
N LEU T 100 25.89 -17.31 1.54
CA LEU T 100 26.98 -16.45 1.11
C LEU T 100 27.29 -15.38 2.16
N ASP T 101 26.23 -14.84 2.77
CA ASP T 101 26.38 -13.82 3.80
C ASP T 101 27.06 -14.40 5.04
N LYS T 102 26.59 -15.56 5.48
CA LYS T 102 27.13 -16.22 6.66
C LYS T 102 28.63 -16.46 6.50
N ILE T 103 29.01 -17.09 5.38
CA ILE T 103 30.42 -17.38 5.11
C ILE T 103 31.21 -16.09 4.89
N GLU T 104 30.53 -15.05 4.43
CA GLU T 104 31.16 -13.76 4.19
C GLU T 104 31.52 -13.07 5.51
N GLU T 105 30.61 -13.15 6.47
CA GLU T 105 30.81 -12.52 7.77
C GLU T 105 31.88 -13.28 8.57
N GLU T 106 31.79 -14.61 8.54
CA GLU T 106 32.75 -15.45 9.25
C GLU T 106 34.18 -15.11 8.87
N GLN T 107 34.37 -14.71 7.61
CA GLN T 107 35.69 -14.36 7.11
C GLN T 107 36.10 -12.97 7.60
N ASN T 108 35.11 -12.12 7.84
CA ASN T 108 35.37 -10.76 8.31
C ASN T 108 35.88 -10.77 9.74
N LYS T 109 35.47 -11.77 10.51
CA LYS T 109 35.89 -11.89 11.90
C LYS T 109 37.37 -12.25 11.99
N SER T 110 37.83 -13.09 11.08
CA SER T 110 39.23 -13.51 11.07
C SER T 110 40.13 -12.36 10.65
N LYS T 111 39.59 -11.45 9.84
CA LYS T 111 40.34 -10.29 9.37
C LYS T 111 40.89 -9.49 10.55
N LYS T 112 40.11 -9.40 11.62
CA LYS T 112 40.51 -8.66 12.80
C LYS T 112 41.62 -9.39 13.55
N LYS T 113 41.63 -10.71 13.43
CA LYS T 113 42.64 -11.54 14.09
C LYS T 113 43.59 -12.17 13.08
N ALA T 114 43.81 -11.47 11.97
CA ALA T 114 44.70 -11.96 10.92
C ALA T 114 44.95 -10.88 9.87
N GLN T 115 45.20 -9.65 10.32
CA GLN T 115 45.45 -8.54 9.41
C GLN T 115 46.94 -8.29 9.25
N GLY U 1 -9.35 -63.12 40.41
CA GLY U 1 -8.87 -64.36 39.85
C GLY U 1 -7.39 -64.57 40.12
N ALA U 2 -6.55 -63.99 39.27
CA ALA U 2 -5.10 -64.12 39.42
C ALA U 2 -4.37 -63.19 38.45
N ARG U 3 -4.66 -61.89 38.55
CA ARG U 3 -4.02 -60.90 37.69
C ARG U 3 -3.22 -59.90 38.50
N ALA U 4 -2.64 -58.92 37.84
CA ALA U 4 -1.85 -57.89 38.50
C ALA U 4 -2.72 -56.74 38.97
N SER U 5 -2.27 -56.05 40.02
CA SER U 5 -3.01 -54.92 40.57
C SER U 5 -2.21 -54.22 41.66
N VAL U 6 -1.87 -54.96 42.70
CA VAL U 6 -1.10 -54.41 43.81
C VAL U 6 0.30 -54.03 43.36
N LEU U 7 0.93 -54.89 42.58
CA LEU U 7 2.28 -54.64 42.08
C LEU U 7 2.29 -54.48 40.57
N SER U 8 2.93 -53.43 40.08
CA SER U 8 3.00 -53.16 38.66
C SER U 8 4.01 -54.09 37.99
N GLY U 9 4.26 -53.84 36.71
CA GLY U 9 5.21 -54.66 35.96
C GLY U 9 6.59 -54.67 36.59
N GLY U 10 7.12 -53.48 36.86
CA GLY U 10 8.44 -53.38 37.46
C GLY U 10 8.49 -53.99 38.85
N GLU U 11 7.46 -53.71 39.65
CA GLU U 11 7.40 -54.22 41.01
C GLU U 11 7.27 -55.74 41.01
N LEU U 12 6.53 -56.27 40.04
CA LEU U 12 6.33 -57.71 39.93
C LEU U 12 7.66 -58.43 39.75
N ASP U 13 8.51 -57.90 38.88
CA ASP U 13 9.81 -58.50 38.63
C ASP U 13 10.60 -58.65 39.93
N LYS U 14 10.73 -57.56 40.68
CA LYS U 14 11.45 -57.57 41.93
C LYS U 14 10.75 -58.47 42.96
N TRP U 15 9.43 -58.38 42.99
CA TRP U 15 8.64 -59.17 43.93
C TRP U 15 8.97 -60.67 43.79
N GLU U 16 8.88 -61.17 42.57
CA GLU U 16 9.17 -62.58 42.30
C GLU U 16 10.59 -62.93 42.73
N LYS U 17 11.46 -61.93 42.74
CA LYS U 17 12.85 -62.12 43.13
C LYS U 17 12.99 -62.25 44.64
N ILE U 18 12.39 -61.31 45.36
CA ILE U 18 12.44 -61.31 46.82
C ILE U 18 12.01 -62.66 47.38
N ARG U 19 12.71 -63.11 48.41
CA ARG U 19 12.40 -64.39 49.04
C ARG U 19 11.70 -64.19 50.38
N LEU U 20 10.86 -65.14 50.76
CA LEU U 20 10.13 -65.07 52.01
C LEU U 20 11.09 -65.07 53.20
N ARG U 21 12.25 -65.68 53.02
CA ARG U 21 13.26 -65.74 54.07
C ARG U 21 14.66 -65.61 53.49
N PRO U 22 15.62 -65.24 54.36
CA PRO U 22 17.02 -65.06 53.95
C PRO U 22 17.70 -66.39 53.63
N GLY U 23 17.38 -67.42 54.41
CA GLY U 23 17.98 -68.72 54.19
C GLY U 23 16.95 -69.76 53.74
N GLY U 24 16.28 -69.46 52.62
CA GLY U 24 15.27 -70.38 52.11
C GLY U 24 15.42 -70.62 50.62
N LYS U 25 14.45 -71.32 50.04
CA LYS U 25 14.48 -71.62 48.60
C LYS U 25 13.10 -71.41 47.98
N LYS U 26 12.31 -70.55 48.59
CA LYS U 26 10.97 -70.26 48.09
C LYS U 26 10.77 -68.76 47.89
N GLN U 27 10.97 -68.31 46.65
CA GLN U 27 10.82 -66.90 46.32
C GLN U 27 9.38 -66.45 46.53
N TYR U 28 9.13 -65.16 46.34
CA TYR U 28 7.79 -64.59 46.51
C TYR U 28 6.96 -64.80 45.25
N LYS U 29 5.64 -64.94 45.44
CA LYS U 29 4.73 -65.14 44.32
C LYS U 29 3.38 -64.48 44.60
N LEU U 30 2.58 -64.32 43.55
CA LEU U 30 1.27 -63.70 43.68
C LEU U 30 0.46 -64.38 44.79
N LYS U 31 0.71 -65.66 45.00
CA LYS U 31 0.01 -66.41 46.03
C LYS U 31 0.08 -65.70 47.38
N HIS U 32 1.23 -65.08 47.66
CA HIS U 32 1.42 -64.37 48.91
C HIS U 32 0.72 -63.01 48.86
N ILE U 33 0.66 -62.34 47.72
CA ILE U 33 -0.01 -61.04 47.64
C ILE U 33 -1.51 -61.17 47.84
N VAL U 34 -2.07 -62.26 47.32
CA VAL U 34 -3.51 -62.51 47.44
C VAL U 34 -3.83 -63.10 48.81
N TRP U 35 -2.96 -63.97 49.30
CA TRP U 35 -3.17 -64.62 50.60
C TRP U 35 -3.35 -63.57 51.70
N ALA U 36 -2.66 -62.45 51.57
CA ALA U 36 -2.75 -61.37 52.56
C ALA U 36 -4.02 -60.56 52.35
N SER U 37 -4.33 -60.25 51.09
CA SER U 37 -5.52 -59.47 50.77
C SER U 37 -6.77 -60.11 51.35
N ARG U 38 -6.81 -61.44 51.35
CA ARG U 38 -7.94 -62.17 51.88
C ARG U 38 -8.05 -62.00 53.40
N GLU U 39 -6.91 -62.14 54.07
CA GLU U 39 -6.87 -62.00 55.52
C GLU U 39 -7.13 -60.55 55.94
N LEU U 40 -6.81 -59.63 55.05
CA LEU U 40 -7.02 -58.21 55.32
C LEU U 40 -8.50 -57.87 55.41
N GLU U 41 -9.24 -58.19 54.34
CA GLU U 41 -10.67 -57.91 54.30
C GLU U 41 -11.37 -58.54 55.51
N ARG U 42 -10.80 -59.62 56.02
CA ARG U 42 -11.38 -60.30 57.18
C ARG U 42 -11.33 -59.41 58.43
N PHE U 43 -10.31 -58.56 58.49
CA PHE U 43 -10.15 -57.65 59.63
C PHE U 43 -10.75 -56.28 59.31
N ALA U 44 -11.74 -56.26 58.44
CA ALA U 44 -12.39 -55.01 58.07
C ALA U 44 -11.43 -54.08 57.35
N VAL U 45 -10.38 -54.65 56.75
CA VAL U 45 -9.38 -53.87 56.04
C VAL U 45 -9.33 -54.26 54.57
N ASN U 46 -9.69 -53.32 53.70
CA ASN U 46 -9.69 -53.56 52.27
C ASN U 46 -8.29 -53.91 51.78
N PRO U 47 -8.22 -54.82 50.80
CA PRO U 47 -6.96 -55.27 50.22
C PRO U 47 -6.29 -54.19 49.39
N GLY U 48 -7.06 -53.17 49.01
CA GLY U 48 -6.51 -52.09 48.23
C GLY U 48 -5.42 -51.32 48.94
N LEU U 49 -5.48 -51.33 50.28
CA LEU U 49 -4.49 -50.63 51.08
C LEU U 49 -3.07 -51.10 50.74
N LEU U 50 -2.98 -52.33 50.26
CA LEU U 50 -1.68 -52.91 49.90
C LEU U 50 -1.20 -52.38 48.55
N GLU U 51 -2.15 -51.98 47.71
CA GLU U 51 -1.83 -51.44 46.40
C GLU U 51 -1.32 -50.01 46.49
N THR U 52 -1.39 -49.45 47.70
CA THR U 52 -0.95 -48.09 47.93
C THR U 52 0.07 -48.02 49.06
N SER U 53 1.20 -47.35 48.81
CA SER U 53 2.25 -47.23 49.81
C SER U 53 1.71 -46.63 51.10
N GLU U 54 0.64 -45.85 50.97
CA GLU U 54 0.02 -45.21 52.13
C GLU U 54 -0.81 -46.21 52.93
N GLY U 55 -1.58 -47.04 52.22
CA GLY U 55 -2.42 -48.03 52.87
C GLY U 55 -1.60 -49.04 53.66
N CYS U 56 -0.47 -49.45 53.10
CA CYS U 56 0.40 -50.42 53.75
C CYS U 56 0.86 -49.90 55.10
N ARG U 57 1.36 -48.67 55.12
CA ARG U 57 1.85 -48.06 56.35
C ARG U 57 0.80 -48.14 57.45
N GLN U 58 -0.46 -47.90 57.09
CA GLN U 58 -1.55 -47.95 58.05
C GLN U 58 -1.72 -49.36 58.61
N ILE U 59 -1.47 -50.36 57.77
CA ILE U 59 -1.59 -51.76 58.19
C ILE U 59 -0.45 -52.15 59.13
N LEU U 60 0.78 -51.88 58.70
CA LEU U 60 1.95 -52.21 59.50
C LEU U 60 1.89 -51.52 60.87
N GLY U 61 1.18 -50.40 60.93
CA GLY U 61 1.06 -49.66 62.17
C GLY U 61 0.24 -50.42 63.20
N GLN U 62 -0.79 -51.11 62.75
CA GLN U 62 -1.66 -51.87 63.64
C GLN U 62 -1.04 -53.21 63.99
N LEU U 63 -0.35 -53.81 63.03
CA LEU U 63 0.31 -55.10 63.23
C LEU U 63 1.60 -54.94 64.02
N GLN U 64 2.20 -53.75 63.93
CA GLN U 64 3.44 -53.47 64.64
C GLN U 64 3.31 -53.82 66.12
N PRO U 65 2.39 -53.13 66.81
CA PRO U 65 2.13 -53.35 68.24
C PRO U 65 1.49 -54.69 68.52
N SER U 66 0.89 -55.28 67.49
CA SER U 66 0.22 -56.57 67.63
C SER U 66 1.12 -57.70 67.15
N LEU U 67 2.43 -57.47 67.23
CA LEU U 67 3.42 -58.47 66.81
C LEU U 67 3.60 -59.54 67.89
N GLN U 68 3.46 -59.13 69.15
CA GLN U 68 3.62 -60.05 70.27
C GLN U 68 2.27 -60.59 70.72
N THR U 69 1.27 -59.71 70.78
CA THR U 69 -0.07 -60.09 71.19
C THR U 69 -0.81 -60.80 70.07
N GLY U 70 -0.44 -60.49 68.83
CA GLY U 70 -1.08 -61.11 67.69
C GLY U 70 -0.73 -62.58 67.54
N SER U 71 -1.45 -63.27 66.66
CA SER U 71 -1.21 -64.69 66.45
C SER U 71 -0.40 -64.92 65.17
N GLU U 72 -0.24 -66.18 64.78
CA GLU U 72 0.51 -66.53 63.59
C GLU U 72 -0.08 -65.86 62.36
N GLU U 73 -1.41 -65.77 62.32
CA GLU U 73 -2.11 -65.16 61.19
C GLU U 73 -1.62 -63.73 60.97
N LEU U 74 -1.24 -63.06 62.05
CA LEU U 74 -0.75 -61.68 61.98
C LEU U 74 0.71 -61.65 61.55
N ARG U 75 1.48 -62.62 62.02
CA ARG U 75 2.90 -62.70 61.70
C ARG U 75 3.10 -62.75 60.19
N SER U 76 2.47 -63.72 59.54
CA SER U 76 2.58 -63.87 58.10
C SER U 76 2.27 -62.56 57.38
N LEU U 77 1.25 -61.87 57.85
CA LEU U 77 0.85 -60.60 57.27
C LEU U 77 2.00 -59.60 57.27
N TYR U 78 2.55 -59.34 58.45
CA TYR U 78 3.66 -58.41 58.59
C TYR U 78 4.79 -58.76 57.64
N ASN U 79 4.92 -60.05 57.33
CA ASN U 79 5.96 -60.54 56.43
C ASN U 79 5.71 -60.05 55.01
N THR U 80 4.51 -60.32 54.50
CA THR U 80 4.14 -59.92 53.15
C THR U 80 4.02 -58.41 53.04
N ILE U 81 3.24 -57.81 53.94
CA ILE U 81 3.05 -56.36 53.94
C ILE U 81 4.39 -55.63 53.96
N ALA U 82 5.40 -56.27 54.56
CA ALA U 82 6.73 -55.68 54.63
C ALA U 82 7.40 -55.64 53.27
N VAL U 83 7.65 -56.82 52.71
CA VAL U 83 8.30 -56.93 51.41
C VAL U 83 7.57 -56.08 50.38
N LEU U 84 6.25 -56.04 50.46
CA LEU U 84 5.43 -55.27 49.53
C LEU U 84 5.64 -53.77 49.74
N TYR U 85 5.47 -53.32 50.98
CA TYR U 85 5.64 -51.92 51.31
C TYR U 85 6.99 -51.40 50.82
N CYS U 86 8.05 -52.14 51.11
CA CYS U 86 9.39 -51.76 50.70
C CYS U 86 9.44 -51.48 49.20
N VAL U 87 8.64 -52.23 48.44
CA VAL U 87 8.60 -52.07 46.99
C VAL U 87 7.96 -50.73 46.61
N HIS U 88 6.85 -50.40 47.25
CA HIS U 88 6.14 -49.16 46.98
C HIS U 88 6.98 -47.96 47.42
N GLN U 89 7.74 -48.06 48.50
CA GLN U 89 8.56 -46.93 48.96
C GLN U 89 9.81 -46.78 48.10
N ARG U 90 10.76 -47.68 48.26
CA ARG U 90 12.00 -47.64 47.50
C ARG U 90 12.91 -48.81 47.87
N ILE U 91 12.88 -49.19 49.14
CA ILE U 91 13.70 -50.30 49.62
C ILE U 91 13.51 -51.54 48.76
N ASP U 92 14.62 -52.08 48.26
CA ASP U 92 14.58 -53.27 47.42
C ASP U 92 15.28 -54.44 48.09
N VAL U 93 14.81 -54.82 49.27
CA VAL U 93 15.39 -55.93 50.02
C VAL U 93 15.37 -57.21 49.20
N LYS U 94 16.23 -58.16 49.59
CA LYS U 94 16.31 -59.44 48.89
C LYS U 94 15.40 -60.47 49.55
N ASP U 95 15.18 -60.32 50.86
CA ASP U 95 14.34 -61.24 51.61
C ASP U 95 13.35 -60.47 52.49
N THR U 96 12.56 -61.21 53.25
CA THR U 96 11.57 -60.61 54.14
C THR U 96 12.24 -60.08 55.41
N LYS U 97 13.36 -60.69 55.78
CA LYS U 97 14.08 -60.28 56.98
C LYS U 97 14.64 -58.87 56.82
N GLU U 98 15.39 -58.66 55.73
CA GLU U 98 15.99 -57.35 55.47
C GLU U 98 14.94 -56.25 55.51
N ALA U 99 13.72 -56.58 55.05
CA ALA U 99 12.63 -55.61 55.03
C ALA U 99 12.23 -55.21 56.45
N LEU U 100 12.33 -56.16 57.38
CA LEU U 100 11.99 -55.90 58.78
C LEU U 100 13.00 -54.96 59.42
N ASP U 101 14.27 -55.15 59.10
CA ASP U 101 15.34 -54.32 59.64
C ASP U 101 15.23 -52.89 59.13
N LYS U 102 15.02 -52.74 57.82
CA LYS U 102 14.89 -51.43 57.20
C LYS U 102 13.76 -50.63 57.85
N ILE U 103 12.58 -51.24 57.91
CA ILE U 103 11.42 -50.58 58.51
C ILE U 103 11.62 -50.36 60.01
N GLU U 104 12.43 -51.22 60.62
CA GLU U 104 12.70 -51.10 62.05
C GLU U 104 13.59 -49.90 62.34
N GLU U 105 14.59 -49.68 61.49
CA GLU U 105 15.52 -48.57 61.66
C GLU U 105 14.83 -47.25 61.36
N GLU U 106 14.05 -47.23 60.28
CA GLU U 106 13.34 -46.02 59.87
C GLU U 106 12.48 -45.49 61.02
N GLN U 107 11.97 -46.39 61.85
CA GLN U 107 11.12 -46.01 62.98
C GLN U 107 11.98 -45.47 64.12
N ASN U 108 13.22 -45.94 64.20
CA ASN U 108 14.14 -45.51 65.25
C ASN U 108 14.57 -44.06 65.04
N LYS U 109 14.59 -43.64 63.78
CA LYS U 109 14.99 -42.28 63.44
C LYS U 109 13.94 -41.27 63.90
N SER U 110 12.67 -41.65 63.77
CA SER U 110 11.56 -40.78 64.18
C SER U 110 11.51 -40.65 65.70
N LYS U 111 11.98 -41.68 66.40
CA LYS U 111 11.99 -41.68 67.84
C LYS U 111 12.76 -40.48 68.39
N LYS U 112 13.83 -40.11 67.69
CA LYS U 112 14.65 -38.97 68.10
C LYS U 112 13.93 -37.66 67.86
N LYS U 113 13.05 -37.65 66.85
CA LYS U 113 12.29 -36.46 66.51
C LYS U 113 10.80 -36.64 66.84
N ALA U 114 10.53 -37.43 67.88
CA ALA U 114 9.16 -37.69 68.30
C ALA U 114 9.13 -38.46 69.62
N GLN U 115 9.96 -38.02 70.57
CA GLN U 115 10.02 -38.67 71.87
C GLN U 115 9.19 -37.90 72.91
N GLY V 1 -59.72 63.41 -39.71
CA GLY V 1 -59.44 62.25 -40.53
C GLY V 1 -58.03 61.73 -40.34
N ALA V 2 -57.08 62.33 -41.05
CA ALA V 2 -55.68 61.93 -40.95
C ALA V 2 -54.77 62.89 -41.70
N ARG V 3 -54.85 64.17 -41.34
CA ARG V 3 -54.02 65.19 -41.99
C ARG V 3 -53.08 65.84 -40.99
N ALA V 4 -52.33 66.84 -41.45
CA ALA V 4 -51.38 67.54 -40.60
C ALA V 4 -52.06 68.71 -39.88
N SER V 5 -51.52 69.08 -38.72
CA SER V 5 -52.07 70.17 -37.93
C SER V 5 -51.18 70.48 -36.73
N VAL V 6 -51.00 69.48 -35.87
CA VAL V 6 -50.17 69.65 -34.68
C VAL V 6 -48.71 69.88 -35.05
N LEU V 7 -48.23 69.10 -36.01
CA LEU V 7 -46.84 69.21 -36.47
C LEU V 7 -46.78 69.68 -37.91
N SER V 8 -45.95 70.69 -38.18
CA SER V 8 -45.80 71.22 -39.51
C SER V 8 -44.94 70.30 -40.39
N GLY V 9 -44.62 70.76 -41.59
CA GLY V 9 -43.82 69.96 -42.49
C GLY V 9 -42.48 69.58 -41.90
N GLY V 10 -41.75 70.58 -41.40
CA GLY V 10 -40.45 70.32 -40.81
C GLY V 10 -40.54 69.44 -39.57
N GLU V 11 -41.51 69.72 -38.72
CA GLU V 11 -41.70 68.95 -37.50
C GLU V 11 -42.09 67.51 -37.82
N LEU V 12 -42.89 67.34 -38.87
CA LEU V 12 -43.33 66.01 -39.27
C LEU V 12 -42.15 65.12 -39.61
N ASP V 13 -41.20 65.66 -40.36
CA ASP V 13 -40.01 64.91 -40.75
C ASP V 13 -39.29 64.36 -39.53
N LYS V 14 -38.99 65.24 -38.57
CA LYS V 14 -38.30 64.83 -37.35
C LYS V 14 -39.17 63.89 -36.53
N TRP V 15 -40.46 64.18 -36.46
CA TRP V 15 -41.41 63.36 -35.70
C TRP V 15 -41.33 61.91 -36.15
N GLU V 16 -41.48 61.68 -37.45
CA GLU V 16 -41.43 60.34 -38.01
C GLU V 16 -40.09 59.67 -37.68
N LYS V 17 -39.07 60.48 -37.47
CA LYS V 17 -37.74 59.96 -37.16
C LYS V 17 -37.66 59.50 -35.70
N ILE V 18 -38.11 60.37 -34.79
CA ILE V 18 -38.09 60.05 -33.38
C ILE V 18 -38.76 58.71 -33.10
N ARG V 19 -38.17 57.94 -32.20
CA ARG V 19 -38.71 56.63 -31.84
C ARG V 19 -39.40 56.66 -30.48
N LEU V 20 -40.40 55.81 -30.30
CA LEU V 20 -41.13 55.75 -29.05
C LEU V 20 -40.22 55.34 -27.90
N ARG V 21 -39.17 54.58 -28.21
CA ARG V 21 -38.22 54.13 -27.21
C ARG V 21 -36.80 54.14 -27.77
N PRO V 22 -35.81 54.15 -26.86
CA PRO V 22 -34.39 54.16 -27.24
C PRO V 22 -33.95 52.83 -27.85
N GLY V 23 -34.45 51.73 -27.29
CA GLY V 23 -34.09 50.42 -27.79
C GLY V 23 -35.26 49.70 -28.43
N GLY V 24 -35.85 50.33 -29.45
CA GLY V 24 -36.98 49.73 -30.13
C GLY V 24 -36.84 49.78 -31.64
N LYS V 25 -37.90 49.40 -32.34
CA LYS V 25 -37.89 49.40 -33.80
C LYS V 25 -39.20 49.96 -34.36
N LYS V 26 -39.85 50.81 -33.56
CA LYS V 26 -41.12 51.42 -33.98
C LYS V 26 -41.04 52.95 -33.87
N GLN V 27 -40.74 53.60 -34.97
CA GLN V 27 -40.64 55.06 -35.00
C GLN V 27 -41.98 55.69 -34.69
N TYR V 28 -42.01 57.02 -34.59
CA TYR V 28 -43.23 57.75 -34.29
C TYR V 28 -44.06 57.97 -35.55
N LYS V 29 -45.37 58.02 -35.38
CA LYS V 29 -46.29 58.22 -36.51
C LYS V 29 -47.50 59.03 -36.08
N LEU V 30 -48.24 59.54 -37.06
CA LEU V 30 -49.44 60.33 -36.79
C LEU V 30 -50.37 59.59 -35.83
N LYS V 31 -50.35 58.27 -35.89
CA LYS V 31 -51.19 57.45 -35.04
C LYS V 31 -51.04 57.85 -33.57
N HIS V 32 -49.81 58.18 -33.18
CA HIS V 32 -49.51 58.59 -31.81
C HIS V 32 -49.98 60.01 -31.56
N ILE V 33 -49.89 60.91 -32.53
CA ILE V 33 -50.32 62.29 -32.34
C ILE V 33 -51.83 62.38 -32.15
N VAL V 34 -52.56 61.54 -32.88
CA VAL V 34 -54.01 61.52 -32.78
C VAL V 34 -54.48 60.72 -31.57
N TRP V 35 -53.77 59.63 -31.29
CA TRP V 35 -54.11 58.78 -30.15
C TRP V 35 -54.15 59.59 -28.85
N ALA V 36 -53.26 60.58 -28.75
CA ALA V 36 -53.19 61.42 -27.57
C ALA V 36 -54.30 62.47 -27.58
N SER V 37 -54.52 63.08 -28.74
CA SER V 37 -55.54 64.11 -28.88
C SER V 37 -56.91 63.58 -28.42
N ARG V 38 -57.17 62.32 -28.71
CA ARG V 38 -58.43 61.69 -28.32
C ARG V 38 -58.54 61.56 -26.80
N GLU V 39 -57.46 61.09 -26.19
CA GLU V 39 -57.42 60.91 -24.74
C GLU V 39 -57.45 62.27 -24.03
N LEU V 40 -56.95 63.29 -24.71
CA LEU V 40 -56.91 64.64 -24.14
C LEU V 40 -58.32 65.19 -23.97
N GLU V 41 -59.07 65.24 -25.06
CA GLU V 41 -60.44 65.76 -25.03
C GLU V 41 -61.26 65.04 -23.97
N ARG V 42 -60.90 63.79 -23.69
CA ARG V 42 -61.60 62.99 -22.70
C ARG V 42 -61.44 63.58 -21.29
N PHE V 43 -60.29 64.21 -21.07
CA PHE V 43 -60.00 64.81 -19.77
C PHE V 43 -60.35 66.30 -19.78
N ALA V 44 -61.30 66.68 -20.61
CA ALA V 44 -61.73 68.07 -20.72
C ALA V 44 -60.59 68.95 -21.23
N VAL V 45 -59.65 68.35 -21.94
CA VAL V 45 -58.52 69.07 -22.49
C VAL V 45 -58.49 69.00 -24.02
N ASN V 46 -58.67 70.15 -24.66
CA ASN V 46 -58.68 70.21 -26.12
C ASN V 46 -57.35 69.72 -26.69
N PRO V 47 -57.42 69.04 -27.84
CA PRO V 47 -56.23 68.51 -28.51
C PRO V 47 -55.36 69.61 -29.11
N GLY V 48 -55.93 70.80 -29.25
CA GLY V 48 -55.21 71.92 -29.81
C GLY V 48 -54.01 72.32 -28.96
N LEU V 49 -54.10 72.05 -27.66
CA LEU V 49 -53.02 72.38 -26.74
C LEU V 49 -51.70 71.74 -27.18
N LEU V 50 -51.81 70.64 -27.92
CA LEU V 50 -50.62 69.94 -28.41
C LEU V 50 -50.02 70.65 -29.62
N GLU V 51 -50.88 71.37 -30.35
CA GLU V 51 -50.43 72.10 -31.53
C GLU V 51 -49.69 73.37 -31.13
N THR V 52 -49.70 73.68 -29.84
CA THR V 52 -49.03 74.87 -29.33
C THR V 52 -48.04 74.51 -28.23
N SER V 53 -46.81 75.02 -28.35
CA SER V 53 -45.77 74.75 -27.37
C SER V 53 -46.23 75.15 -25.97
N GLU V 54 -47.15 76.12 -25.92
CA GLU V 54 -47.67 76.59 -24.64
C GLU V 54 -48.68 75.59 -24.06
N GLY V 55 -49.56 75.09 -24.92
CA GLY V 55 -50.57 74.14 -24.48
C GLY V 55 -49.97 72.87 -23.93
N CYS V 56 -48.91 72.39 -24.57
CA CYS V 56 -48.24 71.17 -24.15
C CYS V 56 -47.71 71.31 -22.72
N ARG V 57 -47.01 72.41 -22.46
CA ARG V 57 -46.45 72.66 -21.14
C ARG V 57 -47.53 72.53 -20.06
N GLN V 58 -48.72 73.05 -20.35
CA GLN V 58 -49.83 73.00 -19.41
C GLN V 58 -50.25 71.55 -19.14
N ILE V 59 -50.15 70.72 -20.17
CA ILE V 59 -50.51 69.31 -20.06
C ILE V 59 -49.49 68.54 -19.25
N LEU V 60 -48.23 68.67 -19.62
CA LEU V 60 -47.15 67.99 -18.93
C LEU V 60 -47.11 68.37 -17.45
N GLY V 61 -47.63 69.56 -17.14
CA GLY V 61 -47.65 70.03 -15.77
C GLY V 61 -48.60 69.23 -14.90
N GLN V 62 -49.74 68.84 -15.48
CA GLN V 62 -50.74 68.08 -14.75
C GLN V 62 -50.36 66.60 -14.70
N LEU V 63 -49.76 66.11 -15.78
CA LEU V 63 -49.34 64.72 -15.86
C LEU V 63 -48.06 64.48 -15.07
N GLN V 64 -47.27 65.54 -14.92
CA GLN V 64 -46.02 65.44 -14.18
C GLN V 64 -46.23 64.82 -12.80
N PRO V 65 -47.04 65.51 -11.97
CA PRO V 65 -47.35 65.05 -10.62
C PRO V 65 -48.24 63.80 -10.62
N SER V 66 -48.90 63.55 -11.73
CA SER V 66 -49.78 62.39 -11.86
C SER V 66 -49.08 61.25 -12.57
N LEU V 67 -47.75 61.22 -12.47
CA LEU V 67 -46.95 60.18 -13.10
C LEU V 67 -46.97 58.90 -12.27
N GLN V 68 -47.06 59.04 -10.96
CA GLN V 68 -47.10 57.91 -10.06
C GLN V 68 -48.53 57.53 -9.70
N THR V 69 -49.36 58.54 -9.45
CA THR V 69 -50.76 58.32 -9.11
C THR V 69 -51.58 58.00 -10.34
N GLY V 70 -51.13 58.49 -11.50
CA GLY V 70 -51.85 58.25 -12.74
C GLY V 70 -51.75 56.80 -13.19
N SER V 71 -52.55 56.44 -14.18
CA SER V 71 -52.57 55.07 -14.70
C SER V 71 -51.78 54.99 -16.00
N GLU V 72 -51.84 53.82 -16.64
CA GLU V 72 -51.12 53.60 -17.89
C GLU V 72 -51.56 54.61 -18.95
N GLU V 73 -52.85 54.92 -18.95
CA GLU V 73 -53.41 55.87 -19.91
C GLU V 73 -52.67 57.20 -19.84
N LEU V 74 -52.21 57.56 -18.65
CA LEU V 74 -51.50 58.81 -18.44
C LEU V 74 -50.04 58.68 -18.87
N ARG V 75 -49.46 57.52 -18.62
CA ARG V 75 -48.07 57.26 -18.98
C ARG V 75 -47.84 57.49 -20.47
N SER V 76 -48.62 56.81 -21.29
CA SER V 76 -48.49 56.94 -22.74
C SER V 76 -48.56 58.41 -23.17
N LEU V 77 -49.46 59.16 -22.54
CA LEU V 77 -49.63 60.57 -22.84
C LEU V 77 -48.31 61.33 -22.65
N TYR V 78 -47.76 61.24 -21.45
CA TYR V 78 -46.51 61.91 -21.13
C TYR V 78 -45.43 61.57 -22.16
N ASN V 79 -45.52 60.36 -22.72
CA ASN V 79 -44.56 59.91 -23.72
C ASN V 79 -44.69 60.72 -25.01
N THR V 80 -45.91 60.77 -25.54
CA THR V 80 -46.17 61.50 -26.77
C THR V 80 -46.02 63.00 -26.56
N ILE V 81 -46.71 63.53 -25.56
CA ILE V 81 -46.65 64.96 -25.24
C ILE V 81 -45.21 65.42 -25.08
N ALA V 82 -44.34 64.51 -24.66
CA ALA V 82 -42.93 64.83 -24.46
C ALA V 82 -42.23 65.04 -25.81
N VAL V 83 -42.16 63.97 -26.60
CA VAL V 83 -41.52 64.03 -27.91
C VAL V 83 -42.07 65.20 -28.73
N LEU V 84 -43.37 65.43 -28.62
CA LEU V 84 -44.01 66.51 -29.36
C LEU V 84 -43.56 67.88 -28.85
N TYR V 85 -43.67 68.07 -27.53
CA TYR V 85 -43.27 69.34 -26.92
C TYR V 85 -41.84 69.71 -27.31
N CYS V 86 -40.93 68.74 -27.19
CA CYS V 86 -39.54 68.96 -27.54
C CYS V 86 -39.41 69.53 -28.94
N VAL V 87 -40.31 69.11 -29.83
CA VAL V 87 -40.29 69.57 -31.22
C VAL V 87 -40.67 71.05 -31.30
N HIS V 88 -41.73 71.42 -30.59
CA HIS V 88 -42.20 72.80 -30.59
C HIS V 88 -41.18 73.73 -29.91
N GLN V 89 -40.46 73.27 -28.89
CA GLN V 89 -39.49 74.11 -28.21
C GLN V 89 -38.21 74.23 -29.05
N ARG V 90 -37.43 73.16 -29.08
CA ARG V 90 -36.19 73.15 -29.85
C ARG V 90 -35.50 71.79 -29.73
N ILE V 91 -35.63 71.15 -28.58
CA ILE V 91 -35.02 69.85 -28.35
C ILE V 91 -35.40 68.86 -29.45
N ASP V 92 -34.39 68.26 -30.06
CA ASP V 92 -34.62 67.29 -31.13
C ASP V 92 -34.14 65.91 -30.73
N VAL V 93 -34.70 65.37 -29.65
CA VAL V 93 -34.33 64.05 -29.16
C VAL V 93 -34.55 62.98 -30.22
N LYS V 94 -33.88 61.85 -30.06
CA LYS V 94 -34.01 60.75 -31.01
C LYS V 94 -35.09 59.77 -30.56
N ASP V 95 -35.30 59.69 -29.25
CA ASP V 95 -36.32 58.79 -28.70
C ASP V 95 -37.17 59.51 -27.67
N THR V 96 -38.11 58.78 -27.06
CA THR V 96 -38.99 59.35 -26.05
C THR V 96 -38.29 59.48 -24.71
N LYS V 97 -37.29 58.63 -24.49
CA LYS V 97 -36.53 58.64 -23.24
C LYS V 97 -35.73 59.93 -23.10
N GLU V 98 -34.94 60.24 -24.13
CA GLU V 98 -34.12 61.44 -24.13
C GLU V 98 -34.97 62.68 -23.84
N ALA V 99 -36.19 62.68 -24.35
CA ALA V 99 -37.11 63.80 -24.15
C ALA V 99 -37.46 63.95 -22.68
N LEU V 100 -37.54 62.83 -21.97
CA LEU V 100 -37.88 62.84 -20.55
C LEU V 100 -36.74 63.45 -19.73
N ASP V 101 -35.51 63.11 -20.10
CA ASP V 101 -34.33 63.61 -19.41
C ASP V 101 -34.18 65.12 -19.61
N LYS V 102 -34.33 65.56 -20.85
CA LYS V 102 -34.21 66.98 -21.18
C LYS V 102 -35.21 67.81 -20.37
N ILE V 103 -36.47 67.41 -20.42
CA ILE V 103 -37.51 68.12 -19.69
C ILE V 103 -37.32 67.99 -18.18
N GLU V 104 -36.68 66.89 -17.76
CA GLU V 104 -36.43 66.65 -16.36
C GLU V 104 -35.35 67.60 -15.82
N GLU V 105 -34.31 67.81 -16.62
CA GLU V 105 -33.21 68.68 -16.23
C GLU V 105 -33.65 70.14 -16.24
N GLU V 106 -34.39 70.52 -17.29
CA GLU V 106 -34.87 71.90 -17.43
C GLU V 106 -35.65 72.32 -16.18
N GLN V 107 -36.33 71.37 -15.56
CA GLN V 107 -37.11 71.64 -14.36
C GLN V 107 -36.22 71.77 -13.14
N ASN V 108 -35.08 71.09 -13.18
CA ASN V 108 -34.12 71.13 -12.07
C ASN V 108 -33.44 72.49 -11.98
N LYS V 109 -33.31 73.16 -13.12
CA LYS V 109 -32.68 74.47 -13.18
C LYS V 109 -33.56 75.52 -12.49
N SER V 110 -34.87 75.40 -12.69
CA SER V 110 -35.82 76.35 -12.09
C SER V 110 -35.88 76.17 -10.58
N LYS V 111 -35.60 74.95 -10.13
CA LYS V 111 -35.63 74.65 -8.70
C LYS V 111 -34.68 75.56 -7.92
N LYS V 112 -33.54 75.87 -8.54
CA LYS V 112 -32.55 76.74 -7.92
C LYS V 112 -33.04 78.18 -7.88
N LYS V 113 -33.88 78.55 -8.84
CA LYS V 113 -34.42 79.90 -8.91
C LYS V 113 -35.91 79.90 -8.61
N ALA V 114 -36.34 78.98 -7.76
CA ALA V 114 -37.75 78.89 -7.38
C ALA V 114 -37.94 77.88 -6.25
N GLN V 115 -37.07 77.95 -5.24
CA GLN V 115 -37.16 77.05 -4.10
C GLN V 115 -37.87 77.71 -2.93
N GLY W 1 38.91 19.10 -73.87
CA GLY W 1 37.60 19.14 -74.50
C GLY W 1 36.73 20.24 -73.92
N ALA W 2 36.06 19.94 -72.80
CA ALA W 2 35.19 20.91 -72.16
C ALA W 2 34.72 20.41 -70.80
N ARG W 3 35.66 20.08 -69.93
CA ARG W 3 35.35 19.58 -68.59
C ARG W 3 35.87 20.52 -67.52
N ALA W 4 35.68 20.14 -66.26
CA ALA W 4 36.13 20.95 -65.14
C ALA W 4 37.58 20.62 -64.77
N SER W 5 38.28 21.60 -64.19
CA SER W 5 39.66 21.41 -63.80
C SER W 5 40.17 22.62 -63.02
N VAL W 6 40.14 23.79 -63.65
CA VAL W 6 40.59 25.02 -63.03
C VAL W 6 39.70 25.39 -61.85
N LEU W 7 38.38 25.28 -62.05
CA LEU W 7 37.42 25.61 -61.01
C LEU W 7 36.66 24.37 -60.56
N SER W 8 36.59 24.17 -59.25
CA SER W 8 35.88 23.02 -58.69
C SER W 8 34.37 23.22 -58.75
N GLY W 9 33.63 22.30 -58.15
CA GLY W 9 32.18 22.39 -58.14
C GLY W 9 31.69 23.69 -57.53
N GLY W 10 32.16 24.00 -56.34
CA GLY W 10 31.75 25.22 -55.66
C GLY W 10 32.17 26.46 -56.41
N GLU W 11 33.40 26.47 -56.92
CA GLU W 11 33.91 27.61 -57.66
C GLU W 11 33.15 27.80 -58.96
N LEU W 12 32.77 26.70 -59.58
CA LEU W 12 32.03 26.74 -60.84
C LEU W 12 30.71 27.49 -60.68
N ASP W 13 30.00 27.19 -59.59
CA ASP W 13 28.72 27.84 -59.32
C ASP W 13 28.88 29.35 -59.29
N LYS W 14 29.83 29.83 -58.49
CA LYS W 14 30.08 31.27 -58.38
C LYS W 14 30.59 31.84 -59.69
N TRP W 15 31.48 31.09 -60.36
CA TRP W 15 32.03 31.53 -61.62
C TRP W 15 30.93 31.87 -62.62
N GLU W 16 30.02 30.92 -62.82
CA GLU W 16 28.91 31.13 -63.76
C GLU W 16 28.08 32.35 -63.36
N LYS W 17 28.12 32.67 -62.08
CA LYS W 17 27.37 33.81 -61.56
C LYS W 17 28.06 35.12 -61.90
N ILE W 18 29.36 35.19 -61.61
CA ILE W 18 30.15 36.39 -61.90
C ILE W 18 29.96 36.83 -63.35
N ARG W 19 29.87 38.14 -63.55
CA ARG W 19 29.69 38.69 -64.89
C ARG W 19 30.99 39.33 -65.39
N LEU W 20 31.19 39.31 -66.71
CA LEU W 20 32.38 39.89 -67.31
C LEU W 20 32.47 41.39 -67.03
N ARG W 21 31.31 42.01 -66.86
CA ARG W 21 31.25 43.44 -66.59
C ARG W 21 30.14 43.77 -65.59
N PRO W 22 30.24 44.94 -64.95
CA PRO W 22 29.25 45.39 -63.96
C PRO W 22 27.91 45.75 -64.60
N GLY W 23 27.97 46.38 -65.77
CA GLY W 23 26.76 46.76 -66.47
C GLY W 23 26.57 46.00 -67.77
N GLY W 24 26.51 44.68 -67.66
CA GLY W 24 26.33 43.84 -68.84
C GLY W 24 25.27 42.78 -68.64
N LYS W 25 25.15 41.88 -69.61
CA LYS W 25 24.16 40.80 -69.54
C LYS W 25 24.77 39.48 -70.00
N LYS W 26 26.08 39.36 -69.84
CA LYS W 26 26.78 38.14 -70.24
C LYS W 26 27.62 37.60 -69.09
N GLN W 27 27.06 36.65 -68.35
CA GLN W 27 27.75 36.05 -67.22
C GLN W 27 29.00 35.31 -67.67
N TYR W 28 29.76 34.79 -66.72
CA TYR W 28 30.99 34.07 -67.04
C TYR W 28 30.69 32.60 -67.39
N LYS W 29 31.52 32.04 -68.25
CA LYS W 29 31.34 30.65 -68.67
C LYS W 29 32.69 29.98 -68.93
N LEU W 30 32.68 28.65 -69.02
CA LEU W 30 33.91 27.90 -69.26
C LEU W 30 34.64 28.44 -70.47
N LYS W 31 33.89 28.98 -71.43
CA LYS W 31 34.48 29.53 -72.64
C LYS W 31 35.59 30.52 -72.31
N HIS W 32 35.39 31.31 -71.24
CA HIS W 32 36.37 32.29 -70.81
C HIS W 32 37.54 31.62 -70.08
N ILE W 33 37.31 30.55 -69.33
CA ILE W 33 38.38 29.87 -68.62
C ILE W 33 39.35 29.19 -69.59
N VAL W 34 38.79 28.65 -70.67
CA VAL W 34 39.60 27.97 -71.68
C VAL W 34 40.24 28.98 -72.63
N TRP W 35 39.51 30.03 -72.96
CA TRP W 35 39.99 31.06 -73.86
C TRP W 35 41.30 31.65 -73.35
N ALA W 36 41.43 31.75 -72.03
CA ALA W 36 42.63 32.30 -71.42
C ALA W 36 43.76 31.25 -71.41
N SER W 37 43.41 30.02 -71.06
CA SER W 37 44.39 28.94 -71.00
C SER W 37 45.14 28.81 -72.33
N ARG W 38 44.42 29.01 -73.42
CA ARG W 38 45.01 28.91 -74.75
C ARG W 38 46.01 30.03 -74.98
N GLU W 39 45.61 31.26 -74.63
CA GLU W 39 46.48 32.42 -74.79
C GLU W 39 47.68 32.35 -73.85
N LEU W 40 47.50 31.65 -72.73
CA LEU W 40 48.57 31.51 -71.75
C LEU W 40 49.71 30.67 -72.31
N GLU W 41 49.40 29.45 -72.73
CA GLU W 41 50.40 28.55 -73.29
C GLU W 41 51.16 29.21 -74.43
N ARG W 42 50.50 30.15 -75.11
CA ARG W 42 51.12 30.86 -76.21
C ARG W 42 52.28 31.73 -75.73
N PHE W 43 52.17 32.22 -74.50
CA PHE W 43 53.20 33.06 -73.91
C PHE W 43 54.16 32.24 -73.06
N ALA W 44 54.29 30.96 -73.40
CA ALA W 44 55.18 30.06 -72.66
C ALA W 44 54.70 29.88 -71.22
N VAL W 45 53.41 30.10 -71.00
CA VAL W 45 52.84 29.97 -69.67
C VAL W 45 51.76 28.88 -69.64
N ASN W 46 52.03 27.82 -68.89
CA ASN W 46 51.08 26.71 -68.79
C ASN W 46 49.75 27.18 -68.21
N PRO W 47 48.65 26.61 -68.71
CA PRO W 47 47.30 26.95 -68.26
C PRO W 47 47.02 26.48 -66.84
N GLY W 48 47.85 25.56 -66.36
CA GLY W 48 47.68 25.03 -65.01
C GLY W 48 47.84 26.10 -63.95
N LEU W 49 48.62 27.13 -64.26
CA LEU W 49 48.85 28.23 -63.32
C LEU W 49 47.54 28.85 -62.88
N LEU W 50 46.52 28.74 -63.72
CA LEU W 50 45.20 29.29 -63.40
C LEU W 50 44.45 28.40 -62.42
N GLU W 51 44.78 27.10 -62.44
CA GLU W 51 44.14 26.15 -61.56
C GLU W 51 44.69 26.26 -60.14
N THR W 52 45.72 27.09 -59.97
CA THR W 52 46.34 27.29 -58.67
C THR W 52 46.37 28.77 -58.31
N SER W 53 45.91 29.09 -57.10
CA SER W 53 45.90 30.47 -56.63
C SER W 53 47.29 31.09 -56.71
N GLU W 54 48.31 30.24 -56.64
CA GLU W 54 49.69 30.71 -56.70
C GLU W 54 50.09 31.04 -58.14
N GLY W 55 49.70 30.17 -59.07
CA GLY W 55 50.03 30.39 -60.47
C GLY W 55 49.41 31.67 -61.00
N CYS W 56 48.17 31.94 -60.62
CA CYS W 56 47.47 33.13 -61.07
C CYS W 56 48.23 34.40 -60.67
N ARG W 57 48.62 34.47 -59.40
CA ARG W 57 49.35 35.62 -58.90
C ARG W 57 50.57 35.92 -59.77
N GLN W 58 51.27 34.87 -60.19
CA GLN W 58 52.45 35.02 -61.02
C GLN W 58 52.09 35.62 -62.38
N ILE W 59 50.91 35.28 -62.88
CA ILE W 59 50.44 35.78 -64.15
C ILE W 59 50.05 37.26 -64.06
N LEU W 60 49.20 37.57 -63.09
CA LEU W 60 48.75 38.95 -62.88
C LEU W 60 49.93 39.88 -62.65
N GLY W 61 51.02 39.32 -62.13
CA GLY W 61 52.21 40.11 -61.87
C GLY W 61 52.87 40.61 -63.14
N GLN W 62 52.87 39.77 -64.18
CA GLN W 62 53.47 40.12 -65.45
C GLN W 62 52.54 40.99 -66.27
N LEU W 63 51.24 40.73 -66.18
CA LEU W 63 50.24 41.48 -66.91
C LEU W 63 49.98 42.84 -66.24
N GLN W 64 50.22 42.90 -64.94
CA GLN W 64 50.02 44.13 -64.19
C GLN W 64 50.74 45.30 -64.85
N PRO W 65 52.07 45.20 -64.94
CA PRO W 65 52.91 46.24 -65.54
C PRO W 65 52.71 46.33 -67.06
N SER W 66 52.18 45.26 -67.65
CA SER W 66 51.94 45.22 -69.08
C SER W 66 50.49 45.56 -69.40
N LEU W 67 49.86 46.33 -68.53
CA LEU W 67 48.47 46.73 -68.72
C LEU W 67 48.37 47.89 -69.71
N GLN W 68 49.38 48.74 -69.72
CA GLN W 68 49.41 49.90 -70.62
C GLN W 68 50.19 49.57 -71.88
N THR W 69 51.32 48.90 -71.72
CA THR W 69 52.16 48.52 -72.85
C THR W 69 51.59 47.32 -73.59
N GLY W 70 50.84 46.50 -72.88
CA GLY W 70 50.25 45.32 -73.48
C GLY W 70 49.15 45.66 -74.45
N SER W 71 48.70 44.67 -75.23
CA SER W 71 47.64 44.87 -76.21
C SER W 71 46.31 44.36 -75.67
N GLU W 72 45.30 44.36 -76.55
CA GLU W 72 43.97 43.90 -76.16
C GLU W 72 44.01 42.46 -75.68
N GLU W 73 44.85 41.66 -76.32
CA GLU W 73 44.99 40.25 -75.96
C GLU W 73 45.36 40.10 -74.49
N LEU W 74 46.11 41.05 -73.97
CA LEU W 74 46.53 41.03 -72.58
C LEU W 74 45.41 41.53 -71.66
N ARG W 75 44.66 42.52 -72.13
CA ARG W 75 43.57 43.09 -71.36
C ARG W 75 42.56 42.00 -70.97
N SER W 76 42.04 41.29 -71.96
CA SER W 76 41.09 40.22 -71.72
C SER W 76 41.60 39.24 -70.67
N LEU W 77 42.89 38.91 -70.76
CA LEU W 77 43.50 37.99 -69.82
C LEU W 77 43.35 38.48 -68.39
N TYR W 78 43.83 39.69 -68.13
CA TYR W 78 43.74 40.28 -66.80
C TYR W 78 42.32 40.23 -66.27
N ASN W 79 41.34 40.29 -67.19
CA ASN W 79 39.94 40.24 -66.82
C ASN W 79 39.56 38.87 -66.27
N THR W 80 39.87 37.84 -67.03
CA THR W 80 39.56 36.47 -66.62
C THR W 80 40.41 36.04 -65.43
N ILE W 81 41.71 36.21 -65.56
CA ILE W 81 42.65 35.85 -64.49
C ILE W 81 42.25 36.51 -63.17
N ALA W 82 41.60 37.66 -63.27
CA ALA W 82 41.16 38.39 -62.08
C ALA W 82 40.01 37.68 -61.40
N VAL W 83 38.88 37.58 -62.09
CA VAL W 83 37.70 36.92 -61.55
C VAL W 83 38.03 35.53 -61.04
N LEU W 84 38.91 34.84 -61.76
CA LEU W 84 39.32 33.49 -61.38
C LEU W 84 40.14 33.51 -60.08
N TYR W 85 41.19 34.32 -60.07
CA TYR W 85 42.06 34.44 -58.91
C TYR W 85 41.24 34.73 -57.66
N CYS W 86 40.34 35.71 -57.75
CA CYS W 86 39.50 36.08 -56.62
C CYS W 86 38.78 34.85 -56.05
N VAL W 87 38.43 33.92 -56.93
CA VAL W 87 37.73 32.71 -56.52
C VAL W 87 38.65 31.81 -55.69
N HIS W 88 39.88 31.63 -56.17
CA HIS W 88 40.85 30.78 -55.48
C HIS W 88 41.26 31.40 -54.16
N GLN W 89 41.33 32.72 -54.04
CA GLN W 89 41.71 33.36 -52.78
C GLN W 89 40.56 33.35 -51.80
N ARG W 90 39.56 34.19 -52.05
CA ARG W 90 38.39 34.28 -51.18
C ARG W 90 37.39 35.31 -51.71
N ILE W 91 37.91 36.37 -52.31
CA ILE W 91 37.06 37.43 -52.86
C ILE W 91 36.00 36.85 -53.79
N ASP W 92 34.74 37.17 -53.52
CA ASP W 92 33.64 36.68 -54.34
C ASP W 92 32.93 37.84 -55.04
N VAL W 93 33.68 38.57 -55.87
CA VAL W 93 33.12 39.70 -56.60
C VAL W 93 31.96 39.27 -57.48
N LYS W 94 31.13 40.22 -57.87
CA LYS W 94 29.97 39.94 -58.71
C LYS W 94 30.32 40.13 -60.19
N ASP W 95 31.27 41.03 -60.45
CA ASP W 95 31.71 41.31 -61.82
C ASP W 95 33.23 41.31 -61.92
N THR W 96 33.74 41.59 -63.11
CA THR W 96 35.17 41.64 -63.35
C THR W 96 35.77 42.94 -62.83
N LYS W 97 34.96 43.98 -62.79
CA LYS W 97 35.41 45.28 -62.32
C LYS W 97 35.75 45.24 -60.83
N GLU W 98 34.81 44.75 -60.02
CA GLU W 98 35.02 44.65 -58.58
C GLU W 98 36.30 43.89 -58.27
N ALA W 99 36.60 42.88 -59.08
CA ALA W 99 37.80 42.08 -58.89
C ALA W 99 39.06 42.92 -59.09
N LEU W 100 39.00 43.88 -59.99
CA LEU W 100 40.13 44.75 -60.27
C LEU W 100 40.40 45.68 -59.09
N ASP W 101 39.33 46.18 -58.49
CA ASP W 101 39.45 47.09 -57.35
C ASP W 101 40.02 46.36 -56.14
N LYS W 102 39.50 45.18 -55.86
CA LYS W 102 39.96 44.38 -54.73
C LYS W 102 41.46 44.10 -54.83
N ILE W 103 41.89 43.58 -55.98
CA ILE W 103 43.28 43.28 -56.21
C ILE W 103 44.13 44.55 -56.23
N GLU W 104 43.51 45.66 -56.61
CA GLU W 104 44.20 46.94 -56.68
C GLU W 104 44.48 47.48 -55.28
N GLU W 105 43.52 47.33 -54.38
CA GLU W 105 43.67 47.80 -53.01
C GLU W 105 44.65 46.93 -52.24
N GLU W 106 44.54 45.62 -52.42
CA GLU W 106 45.42 44.67 -51.75
C GLU W 106 46.88 45.00 -52.01
N GLN W 107 47.15 45.53 -53.21
CA GLN W 107 48.51 45.89 -53.59
C GLN W 107 48.94 47.20 -52.94
N ASN W 108 47.96 48.05 -52.66
CA ASN W 108 48.22 49.34 -52.03
C ASN W 108 48.65 49.16 -50.57
N LYS W 109 48.16 48.10 -49.94
CA LYS W 109 48.49 47.82 -48.55
C LYS W 109 49.95 47.40 -48.41
N SER W 110 50.45 46.63 -49.38
CA SER W 110 51.84 46.18 -49.36
C SER W 110 52.79 47.34 -49.60
N LYS W 111 52.32 48.35 -50.33
CA LYS W 111 53.12 49.52 -50.63
C LYS W 111 53.63 50.19 -49.36
N LYS W 112 52.79 50.18 -48.32
CA LYS W 112 53.14 50.78 -47.04
C LYS W 112 54.19 49.93 -46.31
N LYS W 113 54.17 48.63 -46.58
CA LYS W 113 55.10 47.70 -45.95
C LYS W 113 56.09 47.16 -46.97
N ALA W 114 56.41 47.96 -47.98
CA ALA W 114 57.34 47.56 -49.02
C ALA W 114 57.68 48.73 -49.94
N GLN W 115 57.94 49.89 -49.34
CA GLN W 115 58.28 51.08 -50.11
C GLN W 115 59.79 51.30 -50.15
N GLY X 1 -72.07 1.74 25.79
CA GLY X 1 -71.77 0.50 25.08
C GLY X 1 -70.33 0.08 25.25
N ALA X 2 -69.45 0.63 24.42
CA ALA X 2 -68.04 0.31 24.47
C ALA X 2 -67.22 1.22 23.57
N ARG X 3 -67.34 2.53 23.79
CA ARG X 3 -66.62 3.51 22.97
C ARG X 3 -65.66 4.32 23.84
N ALA X 4 -64.99 5.29 23.22
CA ALA X 4 -64.03 6.13 23.94
C ALA X 4 -64.73 7.34 24.55
N SER X 5 -64.15 7.85 25.63
CA SER X 5 -64.72 9.01 26.32
C SER X 5 -63.78 9.50 27.42
N VAL X 6 -63.49 8.62 28.38
CA VAL X 6 -62.60 8.96 29.48
C VAL X 6 -61.18 9.21 28.99
N LEU X 7 -60.71 8.35 28.10
CA LEU X 7 -59.36 8.47 27.55
C LEU X 7 -59.40 8.77 26.06
N SER X 8 -58.65 9.78 25.64
CA SER X 8 -58.61 10.18 24.24
C SER X 8 -57.76 9.20 23.43
N GLY X 9 -57.54 9.53 22.16
CA GLY X 9 -56.74 8.68 21.30
C GLY X 9 -55.34 8.42 21.86
N GLY X 10 -54.65 9.50 22.19
CA GLY X 10 -53.30 9.38 22.72
C GLY X 10 -53.27 8.65 24.05
N GLU X 11 -54.21 8.98 24.93
CA GLU X 11 -54.28 8.34 26.24
C GLU X 11 -54.61 6.86 26.11
N LEU X 12 -55.46 6.54 25.14
CA LEU X 12 -55.86 5.15 24.90
C LEU X 12 -54.64 4.28 24.60
N ASP X 13 -53.77 4.78 23.73
CA ASP X 13 -52.56 4.05 23.35
C ASP X 13 -51.74 3.67 24.58
N LYS X 14 -51.45 4.67 25.41
CA LYS X 14 -50.66 4.43 26.63
C LYS X 14 -51.43 3.55 27.60
N TRP X 15 -52.73 3.80 27.73
CA TRP X 15 -53.58 3.02 28.62
C TRP X 15 -53.45 1.52 28.34
N GLU X 16 -53.66 1.15 27.08
CA GLU X 16 -53.58 -0.25 26.67
C GLU X 16 -52.19 -0.82 26.99
N LYS X 17 -51.19 0.06 27.04
CA LYS X 17 -49.82 -0.35 27.33
C LYS X 17 -49.64 -0.63 28.82
N ILE X 18 -50.09 0.31 29.65
CA ILE X 18 -49.97 0.15 31.09
C ILE X 18 -50.54 -1.18 31.56
N ARG X 19 -49.86 -1.81 32.50
CA ARG X 19 -50.30 -3.10 33.03
C ARG X 19 -50.91 -2.93 34.42
N LEU X 20 -51.85 -3.81 34.76
CA LEU X 20 -52.51 -3.76 36.06
C LEU X 20 -51.51 -3.99 37.19
N ARG X 21 -50.45 -4.73 36.88
CA ARG X 21 -49.42 -5.02 37.87
C ARG X 21 -48.03 -5.01 37.23
N PRO X 22 -46.99 -4.85 38.06
CA PRO X 22 -45.60 -4.81 37.60
C PRO X 22 -45.12 -6.18 37.11
N GLY X 23 -45.52 -7.23 37.82
CA GLY X 23 -45.13 -8.57 37.45
C GLY X 23 -46.30 -9.41 36.97
N GLY X 24 -46.98 -8.93 35.93
CA GLY X 24 -48.11 -9.66 35.39
C GLY X 24 -48.06 -9.78 33.87
N LYS X 25 -49.13 -10.29 33.29
CA LYS X 25 -49.21 -10.45 31.84
C LYS X 25 -50.58 -10.02 31.31
N LYS X 26 -51.23 -9.12 32.04
CA LYS X 26 -52.54 -8.62 31.64
C LYS X 26 -52.55 -7.10 31.58
N GLN X 27 -52.34 -6.55 30.38
CA GLN X 27 -52.33 -5.11 30.19
C GLN X 27 -53.69 -4.51 30.52
N TYR X 28 -53.76 -3.18 30.46
CA TYR X 28 -55.01 -2.48 30.75
C TYR X 28 -55.93 -2.44 29.54
N LYS X 29 -57.23 -2.44 29.78
CA LYS X 29 -58.21 -2.41 28.70
C LYS X 29 -59.44 -1.62 29.11
N LEU X 30 -60.27 -1.26 28.13
CA LEU X 30 -61.48 -0.50 28.39
C LEU X 30 -62.32 -1.16 29.47
N LYS X 31 -62.23 -2.49 29.56
CA LYS X 31 -62.98 -3.24 30.55
C LYS X 31 -62.75 -2.67 31.96
N HIS X 32 -61.53 -2.24 32.22
CA HIS X 32 -61.19 -1.67 33.52
C HIS X 32 -61.71 -0.24 33.64
N ILE X 33 -61.73 0.55 32.57
CA ILE X 33 -62.22 1.92 32.64
C ILE X 33 -63.72 1.95 32.91
N VAL X 34 -64.44 1.00 32.33
CA VAL X 34 -65.88 0.92 32.51
C VAL X 34 -66.23 0.25 33.83
N TRP X 35 -65.46 -0.77 34.20
CA TRP X 35 -65.68 -1.50 35.43
C TRP X 35 -65.69 -0.55 36.63
N ALA X 36 -64.86 0.48 36.57
CA ALA X 36 -64.76 1.45 37.65
C ALA X 36 -65.92 2.44 37.59
N SER X 37 -66.24 2.91 36.38
CA SER X 37 -67.33 3.86 36.19
C SER X 37 -68.63 3.33 36.80
N ARG X 38 -68.84 2.02 36.67
CA ARG X 38 -70.05 1.39 37.19
C ARG X 38 -70.05 1.42 38.72
N GLU X 39 -68.92 1.08 39.32
CA GLU X 39 -68.80 1.07 40.77
C GLU X 39 -68.85 2.49 41.33
N LEU X 40 -68.45 3.46 40.52
CA LEU X 40 -68.45 4.85 40.92
C LEU X 40 -69.88 5.36 41.12
N GLU X 41 -70.69 5.26 40.08
CA GLU X 41 -72.08 5.70 40.14
C GLU X 41 -72.80 5.07 41.32
N ARG X 42 -72.35 3.88 41.71
CA ARG X 42 -72.96 3.16 42.83
C ARG X 42 -72.74 3.91 44.14
N PHE X 43 -71.62 4.62 44.23
CA PHE X 43 -71.29 5.39 45.43
C PHE X 43 -71.72 6.85 45.28
N ALA X 44 -72.74 7.08 44.46
CA ALA X 44 -73.24 8.42 44.23
C ALA X 44 -72.19 9.30 43.55
N VAL X 45 -71.26 8.65 42.86
CA VAL X 45 -70.19 9.37 42.16
C VAL X 45 -70.26 9.12 40.65
N ASN X 46 -70.54 10.18 39.90
CA ASN X 46 -70.63 10.08 38.45
C ASN X 46 -69.31 9.60 37.85
N PRO X 47 -69.40 8.78 36.80
CA PRO X 47 -68.23 8.23 36.11
C PRO X 47 -67.46 9.30 35.34
N GLY X 48 -68.10 10.44 35.11
CA GLY X 48 -67.47 11.52 34.38
C GLY X 48 -66.26 12.06 35.10
N LEU X 49 -66.26 11.94 36.43
CA LEU X 49 -65.15 12.43 37.24
C LEU X 49 -63.82 11.81 36.78
N LEU X 50 -63.90 10.63 36.19
CA LEU X 50 -62.72 9.94 35.70
C LEU X 50 -62.23 10.54 34.38
N GLU X 51 -63.16 11.12 33.64
CA GLU X 51 -62.82 11.74 32.36
C GLU X 51 -62.13 13.08 32.56
N THR X 52 -62.08 13.53 33.81
CA THR X 52 -61.44 14.80 34.13
C THR X 52 -60.38 14.62 35.21
N SER X 53 -59.19 15.16 34.95
CA SER X 53 -58.09 15.06 35.90
C SER X 53 -58.48 15.59 37.27
N GLU X 54 -59.45 16.51 37.27
CA GLU X 54 -59.92 17.10 38.53
C GLU X 54 -60.85 16.15 39.26
N GLY X 55 -61.75 15.50 38.53
CA GLY X 55 -62.67 14.56 39.13
C GLY X 55 -61.97 13.39 39.78
N CYS X 56 -60.92 12.89 39.13
CA CYS X 56 -60.16 11.76 39.64
C CYS X 56 -59.57 12.09 41.01
N ARG X 57 -58.92 13.24 41.10
CA ARG X 57 -58.29 13.66 42.36
C ARG X 57 -59.30 13.61 43.51
N GLN X 58 -60.53 14.04 43.23
CA GLN X 58 -61.58 14.03 44.24
C GLN X 58 -61.90 12.61 44.69
N ILE X 59 -61.82 11.67 43.75
CA ILE X 59 -62.11 10.28 44.04
C ILE X 59 -60.99 9.65 44.88
N LEU X 60 -59.75 9.79 44.41
CA LEU X 60 -58.60 9.25 45.11
C LEU X 60 -58.51 9.80 46.52
N GLY X 61 -59.06 10.99 46.73
CA GLY X 61 -59.04 11.61 48.05
C GLY X 61 -59.90 10.87 49.04
N GLN X 62 -61.03 10.37 48.59
CA GLN X 62 -61.95 9.64 49.46
C GLN X 62 -61.49 8.20 49.65
N LEU X 63 -60.93 7.62 48.61
CA LEU X 63 -60.44 6.25 48.65
C LEU X 63 -59.11 6.16 49.38
N GLN X 64 -58.37 7.26 49.37
CA GLN X 64 -57.07 7.32 50.03
C GLN X 64 -57.17 6.85 51.47
N PRO X 65 -57.97 7.58 52.27
CA PRO X 65 -58.18 7.27 53.69
C PRO X 65 -58.99 5.99 53.89
N SER X 66 -59.71 5.58 52.84
CA SER X 66 -60.52 4.38 52.90
C SER X 66 -59.80 3.19 52.28
N LEU X 67 -58.47 3.25 52.30
CA LEU X 67 -57.65 2.18 51.75
C LEU X 67 -57.56 1.00 52.71
N GLN X 68 -57.57 1.29 54.00
CA GLN X 68 -57.50 0.26 55.03
C GLN X 68 -58.89 -0.15 55.50
N THR X 69 -59.75 0.85 55.70
CA THR X 69 -61.11 0.61 56.15
C THR X 69 -62.00 0.11 55.00
N GLY X 70 -61.64 0.48 53.78
CA GLY X 70 -62.41 0.06 52.63
C GLY X 70 -62.26 -1.42 52.33
N SER X 71 -63.10 -1.93 51.44
CA SER X 71 -63.06 -3.35 51.08
C SER X 71 -62.34 -3.54 49.75
N GLU X 72 -62.37 -4.77 49.25
CA GLU X 72 -61.72 -5.10 47.99
C GLU X 72 -62.27 -4.25 46.85
N GLU X 73 -63.59 -3.99 46.89
CA GLU X 73 -64.24 -3.18 45.87
C GLU X 73 -63.58 -1.82 45.74
N LEU X 74 -63.08 -1.31 46.86
CA LEU X 74 -62.41 0.00 46.88
C LEU X 74 -60.97 -0.11 46.38
N ARG X 75 -60.32 -1.22 46.72
CA ARG X 75 -58.94 -1.45 46.31
C ARG X 75 -58.81 -1.37 44.78
N SER X 76 -59.59 -2.19 44.10
CA SER X 76 -59.57 -2.21 42.63
C SER X 76 -59.73 -0.82 42.05
N LEU X 77 -60.63 -0.04 42.65
CA LEU X 77 -60.89 1.32 42.20
C LEU X 77 -59.62 2.16 42.22
N TYR X 78 -58.99 2.23 43.40
CA TYR X 78 -57.76 3.00 43.56
C TYR X 78 -56.73 2.59 42.51
N ASN X 79 -56.78 1.33 42.09
CA ASN X 79 -55.86 0.81 41.09
C ASN X 79 -56.10 1.46 39.73
N THR X 80 -57.35 1.39 39.27
CA THR X 80 -57.72 1.97 37.99
C THR X 80 -57.65 3.49 38.02
N ILE X 81 -58.30 4.08 39.00
CA ILE X 81 -58.31 5.54 39.15
C ILE X 81 -56.88 6.09 39.16
N ALA X 82 -55.94 5.28 39.63
CA ALA X 82 -54.55 5.68 39.70
C ALA X 82 -53.93 5.77 38.31
N VAL X 83 -53.85 4.63 37.63
CA VAL X 83 -53.29 4.57 36.28
C VAL X 83 -53.95 5.59 35.37
N LEU X 84 -55.25 5.79 35.54
CA LEU X 84 -56.00 6.75 34.73
C LEU X 84 -55.58 8.17 35.06
N TYR X 85 -55.64 8.52 36.34
CA TYR X 85 -55.27 9.86 36.79
C TYR X 85 -53.90 10.25 36.27
N CYS X 86 -52.93 9.35 36.43
CA CYS X 86 -51.56 9.60 35.98
C CYS X 86 -51.54 10.00 34.51
N VAL X 87 -52.47 9.45 33.73
CA VAL X 87 -52.55 9.75 32.31
C VAL X 87 -53.02 11.18 32.09
N HIS X 88 -54.06 11.58 32.81
CA HIS X 88 -54.60 12.93 32.70
C HIS X 88 -53.60 13.97 33.20
N GLN X 89 -52.81 13.67 34.22
CA GLN X 89 -51.83 14.64 34.73
C GLN X 89 -50.62 14.72 33.82
N ARG X 90 -49.79 13.68 33.85
CA ARG X 90 -48.58 13.64 33.02
C ARG X 90 -47.82 12.34 33.23
N ILE X 91 -47.84 11.85 34.47
CA ILE X 91 -47.15 10.60 34.80
C ILE X 91 -47.54 9.48 33.84
N ASP X 92 -46.54 8.86 33.22
CA ASP X 92 -46.78 7.76 32.29
C ASP X 92 -46.19 6.46 32.82
N VAL X 93 -46.67 6.03 33.98
CA VAL X 93 -46.20 4.79 34.59
C VAL X 93 -46.42 3.60 33.67
N LYS X 94 -45.68 2.53 33.92
CA LYS X 94 -45.80 1.31 33.11
C LYS X 94 -46.80 0.34 33.72
N ASP X 95 -46.94 0.40 35.05
CA ASP X 95 -47.86 -0.47 35.76
C ASP X 95 -48.70 0.32 36.76
N THR X 96 -49.55 -0.38 37.50
CA THR X 96 -50.40 0.26 38.49
C THR X 96 -49.63 0.57 39.76
N LYS X 97 -48.58 -0.21 40.02
CA LYS X 97 -47.75 -0.01 41.20
C LYS X 97 -47.02 1.33 41.13
N GLU X 98 -46.31 1.55 40.04
CA GLU X 98 -45.55 2.79 39.85
C GLU X 98 -46.45 4.00 40.05
N ALA X 99 -47.71 3.88 39.63
CA ALA X 99 -48.66 4.98 39.76
C ALA X 99 -48.94 5.28 41.23
N LEU X 100 -48.93 4.25 42.06
CA LEU X 100 -49.17 4.41 43.49
C LEU X 100 -48.02 5.15 44.16
N ASP X 101 -46.81 4.83 43.75
CA ASP X 101 -45.61 5.47 44.31
C ASP X 101 -45.57 6.95 43.94
N LYS X 102 -45.80 7.24 42.66
CA LYS X 102 -45.78 8.61 42.17
C LYS X 102 -46.78 9.48 42.95
N ILE X 103 -48.02 9.02 43.02
CA ILE X 103 -49.06 9.75 43.74
C ILE X 103 -48.77 9.81 45.23
N GLU X 104 -48.04 8.80 45.72
CA GLU X 104 -47.69 8.74 47.14
C GLU X 104 -46.64 9.79 47.49
N GLU X 105 -45.67 9.94 46.61
CA GLU X 105 -44.60 10.92 46.83
C GLU X 105 -45.12 12.34 46.67
N GLU X 106 -45.94 12.56 45.65
CA GLU X 106 -46.50 13.89 45.40
C GLU X 106 -47.22 14.42 46.63
N GLN X 107 -47.82 13.50 47.39
CA GLN X 107 -48.55 13.88 48.60
C GLN X 107 -47.59 14.19 49.74
N ASN X 108 -46.42 13.57 49.71
CA ASN X 108 -45.40 13.77 50.74
C ASN X 108 -44.80 15.17 50.63
N LYS X 109 -44.78 15.71 49.42
CA LYS X 109 -44.21 17.04 49.18
C LYS X 109 -45.11 18.12 49.80
N SER X 110 -46.42 17.91 49.70
CA SER X 110 -47.38 18.88 50.24
C SER X 110 -47.35 18.86 51.76
N LYS X 111 -46.98 17.71 52.34
CA LYS X 111 -46.91 17.58 53.79
C LYS X 111 -45.97 18.62 54.39
N LYS X 112 -44.89 18.91 53.67
CA LYS X 112 -43.90 19.89 54.13
C LYS X 112 -44.47 21.30 54.05
N LYS X 113 -45.38 21.51 53.10
CA LYS X 113 -46.00 22.82 52.91
C LYS X 113 -47.47 22.80 53.31
N ALA X 114 -47.80 21.96 54.28
CA ALA X 114 -49.17 21.83 54.76
C ALA X 114 -49.25 20.96 56.00
N GLN X 115 -48.34 21.19 56.94
CA GLN X 115 -48.30 20.42 58.17
C GLN X 115 -48.97 21.17 59.30
#